data_5KBY
#
_entry.id   5KBY
#
_cell.length_a   121.573
_cell.length_b   122.165
_cell.length_c   143.704
_cell.angle_alpha   90.000
_cell.angle_beta   114.570
_cell.angle_gamma   90.000
#
_symmetry.space_group_name_H-M   'P 1 21 1'
#
loop_
_entity.id
_entity.type
_entity.pdbx_description
1 polymer 'Dipeptidyl peptidase 4'
2 branched 2-acetamido-2-deoxy-beta-D-glucopyranose-(1-4)-2-acetamido-2-deoxy-beta-D-glucopyranose
3 non-polymer 2-acetamido-2-deoxy-beta-D-glucopyranose
4 non-polymer '2-[[6-[(3~{R})-3-azanylpiperidin-1-yl]-3-methyl-2,4-bis(oxidanylidene)pyrimidin-1-yl]methyl]-4-fluoranyl-benzenecarboni trile'
5 water water
#
_entity_poly.entity_id   1
_entity_poly.type   'polypeptide(L)'
_entity_poly.pdbx_seq_one_letter_code
;ADPGGSHHHHHHSRKTYTLTDYLKNTYRLKLYSLRWISDHEYLYKQENNILVFNAEYGNSSVFLENSTFDEFGHSINDYS
ISPDGQFILLEYNYVKQWRHSYTASYDIYDLNKRQLITEERIPNNTQWVTWSPVGHKLAYVWNNDIYVKIEPNLPSYRIT
WTGKEDIIYNGITDWVYEEEVFSAYSALWWSPNGTFLAYAQFNDTEVPLIEYSFYSDESLQYPKTVRVPYPKAGAVNPTV
KFFVVNTDSLSSVTNATSIQITAPASMLIGDHYLCDVTWATQERISLQWLRRIQNYSVMDICDYDESSGRWNCLVARQHI
EMSTTGWVGRFRPSEPHFTLDGNSFYKIISNEEGYRHICYFQIDKKDCTFITKGTWEVIGIEALTSDYLYYISNEYKGMP
GGRNLYKIQLSDYTKVTCLSCELNPERCQYYSVSFSKEAKYYQLRCSGPGLPLYTLHSSVNDKGLRVLEDNSALDKMLQN
VQMPSKKLDFIILNETKFWYQMILPPHFDKSKKYPLLLDVYAGPCSQKADTVFRLNWATYLASTENIIVASFDGRGSGYQ
GDKIMHAINRRLGTFEVEDQIEAARQFSKMGFVDNKRIAIWGWSYGGYVTSMVLGSGSGVFKCGIAVAPVSRWEYYDSVY
TERYMGLPTPEDNLDHYRNSTVMSRAENFKQVEYLLIHGTADDNVHFQQSAQISKALVDVGVDFQAMWYTDEDHGIASST
AHQHIYTHMSHFIKQCFSLP
;
_entity_poly.pdbx_strand_id   A,B,C,D
#
loop_
_chem_comp.id
_chem_comp.type
_chem_comp.name
_chem_comp.formula
6RL non-polymer '2-[[6-[(3~{R})-3-azanylpiperidin-1-yl]-3-methyl-2,4-bis(oxidanylidene)pyrimidin-1-yl]methyl]-4-fluoranyl-benzenecarboni trile' 'C18 H20 F N5 O2'
NAG D-saccharide, beta linking 2-acetamido-2-deoxy-beta-D-glucopyranose 'C8 H15 N O6'
#
# COMPACT_ATOMS: atom_id res chain seq x y z
N ARG A 14 0.93 -32.78 -2.91
CA ARG A 14 2.38 -32.84 -2.57
C ARG A 14 2.76 -32.06 -1.29
N LYS A 15 2.22 -30.84 -1.14
CA LYS A 15 2.63 -29.95 -0.05
C LYS A 15 1.90 -30.23 1.27
N THR A 16 2.46 -29.72 2.37
CA THR A 16 1.84 -29.85 3.69
C THR A 16 1.38 -28.49 4.20
N TYR A 17 0.58 -28.50 5.25
CA TYR A 17 0.15 -27.27 5.91
C TYR A 17 1.28 -26.88 6.85
N THR A 18 1.95 -25.78 6.54
CA THR A 18 3.21 -25.42 7.21
C THR A 18 2.98 -24.48 8.38
N LEU A 19 4.02 -24.26 9.17
CA LEU A 19 3.94 -23.27 10.22
C LEU A 19 3.71 -21.90 9.62
N THR A 20 4.41 -21.58 8.54
CA THR A 20 4.17 -20.32 7.84
C THR A 20 2.73 -20.20 7.35
N ASP A 21 2.17 -21.31 6.84
CA ASP A 21 0.76 -21.30 6.44
C ASP A 21 -0.13 -20.87 7.58
N TYR A 22 0.08 -21.48 8.76
CA TYR A 22 -0.68 -21.09 9.95
C TYR A 22 -0.41 -19.64 10.33
N LEU A 23 0.87 -19.26 10.36
CA LEU A 23 1.24 -17.94 10.88
C LEU A 23 0.86 -16.78 9.98
N LYS A 24 0.79 -17.06 8.68
CA LYS A 24 0.49 -16.04 7.67
C LYS A 24 -0.95 -16.12 7.09
N ASN A 25 -1.76 -17.07 7.56
CA ASN A 25 -3.13 -17.25 7.07
C ASN A 25 -3.20 -17.46 5.56
N THR A 26 -2.37 -18.35 5.05
CA THR A 26 -2.35 -18.69 3.64
C THR A 26 -3.73 -19.20 3.23
N TYR A 27 -4.30 -20.07 4.07
CA TYR A 27 -5.56 -20.73 3.83
C TYR A 27 -6.64 -20.13 4.73
N ARG A 28 -7.41 -19.20 4.18
CA ARG A 28 -8.36 -18.43 4.96
C ARG A 28 -9.71 -19.14 5.03
N LEU A 29 -10.33 -19.10 6.20
CA LEU A 29 -11.72 -19.50 6.38
C LEU A 29 -12.59 -18.28 6.16
N LYS A 30 -13.44 -18.32 5.14
CA LYS A 30 -14.41 -17.26 4.94
C LYS A 30 -15.57 -17.44 5.91
N LEU A 31 -15.96 -16.34 6.55
CA LEU A 31 -17.16 -16.31 7.39
C LEU A 31 -18.25 -15.68 6.52
N TYR A 32 -19.43 -15.48 7.10
CA TYR A 32 -20.42 -14.63 6.50
C TYR A 32 -21.09 -13.94 7.66
N SER A 33 -20.61 -12.75 7.96
CA SER A 33 -21.04 -12.03 9.14
C SER A 33 -22.08 -11.00 8.76
N LEU A 34 -23.34 -11.35 8.95
CA LEU A 34 -24.45 -10.44 8.72
C LEU A 34 -24.88 -9.82 10.02
N ARG A 35 -25.69 -8.77 9.94
CA ARG A 35 -26.30 -8.15 11.13
C ARG A 35 -27.72 -7.74 10.80
N TRP A 36 -28.68 -8.44 11.40
CA TRP A 36 -30.09 -8.21 11.13
C TRP A 36 -30.51 -6.79 11.47
N ILE A 37 -31.39 -6.24 10.63
CA ILE A 37 -31.95 -4.90 10.78
C ILE A 37 -33.44 -4.96 11.14
N SER A 38 -34.13 -5.96 10.62
CA SER A 38 -35.57 -6.14 10.86
C SER A 38 -35.87 -7.63 10.85
N ASP A 39 -37.16 -7.97 10.86
CA ASP A 39 -37.60 -9.36 10.79
C ASP A 39 -37.33 -10.03 9.43
N HIS A 40 -36.84 -9.28 8.45
CA HIS A 40 -36.54 -9.86 7.14
C HIS A 40 -35.42 -9.18 6.34
N GLU A 41 -34.63 -8.32 6.98
CA GLU A 41 -33.54 -7.63 6.29
C GLU A 41 -32.24 -7.64 7.12
N TYR A 42 -31.10 -7.70 6.44
CA TYR A 42 -29.81 -7.75 7.13
C TYR A 42 -28.72 -7.04 6.34
N LEU A 43 -27.70 -6.56 7.04
CA LEU A 43 -26.57 -5.88 6.40
C LEU A 43 -25.43 -6.86 6.14
N TYR A 44 -24.57 -6.55 5.17
CA TYR A 44 -23.35 -7.33 4.97
C TYR A 44 -22.26 -6.56 4.25
N LYS A 45 -21.03 -6.78 4.70
CA LYS A 45 -19.87 -6.01 4.26
C LYS A 45 -19.24 -6.63 3.02
N GLN A 46 -18.48 -5.83 2.28
CA GLN A 46 -17.72 -6.28 1.10
C GLN A 46 -16.49 -5.41 0.88
N ASN A 49 -17.66 -1.89 0.90
CA ASN A 49 -19.09 -1.79 0.59
C ASN A 49 -20.00 -2.34 1.69
N ILE A 50 -21.21 -1.81 1.77
CA ILE A 50 -22.20 -2.26 2.74
C ILE A 50 -23.56 -2.38 2.06
N LEU A 51 -24.01 -3.61 1.89
CA LEU A 51 -25.29 -3.89 1.26
C LEU A 51 -26.32 -4.16 2.32
N VAL A 52 -27.56 -3.81 2.05
CA VAL A 52 -28.69 -4.44 2.72
C VAL A 52 -29.05 -5.62 1.85
N PHE A 53 -29.50 -6.71 2.46
CA PHE A 53 -29.95 -7.88 1.74
C PHE A 53 -31.39 -8.10 2.18
N ASN A 54 -32.21 -8.64 1.27
CA ASN A 54 -33.55 -9.07 1.62
C ASN A 54 -33.41 -10.54 2.01
N ALA A 55 -34.09 -10.93 3.09
CA ALA A 55 -34.14 -12.33 3.50
C ALA A 55 -34.97 -13.12 2.51
N GLU A 56 -35.99 -12.47 1.95
CA GLU A 56 -36.79 -13.07 0.88
C GLU A 56 -35.94 -13.45 -0.33
N TYR A 57 -35.43 -12.44 -1.04
CA TYR A 57 -34.95 -12.59 -2.42
C TYR A 57 -33.44 -12.62 -2.57
N GLY A 58 -32.72 -12.14 -1.57
CA GLY A 58 -31.26 -12.00 -1.66
C GLY A 58 -30.83 -10.92 -2.64
N ASN A 59 -31.76 -10.05 -3.04
CA ASN A 59 -31.42 -8.86 -3.81
C ASN A 59 -30.87 -7.82 -2.86
N SER A 60 -29.85 -7.10 -3.31
CA SER A 60 -29.13 -6.18 -2.45
C SER A 60 -28.82 -4.85 -3.13
N SER A 61 -29.56 -3.81 -2.78
CA SER A 61 -29.21 -2.45 -3.14
C SER A 61 -28.23 -1.94 -2.10
N VAL A 62 -27.29 -1.10 -2.52
CA VAL A 62 -26.17 -0.68 -1.68
C VAL A 62 -26.62 0.33 -0.62
N PHE A 63 -26.07 0.21 0.59
CA PHE A 63 -26.44 1.10 1.72
C PHE A 63 -25.46 2.25 1.83
N LEU A 64 -24.17 1.95 1.77
CA LEU A 64 -23.12 2.97 1.61
C LEU A 64 -21.98 2.42 0.75
N GLU A 65 -21.45 3.28 -0.13
CA GLU A 65 -20.35 2.90 -1.01
C GLU A 65 -19.08 2.68 -0.23
N ASN A 66 -18.32 1.66 -0.64
CA ASN A 66 -17.01 1.33 -0.06
C ASN A 66 -16.21 2.55 0.44
N SER A 67 -16.23 3.64 -0.32
CA SER A 67 -15.63 4.91 0.12
C SER A 67 -16.60 6.09 -0.07
N THR A 68 -17.73 6.05 0.64
CA THR A 68 -18.57 7.23 0.85
C THR A 68 -17.83 8.22 1.73
N PHE A 69 -16.98 7.69 2.60
CA PHE A 69 -16.18 8.48 3.55
C PHE A 69 -14.75 8.65 3.08
N ASP A 70 -14.58 8.88 1.77
CA ASP A 70 -13.26 9.03 1.17
C ASP A 70 -12.49 10.18 1.78
N GLU A 71 -13.17 11.32 1.98
CA GLU A 71 -12.56 12.52 2.56
C GLU A 71 -12.78 12.61 4.08
N PHE A 72 -12.98 11.47 4.75
CA PHE A 72 -13.10 11.46 6.20
C PHE A 72 -11.74 11.71 6.87
N GLY A 73 -10.70 11.05 6.34
CA GLY A 73 -9.34 11.25 6.83
C GLY A 73 -8.93 10.25 7.90
N HIS A 74 -9.88 9.81 8.71
CA HIS A 74 -9.63 8.82 9.75
C HIS A 74 -9.95 7.42 9.26
N SER A 75 -9.19 6.45 9.77
CA SER A 75 -9.42 5.05 9.44
C SER A 75 -10.57 4.49 10.30
N ILE A 76 -11.69 4.15 9.65
CA ILE A 76 -12.92 3.72 10.35
C ILE A 76 -12.81 2.31 10.90
N ASN A 77 -12.83 2.19 12.23
CA ASN A 77 -12.75 0.88 12.87
C ASN A 77 -14.02 0.05 12.74
N ASP A 78 -15.17 0.68 12.97
CA ASP A 78 -16.45 -0.04 12.92
C ASP A 78 -17.57 0.97 12.69
N TYR A 79 -18.75 0.46 12.38
CA TYR A 79 -19.93 1.29 12.11
C TYR A 79 -21.10 0.73 12.89
N SER A 80 -22.12 1.56 13.11
CA SER A 80 -23.31 1.11 13.80
C SER A 80 -24.54 1.95 13.42
N ILE A 81 -25.52 1.30 12.79
CA ILE A 81 -26.74 1.99 12.33
C ILE A 81 -27.78 2.02 13.44
N SER A 82 -28.39 3.17 13.65
CA SER A 82 -29.53 3.27 14.56
C SER A 82 -30.68 2.36 14.07
N PRO A 83 -31.46 1.79 15.00
CA PRO A 83 -32.58 0.90 14.65
C PRO A 83 -33.52 1.44 13.58
N ASP A 84 -33.83 2.74 13.64
CA ASP A 84 -34.74 3.35 12.66
C ASP A 84 -34.08 3.63 11.31
N GLY A 85 -32.77 3.45 11.23
CA GLY A 85 -32.04 3.54 9.97
C GLY A 85 -31.63 4.96 9.59
N GLN A 86 -31.93 5.93 10.44
CA GLN A 86 -31.73 7.34 10.11
C GLN A 86 -30.32 7.85 10.32
N PHE A 87 -29.53 7.15 11.15
CA PHE A 87 -28.16 7.57 11.43
C PHE A 87 -27.22 6.39 11.50
N ILE A 88 -25.99 6.62 11.07
CA ILE A 88 -24.91 5.66 11.22
C ILE A 88 -23.85 6.28 12.12
N LEU A 89 -23.34 5.46 13.04
CA LEU A 89 -22.33 5.88 14.00
C LEU A 89 -20.99 5.31 13.54
N LEU A 90 -20.01 6.18 13.40
CA LEU A 90 -18.69 5.78 12.94
C LEU A 90 -17.73 5.81 14.11
N GLU A 91 -16.98 4.71 14.26
CA GLU A 91 -16.07 4.53 15.35
C GLU A 91 -14.66 4.60 14.78
N TYR A 92 -13.81 5.41 15.40
CA TYR A 92 -12.43 5.53 14.97
C TYR A 92 -11.57 5.84 16.15
N ASN A 93 -10.25 5.88 15.93
CA ASN A 93 -9.28 6.02 17.02
C ASN A 93 -9.46 4.94 18.11
N TYR A 94 -9.71 3.71 17.66
CA TYR A 94 -9.80 2.56 18.52
C TYR A 94 -8.49 2.36 19.27
N VAL A 95 -8.57 2.29 20.60
CA VAL A 95 -7.47 1.85 21.43
C VAL A 95 -7.98 0.77 22.40
N LYS A 96 -7.46 -0.44 22.24
CA LYS A 96 -7.82 -1.56 23.09
C LYS A 96 -7.44 -1.31 24.54
N GLN A 97 -8.37 -1.59 25.45
CA GLN A 97 -8.01 -1.73 26.85
C GLN A 97 -7.92 -3.23 27.17
N TRP A 98 -8.89 -3.82 27.85
CA TRP A 98 -8.80 -5.23 28.21
C TRP A 98 -9.46 -6.10 27.12
N ARG A 99 -10.08 -7.21 27.49
CA ARG A 99 -10.51 -8.18 26.49
C ARG A 99 -11.59 -7.63 25.60
N HIS A 100 -12.53 -6.90 26.21
CA HIS A 100 -13.70 -6.33 25.55
C HIS A 100 -13.66 -4.82 25.54
N SER A 101 -13.08 -4.22 26.58
CA SER A 101 -13.10 -2.78 26.75
C SER A 101 -12.14 -2.12 25.78
N TYR A 102 -12.52 -0.94 25.34
CA TYR A 102 -11.67 -0.11 24.54
C TYR A 102 -12.19 1.29 24.58
N THR A 103 -11.37 2.20 24.09
CA THR A 103 -11.69 3.61 23.99
C THR A 103 -11.73 3.95 22.49
N ALA A 104 -12.54 4.93 22.13
CA ALA A 104 -12.68 5.35 20.72
C ALA A 104 -13.27 6.74 20.57
N SER A 105 -13.06 7.31 19.39
CA SER A 105 -13.74 8.52 18.95
C SER A 105 -14.92 8.12 18.10
N TYR A 106 -15.93 8.98 18.06
CA TYR A 106 -17.18 8.71 17.35
C TYR A 106 -17.76 9.93 16.59
N ASP A 107 -18.21 9.69 15.36
CA ASP A 107 -18.97 10.66 14.61
C ASP A 107 -20.27 10.05 14.14
N ILE A 108 -21.30 10.87 14.02
CA ILE A 108 -22.60 10.43 13.53
C ILE A 108 -22.92 11.06 12.18
N TYR A 109 -23.30 10.24 11.21
CA TYR A 109 -23.59 10.68 9.84
C TYR A 109 -25.11 10.57 9.62
N ASP A 110 -25.73 11.69 9.28
CA ASP A 110 -27.15 11.74 8.92
C ASP A 110 -27.32 11.03 7.57
N LEU A 111 -28.08 9.95 7.54
CA LEU A 111 -28.27 9.20 6.29
C LEU A 111 -29.30 9.87 5.37
N ASN A 112 -30.37 10.41 5.94
CA ASN A 112 -31.40 11.12 5.15
C ASN A 112 -30.92 12.47 4.59
N LYS A 113 -29.87 13.05 5.18
CA LYS A 113 -29.30 14.31 4.71
C LYS A 113 -27.91 14.14 4.09
N ARG A 114 -27.28 12.98 4.31
CA ARG A 114 -25.96 12.67 3.76
C ARG A 114 -24.87 13.63 4.22
N GLN A 115 -24.64 13.70 5.53
CA GLN A 115 -23.61 14.59 6.09
C GLN A 115 -23.29 14.31 7.57
N LEU A 116 -22.02 14.50 7.93
CA LEU A 116 -21.55 14.38 9.31
C LEU A 116 -22.20 15.42 10.21
N ILE A 117 -22.71 14.99 11.36
CA ILE A 117 -23.11 15.93 12.41
C ILE A 117 -21.84 16.59 12.96
N THR A 118 -21.84 17.93 13.02
CA THR A 118 -20.67 18.68 13.50
C THR A 118 -20.88 19.38 14.83
N GLU A 119 -22.13 19.44 15.31
CA GLU A 119 -22.44 20.07 16.60
C GLU A 119 -22.78 19.05 17.70
N GLU A 120 -22.39 19.39 18.93
CA GLU A 120 -22.63 18.58 20.13
C GLU A 120 -22.12 17.14 19.99
N ARG A 121 -20.90 17.01 19.47
CA ARG A 121 -20.36 15.70 19.11
C ARG A 121 -20.01 14.85 20.32
N ILE A 122 -19.90 13.55 20.08
CA ILE A 122 -19.52 12.60 21.11
C ILE A 122 -18.04 12.82 21.39
N PRO A 123 -17.68 12.88 22.68
CA PRO A 123 -16.27 13.18 23.00
C PRO A 123 -15.29 12.14 22.49
N ASN A 124 -14.03 12.53 22.42
CA ASN A 124 -12.94 11.60 22.27
C ASN A 124 -12.79 10.79 23.55
N ASN A 125 -12.15 9.63 23.42
CA ASN A 125 -11.94 8.70 24.55
C ASN A 125 -13.26 8.25 25.16
N THR A 126 -14.26 8.08 24.29
CA THR A 126 -15.53 7.53 24.70
C THR A 126 -15.33 6.03 24.90
N GLN A 127 -15.95 5.53 25.96
CA GLN A 127 -15.69 4.20 26.48
C GLN A 127 -16.72 3.21 26.00
N TRP A 128 -17.95 3.69 25.85
CA TRP A 128 -19.01 2.87 25.32
C TRP A 128 -20.12 3.75 24.75
N VAL A 129 -20.64 3.36 23.59
CA VAL A 129 -21.81 4.01 22.98
C VAL A 129 -22.80 2.94 22.57
N THR A 130 -24.09 3.25 22.72
CA THR A 130 -25.13 2.36 22.24
C THR A 130 -26.39 3.13 21.81
N TRP A 131 -26.92 2.77 20.65
CA TRP A 131 -28.24 3.22 20.23
C TRP A 131 -29.27 2.60 21.17
N SER A 132 -30.38 3.29 21.37
CA SER A 132 -31.55 2.69 21.98
C SER A 132 -32.05 1.62 21.02
N PRO A 133 -32.90 0.70 21.50
CA PRO A 133 -33.31 -0.43 20.68
C PRO A 133 -34.28 -0.08 19.55
N VAL A 134 -35.00 1.02 19.70
CA VAL A 134 -35.79 1.59 18.62
C VAL A 134 -35.43 3.07 18.48
N GLY A 135 -35.67 3.63 17.30
CA GLY A 135 -35.42 5.05 17.07
C GLY A 135 -33.94 5.36 16.90
N HIS A 136 -33.53 6.48 17.50
CA HIS A 136 -32.14 6.95 17.39
C HIS A 136 -31.67 7.70 18.64
N LYS A 137 -32.20 7.32 19.81
CA LYS A 137 -31.62 7.74 21.09
C LYS A 137 -30.24 7.11 21.22
N LEU A 138 -29.37 7.78 21.95
CA LEU A 138 -27.98 7.39 22.07
C LEU A 138 -27.55 7.58 23.52
N ALA A 139 -26.97 6.54 24.10
CA ALA A 139 -26.37 6.64 25.42
C ALA A 139 -24.90 6.34 25.27
N TYR A 140 -24.08 7.04 26.04
CA TYR A 140 -22.66 6.79 25.96
C TYR A 140 -22.01 7.03 27.29
N VAL A 141 -20.80 6.49 27.41
CA VAL A 141 -20.01 6.62 28.61
C VAL A 141 -18.69 7.31 28.31
N TRP A 142 -18.40 8.35 29.08
CA TRP A 142 -17.19 9.13 28.93
C TRP A 142 -16.74 9.52 30.33
N ASN A 143 -15.42 9.44 30.58
CA ASN A 143 -14.83 9.61 31.92
C ASN A 143 -15.67 8.92 33.00
N ASN A 144 -16.07 7.69 32.73
CA ASN A 144 -16.82 6.85 33.67
C ASN A 144 -18.23 7.37 34.02
N ASP A 145 -18.78 8.26 33.21
CA ASP A 145 -20.13 8.79 33.44
C ASP A 145 -21.02 8.57 32.24
N ILE A 146 -22.32 8.42 32.48
CA ILE A 146 -23.29 8.14 31.43
C ILE A 146 -23.91 9.41 30.88
N TYR A 147 -23.95 9.52 29.55
CA TYR A 147 -24.61 10.62 28.85
C TYR A 147 -25.62 10.06 27.86
N VAL A 148 -26.76 10.75 27.73
CA VAL A 148 -27.81 10.40 26.78
C VAL A 148 -28.05 11.55 25.80
N LYS A 149 -28.12 11.22 24.52
CA LYS A 149 -28.56 12.13 23.46
C LYS A 149 -29.87 11.62 22.87
N ILE A 150 -30.88 12.47 22.85
CA ILE A 150 -32.17 12.10 22.26
C ILE A 150 -32.04 12.18 20.74
N GLU A 151 -31.41 13.25 20.28
CA GLU A 151 -31.12 13.44 18.87
C GLU A 151 -29.61 13.62 18.74
N PRO A 152 -29.02 13.10 17.66
CA PRO A 152 -27.55 13.10 17.52
C PRO A 152 -26.90 14.48 17.54
N ASN A 153 -27.61 15.47 17.02
CA ASN A 153 -27.11 16.84 16.92
C ASN A 153 -27.39 17.74 18.13
N LEU A 154 -28.27 17.29 19.03
CA LEU A 154 -28.62 18.06 20.24
C LEU A 154 -27.65 17.80 21.39
N PRO A 155 -27.61 18.71 22.38
CA PRO A 155 -26.74 18.50 23.55
C PRO A 155 -27.08 17.21 24.31
N SER A 156 -26.08 16.63 24.96
CA SER A 156 -26.30 15.40 25.71
C SER A 156 -26.70 15.75 27.13
N TYR A 157 -27.55 14.92 27.74
CA TYR A 157 -27.87 15.08 29.14
C TYR A 157 -26.93 14.18 29.95
N ARG A 158 -26.32 14.74 30.99
CA ARG A 158 -25.45 13.97 31.87
C ARG A 158 -26.28 13.29 32.96
N ILE A 159 -26.17 11.97 33.03
CA ILE A 159 -26.99 11.15 33.93
C ILE A 159 -26.28 10.98 35.27
N THR A 160 -24.97 10.73 35.22
CA THR A 160 -24.19 10.41 36.42
C THR A 160 -23.04 11.40 36.56
N TRP A 161 -22.70 11.72 37.80
CA TRP A 161 -21.68 12.72 38.10
C TRP A 161 -20.61 12.16 39.03
N THR A 162 -20.66 10.85 39.26
CA THR A 162 -19.81 10.21 40.25
C THR A 162 -18.63 9.46 39.62
N GLY A 163 -18.65 9.31 38.30
CA GLY A 163 -17.59 8.63 37.55
C GLY A 163 -16.19 9.11 37.93
N LYS A 164 -15.32 8.15 38.24
CA LYS A 164 -13.96 8.46 38.64
C LYS A 164 -13.03 7.31 38.21
N GLU A 165 -11.96 7.67 37.51
CA GLU A 165 -11.08 6.70 36.88
C GLU A 165 -10.57 5.66 37.87
N ASP A 166 -10.72 4.39 37.54
CA ASP A 166 -10.29 3.26 38.38
C ASP A 166 -11.09 3.08 39.65
N ILE A 167 -12.11 3.89 39.89
CA ILE A 167 -12.78 3.86 41.19
C ILE A 167 -14.29 3.72 41.08
N ILE A 168 -14.95 4.65 40.36
CA ILE A 168 -16.39 4.55 40.17
C ILE A 168 -16.66 4.43 38.68
N TYR A 169 -17.41 3.39 38.32
CA TYR A 169 -17.71 3.10 36.93
C TYR A 169 -19.22 3.15 36.75
N ASN A 170 -19.71 4.11 35.97
CA ASN A 170 -21.12 4.17 35.63
C ASN A 170 -21.37 3.69 34.21
N GLY A 171 -22.10 2.58 34.10
CA GLY A 171 -22.50 2.08 32.80
C GLY A 171 -21.42 1.30 32.07
N ILE A 172 -20.25 1.14 32.69
CA ILE A 172 -19.18 0.30 32.19
C ILE A 172 -18.62 -0.57 33.32
N THR A 173 -18.05 -1.72 32.94
CA THR A 173 -17.59 -2.70 33.93
C THR A 173 -16.17 -2.40 34.38
N ASP A 174 -15.83 -2.82 35.58
CA ASP A 174 -14.44 -2.79 36.04
C ASP A 174 -13.77 -4.05 35.52
N TRP A 175 -12.51 -4.29 35.89
CA TRP A 175 -11.73 -5.35 35.27
C TRP A 175 -12.41 -6.72 35.44
N VAL A 176 -12.77 -7.07 36.66
CA VAL A 176 -13.24 -8.43 36.96
C VAL A 176 -14.66 -8.68 36.43
N TYR A 177 -15.50 -7.66 36.47
CA TYR A 177 -16.83 -7.79 35.88
C TYR A 177 -16.75 -7.88 34.36
N GLU A 178 -15.82 -7.16 33.73
CA GLU A 178 -15.64 -7.25 32.28
C GLU A 178 -15.22 -8.66 31.89
N GLU A 179 -14.21 -9.17 32.59
CA GLU A 179 -13.57 -10.43 32.21
C GLU A 179 -14.37 -11.64 32.62
N GLU A 180 -14.99 -11.59 33.80
CA GLU A 180 -15.53 -12.79 34.44
C GLU A 180 -17.05 -12.84 34.67
N VAL A 181 -17.76 -11.72 34.54
CA VAL A 181 -19.19 -11.73 34.79
C VAL A 181 -19.98 -11.44 33.50
N PHE A 182 -19.73 -10.29 32.90
CA PHE A 182 -20.49 -9.89 31.71
C PHE A 182 -19.83 -10.18 30.37
N SER A 183 -18.56 -10.57 30.37
CA SER A 183 -17.85 -10.76 29.10
C SER A 183 -18.06 -9.53 28.22
N ALA A 184 -18.07 -8.35 28.84
CA ALA A 184 -18.33 -7.09 28.13
C ALA A 184 -17.97 -5.86 28.97
N TYR A 185 -17.71 -4.76 28.28
CA TYR A 185 -17.38 -3.51 28.94
C TYR A 185 -18.66 -2.77 29.37
N SER A 186 -19.70 -2.89 28.57
CA SER A 186 -20.95 -2.16 28.81
C SER A 186 -21.67 -2.72 30.02
N ALA A 187 -22.15 -1.82 30.86
CA ALA A 187 -23.13 -2.13 31.88
C ALA A 187 -24.33 -1.18 31.71
N LEU A 188 -24.84 -1.11 30.48
CA LEU A 188 -25.99 -0.28 30.11
C LEU A 188 -27.03 -1.14 29.43
N TRP A 189 -28.28 -1.00 29.85
CA TRP A 189 -29.35 -1.81 29.31
C TRP A 189 -30.63 -0.99 29.09
N TRP A 190 -30.85 -0.60 27.84
CA TRP A 190 -32.06 0.09 27.43
C TRP A 190 -33.29 -0.81 27.58
N SER A 191 -34.42 -0.23 27.99
CA SER A 191 -35.69 -0.97 27.95
C SER A 191 -36.06 -1.26 26.48
N PRO A 192 -36.97 -2.20 26.25
CA PRO A 192 -37.21 -2.65 24.87
C PRO A 192 -37.61 -1.55 23.88
N ASN A 193 -38.35 -0.54 24.32
CA ASN A 193 -38.74 0.57 23.44
C ASN A 193 -37.93 1.85 23.67
N GLY A 194 -36.93 1.78 24.53
CA GLY A 194 -35.98 2.87 24.73
C GLY A 194 -36.41 3.95 25.70
N THR A 195 -37.52 3.75 26.40
CA THR A 195 -37.98 4.71 27.41
C THR A 195 -36.99 4.79 28.58
N PHE A 196 -36.62 3.63 29.12
CA PHE A 196 -35.75 3.57 30.28
C PHE A 196 -34.33 3.18 29.90
N LEU A 197 -33.36 3.71 30.65
CA LEU A 197 -31.98 3.29 30.55
C LEU A 197 -31.57 2.73 31.89
N ALA A 198 -31.31 1.42 31.91
CA ALA A 198 -30.86 0.76 33.13
C ALA A 198 -29.35 0.68 33.10
N TYR A 199 -28.72 0.85 34.26
CA TYR A 199 -27.28 0.82 34.33
C TYR A 199 -26.79 0.38 35.68
N ALA A 200 -25.63 -0.26 35.69
CA ALA A 200 -25.00 -0.66 36.92
C ALA A 200 -23.88 0.31 37.22
N GLN A 201 -23.54 0.40 38.50
CA GLN A 201 -22.46 1.23 38.95
C GLN A 201 -21.55 0.41 39.85
N PHE A 202 -20.28 0.31 39.45
CA PHE A 202 -19.26 -0.44 40.19
C PHE A 202 -18.34 0.48 40.92
N ASN A 203 -17.91 0.01 42.10
CA ASN A 203 -17.10 0.78 42.98
C ASN A 203 -15.88 -0.04 43.38
N ASP A 204 -14.72 0.36 42.87
CA ASP A 204 -13.46 -0.31 43.15
C ASP A 204 -12.64 0.32 44.26
N THR A 205 -13.26 1.13 45.11
CA THR A 205 -12.51 1.95 46.05
C THR A 205 -11.47 1.20 46.89
N GLU A 206 -11.83 0.06 47.48
CA GLU A 206 -10.84 -0.68 48.30
C GLU A 206 -10.28 -1.96 47.64
N VAL A 207 -10.54 -2.11 46.35
CA VAL A 207 -10.01 -3.23 45.60
C VAL A 207 -8.52 -2.98 45.40
N PRO A 208 -7.67 -3.95 45.78
CA PRO A 208 -6.24 -3.67 45.63
C PRO A 208 -5.82 -3.60 44.17
N LEU A 209 -4.66 -3.02 43.93
CA LEU A 209 -4.17 -2.79 42.58
C LEU A 209 -3.12 -3.81 42.22
N ILE A 210 -3.29 -4.47 41.09
CA ILE A 210 -2.17 -5.17 40.49
C ILE A 210 -1.33 -4.09 39.85
N GLU A 211 -0.04 -4.15 40.08
CA GLU A 211 0.91 -3.22 39.48
C GLU A 211 1.95 -3.98 38.68
N TYR A 212 2.17 -3.55 37.43
CA TYR A 212 3.24 -4.13 36.63
C TYR A 212 3.87 -3.11 35.72
N SER A 213 5.06 -3.43 35.22
CA SER A 213 5.84 -2.54 34.36
C SER A 213 5.34 -2.64 32.96
N PHE A 214 5.30 -1.49 32.28
CA PHE A 214 5.03 -1.42 30.85
C PHE A 214 6.18 -0.65 30.21
N TYR A 215 6.90 -1.31 29.32
CA TYR A 215 8.17 -0.80 28.84
C TYR A 215 7.97 0.17 27.69
N SER A 216 6.91 -0.07 26.91
CA SER A 216 6.50 0.78 25.81
C SER A 216 7.55 0.78 24.71
N ASP A 217 7.45 1.78 23.83
CA ASP A 217 8.44 1.97 22.78
C ASP A 217 9.82 2.24 23.36
N GLU A 218 10.81 1.79 22.62
CA GLU A 218 12.22 2.03 22.90
C GLU A 218 12.53 3.47 23.34
N SER A 219 11.81 4.44 22.77
CA SER A 219 11.99 5.87 23.12
C SER A 219 11.67 6.24 24.56
N LEU A 220 10.88 5.42 25.24
CA LEU A 220 10.46 5.73 26.62
C LEU A 220 11.62 5.39 27.58
N GLN A 221 12.15 6.41 28.25
CA GLN A 221 13.37 6.25 29.02
C GLN A 221 13.16 5.49 30.32
N TYR A 222 12.08 5.81 31.01
CA TYR A 222 11.69 5.17 32.25
C TYR A 222 10.41 4.38 32.04
N PRO A 223 10.40 3.08 32.39
CA PRO A 223 9.20 2.26 32.28
C PRO A 223 8.02 2.87 33.02
N LYS A 224 6.82 2.58 32.55
CA LYS A 224 5.60 3.02 33.22
C LYS A 224 5.10 1.92 34.14
N THR A 225 4.49 2.32 35.24
CA THR A 225 3.85 1.36 36.12
C THR A 225 2.34 1.41 35.86
N VAL A 226 1.81 0.33 35.28
CA VAL A 226 0.38 0.19 35.11
C VAL A 226 -0.17 -0.31 36.43
N ARG A 227 -1.27 0.28 36.88
CA ARG A 227 -1.95 -0.13 38.12
C ARG A 227 -3.42 -0.38 37.82
N VAL A 228 -3.92 -1.56 38.13
CA VAL A 228 -5.31 -1.89 37.82
C VAL A 228 -5.99 -2.45 39.07
N PRO A 229 -7.18 -1.93 39.42
CA PRO A 229 -7.89 -2.55 40.52
C PRO A 229 -8.23 -3.96 40.10
N TYR A 230 -7.76 -4.94 40.86
CA TYR A 230 -7.91 -6.35 40.51
C TYR A 230 -8.02 -7.14 41.81
N PRO A 231 -9.20 -7.71 42.07
CA PRO A 231 -9.37 -8.52 43.27
C PRO A 231 -8.88 -9.93 43.02
N LYS A 232 -7.82 -10.31 43.70
CA LYS A 232 -7.33 -11.67 43.68
C LYS A 232 -8.14 -12.49 44.68
N ALA A 233 -8.00 -13.81 44.66
CA ALA A 233 -8.88 -14.66 45.44
C ALA A 233 -8.83 -14.22 46.88
N GLY A 234 -10.00 -14.01 47.48
CA GLY A 234 -10.07 -13.66 48.90
C GLY A 234 -9.93 -12.18 49.21
N ALA A 235 -9.63 -11.34 48.21
CA ALA A 235 -9.40 -9.91 48.44
C ALA A 235 -10.71 -9.11 48.50
N VAL A 236 -10.63 -7.83 48.85
CA VAL A 236 -11.83 -6.98 48.84
C VAL A 236 -12.35 -6.89 47.39
N ASN A 237 -13.64 -7.12 47.19
CA ASN A 237 -14.23 -7.11 45.86
C ASN A 237 -14.80 -5.74 45.53
N PRO A 238 -15.04 -5.48 44.25
CA PRO A 238 -15.86 -4.32 43.91
C PRO A 238 -17.28 -4.44 44.46
N THR A 239 -17.92 -3.31 44.73
CA THR A 239 -19.34 -3.33 45.10
C THR A 239 -20.14 -2.82 43.93
N VAL A 240 -21.40 -3.22 43.86
CA VAL A 240 -22.26 -2.91 42.73
C VAL A 240 -23.58 -2.29 43.20
N LYS A 241 -24.05 -1.30 42.44
CA LYS A 241 -25.39 -0.75 42.59
C LYS A 241 -26.05 -0.74 41.21
N PHE A 242 -27.38 -0.78 41.20
CA PHE A 242 -28.13 -0.83 39.96
C PHE A 242 -29.15 0.30 39.91
N PHE A 243 -29.25 0.98 38.77
CA PHE A 243 -30.08 2.16 38.64
C PHE A 243 -30.89 2.12 37.36
N VAL A 244 -32.01 2.84 37.38
CA VAL A 244 -32.85 3.00 36.21
C VAL A 244 -33.27 4.46 36.08
N VAL A 245 -33.14 5.00 34.88
CA VAL A 245 -33.50 6.38 34.63
C VAL A 245 -34.48 6.44 33.46
N ASN A 246 -35.49 7.29 33.61
CA ASN A 246 -36.44 7.56 32.55
C ASN A 246 -35.83 8.57 31.57
N THR A 247 -35.57 8.15 30.33
CA THR A 247 -34.99 9.04 29.33
C THR A 247 -36.01 9.88 28.56
N ASP A 248 -37.31 9.68 28.86
CA ASP A 248 -38.38 10.48 28.24
C ASP A 248 -38.76 11.71 29.08
N SER A 249 -38.20 11.84 30.27
CA SER A 249 -38.46 12.98 31.13
C SER A 249 -37.17 13.68 31.60
N LEU A 250 -36.14 13.64 30.75
CA LEU A 250 -34.88 14.35 31.02
C LEU A 250 -35.08 15.84 30.83
N SER A 251 -34.36 16.62 31.64
CA SER A 251 -34.47 18.06 31.64
C SER A 251 -33.12 18.73 31.34
N SER A 252 -33.17 19.83 30.60
CA SER A 252 -32.00 20.68 30.38
C SER A 252 -31.66 21.46 31.65
N VAL A 253 -32.66 21.68 32.50
CA VAL A 253 -32.51 22.50 33.71
C VAL A 253 -32.13 21.64 34.92
N THR A 254 -32.93 20.62 35.21
CA THR A 254 -32.69 19.77 36.37
C THR A 254 -31.88 18.52 36.04
N ASN A 255 -31.20 17.99 37.06
CA ASN A 255 -30.41 16.77 36.94
C ASN A 255 -31.31 15.54 36.82
N ALA A 256 -30.90 14.60 35.97
CA ALA A 256 -31.62 13.34 35.80
C ALA A 256 -31.78 12.68 37.17
N THR A 257 -32.92 12.01 37.37
CA THR A 257 -33.14 11.29 38.63
C THR A 257 -33.10 9.79 38.35
N SER A 258 -32.04 9.15 38.81
CA SER A 258 -31.86 7.72 38.64
C SER A 258 -32.40 7.00 39.85
N ILE A 259 -33.37 6.12 39.62
CA ILE A 259 -33.98 5.31 40.68
C ILE A 259 -33.12 4.07 40.93
N GLN A 260 -32.68 3.90 42.17
CA GLN A 260 -31.94 2.72 42.55
C GLN A 260 -32.88 1.52 42.72
N ILE A 261 -32.41 0.35 42.29
CA ILE A 261 -33.03 -0.91 42.64
C ILE A 261 -31.99 -1.63 43.48
N THR A 262 -32.29 -1.81 44.77
CA THR A 262 -31.35 -2.45 45.69
C THR A 262 -31.39 -3.97 45.53
N ALA A 263 -30.27 -4.63 45.81
CA ALA A 263 -30.23 -6.09 45.75
C ALA A 263 -31.14 -6.62 46.85
N PRO A 264 -31.67 -7.83 46.68
CA PRO A 264 -32.48 -8.45 47.73
C PRO A 264 -31.74 -8.62 49.04
N ALA A 265 -32.50 -8.70 50.12
CA ALA A 265 -31.96 -8.82 51.46
C ALA A 265 -31.11 -10.07 51.59
N SER A 266 -31.48 -11.13 50.87
CA SER A 266 -30.65 -12.37 50.82
C SER A 266 -29.26 -12.17 50.23
N MET A 267 -29.06 -11.08 49.51
CA MET A 267 -27.76 -10.74 48.92
C MET A 267 -27.05 -9.69 49.73
N LEU A 268 -27.79 -8.72 50.27
CA LEU A 268 -27.17 -7.60 51.02
C LEU A 268 -26.52 -8.07 52.31
N ILE A 269 -26.85 -9.28 52.75
CA ILE A 269 -26.24 -9.91 53.91
C ILE A 269 -24.70 -10.03 53.85
N GLY A 270 -24.13 -9.99 52.66
CA GLY A 270 -22.68 -10.11 52.50
C GLY A 270 -22.27 -9.73 51.10
N ASP A 271 -21.02 -10.00 50.76
CA ASP A 271 -20.51 -9.76 49.41
C ASP A 271 -21.34 -10.49 48.36
N HIS A 272 -21.58 -9.81 47.25
CA HIS A 272 -22.38 -10.38 46.18
C HIS A 272 -22.02 -9.73 44.85
N TYR A 273 -22.63 -10.24 43.79
CA TYR A 273 -22.40 -9.77 42.44
C TYR A 273 -23.74 -9.56 41.75
N LEU A 274 -23.77 -8.60 40.83
CA LEU A 274 -24.85 -8.49 39.85
C LEU A 274 -24.45 -9.36 38.69
N CYS A 275 -25.25 -10.37 38.33
CA CYS A 275 -24.80 -11.29 37.28
C CYS A 275 -25.67 -11.34 36.03
N ASP A 276 -26.87 -10.78 36.07
CA ASP A 276 -27.67 -10.70 34.85
C ASP A 276 -28.65 -9.55 34.92
N VAL A 277 -28.90 -8.97 33.75
CA VAL A 277 -29.90 -7.92 33.58
C VAL A 277 -30.63 -8.24 32.29
N THR A 278 -31.92 -8.52 32.39
CA THR A 278 -32.77 -8.83 31.24
C THR A 278 -34.09 -8.12 31.40
N TRP A 279 -34.37 -7.19 30.49
CA TRP A 279 -35.66 -6.51 30.42
C TRP A 279 -36.72 -7.51 29.99
N ALA A 280 -37.84 -7.53 30.70
CA ALA A 280 -38.95 -8.44 30.41
C ALA A 280 -40.00 -7.75 29.53
N THR A 281 -40.32 -6.51 29.87
CA THR A 281 -41.26 -5.72 29.09
C THR A 281 -40.81 -4.27 29.14
N GLN A 282 -41.67 -3.37 28.66
CA GLN A 282 -41.38 -1.94 28.71
C GLN A 282 -41.25 -1.44 30.14
N GLU A 283 -41.89 -2.12 31.09
CA GLU A 283 -41.97 -1.64 32.47
C GLU A 283 -41.62 -2.70 33.51
N ARG A 284 -40.96 -3.77 33.08
CA ARG A 284 -40.54 -4.84 33.96
C ARG A 284 -39.13 -5.29 33.62
N ILE A 285 -38.26 -5.30 34.62
CA ILE A 285 -36.87 -5.70 34.43
C ILE A 285 -36.51 -6.84 35.37
N SER A 286 -35.77 -7.84 34.88
CA SER A 286 -35.25 -8.90 35.75
C SER A 286 -33.75 -8.73 36.01
N LEU A 287 -33.38 -8.91 37.26
CA LEU A 287 -32.00 -8.81 37.70
C LEU A 287 -31.68 -10.11 38.39
N GLN A 288 -30.53 -10.69 38.07
CA GLN A 288 -30.03 -11.80 38.87
C GLN A 288 -28.78 -11.39 39.63
N TRP A 289 -28.77 -11.77 40.91
CA TRP A 289 -27.71 -11.49 41.84
C TRP A 289 -27.12 -12.82 42.32
N LEU A 290 -25.82 -12.82 42.60
CA LEU A 290 -25.09 -14.02 43.01
C LEU A 290 -24.35 -13.67 44.29
N ARG A 291 -24.39 -14.56 45.27
CA ARG A 291 -23.52 -14.40 46.44
C ARG A 291 -22.08 -14.66 46.07
N ARG A 292 -21.17 -14.10 46.88
CA ARG A 292 -19.75 -14.28 46.63
C ARG A 292 -19.36 -15.77 46.70
N ILE A 293 -20.00 -16.50 47.60
CA ILE A 293 -20.02 -17.96 47.55
C ILE A 293 -21.07 -18.33 46.52
N GLN A 294 -20.62 -18.75 45.35
CA GLN A 294 -21.45 -18.71 44.16
C GLN A 294 -22.31 -19.93 43.99
N ASN A 295 -22.89 -20.45 45.07
CA ASN A 295 -23.81 -21.56 44.96
C ASN A 295 -25.22 -21.12 45.24
N TYR A 296 -25.45 -19.81 45.24
CA TYR A 296 -26.75 -19.26 45.58
C TYR A 296 -27.00 -17.96 44.83
N SER A 297 -28.02 -17.97 43.99
CA SER A 297 -28.39 -16.77 43.29
C SER A 297 -29.89 -16.54 43.41
N VAL A 298 -30.27 -15.29 43.16
CA VAL A 298 -31.65 -14.85 43.25
C VAL A 298 -31.96 -13.96 42.06
N MET A 299 -33.07 -14.24 41.40
CA MET A 299 -33.59 -13.36 40.35
C MET A 299 -34.68 -12.49 40.97
N ASP A 300 -34.54 -11.17 40.80
CA ASP A 300 -35.60 -10.22 41.14
C ASP A 300 -36.36 -9.83 39.86
N ILE A 301 -37.67 -9.71 39.98
CA ILE A 301 -38.47 -9.14 38.90
C ILE A 301 -39.06 -7.84 39.42
N CYS A 302 -38.74 -6.74 38.76
CA CYS A 302 -39.08 -5.41 39.24
C CYS A 302 -39.97 -4.69 38.26
N ASP A 303 -41.04 -4.10 38.78
CA ASP A 303 -42.04 -3.39 37.96
C ASP A 303 -42.01 -1.89 38.22
N TYR A 304 -42.09 -1.12 37.14
CA TYR A 304 -42.19 0.34 37.27
C TYR A 304 -43.54 0.74 37.88
N ASP A 305 -43.50 1.59 38.90
CA ASP A 305 -44.72 2.15 39.49
C ASP A 305 -44.88 3.63 39.06
N GLU A 306 -45.90 3.92 38.26
CA GLU A 306 -46.12 5.27 37.71
C GLU A 306 -46.35 6.38 38.75
N SER A 307 -47.18 6.12 39.76
CA SER A 307 -47.49 7.12 40.78
C SER A 307 -46.29 7.39 41.70
N SER A 308 -45.49 6.34 41.94
CA SER A 308 -44.26 6.46 42.72
C SER A 308 -43.13 7.05 41.87
N GLY A 309 -43.09 6.68 40.60
CA GLY A 309 -41.90 6.88 39.77
C GLY A 309 -40.76 5.98 40.22
N ARG A 310 -41.13 4.87 40.85
CA ARG A 310 -40.20 3.95 41.48
C ARG A 310 -40.29 2.56 40.88
N TRP A 311 -39.31 1.73 41.20
CA TRP A 311 -39.30 0.34 40.78
C TRP A 311 -39.45 -0.55 42.01
N ASN A 312 -40.37 -1.51 41.92
CA ASN A 312 -40.63 -2.43 43.01
C ASN A 312 -40.42 -3.87 42.58
N CYS A 313 -39.70 -4.61 43.41
CA CYS A 313 -39.46 -6.03 43.21
C CYS A 313 -40.10 -6.75 44.41
N LEU A 314 -41.23 -7.40 44.16
CA LEU A 314 -41.96 -8.12 45.20
C LEU A 314 -41.19 -9.38 45.60
N VAL A 315 -41.02 -9.59 46.90
CA VAL A 315 -40.29 -10.75 47.41
C VAL A 315 -40.98 -12.03 46.96
N ALA A 316 -42.30 -11.96 46.77
CA ALA A 316 -43.07 -13.11 46.27
C ALA A 316 -42.70 -13.50 44.84
N ARG A 317 -42.10 -12.56 44.10
CA ARG A 317 -41.67 -12.82 42.73
C ARG A 317 -40.17 -13.18 42.61
N GLN A 318 -39.48 -13.34 43.74
CA GLN A 318 -38.07 -13.74 43.72
C GLN A 318 -37.95 -15.22 43.36
N HIS A 319 -36.99 -15.52 42.49
CA HIS A 319 -36.73 -16.92 42.14
C HIS A 319 -35.31 -17.28 42.50
N ILE A 320 -35.17 -18.31 43.32
CA ILE A 320 -33.87 -18.76 43.78
C ILE A 320 -33.33 -19.85 42.86
N GLU A 321 -32.04 -19.75 42.53
CA GLU A 321 -31.34 -20.84 41.85
C GLU A 321 -30.08 -21.11 42.66
N MET A 322 -29.91 -22.37 43.05
CA MET A 322 -28.79 -22.74 43.88
C MET A 322 -28.30 -24.11 43.46
N SER A 323 -27.14 -24.49 44.00
CA SER A 323 -26.57 -25.81 43.77
C SER A 323 -26.02 -26.36 45.08
N THR A 324 -26.16 -27.67 45.28
CA THR A 324 -25.57 -28.34 46.43
C THR A 324 -24.27 -29.03 46.04
N THR A 325 -24.01 -29.14 44.74
CA THR A 325 -22.84 -29.87 44.29
C THR A 325 -21.77 -28.96 43.70
N GLY A 326 -22.10 -27.70 43.48
CA GLY A 326 -21.14 -26.78 42.88
C GLY A 326 -21.57 -25.35 42.90
N TRP A 327 -21.22 -24.65 41.83
CA TRP A 327 -21.57 -23.26 41.64
C TRP A 327 -22.85 -23.24 40.81
N VAL A 328 -23.42 -22.06 40.60
CA VAL A 328 -24.65 -21.94 39.83
C VAL A 328 -24.33 -21.48 38.40
N GLY A 329 -24.91 -22.17 37.43
CA GLY A 329 -24.66 -21.87 36.03
C GLY A 329 -23.38 -22.52 35.53
N ARG A 330 -23.13 -22.39 34.24
CA ARG A 330 -21.87 -22.87 33.72
C ARG A 330 -20.74 -21.97 34.20
N PHE A 331 -20.82 -20.69 33.82
CA PHE A 331 -19.96 -19.68 34.36
C PHE A 331 -20.74 -18.64 35.16
N ARG A 332 -22.05 -18.60 34.96
CA ARG A 332 -22.93 -17.75 35.76
C ARG A 332 -24.35 -18.25 35.53
N PRO A 333 -25.29 -17.89 36.41
CA PRO A 333 -26.69 -18.25 36.17
C PRO A 333 -27.13 -17.88 34.76
N SER A 334 -27.92 -18.73 34.12
CA SER A 334 -28.38 -18.49 32.76
C SER A 334 -29.36 -17.32 32.67
N GLU A 335 -29.51 -16.81 31.46
CA GLU A 335 -30.41 -15.68 31.23
C GLU A 335 -31.84 -16.17 30.97
N PRO A 336 -32.86 -15.43 31.48
CA PRO A 336 -34.26 -15.71 31.17
C PRO A 336 -34.68 -15.18 29.80
N HIS A 337 -35.64 -15.88 29.19
CA HIS A 337 -36.30 -15.44 27.96
C HIS A 337 -37.78 -15.33 28.27
N PHE A 338 -38.25 -14.09 28.44
CA PHE A 338 -39.62 -13.80 28.82
C PHE A 338 -40.57 -13.94 27.64
N THR A 339 -41.77 -14.43 27.91
CA THR A 339 -42.86 -14.39 26.94
C THR A 339 -43.22 -12.94 26.68
N LEU A 340 -43.90 -12.68 25.56
CA LEU A 340 -44.28 -11.30 25.18
C LEU A 340 -44.90 -10.48 26.32
N ASP A 341 -45.88 -11.04 27.02
CA ASP A 341 -46.55 -10.33 28.13
C ASP A 341 -45.70 -10.27 29.43
N GLY A 342 -44.58 -10.99 29.44
CA GLY A 342 -43.61 -10.90 30.52
C GLY A 342 -44.01 -11.58 31.82
N ASN A 343 -45.05 -12.40 31.80
CA ASN A 343 -45.52 -13.08 33.01
C ASN A 343 -44.98 -14.49 33.11
N SER A 344 -44.27 -14.90 32.07
CA SER A 344 -43.66 -16.20 32.00
C SER A 344 -42.29 -16.04 31.38
N PHE A 345 -41.38 -16.93 31.75
CA PHE A 345 -40.06 -16.97 31.13
C PHE A 345 -39.51 -18.38 31.08
N TYR A 346 -38.58 -18.58 30.16
CA TYR A 346 -37.87 -19.83 30.01
C TYR A 346 -36.41 -19.57 30.33
N LYS A 347 -35.78 -20.45 31.12
CA LYS A 347 -34.32 -20.45 31.24
C LYS A 347 -33.71 -21.82 31.52
N ILE A 348 -32.42 -21.93 31.20
CA ILE A 348 -31.66 -23.15 31.42
C ILE A 348 -31.23 -23.27 32.88
N ILE A 349 -31.58 -24.39 33.51
CA ILE A 349 -31.10 -24.71 34.84
C ILE A 349 -30.80 -26.21 34.90
N SER A 350 -30.00 -26.57 35.89
CA SER A 350 -29.69 -27.97 36.20
C SER A 350 -30.93 -28.68 36.71
N ASN A 351 -31.27 -29.80 36.09
CA ASN A 351 -32.38 -30.60 36.57
C ASN A 351 -31.92 -31.55 37.68
N GLU A 352 -32.81 -32.44 38.09
CA GLU A 352 -32.57 -33.34 39.23
C GLU A 352 -31.41 -34.30 39.00
N GLU A 353 -31.22 -34.69 37.75
CA GLU A 353 -30.13 -35.59 37.37
C GLU A 353 -28.83 -34.80 37.07
N GLY A 354 -28.84 -33.48 37.28
CA GLY A 354 -27.65 -32.66 37.07
C GLY A 354 -27.41 -32.26 35.62
N TYR A 355 -28.40 -32.48 34.75
CA TYR A 355 -28.26 -32.06 33.36
C TYR A 355 -28.98 -30.74 33.12
N ARG A 356 -28.41 -29.90 32.26
CA ARG A 356 -28.92 -28.54 32.06
C ARG A 356 -29.99 -28.52 30.97
N HIS A 357 -31.19 -28.11 31.36
CA HIS A 357 -32.35 -28.16 30.49
C HIS A 357 -33.25 -26.94 30.70
N ILE A 358 -34.16 -26.74 29.76
CA ILE A 358 -35.02 -25.55 29.74
C ILE A 358 -36.19 -25.72 30.73
N CYS A 359 -36.31 -24.78 31.66
CA CYS A 359 -37.40 -24.79 32.63
C CYS A 359 -38.26 -23.59 32.32
N TYR A 360 -39.57 -23.78 32.43
CA TYR A 360 -40.58 -22.77 32.16
C TYR A 360 -41.11 -22.29 33.50
N PHE A 361 -40.95 -21.01 33.78
CA PHE A 361 -41.34 -20.41 35.06
C PHE A 361 -42.55 -19.55 34.83
N GLN A 362 -43.43 -19.53 35.81
CA GLN A 362 -44.44 -18.49 35.89
C GLN A 362 -43.91 -17.49 36.90
N ILE A 363 -43.90 -16.23 36.49
CA ILE A 363 -43.46 -15.10 37.30
C ILE A 363 -43.87 -15.17 38.78
N ASP A 364 -45.11 -15.59 39.02
CA ASP A 364 -45.72 -15.55 40.34
C ASP A 364 -45.60 -16.86 41.13
N LYS A 365 -44.81 -17.83 40.66
CA LYS A 365 -44.69 -19.09 41.43
C LYS A 365 -43.32 -19.79 41.44
N LYS A 366 -43.14 -20.58 42.50
CA LYS A 366 -41.87 -21.23 42.84
C LYS A 366 -41.48 -22.32 41.85
N ASP A 367 -42.40 -23.24 41.58
CA ASP A 367 -42.06 -24.41 40.77
C ASP A 367 -42.07 -24.05 39.28
N CYS A 368 -41.00 -24.41 38.58
CA CYS A 368 -40.98 -24.34 37.14
C CYS A 368 -41.18 -25.73 36.61
N THR A 369 -41.45 -25.86 35.33
CA THR A 369 -41.60 -27.17 34.73
C THR A 369 -40.63 -27.34 33.58
N PHE A 370 -39.92 -28.45 33.56
CA PHE A 370 -38.92 -28.71 32.56
C PHE A 370 -39.61 -29.12 31.28
N ILE A 371 -39.22 -28.49 30.18
CA ILE A 371 -39.80 -28.76 28.88
C ILE A 371 -38.86 -29.58 28.01
N THR A 372 -37.59 -29.68 28.41
CA THR A 372 -36.66 -30.66 27.84
C THR A 372 -36.09 -31.54 28.95
N LYS A 373 -35.63 -32.71 28.55
CA LYS A 373 -35.07 -33.68 29.50
C LYS A 373 -34.18 -34.64 28.77
N GLY A 374 -33.32 -35.32 29.51
CA GLY A 374 -32.43 -36.35 28.96
C GLY A 374 -30.98 -36.17 29.35
N THR A 375 -30.16 -37.17 29.03
CA THR A 375 -28.74 -37.13 29.35
C THR A 375 -27.97 -36.44 28.22
N TRP A 376 -28.17 -35.14 28.14
CA TRP A 376 -27.52 -34.24 27.21
C TRP A 376 -27.94 -32.87 27.73
N GLU A 377 -27.47 -31.80 27.12
CA GLU A 377 -27.72 -30.48 27.69
C GLU A 377 -28.15 -29.49 26.64
N VAL A 378 -29.00 -28.57 27.08
CA VAL A 378 -29.30 -27.39 26.29
C VAL A 378 -28.13 -26.41 26.43
N ILE A 379 -27.57 -25.99 25.31
CA ILE A 379 -26.46 -25.04 25.32
C ILE A 379 -27.00 -23.61 25.51
N GLY A 380 -28.06 -23.28 24.78
CA GLY A 380 -28.65 -21.93 24.84
C GLY A 380 -30.03 -21.90 24.23
N ILE A 381 -30.88 -21.01 24.76
CA ILE A 381 -32.14 -20.64 24.15
C ILE A 381 -31.79 -19.55 23.16
N GLU A 382 -32.09 -19.77 21.88
CA GLU A 382 -31.68 -18.85 20.82
C GLU A 382 -32.77 -17.87 20.42
N ALA A 383 -34.03 -18.32 20.44
CA ALA A 383 -35.14 -17.44 20.10
C ALA A 383 -36.45 -17.98 20.66
N LEU A 384 -37.38 -17.07 20.93
CA LEU A 384 -38.68 -17.41 21.47
C LEU A 384 -39.80 -16.70 20.70
N THR A 385 -40.76 -17.46 20.23
CA THR A 385 -41.96 -16.88 19.62
C THR A 385 -43.18 -17.35 20.42
N SER A 386 -44.36 -16.88 20.03
CA SER A 386 -45.60 -17.33 20.67
C SER A 386 -45.86 -18.83 20.47
N ASP A 387 -45.36 -19.40 19.38
CA ASP A 387 -45.59 -20.81 19.06
C ASP A 387 -44.41 -21.73 19.41
N TYR A 388 -43.20 -21.18 19.36
CA TYR A 388 -42.00 -22.01 19.36
C TYR A 388 -40.85 -21.41 20.19
N LEU A 389 -40.11 -22.31 20.83
CA LEU A 389 -38.85 -21.98 21.48
C LEU A 389 -37.77 -22.67 20.65
N TYR A 390 -36.76 -21.90 20.25
CA TYR A 390 -35.64 -22.42 19.49
C TYR A 390 -34.40 -22.50 20.38
N TYR A 391 -33.68 -23.61 20.29
CA TYR A 391 -32.51 -23.81 21.15
C TYR A 391 -31.45 -24.68 20.51
N ILE A 392 -30.22 -24.55 21.02
CA ILE A 392 -29.13 -25.39 20.62
C ILE A 392 -28.84 -26.35 21.76
N SER A 393 -28.58 -27.61 21.40
CA SER A 393 -28.17 -28.64 22.34
C SER A 393 -27.20 -29.61 21.69
N ASN A 394 -26.67 -30.49 22.51
CA ASN A 394 -25.78 -31.54 22.03
C ASN A 394 -26.45 -32.91 22.11
N GLU A 395 -27.77 -32.96 21.89
CA GLU A 395 -28.52 -34.23 21.97
C GLU A 395 -28.18 -35.19 20.85
N TYR A 396 -28.06 -34.66 19.65
CA TYR A 396 -27.90 -35.49 18.48
C TYR A 396 -26.79 -36.49 18.65
N LYS A 397 -27.18 -37.77 18.70
CA LYS A 397 -26.27 -38.90 18.70
C LYS A 397 -25.52 -39.04 20.03
N GLY A 398 -25.95 -38.32 21.06
CA GLY A 398 -25.32 -38.39 22.37
C GLY A 398 -23.89 -37.89 22.34
N MET A 399 -23.59 -37.00 21.39
CA MET A 399 -22.27 -36.41 21.23
C MET A 399 -22.21 -35.04 21.90
N PRO A 400 -21.55 -34.96 23.07
CA PRO A 400 -21.55 -33.69 23.79
C PRO A 400 -20.82 -32.58 23.03
N GLY A 401 -19.99 -32.95 22.06
CA GLY A 401 -19.23 -31.96 21.30
C GLY A 401 -19.85 -31.58 19.97
N GLY A 402 -21.09 -32.00 19.74
CA GLY A 402 -21.84 -31.54 18.60
C GLY A 402 -22.84 -30.52 19.08
N ARG A 403 -23.41 -29.79 18.13
CA ARG A 403 -24.33 -28.70 18.44
C ARG A 403 -25.36 -28.63 17.30
N ASN A 404 -26.65 -28.70 17.64
CA ASN A 404 -27.69 -28.59 16.63
C ASN A 404 -28.79 -27.69 17.10
N LEU A 405 -29.48 -27.07 16.15
CA LEU A 405 -30.61 -26.20 16.40
C LEU A 405 -31.91 -27.00 16.42
N TYR A 406 -32.70 -26.80 17.47
CA TYR A 406 -33.98 -27.46 17.64
C TYR A 406 -35.07 -26.45 17.87
N LYS A 407 -36.31 -26.84 17.55
CA LYS A 407 -37.47 -26.06 17.97
C LYS A 407 -38.48 -26.96 18.70
N ILE A 408 -39.05 -26.41 19.76
CA ILE A 408 -39.97 -27.17 20.60
C ILE A 408 -41.33 -26.47 20.53
N GLN A 409 -42.36 -27.26 20.23
CA GLN A 409 -43.71 -26.74 20.06
C GLN A 409 -44.19 -26.38 21.46
N LEU A 410 -44.42 -25.09 21.69
CA LEU A 410 -44.78 -24.61 23.02
C LEU A 410 -46.10 -25.20 23.54
N SER A 411 -47.01 -25.51 22.61
CA SER A 411 -48.28 -26.13 22.96
C SER A 411 -48.15 -27.63 23.22
N ASP A 412 -47.00 -28.22 22.90
CA ASP A 412 -46.72 -29.65 23.17
C ASP A 412 -45.19 -29.93 23.16
N TYR A 413 -44.63 -30.13 24.35
CA TYR A 413 -43.17 -30.24 24.56
C TYR A 413 -42.58 -31.47 23.92
N THR A 414 -43.41 -32.50 23.76
CA THR A 414 -42.97 -33.75 23.13
C THR A 414 -42.74 -33.58 21.63
N LYS A 415 -43.23 -32.49 21.04
CA LYS A 415 -43.05 -32.19 19.61
C LYS A 415 -41.83 -31.31 19.39
N VAL A 416 -40.72 -31.97 19.08
CA VAL A 416 -39.43 -31.33 18.93
C VAL A 416 -38.83 -31.66 17.57
N THR A 417 -38.56 -30.65 16.77
CA THR A 417 -37.97 -30.83 15.47
C THR A 417 -36.49 -30.43 15.55
N CYS A 418 -35.60 -31.29 15.07
CA CYS A 418 -34.23 -30.87 14.87
C CYS A 418 -34.15 -30.20 13.50
N LEU A 419 -33.80 -28.92 13.49
CA LEU A 419 -33.75 -28.12 12.28
C LEU A 419 -32.45 -28.25 11.51
N SER A 420 -31.40 -28.75 12.14
CA SER A 420 -30.06 -28.73 11.54
C SER A 420 -29.39 -30.10 11.40
N CYS A 421 -29.81 -31.06 12.21
CA CYS A 421 -29.20 -32.41 12.26
C CYS A 421 -28.96 -33.02 10.88
N GLU A 422 -29.98 -32.95 10.01
CA GLU A 422 -29.98 -33.75 8.79
C GLU A 422 -29.64 -32.97 7.52
N LEU A 423 -29.28 -31.70 7.66
CA LEU A 423 -29.03 -30.83 6.51
C LEU A 423 -27.83 -31.30 5.71
N ASN A 424 -26.74 -31.58 6.42
CA ASN A 424 -25.57 -32.23 5.85
C ASN A 424 -24.82 -32.96 6.96
N PRO A 425 -25.32 -34.15 7.35
CA PRO A 425 -24.80 -34.84 8.54
C PRO A 425 -23.30 -35.13 8.53
N GLU A 426 -22.71 -35.26 7.34
CA GLU A 426 -21.30 -35.61 7.23
C GLU A 426 -20.44 -34.37 7.51
N ARG A 427 -20.80 -33.27 6.86
CA ARG A 427 -20.02 -32.04 6.86
C ARG A 427 -20.33 -31.17 8.09
N CYS A 428 -21.55 -31.28 8.60
CA CYS A 428 -22.06 -30.35 9.57
C CYS A 428 -22.66 -30.98 10.83
N GLN A 429 -21.94 -30.84 11.95
CA GLN A 429 -22.37 -31.33 13.26
C GLN A 429 -22.17 -30.29 14.38
N TYR A 430 -21.83 -29.06 14.01
CA TYR A 430 -21.61 -28.02 15.00
C TYR A 430 -22.20 -26.72 14.52
N TYR A 431 -23.42 -26.45 14.96
CA TYR A 431 -24.16 -25.30 14.48
C TYR A 431 -24.34 -24.23 15.55
N SER A 432 -24.30 -22.99 15.09
CA SER A 432 -24.81 -21.86 15.84
C SER A 432 -25.80 -21.14 14.92
N VAL A 433 -26.52 -20.16 15.46
CA VAL A 433 -27.62 -19.56 14.73
C VAL A 433 -27.79 -18.07 15.00
N SER A 434 -28.28 -17.35 13.98
CA SER A 434 -28.64 -15.94 14.12
C SER A 434 -30.00 -15.68 13.50
N PHE A 435 -31.02 -15.51 14.35
CA PHE A 435 -32.38 -15.25 13.90
C PHE A 435 -32.55 -13.77 13.61
N SER A 436 -33.48 -13.48 12.69
CA SER A 436 -33.92 -12.11 12.44
C SER A 436 -34.76 -11.58 13.61
N LYS A 437 -35.01 -10.26 13.60
CA LYS A 437 -35.65 -9.53 14.71
C LYS A 437 -36.90 -10.18 15.33
N GLU A 438 -37.72 -10.87 14.54
CA GLU A 438 -38.89 -11.58 15.09
C GLU A 438 -38.83 -13.08 14.78
N ALA A 439 -37.63 -13.58 14.50
CA ALA A 439 -37.40 -15.00 14.27
C ALA A 439 -38.05 -15.57 12.99
N LYS A 440 -38.41 -14.72 12.04
CA LYS A 440 -39.02 -15.19 10.80
C LYS A 440 -37.99 -15.93 9.94
N TYR A 441 -36.77 -15.37 9.92
CA TYR A 441 -35.66 -15.99 9.20
C TYR A 441 -34.48 -16.27 10.13
N TYR A 442 -33.63 -17.21 9.75
CA TYR A 442 -32.41 -17.45 10.49
C TYR A 442 -31.26 -17.92 9.65
N GLN A 443 -30.07 -17.47 10.03
CA GLN A 443 -28.83 -17.93 9.40
C GLN A 443 -28.26 -19.05 10.25
N LEU A 444 -27.98 -20.19 9.63
CA LEU A 444 -27.27 -21.25 10.30
C LEU A 444 -25.79 -21.09 10.02
N ARG A 445 -24.96 -21.27 11.05
CA ARG A 445 -23.51 -21.35 10.88
C ARG A 445 -23.01 -22.71 11.33
N CYS A 446 -22.50 -23.48 10.38
CA CYS A 446 -21.91 -24.79 10.62
C CYS A 446 -20.42 -24.57 10.73
N SER A 447 -19.81 -25.02 11.84
CA SER A 447 -18.38 -24.83 12.08
C SER A 447 -17.54 -26.10 11.92
N GLY A 448 -18.19 -27.21 11.62
CA GLY A 448 -17.49 -28.46 11.39
C GLY A 448 -18.39 -29.66 11.47
N PRO A 449 -17.85 -30.86 11.22
CA PRO A 449 -16.43 -31.19 11.05
C PRO A 449 -15.85 -30.83 9.69
N GLY A 450 -16.70 -30.60 8.69
CA GLY A 450 -16.22 -30.20 7.38
C GLY A 450 -15.97 -28.70 7.37
N LEU A 451 -15.71 -28.17 6.19
CA LEU A 451 -15.48 -26.74 6.04
C LEU A 451 -16.72 -25.99 6.50
N PRO A 452 -16.54 -24.84 7.18
CA PRO A 452 -17.70 -24.05 7.59
C PRO A 452 -18.66 -23.75 6.44
N LEU A 453 -19.95 -23.73 6.78
CA LEU A 453 -21.02 -23.57 5.82
C LEU A 453 -22.06 -22.67 6.47
N TYR A 454 -22.34 -21.56 5.80
CA TYR A 454 -23.28 -20.57 6.25
C TYR A 454 -24.49 -20.60 5.31
N THR A 455 -25.67 -20.84 5.87
CA THR A 455 -26.89 -20.93 5.09
C THR A 455 -28.00 -20.09 5.69
N LEU A 456 -28.98 -19.73 4.87
CA LEU A 456 -30.11 -18.90 5.30
C LEU A 456 -31.40 -19.66 5.13
N HIS A 457 -32.29 -19.49 6.11
CA HIS A 457 -33.50 -20.29 6.24
C HIS A 457 -34.68 -19.42 6.63
N SER A 458 -35.89 -19.85 6.25
CA SER A 458 -37.11 -19.18 6.67
C SER A 458 -37.76 -20.05 7.72
N SER A 459 -38.11 -19.47 8.86
CA SER A 459 -38.65 -20.25 9.96
C SER A 459 -40.08 -20.68 9.72
N VAL A 460 -40.84 -19.95 8.89
CA VAL A 460 -42.24 -20.29 8.66
C VAL A 460 -42.37 -21.76 8.23
N ASN A 461 -41.47 -22.22 7.37
CA ASN A 461 -41.44 -23.63 6.97
C ASN A 461 -40.04 -24.29 7.06
N ASP A 462 -39.14 -23.66 7.81
CA ASP A 462 -37.79 -24.20 8.03
C ASP A 462 -37.19 -24.80 6.77
N LYS A 463 -37.39 -24.11 5.64
CA LYS A 463 -36.81 -24.53 4.37
C LYS A 463 -35.52 -23.76 4.17
N GLY A 464 -34.58 -24.37 3.45
CA GLY A 464 -33.35 -23.71 3.04
C GLY A 464 -33.70 -22.70 1.97
N LEU A 465 -33.21 -21.48 2.11
CA LEU A 465 -33.34 -20.49 1.06
C LEU A 465 -32.11 -20.57 0.16
N ARG A 466 -30.93 -20.41 0.76
CA ARG A 466 -29.70 -20.41 0.00
C ARG A 466 -28.44 -20.52 0.83
N VAL A 467 -27.41 -20.96 0.13
CA VAL A 467 -26.06 -21.00 0.62
C VAL A 467 -25.52 -19.58 0.56
N LEU A 468 -25.07 -19.06 1.71
CA LEU A 468 -24.48 -17.73 1.80
C LEU A 468 -22.99 -17.81 1.57
N GLU A 469 -22.35 -18.80 2.20
CA GLU A 469 -20.92 -19.05 2.03
C GLU A 469 -20.64 -20.52 2.31
N ASP A 470 -19.94 -21.18 1.38
CA ASP A 470 -19.66 -22.61 1.49
C ASP A 470 -18.18 -22.96 1.44
N ASN A 471 -17.33 -21.93 1.39
CA ASN A 471 -15.88 -22.10 1.43
C ASN A 471 -15.33 -23.01 0.35
N SER A 472 -15.94 -22.95 -0.83
CA SER A 472 -15.43 -23.66 -2.00
C SER A 472 -14.04 -23.18 -2.34
N ALA A 473 -13.81 -21.88 -2.16
CA ALA A 473 -12.49 -21.29 -2.40
C ALA A 473 -11.42 -21.99 -1.55
N LEU A 474 -11.71 -22.13 -0.26
CA LEU A 474 -10.79 -22.84 0.62
C LEU A 474 -10.70 -24.30 0.23
N ASP A 475 -11.84 -24.89 -0.10
CA ASP A 475 -11.88 -26.30 -0.52
C ASP A 475 -10.93 -26.57 -1.68
N LYS A 476 -10.93 -25.68 -2.66
CA LYS A 476 -10.07 -25.83 -3.83
C LYS A 476 -8.59 -25.77 -3.45
N MET A 477 -8.21 -24.79 -2.64
CA MET A 477 -6.82 -24.65 -2.17
C MET A 477 -6.34 -25.88 -1.40
N LEU A 478 -7.20 -26.41 -0.53
CA LEU A 478 -6.83 -27.55 0.32
C LEU A 478 -6.68 -28.86 -0.45
N GLN A 479 -7.25 -28.95 -1.66
CA GLN A 479 -7.10 -30.15 -2.51
C GLN A 479 -5.63 -30.51 -2.70
N ASN A 480 -4.81 -29.48 -2.83
CA ASN A 480 -3.38 -29.64 -3.07
C ASN A 480 -2.57 -30.02 -1.83
N VAL A 481 -3.17 -29.92 -0.64
CA VAL A 481 -2.44 -30.02 0.63
C VAL A 481 -2.67 -31.34 1.36
N GLN A 482 -1.60 -31.99 1.82
CA GLN A 482 -1.73 -33.16 2.68
C GLN A 482 -2.30 -32.74 4.05
N MET A 483 -3.62 -32.72 4.16
CA MET A 483 -4.27 -32.26 5.38
C MET A 483 -4.47 -33.40 6.38
N PRO A 484 -4.40 -33.07 7.68
CA PRO A 484 -4.65 -34.03 8.73
C PRO A 484 -6.14 -34.30 8.88
N SER A 485 -6.49 -35.37 9.57
CA SER A 485 -7.89 -35.67 9.90
C SER A 485 -8.16 -35.50 11.41
N LYS A 486 -9.44 -35.52 11.78
CA LYS A 486 -9.80 -35.52 13.18
C LYS A 486 -10.52 -36.79 13.53
N LYS A 487 -10.05 -37.49 14.56
CA LYS A 487 -10.85 -38.50 15.23
C LYS A 487 -11.43 -37.89 16.49
N LEU A 488 -12.75 -38.00 16.60
CA LEU A 488 -13.50 -37.64 17.78
C LEU A 488 -14.19 -38.89 18.27
N ASP A 489 -13.92 -39.29 19.52
CA ASP A 489 -14.43 -40.54 20.07
C ASP A 489 -14.36 -40.43 21.59
N PHE A 490 -14.69 -41.51 22.28
CA PHE A 490 -14.66 -41.52 23.73
C PHE A 490 -13.96 -42.76 24.27
N ILE A 491 -13.54 -42.66 25.51
CA ILE A 491 -13.08 -43.82 26.28
C ILE A 491 -13.98 -43.93 27.50
N ILE A 492 -13.93 -45.09 28.15
CA ILE A 492 -14.67 -45.31 29.36
C ILE A 492 -13.71 -45.31 30.55
N LEU A 493 -13.99 -44.46 31.53
CA LEU A 493 -13.31 -44.48 32.81
C LEU A 493 -14.40 -44.58 33.88
N ASN A 494 -14.31 -45.60 34.72
CA ASN A 494 -15.31 -45.84 35.77
C ASN A 494 -16.74 -45.82 35.25
N GLU A 495 -16.98 -46.60 34.21
CA GLU A 495 -18.32 -46.73 33.62
C GLU A 495 -18.88 -45.39 33.17
N THR A 496 -17.99 -44.44 32.87
CA THR A 496 -18.37 -43.14 32.37
C THR A 496 -17.58 -42.80 31.12
N LYS A 497 -18.26 -42.22 30.15
CA LYS A 497 -17.67 -41.80 28.88
C LYS A 497 -16.95 -40.47 29.02
N PHE A 498 -15.72 -40.42 28.52
CA PHE A 498 -14.98 -39.18 28.44
C PHE A 498 -14.49 -39.05 27.01
N TRP A 499 -14.78 -37.92 26.40
CA TRP A 499 -14.51 -37.71 25.01
C TRP A 499 -13.11 -37.16 24.78
N TYR A 500 -12.52 -37.56 23.65
CA TYR A 500 -11.27 -37.02 23.21
C TYR A 500 -11.32 -36.77 21.70
N GLN A 501 -10.43 -35.93 21.22
CA GLN A 501 -10.23 -35.79 19.80
C GLN A 501 -8.75 -35.91 19.50
N MET A 502 -8.43 -36.33 18.28
CA MET A 502 -7.05 -36.40 17.82
C MET A 502 -6.92 -35.80 16.43
N ILE A 503 -5.95 -34.91 16.28
CA ILE A 503 -5.57 -34.43 14.96
C ILE A 503 -4.50 -35.41 14.47
N LEU A 504 -4.88 -36.24 13.49
CA LEU A 504 -4.02 -37.32 12.98
C LEU A 504 -3.28 -36.84 11.73
N PRO A 505 -1.97 -37.10 11.66
CA PRO A 505 -1.26 -36.70 10.46
C PRO A 505 -1.82 -37.31 9.17
N PRO A 506 -1.50 -36.70 8.03
CA PRO A 506 -1.98 -37.25 6.76
C PRO A 506 -1.37 -38.62 6.48
N HIS A 507 -2.15 -39.50 5.84
CA HIS A 507 -1.73 -40.87 5.53
C HIS A 507 -1.40 -41.63 6.81
N PHE A 508 -2.30 -41.51 7.78
CA PHE A 508 -2.13 -42.07 9.11
C PHE A 508 -2.04 -43.61 9.09
N ASP A 509 -0.89 -44.12 9.48
CA ASP A 509 -0.59 -45.55 9.48
C ASP A 509 -0.61 -46.05 10.92
N LYS A 510 -1.67 -46.74 11.31
CA LYS A 510 -1.80 -47.18 12.69
C LYS A 510 -0.81 -48.26 13.13
N SER A 511 -0.06 -48.83 12.18
CA SER A 511 1.05 -49.72 12.54
C SER A 511 2.32 -48.93 12.90
N LYS A 512 2.31 -47.61 12.73
CA LYS A 512 3.48 -46.78 13.02
C LYS A 512 3.34 -46.15 14.42
N LYS A 513 4.46 -45.79 15.02
CA LYS A 513 4.48 -45.16 16.34
C LYS A 513 4.71 -43.65 16.21
N TYR A 514 3.69 -42.86 16.52
CA TYR A 514 3.79 -41.41 16.36
C TYR A 514 4.02 -40.67 17.67
N PRO A 515 4.79 -39.56 17.62
CA PRO A 515 4.83 -38.65 18.78
C PRO A 515 3.46 -38.07 19.04
N LEU A 516 3.17 -37.79 20.30
CA LEU A 516 1.86 -37.26 20.64
C LEU A 516 2.00 -36.02 21.50
N LEU A 517 1.25 -34.99 21.14
CA LEU A 517 1.16 -33.78 21.93
C LEU A 517 -0.25 -33.67 22.44
N LEU A 518 -0.38 -33.59 23.77
CA LEU A 518 -1.65 -33.36 24.42
C LEU A 518 -1.88 -31.85 24.61
N ASP A 519 -3.00 -31.38 24.07
CA ASP A 519 -3.37 -29.97 24.05
C ASP A 519 -4.45 -29.84 25.08
N VAL A 520 -4.18 -29.09 26.15
CA VAL A 520 -5.05 -29.06 27.29
C VAL A 520 -5.62 -27.68 27.58
N TYR A 521 -6.89 -27.67 27.97
CA TYR A 521 -7.54 -26.56 28.65
C TYR A 521 -7.90 -27.16 30.02
N ALA A 522 -8.95 -27.97 30.06
CA ALA A 522 -9.31 -28.76 31.25
C ALA A 522 -9.79 -27.93 32.41
N GLY A 523 -10.09 -26.66 32.15
CA GLY A 523 -10.74 -25.80 33.14
C GLY A 523 -12.19 -26.22 33.33
N PRO A 524 -12.83 -25.72 34.38
CA PRO A 524 -14.23 -26.06 34.59
C PRO A 524 -15.11 -25.60 33.45
N CYS A 525 -16.00 -26.49 33.02
CA CYS A 525 -16.86 -26.28 31.86
C CYS A 525 -16.11 -26.08 30.54
N SER A 526 -14.90 -26.63 30.46
CA SER A 526 -14.16 -26.60 29.21
C SER A 526 -14.66 -27.70 28.30
N GLN A 527 -14.35 -27.56 27.01
CA GLN A 527 -14.63 -28.62 26.05
C GLN A 527 -13.67 -28.51 24.89
N LYS A 528 -12.70 -29.41 24.84
CA LYS A 528 -11.67 -29.42 23.82
C LYS A 528 -11.86 -30.55 22.81
N ALA A 529 -12.82 -31.43 23.07
CA ALA A 529 -13.18 -32.51 22.15
C ALA A 529 -14.50 -32.12 21.49
N ASP A 530 -14.44 -31.70 20.23
CA ASP A 530 -15.67 -31.28 19.58
C ASP A 530 -15.60 -31.52 18.09
N THR A 531 -16.68 -31.20 17.40
CA THR A 531 -16.76 -31.46 15.96
C THR A 531 -16.38 -30.24 15.13
N VAL A 532 -15.73 -29.24 15.74
CA VAL A 532 -15.38 -28.00 15.03
C VAL A 532 -14.15 -28.21 14.13
N PHE A 533 -14.20 -27.59 12.95
CA PHE A 533 -13.07 -27.59 12.01
C PHE A 533 -12.15 -26.41 12.30
N ARG A 534 -10.87 -26.68 12.49
CA ARG A 534 -9.92 -25.62 12.80
C ARG A 534 -8.66 -25.73 11.93
N LEU A 535 -8.17 -24.58 11.46
CA LEU A 535 -6.81 -24.48 10.95
C LEU A 535 -5.99 -23.74 11.98
N ASN A 536 -5.15 -24.48 12.71
CA ASN A 536 -4.41 -23.86 13.80
C ASN A 536 -3.02 -24.49 13.89
N TRP A 537 -2.36 -24.28 15.02
CA TRP A 537 -1.01 -24.79 15.22
C TRP A 537 -1.02 -26.30 15.14
N ALA A 538 -2.01 -26.94 15.75
CA ALA A 538 -2.10 -28.41 15.72
C ALA A 538 -2.21 -28.97 14.27
N THR A 539 -2.87 -28.23 13.39
CA THR A 539 -2.93 -28.62 11.97
C THR A 539 -1.52 -28.74 11.37
N TYR A 540 -0.68 -27.76 11.63
CA TYR A 540 0.70 -27.78 11.17
C TYR A 540 1.47 -28.94 11.81
N LEU A 541 1.32 -29.11 13.12
CA LEU A 541 2.09 -30.13 13.82
C LEU A 541 1.73 -31.49 13.25
N ALA A 542 0.46 -31.68 12.93
CA ALA A 542 -0.01 -32.93 12.35
C ALA A 542 0.41 -33.06 10.88
N SER A 543 0.14 -32.04 10.07
CA SER A 543 0.40 -32.09 8.63
C SER A 543 1.90 -32.16 8.31
N THR A 544 2.68 -31.27 8.92
CA THR A 544 4.08 -31.14 8.59
C THR A 544 5.02 -31.97 9.47
N GLU A 545 4.71 -32.11 10.75
CA GLU A 545 5.65 -32.75 11.68
C GLU A 545 5.28 -34.16 12.07
N ASN A 546 4.16 -34.64 11.52
CA ASN A 546 3.62 -35.96 11.82
C ASN A 546 3.48 -36.24 13.32
N ILE A 547 3.08 -35.21 14.05
CA ILE A 547 2.72 -35.34 15.46
C ILE A 547 1.20 -35.48 15.58
N ILE A 548 0.75 -36.45 16.37
CA ILE A 548 -0.66 -36.50 16.77
C ILE A 548 -0.89 -35.46 17.86
N VAL A 549 -1.91 -34.65 17.69
CA VAL A 549 -2.28 -33.68 18.71
C VAL A 549 -3.63 -34.05 19.26
N ALA A 550 -3.66 -34.39 20.53
CA ALA A 550 -4.87 -34.91 21.19
C ALA A 550 -5.33 -33.94 22.25
N SER A 551 -6.64 -33.90 22.46
CA SER A 551 -7.25 -33.21 23.61
C SER A 551 -8.25 -34.14 24.25
N PHE A 552 -8.43 -33.98 25.56
CA PHE A 552 -9.28 -34.86 26.34
C PHE A 552 -10.12 -34.06 27.33
N ASP A 553 -11.43 -34.36 27.37
CA ASP A 553 -12.37 -33.67 28.24
C ASP A 553 -12.69 -34.57 29.43
N GLY A 554 -11.96 -34.38 30.53
CA GLY A 554 -12.15 -35.20 31.72
C GLY A 554 -13.11 -34.59 32.73
N ARG A 555 -12.93 -34.95 33.98
CA ARG A 555 -13.75 -34.40 35.04
C ARG A 555 -13.54 -32.90 35.13
N GLY A 556 -14.64 -32.20 35.41
CA GLY A 556 -14.66 -30.74 35.34
C GLY A 556 -15.12 -30.22 33.99
N SER A 557 -15.03 -31.04 32.95
CA SER A 557 -15.41 -30.59 31.62
C SER A 557 -16.90 -30.39 31.54
N GLY A 558 -17.31 -29.63 30.54
CA GLY A 558 -18.68 -29.13 30.47
C GLY A 558 -19.57 -29.87 29.50
N TYR A 559 -20.84 -29.43 29.51
CA TYR A 559 -21.86 -29.88 28.56
C TYR A 559 -22.26 -31.37 28.67
N GLN A 560 -21.88 -32.01 29.79
CA GLN A 560 -22.17 -33.44 30.02
C GLN A 560 -22.83 -33.66 31.38
N GLY A 561 -23.40 -32.61 31.93
CA GLY A 561 -24.03 -32.68 33.22
C GLY A 561 -23.10 -32.36 34.37
N ASP A 562 -23.71 -32.15 35.53
CA ASP A 562 -23.03 -31.64 36.72
C ASP A 562 -22.16 -32.70 37.41
N LYS A 563 -22.58 -33.95 37.35
CA LYS A 563 -21.79 -35.04 37.92
C LYS A 563 -20.32 -34.94 37.42
N ILE A 564 -20.15 -34.71 36.12
CA ILE A 564 -18.82 -34.51 35.55
C ILE A 564 -18.27 -33.10 35.82
N MET A 565 -19.08 -32.08 35.60
CA MET A 565 -18.61 -30.71 35.71
C MET A 565 -18.23 -30.31 37.14
N HIS A 566 -19.07 -30.67 38.10
CA HIS A 566 -18.82 -30.31 39.48
C HIS A 566 -17.83 -31.23 40.18
N ALA A 567 -17.31 -32.23 39.47
CA ALA A 567 -16.44 -33.21 40.10
C ALA A 567 -15.20 -32.55 40.70
N ILE A 568 -14.79 -31.39 40.16
CA ILE A 568 -13.62 -30.67 40.71
C ILE A 568 -14.00 -29.52 41.64
N ASN A 569 -15.25 -29.48 42.07
CA ASN A 569 -15.67 -28.43 42.98
C ASN A 569 -14.78 -28.41 44.22
N ARG A 570 -14.26 -27.22 44.53
CA ARG A 570 -13.37 -26.97 45.67
C ARG A 570 -12.03 -27.70 45.58
N ARG A 571 -11.74 -28.29 44.42
CA ARG A 571 -10.65 -29.24 44.27
C ARG A 571 -9.97 -29.07 42.91
N LEU A 572 -9.74 -27.82 42.55
CA LEU A 572 -8.94 -27.53 41.36
C LEU A 572 -7.54 -28.14 41.47
N GLY A 573 -7.00 -28.55 40.34
CA GLY A 573 -5.69 -29.17 40.32
C GLY A 573 -5.68 -30.59 40.85
N THR A 574 -6.81 -31.30 40.78
CA THR A 574 -6.85 -32.69 41.22
C THR A 574 -7.29 -33.59 40.07
N PHE A 575 -8.59 -33.83 39.96
CA PHE A 575 -9.12 -34.83 39.05
C PHE A 575 -8.91 -34.47 37.59
N GLU A 576 -9.02 -33.20 37.26
CA GLU A 576 -8.87 -32.78 35.86
C GLU A 576 -7.41 -32.95 35.44
N VAL A 577 -6.49 -32.85 36.40
CA VAL A 577 -5.08 -33.06 36.15
C VAL A 577 -4.79 -34.57 36.00
N GLU A 578 -5.37 -35.38 36.89
CA GLU A 578 -5.18 -36.82 36.85
C GLU A 578 -5.76 -37.37 35.56
N ASP A 579 -6.88 -36.81 35.12
CA ASP A 579 -7.57 -37.33 33.94
C ASP A 579 -6.79 -37.03 32.64
N GLN A 580 -6.06 -35.93 32.59
CA GLN A 580 -5.20 -35.68 31.44
C GLN A 580 -4.07 -36.68 31.42
N ILE A 581 -3.62 -37.07 32.61
CA ILE A 581 -2.56 -38.06 32.73
C ILE A 581 -3.08 -39.43 32.29
N GLU A 582 -4.23 -39.80 32.82
CA GLU A 582 -4.85 -41.08 32.51
C GLU A 582 -5.20 -41.13 31.02
N ALA A 583 -5.70 -40.04 30.47
CA ALA A 583 -5.96 -40.00 29.03
C ALA A 583 -4.70 -40.38 28.24
N ALA A 584 -3.59 -39.73 28.57
CA ALA A 584 -2.32 -39.99 27.90
C ALA A 584 -1.90 -41.46 28.02
N ARG A 585 -2.13 -42.06 29.18
CA ARG A 585 -1.86 -43.48 29.34
C ARG A 585 -2.69 -44.28 28.35
N GLN A 586 -3.96 -43.95 28.25
CA GLN A 586 -4.86 -44.68 27.37
C GLN A 586 -4.44 -44.51 25.91
N PHE A 587 -3.93 -43.33 25.57
CA PHE A 587 -3.49 -43.10 24.20
C PHE A 587 -2.27 -43.92 23.86
N SER A 588 -1.41 -44.16 24.85
CA SER A 588 -0.23 -44.99 24.59
C SER A 588 -0.60 -46.46 24.43
N LYS A 589 -1.73 -46.87 25.01
CA LYS A 589 -2.22 -48.22 24.82
C LYS A 589 -2.95 -48.40 23.48
N MET A 590 -3.12 -47.32 22.72
CA MET A 590 -3.76 -47.42 21.40
C MET A 590 -2.83 -47.95 20.30
N GLY A 591 -1.53 -48.11 20.60
CA GLY A 591 -0.62 -48.88 19.74
C GLY A 591 0.14 -48.07 18.70
N PHE A 592 -0.44 -46.95 18.28
CA PHE A 592 0.20 -46.06 17.32
C PHE A 592 0.88 -44.84 17.96
N VAL A 593 1.01 -44.84 19.29
CA VAL A 593 1.64 -43.73 19.99
C VAL A 593 3.02 -44.13 20.49
N ASP A 594 4.01 -43.28 20.24
CA ASP A 594 5.35 -43.50 20.76
C ASP A 594 5.37 -42.99 22.19
N ASN A 595 5.43 -43.91 23.15
CA ASN A 595 5.33 -43.53 24.55
C ASN A 595 6.60 -42.88 25.13
N LYS A 596 7.69 -42.92 24.37
CA LYS A 596 8.87 -42.13 24.67
C LYS A 596 8.72 -40.67 24.22
N ARG A 597 7.65 -40.36 23.47
CA ARG A 597 7.49 -39.00 22.94
C ARG A 597 6.08 -38.50 23.12
N ILE A 598 5.73 -38.30 24.38
CA ILE A 598 4.46 -37.71 24.72
C ILE A 598 4.73 -36.38 25.40
N ALA A 599 4.10 -35.34 24.88
CA ALA A 599 4.22 -34.00 25.41
C ALA A 599 2.86 -33.45 25.76
N ILE A 600 2.85 -32.27 26.36
CA ILE A 600 1.62 -31.66 26.80
C ILE A 600 1.81 -30.15 26.83
N TRP A 601 0.80 -29.43 26.37
CA TRP A 601 0.89 -27.99 26.44
C TRP A 601 -0.47 -27.40 26.64
N GLY A 602 -0.45 -26.15 27.06
CA GLY A 602 -1.67 -25.42 27.30
C GLY A 602 -1.44 -23.98 27.70
N TRP A 603 -2.52 -23.21 27.57
CA TRP A 603 -2.55 -21.79 27.78
C TRP A 603 -3.56 -21.56 28.90
N SER A 604 -3.29 -20.62 29.79
CA SER A 604 -4.26 -20.18 30.79
C SER A 604 -4.48 -21.32 31.77
N TYR A 605 -5.72 -21.75 31.98
CA TYR A 605 -6.00 -22.91 32.84
C TYR A 605 -5.19 -24.11 32.34
N GLY A 606 -5.06 -24.24 31.03
CA GLY A 606 -4.28 -25.31 30.41
C GLY A 606 -2.78 -25.24 30.69
N GLY A 607 -2.27 -24.05 30.94
CA GLY A 607 -0.88 -23.88 31.41
C GLY A 607 -0.72 -24.36 32.86
N TYR A 608 -1.73 -24.09 33.67
CA TYR A 608 -1.79 -24.59 35.03
C TYR A 608 -1.74 -26.12 35.05
N VAL A 609 -2.62 -26.72 34.27
CA VAL A 609 -2.77 -28.17 34.25
C VAL A 609 -1.54 -28.80 33.64
N THR A 610 -1.04 -28.20 32.57
CA THR A 610 0.19 -28.68 31.97
C THR A 610 1.28 -28.69 33.03
N SER A 611 1.33 -27.63 33.83
CA SER A 611 2.40 -27.49 34.81
C SER A 611 2.15 -28.49 35.93
N MET A 612 0.89 -28.68 36.30
CA MET A 612 0.58 -29.64 37.36
C MET A 612 0.89 -31.06 36.89
N VAL A 613 0.60 -31.34 35.60
CA VAL A 613 0.91 -32.65 35.03
C VAL A 613 2.40 -32.93 35.02
N LEU A 614 3.18 -31.99 34.49
CA LEU A 614 4.62 -32.15 34.42
C LEU A 614 5.26 -32.24 35.80
N GLY A 615 4.66 -31.62 36.80
CA GLY A 615 5.17 -31.75 38.19
C GLY A 615 4.54 -32.88 39.00
N SER A 616 3.82 -33.78 38.33
CA SER A 616 3.11 -34.87 39.00
C SER A 616 3.98 -36.06 39.32
N GLY A 617 5.08 -36.21 38.59
CA GLY A 617 5.94 -37.39 38.75
C GLY A 617 5.36 -38.63 38.10
N SER A 618 4.42 -38.46 37.16
CA SER A 618 3.76 -39.60 36.53
C SER A 618 4.71 -40.39 35.64
N GLY A 619 5.72 -39.71 35.10
CA GLY A 619 6.65 -40.31 34.14
C GLY A 619 6.07 -40.49 32.75
N VAL A 620 4.85 -40.00 32.50
CA VAL A 620 4.22 -40.25 31.20
C VAL A 620 4.75 -39.27 30.14
N PHE A 621 5.08 -38.04 30.55
CA PHE A 621 5.39 -36.97 29.61
C PHE A 621 6.87 -36.63 29.61
N LYS A 622 7.41 -36.44 28.41
CA LYS A 622 8.81 -36.12 28.24
C LYS A 622 8.99 -34.63 28.46
N CYS A 623 8.02 -33.87 28.02
CA CYS A 623 8.18 -32.44 28.01
C CYS A 623 6.85 -31.75 27.89
N GLY A 624 6.89 -30.44 28.07
CA GLY A 624 5.70 -29.63 27.93
C GLY A 624 5.92 -28.13 27.95
N ILE A 625 4.89 -27.43 27.54
CA ILE A 625 4.90 -26.01 27.44
C ILE A 625 3.68 -25.45 28.18
N ALA A 626 3.92 -24.54 29.11
CA ALA A 626 2.86 -23.78 29.77
C ALA A 626 2.94 -22.32 29.34
N VAL A 627 1.84 -21.80 28.80
CA VAL A 627 1.75 -20.41 28.39
C VAL A 627 0.80 -19.67 29.33
N ALA A 628 1.32 -18.60 29.93
CA ALA A 628 0.57 -17.77 30.84
C ALA A 628 -0.24 -18.58 31.84
N PRO A 629 0.44 -19.50 32.53
CA PRO A 629 -0.23 -20.37 33.46
C PRO A 629 -0.59 -19.70 34.76
N VAL A 630 -1.69 -20.12 35.37
CA VAL A 630 -1.88 -19.89 36.78
C VAL A 630 -0.88 -20.77 37.54
N SER A 631 -0.34 -20.25 38.64
CA SER A 631 0.59 -21.04 39.45
C SER A 631 0.06 -21.33 40.85
N ARG A 632 -0.77 -20.42 41.37
CA ARG A 632 -1.51 -20.70 42.59
C ARG A 632 -2.74 -19.81 42.66
N TRP A 633 -3.81 -20.36 43.21
CA TRP A 633 -5.14 -19.78 43.02
C TRP A 633 -5.32 -18.45 43.72
N GLU A 634 -4.54 -18.18 44.76
CA GLU A 634 -4.58 -16.86 45.40
C GLU A 634 -4.11 -15.72 44.48
N TYR A 635 -3.40 -16.03 43.40
CA TYR A 635 -2.93 -14.99 42.47
C TYR A 635 -3.96 -14.64 41.40
N TYR A 636 -4.99 -15.47 41.26
CA TYR A 636 -5.96 -15.26 40.20
C TYR A 636 -7.20 -14.52 40.72
N ASP A 637 -8.03 -14.02 39.81
CA ASP A 637 -9.12 -13.13 40.23
C ASP A 637 -10.15 -13.87 41.07
N SER A 638 -10.89 -13.11 41.86
CA SER A 638 -11.82 -13.68 42.84
C SER A 638 -13.02 -14.35 42.20
N VAL A 639 -13.56 -13.74 41.16
CA VAL A 639 -14.82 -14.22 40.58
C VAL A 639 -14.67 -15.62 40.01
N TYR A 640 -13.62 -15.82 39.24
CA TYR A 640 -13.41 -17.12 38.59
C TYR A 640 -12.94 -18.11 39.63
N THR A 641 -11.87 -17.75 40.33
CA THR A 641 -11.22 -18.66 41.27
C THR A 641 -12.14 -19.15 42.34
N GLU A 642 -12.83 -18.23 43.00
CA GLU A 642 -13.70 -18.56 44.13
C GLU A 642 -14.94 -19.31 43.69
N ARG A 643 -15.37 -19.12 42.46
CA ARG A 643 -16.49 -19.89 41.94
C ARG A 643 -16.24 -21.37 42.20
N TYR A 644 -15.00 -21.80 41.95
CA TYR A 644 -14.64 -23.18 42.06
C TYR A 644 -13.93 -23.54 43.37
N MET A 645 -13.25 -22.57 43.98
CA MET A 645 -12.36 -22.88 45.08
C MET A 645 -12.90 -22.41 46.43
N GLY A 646 -13.96 -21.61 46.43
CA GLY A 646 -14.34 -20.89 47.63
C GLY A 646 -13.24 -19.91 48.03
N LEU A 647 -13.20 -19.58 49.32
CA LEU A 647 -12.27 -18.59 49.83
C LEU A 647 -11.03 -19.23 50.44
N PRO A 648 -9.89 -18.56 50.31
CA PRO A 648 -8.64 -19.06 50.87
C PRO A 648 -8.49 -18.65 52.34
N THR A 649 -9.40 -19.11 53.17
CA THR A 649 -9.35 -18.80 54.58
C THR A 649 -9.38 -20.13 55.33
N PRO A 650 -8.82 -20.16 56.55
CA PRO A 650 -8.79 -21.38 57.35
C PRO A 650 -10.15 -22.05 57.53
N GLU A 651 -11.20 -21.25 57.57
CA GLU A 651 -12.52 -21.78 57.79
C GLU A 651 -13.21 -22.19 56.49
N ASP A 652 -12.59 -21.92 55.34
CA ASP A 652 -13.17 -22.37 54.07
C ASP A 652 -12.23 -23.34 53.37
N ASN A 653 -11.43 -22.88 52.41
CA ASN A 653 -10.67 -23.80 51.57
C ASN A 653 -9.17 -23.49 51.47
N LEU A 654 -8.62 -22.80 52.47
CA LEU A 654 -7.19 -22.45 52.46
C LEU A 654 -6.28 -23.62 52.18
N ASP A 655 -6.51 -24.74 52.89
CA ASP A 655 -5.65 -25.91 52.77
C ASP A 655 -5.51 -26.37 51.32
N HIS A 656 -6.61 -26.43 50.58
CA HIS A 656 -6.51 -26.86 49.20
C HIS A 656 -5.89 -25.77 48.29
N TYR A 657 -6.14 -24.49 48.57
CA TYR A 657 -5.37 -23.42 47.90
C TYR A 657 -3.86 -23.68 48.06
N ARG A 658 -3.46 -24.10 49.25
CA ARG A 658 -2.05 -24.34 49.54
C ARG A 658 -1.53 -25.62 48.91
N ASN A 659 -2.43 -26.58 48.70
CA ASN A 659 -2.06 -27.89 48.20
C ASN A 659 -2.03 -27.96 46.68
N SER A 660 -2.58 -26.95 46.01
CA SER A 660 -2.80 -26.99 44.59
C SER A 660 -1.89 -26.06 43.79
N THR A 661 -0.70 -25.76 44.31
CA THR A 661 0.21 -24.83 43.61
C THR A 661 1.16 -25.58 42.72
N VAL A 662 1.58 -25.00 41.59
CA VAL A 662 2.63 -25.68 40.80
C VAL A 662 3.97 -25.59 41.50
N MET A 663 4.23 -24.51 42.22
CA MET A 663 5.48 -24.38 43.01
C MET A 663 5.76 -25.58 43.92
N SER A 664 4.73 -26.14 44.55
CA SER A 664 4.91 -27.27 45.48
C SER A 664 5.42 -28.52 44.74
N ARG A 665 5.25 -28.57 43.43
CA ARG A 665 5.67 -29.72 42.66
C ARG A 665 7.01 -29.52 41.96
N ALA A 666 7.73 -28.47 42.33
CA ALA A 666 8.94 -28.08 41.63
C ALA A 666 9.95 -29.22 41.45
N GLU A 667 10.16 -29.99 42.50
CA GLU A 667 11.14 -31.07 42.51
C GLU A 667 10.90 -32.08 41.38
N ASN A 668 9.63 -32.39 41.10
CA ASN A 668 9.30 -33.35 40.04
C ASN A 668 9.55 -32.88 38.64
N PHE A 669 9.76 -31.58 38.44
CA PHE A 669 10.14 -31.06 37.11
C PHE A 669 11.53 -31.53 36.65
N LYS A 670 12.33 -32.09 37.55
CA LYS A 670 13.62 -32.74 37.18
C LYS A 670 13.48 -33.84 36.13
N GLN A 671 12.30 -34.44 36.03
CA GLN A 671 12.08 -35.58 35.13
C GLN A 671 11.61 -35.17 33.75
N VAL A 672 11.41 -33.86 33.51
CA VAL A 672 10.83 -33.41 32.26
C VAL A 672 11.54 -32.18 31.72
N GLU A 673 11.26 -31.87 30.46
CA GLU A 673 11.72 -30.65 29.82
C GLU A 673 10.52 -29.71 29.81
N TYR A 674 10.69 -28.51 30.36
CA TYR A 674 9.60 -27.54 30.53
C TYR A 674 9.97 -26.27 29.80
N LEU A 675 9.01 -25.72 29.09
CA LEU A 675 9.09 -24.38 28.56
C LEU A 675 7.95 -23.54 29.16
N LEU A 676 8.35 -22.49 29.89
CA LEU A 676 7.42 -21.57 30.54
C LEU A 676 7.45 -20.23 29.78
N ILE A 677 6.28 -19.74 29.37
CA ILE A 677 6.14 -18.54 28.54
C ILE A 677 5.10 -17.63 29.15
N HIS A 678 5.40 -16.32 29.15
CA HIS A 678 4.47 -15.38 29.73
C HIS A 678 4.71 -13.98 29.19
N GLY A 679 3.62 -13.26 28.95
CA GLY A 679 3.69 -11.86 28.59
C GLY A 679 3.83 -10.99 29.82
N THR A 680 4.66 -9.97 29.72
CA THR A 680 5.00 -9.16 30.88
C THR A 680 3.88 -8.18 31.24
N ALA A 681 2.98 -7.90 30.30
CA ALA A 681 1.84 -7.00 30.56
C ALA A 681 0.54 -7.76 30.62
N ASP A 682 0.60 -9.01 31.07
CA ASP A 682 -0.60 -9.82 31.26
C ASP A 682 -1.37 -9.26 32.45
N ASP A 683 -2.48 -8.59 32.14
CA ASP A 683 -3.38 -8.04 33.16
C ASP A 683 -4.28 -9.09 33.79
N ASN A 684 -4.29 -10.28 33.19
CA ASN A 684 -5.25 -11.32 33.48
C ASN A 684 -4.60 -12.36 34.38
N VAL A 685 -3.66 -13.12 33.85
CA VAL A 685 -2.81 -13.99 34.66
C VAL A 685 -1.51 -13.24 34.79
N HIS A 686 -1.25 -12.71 35.95
CA HIS A 686 -0.16 -11.79 36.07
C HIS A 686 1.17 -12.50 35.88
N PHE A 687 2.13 -11.76 35.30
CA PHE A 687 3.45 -12.32 35.04
C PHE A 687 3.98 -12.94 36.33
N GLN A 688 3.66 -12.31 37.44
CA GLN A 688 3.82 -12.87 38.80
C GLN A 688 3.73 -14.39 38.89
N GLN A 689 2.70 -14.95 38.27
CA GLN A 689 2.39 -16.36 38.45
C GLN A 689 3.54 -17.22 37.92
N SER A 690 4.03 -16.86 36.74
CA SER A 690 5.19 -17.54 36.14
C SER A 690 6.50 -17.18 36.83
N ALA A 691 6.56 -15.98 37.37
CA ALA A 691 7.73 -15.53 38.13
C ALA A 691 7.91 -16.40 39.34
N GLN A 692 6.80 -16.84 39.93
CA GLN A 692 6.88 -17.67 41.13
C GLN A 692 7.19 -19.10 40.74
N ILE A 693 6.72 -19.55 39.57
CA ILE A 693 7.12 -20.87 39.07
C ILE A 693 8.63 -20.93 38.85
N SER A 694 9.17 -19.96 38.12
CA SER A 694 10.58 -19.96 37.76
C SER A 694 11.44 -19.90 39.02
N LYS A 695 11.06 -19.06 39.97
CA LYS A 695 11.79 -19.01 41.23
C LYS A 695 11.80 -20.36 41.94
N ALA A 696 10.64 -21.03 41.99
CA ALA A 696 10.56 -22.33 42.65
C ALA A 696 11.45 -23.37 41.96
N LEU A 697 11.49 -23.36 40.64
CA LEU A 697 12.32 -24.33 39.90
C LEU A 697 13.81 -24.00 40.05
N VAL A 698 14.13 -22.72 40.06
CA VAL A 698 15.49 -22.30 40.34
C VAL A 698 15.90 -22.81 41.72
N ASP A 699 15.02 -22.65 42.71
CA ASP A 699 15.38 -23.00 44.09
C ASP A 699 15.60 -24.49 44.33
N VAL A 700 15.05 -25.37 43.50
CA VAL A 700 15.35 -26.82 43.63
C VAL A 700 16.29 -27.30 42.55
N GLY A 701 16.89 -26.39 41.78
CA GLY A 701 17.89 -26.77 40.78
C GLY A 701 17.34 -27.51 39.58
N VAL A 702 16.16 -27.13 39.14
CA VAL A 702 15.60 -27.64 37.90
C VAL A 702 15.95 -26.72 36.74
N ASP A 703 16.50 -27.31 35.69
CA ASP A 703 16.72 -26.57 34.46
C ASP A 703 15.46 -26.63 33.61
N PHE A 704 15.11 -25.49 33.03
CA PHE A 704 13.97 -25.39 32.17
C PHE A 704 14.26 -24.23 31.21
N GLN A 705 13.35 -24.04 30.26
CA GLN A 705 13.43 -23.01 29.26
C GLN A 705 12.37 -22.00 29.58
N ALA A 706 12.62 -20.76 29.22
CA ALA A 706 11.64 -19.73 29.44
C ALA A 706 11.64 -18.74 28.31
N MET A 707 10.57 -17.97 28.27
CA MET A 707 10.47 -16.86 27.35
C MET A 707 9.44 -15.89 27.93
N TRP A 708 9.86 -14.65 28.14
CA TRP A 708 8.92 -13.56 28.45
C TRP A 708 8.59 -12.85 27.13
N TYR A 709 7.40 -12.29 27.03
CA TYR A 709 7.06 -11.43 25.89
C TYR A 709 6.78 -10.04 26.39
N THR A 710 7.70 -9.14 26.08
CA THR A 710 7.67 -7.78 26.60
C THR A 710 6.41 -7.07 26.14
N ASP A 711 5.65 -6.52 27.08
CA ASP A 711 4.47 -5.73 26.80
C ASP A 711 3.29 -6.48 26.16
N GLU A 712 3.40 -7.80 26.04
CA GLU A 712 2.28 -8.63 25.60
C GLU A 712 1.38 -8.98 26.76
N ASP A 713 0.10 -9.19 26.46
CA ASP A 713 -0.88 -9.48 27.49
C ASP A 713 -1.24 -10.95 27.41
N HIS A 714 -2.37 -11.34 28.01
CA HIS A 714 -2.76 -12.74 28.08
C HIS A 714 -2.91 -13.40 26.70
N GLY A 715 -3.21 -12.61 25.68
CA GLY A 715 -3.38 -13.16 24.32
C GLY A 715 -2.07 -13.41 23.61
N ILE A 716 -1.00 -12.73 24.03
CA ILE A 716 0.24 -12.72 23.27
C ILE A 716 -0.13 -12.64 21.79
N ALA A 717 -0.92 -11.62 21.46
CA ALA A 717 -1.66 -11.56 20.20
C ALA A 717 -1.11 -10.56 19.21
N SER A 718 -0.10 -9.78 19.57
CA SER A 718 0.56 -8.91 18.60
C SER A 718 1.01 -9.77 17.46
N SER A 719 0.86 -9.27 16.26
CA SER A 719 1.22 -10.04 15.08
C SER A 719 2.63 -10.65 15.17
N THR A 720 3.61 -9.84 15.54
CA THR A 720 4.98 -10.32 15.66
C THR A 720 5.16 -11.31 16.82
N ALA A 721 4.51 -11.02 17.96
CA ALA A 721 4.62 -11.89 19.13
C ALA A 721 3.93 -13.22 18.88
N HIS A 722 2.77 -13.17 18.24
CA HIS A 722 2.06 -14.37 17.87
C HIS A 722 2.95 -15.30 17.06
N GLN A 723 3.61 -14.73 16.06
CA GLN A 723 4.45 -15.55 15.21
C GLN A 723 5.66 -16.07 15.95
N HIS A 724 6.20 -15.23 16.83
CA HIS A 724 7.39 -15.60 17.56
C HIS A 724 7.12 -16.75 18.55
N ILE A 725 6.02 -16.69 19.30
CA ILE A 725 5.74 -17.73 20.34
C ILE A 725 5.53 -19.10 19.68
N TYR A 726 4.66 -19.15 18.66
CA TYR A 726 4.44 -20.39 17.93
C TYR A 726 5.69 -20.94 17.25
N THR A 727 6.54 -20.07 16.74
CA THR A 727 7.82 -20.49 16.18
C THR A 727 8.71 -21.06 17.28
N HIS A 728 8.82 -20.33 18.39
CA HIS A 728 9.62 -20.77 19.52
C HIS A 728 9.14 -22.11 20.07
N MET A 729 7.82 -22.23 20.23
CA MET A 729 7.23 -23.47 20.71
C MET A 729 7.45 -24.63 19.74
N SER A 730 7.34 -24.36 18.44
CA SER A 730 7.56 -25.41 17.44
C SER A 730 8.98 -25.96 17.52
N HIS A 731 9.97 -25.10 17.64
CA HIS A 731 11.37 -25.56 17.80
C HIS A 731 11.49 -26.47 19.03
N PHE A 732 10.88 -26.04 20.13
CA PHE A 732 10.92 -26.79 21.38
C PHE A 732 10.31 -28.19 21.24
N ILE A 733 9.10 -28.30 20.69
CA ILE A 733 8.48 -29.62 20.50
C ILE A 733 9.29 -30.47 19.50
N LYS A 734 9.69 -29.87 18.39
CA LYS A 734 10.51 -30.60 17.41
C LYS A 734 11.78 -31.14 18.07
N GLN A 735 12.44 -30.33 18.88
CA GLN A 735 13.64 -30.79 19.57
C GLN A 735 13.32 -31.87 20.63
N CYS A 736 12.25 -31.70 21.39
CA CYS A 736 11.79 -32.72 22.34
C CYS A 736 11.50 -34.06 21.63
N PHE A 737 10.92 -33.98 20.45
CA PHE A 737 10.61 -35.17 19.67
C PHE A 737 11.71 -35.67 18.73
N SER A 738 12.90 -35.06 18.77
CA SER A 738 14.00 -35.40 17.84
C SER A 738 13.60 -35.27 16.34
N LEU A 739 12.87 -34.21 16.01
CA LEU A 739 12.44 -33.94 14.65
C LEU A 739 13.31 -32.83 14.08
N PRO A 740 14.01 -33.08 12.97
CA PRO A 740 14.94 -32.08 12.42
C PRO A 740 14.25 -30.89 11.73
N HIS B 8 44.54 -50.16 35.03
CA HIS B 8 45.97 -49.73 35.09
C HIS B 8 46.13 -48.29 34.60
N HIS B 9 45.89 -47.36 35.52
CA HIS B 9 45.84 -45.92 35.23
C HIS B 9 47.15 -45.18 35.49
N HIS B 10 48.10 -45.84 36.16
CA HIS B 10 49.47 -45.33 36.30
C HIS B 10 49.55 -43.93 36.91
N HIS B 11 48.61 -43.67 37.81
CA HIS B 11 48.43 -42.37 38.48
C HIS B 11 48.39 -41.13 37.59
N HIS B 12 48.06 -41.31 36.31
CA HIS B 12 47.89 -40.17 35.43
C HIS B 12 46.60 -39.45 35.82
N SER B 13 46.61 -38.12 35.65
CA SER B 13 45.47 -37.27 35.99
C SER B 13 44.32 -37.52 35.01
N ARG B 14 43.21 -38.02 35.52
CA ARG B 14 42.04 -38.29 34.68
C ARG B 14 40.78 -37.51 35.13
N LYS B 15 40.76 -37.02 36.36
CA LYS B 15 39.74 -36.08 36.82
C LYS B 15 39.86 -34.78 36.04
N THR B 16 38.73 -34.10 35.91
CA THR B 16 38.73 -32.74 35.38
C THR B 16 38.05 -31.83 36.39
N TYR B 17 38.12 -30.52 36.16
CA TYR B 17 37.39 -29.56 36.97
C TYR B 17 35.98 -29.42 36.38
N THR B 18 34.99 -29.99 37.07
CA THR B 18 33.64 -30.10 36.51
C THR B 18 32.79 -28.88 36.85
N LEU B 19 31.60 -28.82 36.23
CA LEU B 19 30.64 -27.77 36.57
C LEU B 19 30.23 -27.86 38.05
N THR B 20 29.95 -29.06 38.51
CA THR B 20 29.63 -29.29 39.93
C THR B 20 30.77 -28.87 40.85
N ASP B 21 32.00 -29.12 40.44
CA ASP B 21 33.15 -28.61 41.21
C ASP B 21 33.04 -27.12 41.37
N TYR B 22 32.75 -26.42 40.26
CA TYR B 22 32.63 -24.98 40.32
C TYR B 22 31.45 -24.57 41.22
N LEU B 23 30.31 -25.22 41.01
CA LEU B 23 29.07 -24.76 41.65
C LEU B 23 29.01 -25.14 43.12
N LYS B 24 29.66 -26.24 43.49
CA LYS B 24 29.66 -26.70 44.88
C LYS B 24 30.94 -26.35 45.64
N ASN B 25 31.81 -25.57 45.02
CA ASN B 25 33.07 -25.17 45.65
C ASN B 25 33.85 -26.36 46.18
N THR B 26 34.05 -27.35 45.32
CA THR B 26 34.85 -28.52 45.65
C THR B 26 36.30 -28.10 45.90
N TYR B 27 36.81 -27.19 45.07
CA TYR B 27 38.18 -26.73 45.19
C TYR B 27 38.19 -25.29 45.66
N ARG B 28 38.54 -25.10 46.91
CA ARG B 28 38.37 -23.84 47.59
C ARG B 28 39.69 -23.10 47.68
N LEU B 29 39.70 -21.87 47.17
CA LEU B 29 40.78 -20.93 47.38
C LEU B 29 40.75 -20.44 48.82
N LYS B 30 41.88 -20.50 49.50
CA LYS B 30 41.95 -20.00 50.87
C LYS B 30 42.50 -18.59 50.86
N LEU B 31 41.90 -17.75 51.68
CA LEU B 31 42.28 -16.35 51.79
C LEU B 31 43.01 -16.22 53.10
N TYR B 32 43.53 -15.04 53.37
CA TYR B 32 44.00 -14.71 54.68
C TYR B 32 43.61 -13.27 54.92
N SER B 33 42.45 -13.10 55.53
CA SER B 33 41.90 -11.79 55.76
C SER B 33 42.28 -11.36 57.15
N LEU B 34 42.87 -10.18 57.25
CA LEU B 34 43.28 -9.66 58.52
C LEU B 34 42.88 -8.22 58.57
N ARG B 35 42.80 -7.68 59.78
CA ARG B 35 42.51 -6.28 60.01
C ARG B 35 43.56 -5.72 60.96
N TRP B 36 44.33 -4.76 60.47
CA TRP B 36 45.34 -4.12 61.28
C TRP B 36 44.65 -3.27 62.34
N ILE B 37 45.08 -3.39 63.59
CA ILE B 37 44.54 -2.54 64.67
C ILE B 37 45.56 -1.55 65.19
N SER B 38 46.83 -1.94 65.20
CA SER B 38 47.94 -1.07 65.56
C SER B 38 48.98 -1.11 64.44
N ASP B 39 50.15 -0.53 64.69
CA ASP B 39 51.26 -0.66 63.76
C ASP B 39 51.92 -2.04 63.79
N HIS B 40 51.55 -2.89 64.76
CA HIS B 40 52.23 -4.17 64.94
C HIS B 40 51.30 -5.36 65.15
N GLU B 41 50.00 -5.13 65.21
CA GLU B 41 49.05 -6.22 65.45
C GLU B 41 47.88 -6.21 64.46
N TYR B 42 47.36 -7.41 64.20
CA TYR B 42 46.16 -7.55 63.41
C TYR B 42 45.26 -8.61 64.01
N LEU B 43 44.00 -8.62 63.56
CA LEU B 43 43.05 -9.66 63.95
C LEU B 43 42.84 -10.63 62.82
N TYR B 44 42.53 -11.88 63.17
CA TYR B 44 42.15 -12.91 62.20
C TYR B 44 41.23 -13.98 62.82
N LYS B 45 40.45 -14.66 61.99
CA LYS B 45 39.55 -15.74 62.42
C LYS B 45 40.14 -17.14 62.23
N GLN B 46 40.19 -17.92 63.31
CA GLN B 46 40.47 -19.35 63.25
C GLN B 46 39.31 -20.15 63.86
N GLU B 47 38.62 -20.92 63.02
CA GLU B 47 37.44 -21.68 63.43
C GLU B 47 36.44 -20.78 64.21
N ASN B 48 36.12 -19.64 63.59
CA ASN B 48 35.22 -18.62 64.15
C ASN B 48 35.66 -17.91 65.43
N ASN B 49 36.79 -18.31 65.99
CA ASN B 49 37.40 -17.53 67.05
C ASN B 49 38.12 -16.35 66.44
N ILE B 50 38.26 -15.27 67.19
CA ILE B 50 38.96 -14.11 66.71
C ILE B 50 40.26 -14.02 67.49
N LEU B 51 41.37 -14.17 66.79
CA LEU B 51 42.71 -14.13 67.36
C LEU B 51 43.33 -12.78 67.05
N VAL B 52 44.09 -12.22 67.99
CA VAL B 52 45.04 -11.16 67.65
C VAL B 52 46.30 -11.87 67.27
N PHE B 53 46.98 -11.35 66.26
CA PHE B 53 48.31 -11.83 65.90
C PHE B 53 49.30 -10.67 66.05
N ASN B 54 50.41 -10.96 66.71
CA ASN B 54 51.48 -10.01 66.83
C ASN B 54 52.45 -10.25 65.66
N ALA B 55 52.62 -9.24 64.83
CA ALA B 55 53.36 -9.38 63.58
C ALA B 55 54.85 -9.60 63.82
N GLU B 56 55.36 -9.07 64.92
CA GLU B 56 56.79 -9.14 65.23
C GLU B 56 57.24 -10.59 65.50
N TYR B 57 56.79 -11.18 66.61
CA TYR B 57 57.25 -12.50 67.07
C TYR B 57 56.33 -13.68 66.71
N GLY B 58 55.40 -13.48 65.77
CA GLY B 58 54.61 -14.58 65.21
C GLY B 58 53.54 -15.23 66.09
N ASN B 59 53.44 -14.80 67.35
CA ASN B 59 52.50 -15.41 68.30
C ASN B 59 51.08 -14.89 68.17
N SER B 60 50.15 -15.55 68.86
CA SER B 60 48.77 -15.09 68.90
C SER B 60 48.04 -15.59 70.14
N SER B 61 47.31 -14.67 70.77
CA SER B 61 46.37 -14.99 71.85
C SER B 61 44.96 -14.85 71.29
N VAL B 62 44.05 -15.70 71.74
CA VAL B 62 42.65 -15.57 71.36
C VAL B 62 42.17 -14.21 71.87
N PHE B 63 41.59 -13.42 70.98
CA PHE B 63 41.11 -12.08 71.31
C PHE B 63 39.66 -12.13 71.75
N LEU B 64 38.88 -12.95 71.05
CA LEU B 64 37.45 -13.05 71.30
C LEU B 64 37.03 -14.47 70.95
N GLU B 65 36.56 -15.21 71.95
CA GLU B 65 36.10 -16.58 71.77
C GLU B 65 34.94 -16.63 70.79
N ASN B 66 34.90 -17.65 69.95
CA ASN B 66 33.77 -17.89 69.05
C ASN B 66 32.41 -17.96 69.78
N SER B 67 32.45 -18.21 71.08
CA SER B 67 31.25 -18.40 71.88
C SER B 67 30.88 -17.20 72.75
N THR B 68 31.63 -16.10 72.66
CA THR B 68 31.40 -14.94 73.54
C THR B 68 29.97 -14.37 73.41
N PHE B 69 29.42 -14.40 72.20
CA PHE B 69 28.05 -13.92 71.93
C PHE B 69 27.09 -15.03 71.56
N ASP B 70 27.29 -16.20 72.17
CA ASP B 70 26.34 -17.30 72.06
C ASP B 70 24.98 -16.87 72.63
N GLU B 71 25.00 -16.25 73.81
CA GLU B 71 23.78 -15.86 74.51
C GLU B 71 23.07 -14.75 73.78
N PHE B 72 23.84 -13.97 73.00
CA PHE B 72 23.32 -12.84 72.25
C PHE B 72 21.91 -13.05 71.72
N GLY B 73 21.67 -14.22 71.13
CA GLY B 73 20.35 -14.57 70.62
C GLY B 73 20.16 -14.28 69.14
N HIS B 74 21.09 -13.52 68.56
CA HIS B 74 21.05 -13.18 67.15
C HIS B 74 22.29 -13.71 66.48
N SER B 75 22.16 -14.02 65.19
CA SER B 75 23.31 -14.38 64.39
C SER B 75 24.12 -13.10 64.11
N ILE B 76 25.41 -13.13 64.40
CA ILE B 76 26.25 -11.95 64.22
C ILE B 76 26.90 -11.96 62.83
N ASN B 77 26.57 -10.94 62.05
CA ASN B 77 27.01 -10.86 60.67
C ASN B 77 28.43 -10.33 60.53
N ASP B 78 28.78 -9.36 61.37
CA ASP B 78 30.09 -8.76 61.34
C ASP B 78 30.33 -7.98 62.64
N TYR B 79 31.57 -7.58 62.85
CA TYR B 79 31.93 -6.81 64.01
C TYR B 79 32.93 -5.75 63.60
N SER B 80 33.10 -4.78 64.47
CA SER B 80 34.09 -3.74 64.29
C SER B 80 34.55 -3.32 65.68
N ILE B 81 35.85 -3.30 65.88
CA ILE B 81 36.39 -2.91 67.16
C ILE B 81 36.79 -1.44 67.09
N SER B 82 36.56 -0.73 68.18
CA SER B 82 36.88 0.70 68.24
C SER B 82 38.38 0.88 68.17
N PRO B 83 38.86 2.01 67.62
CA PRO B 83 40.30 2.20 67.47
C PRO B 83 41.07 2.04 68.77
N ASP B 84 40.45 2.42 69.88
CA ASP B 84 41.10 2.33 71.19
C ASP B 84 40.99 0.93 71.83
N GLY B 85 40.38 -0.01 71.11
CA GLY B 85 40.32 -1.40 71.58
C GLY B 85 39.37 -1.67 72.75
N GLN B 86 38.61 -0.66 73.17
CA GLN B 86 37.73 -0.79 74.34
C GLN B 86 36.30 -1.24 74.04
N PHE B 87 35.86 -1.10 72.79
CA PHE B 87 34.49 -1.51 72.47
C PHE B 87 34.47 -2.32 71.19
N ILE B 88 33.48 -3.19 71.08
CA ILE B 88 33.24 -3.90 69.85
C ILE B 88 31.80 -3.64 69.42
N LEU B 89 31.67 -3.28 68.15
CA LEU B 89 30.38 -3.07 67.52
C LEU B 89 29.97 -4.42 66.89
N LEU B 90 28.77 -4.88 67.21
CA LEU B 90 28.26 -6.15 66.66
C LEU B 90 27.10 -5.86 65.75
N GLU B 91 27.21 -6.31 64.50
CA GLU B 91 26.25 -6.04 63.44
C GLU B 91 25.43 -7.29 63.24
N TYR B 92 24.10 -7.14 63.27
CA TYR B 92 23.21 -8.26 63.06
C TYR B 92 21.93 -7.76 62.38
N ASN B 93 21.02 -8.66 62.06
CA ASN B 93 19.85 -8.37 61.22
C ASN B 93 20.24 -7.66 59.91
N TYR B 94 21.36 -8.10 59.32
CA TYR B 94 21.83 -7.53 58.07
C TYR B 94 20.77 -7.73 57.01
N VAL B 95 20.30 -6.64 56.40
CA VAL B 95 19.49 -6.73 55.19
C VAL B 95 20.15 -5.95 54.07
N LYS B 96 20.53 -6.68 53.02
CA LYS B 96 21.21 -6.08 51.89
C LYS B 96 20.32 -5.11 51.14
N GLN B 97 20.87 -3.99 50.68
CA GLN B 97 20.14 -3.11 49.79
C GLN B 97 20.80 -3.14 48.40
N TRP B 98 21.69 -2.22 48.06
CA TRP B 98 22.32 -2.28 46.73
C TRP B 98 23.70 -2.95 46.80
N ARG B 99 24.68 -2.51 46.02
CA ARG B 99 25.96 -3.23 46.01
C ARG B 99 26.71 -3.10 47.33
N HIS B 100 26.59 -1.93 47.95
CA HIS B 100 27.34 -1.61 49.18
C HIS B 100 26.42 -1.32 50.35
N SER B 101 25.24 -0.76 50.08
CA SER B 101 24.30 -0.37 51.11
C SER B 101 23.58 -1.57 51.75
N TYR B 102 23.25 -1.38 53.03
CA TYR B 102 22.45 -2.33 53.77
C TYR B 102 21.95 -1.67 55.03
N THR B 103 20.99 -2.32 55.67
CA THR B 103 20.63 -1.93 57.01
C THR B 103 20.92 -3.06 57.97
N ALA B 104 21.05 -2.70 59.23
CA ALA B 104 21.38 -3.67 60.25
C ALA B 104 21.04 -3.13 61.61
N SER B 105 20.94 -4.06 62.56
CA SER B 105 20.93 -3.71 63.98
C SER B 105 22.36 -3.75 64.49
N TYR B 106 22.61 -2.98 65.55
CA TYR B 106 23.90 -2.91 66.17
C TYR B 106 23.82 -2.95 67.70
N ASP B 107 24.69 -3.73 68.32
CA ASP B 107 24.93 -3.64 69.74
C ASP B 107 26.39 -3.39 69.95
N ILE B 108 26.67 -2.69 71.05
CA ILE B 108 28.03 -2.39 71.44
C ILE B 108 28.35 -3.18 72.69
N TYR B 109 29.48 -3.89 72.67
CA TYR B 109 29.90 -4.69 73.80
C TYR B 109 31.13 -4.02 74.37
N ASP B 110 31.11 -3.80 75.68
CA ASP B 110 32.24 -3.24 76.42
C ASP B 110 33.27 -4.34 76.68
N LEU B 111 34.46 -4.21 76.09
CA LEU B 111 35.50 -5.23 76.20
C LEU B 111 36.17 -5.24 77.56
N ASN B 112 36.20 -4.08 78.23
CA ASN B 112 36.75 -3.99 79.58
C ASN B 112 35.80 -4.58 80.61
N LYS B 113 34.55 -4.12 80.59
CA LYS B 113 33.52 -4.61 81.51
C LYS B 113 32.87 -5.93 81.07
N ARG B 114 33.24 -6.40 79.89
CA ARG B 114 32.74 -7.67 79.37
C ARG B 114 31.21 -7.77 79.43
N GLN B 115 30.52 -6.72 78.98
CA GLN B 115 29.05 -6.70 78.95
C GLN B 115 28.46 -5.88 77.79
N LEU B 116 27.32 -6.33 77.27
CA LEU B 116 26.57 -5.56 76.28
C LEU B 116 26.12 -4.25 76.89
N ILE B 117 26.31 -3.14 76.18
CA ILE B 117 25.67 -1.89 76.56
C ILE B 117 24.19 -2.10 76.27
N THR B 118 23.32 -1.71 77.20
CA THR B 118 21.87 -1.86 77.05
C THR B 118 21.13 -0.52 77.02
N GLU B 119 21.79 0.55 77.43
CA GLU B 119 21.18 1.87 77.44
C GLU B 119 21.52 2.63 76.16
N GLU B 120 20.58 3.44 75.67
CA GLU B 120 20.82 4.33 74.52
C GLU B 120 21.40 3.55 73.33
N ARG B 121 20.74 2.47 72.97
CA ARG B 121 21.26 1.58 71.96
C ARG B 121 21.12 2.18 70.57
N ILE B 122 22.00 1.75 69.68
CA ILE B 122 21.90 2.12 68.27
C ILE B 122 20.59 1.51 67.76
N PRO B 123 19.77 2.29 67.03
CA PRO B 123 18.46 1.76 66.64
C PRO B 123 18.54 0.71 65.56
N ASN B 124 17.43 0.01 65.40
CA ASN B 124 17.26 -0.94 64.32
C ASN B 124 17.20 -0.18 63.01
N ASN B 125 17.44 -0.89 61.92
CA ASN B 125 17.38 -0.32 60.60
C ASN B 125 18.41 0.79 60.43
N THR B 126 19.54 0.66 61.13
CA THR B 126 20.62 1.61 60.96
C THR B 126 21.28 1.36 59.59
N GLN B 127 21.59 2.44 58.91
CA GLN B 127 22.07 2.43 57.52
C GLN B 127 23.60 2.45 57.43
N TRP B 128 24.26 3.00 58.44
CA TRP B 128 25.71 3.02 58.44
C TRP B 128 26.22 3.39 59.83
N VAL B 129 27.35 2.80 60.23
CA VAL B 129 27.99 3.09 61.51
C VAL B 129 29.48 3.16 61.33
N THR B 130 30.11 4.13 61.98
CA THR B 130 31.55 4.26 61.89
C THR B 130 32.12 4.82 63.19
N TRP B 131 33.14 4.13 63.71
CA TRP B 131 33.93 4.63 64.81
C TRP B 131 34.71 5.82 64.28
N SER B 132 35.01 6.76 65.16
CA SER B 132 36.02 7.78 64.89
C SER B 132 37.34 7.05 64.66
N PRO B 133 38.32 7.70 64.04
CA PRO B 133 39.56 6.98 63.75
C PRO B 133 40.45 6.75 64.98
N VAL B 134 40.21 7.52 66.04
CA VAL B 134 40.87 7.31 67.32
C VAL B 134 39.80 7.36 68.40
N GLY B 135 40.04 6.71 69.53
CA GLY B 135 39.07 6.72 70.61
C GLY B 135 37.89 5.83 70.30
N HIS B 136 36.69 6.25 70.69
CA HIS B 136 35.50 5.40 70.54
C HIS B 136 34.23 6.21 70.34
N LYS B 137 34.36 7.34 69.64
CA LYS B 137 33.17 8.06 69.20
C LYS B 137 32.52 7.28 68.07
N LEU B 138 31.20 7.41 67.97
CA LEU B 138 30.42 6.69 66.99
C LEU B 138 29.63 7.72 66.19
N ALA B 139 29.63 7.57 64.87
CA ALA B 139 28.67 8.28 64.02
C ALA B 139 27.83 7.23 63.33
N TYR B 140 26.53 7.45 63.27
CA TYR B 140 25.67 6.54 62.56
C TYR B 140 24.58 7.28 61.81
N VAL B 141 24.02 6.61 60.81
CA VAL B 141 22.92 7.17 60.03
C VAL B 141 21.70 6.30 60.23
N TRP B 142 20.58 6.92 60.53
CA TRP B 142 19.32 6.22 60.75
C TRP B 142 18.24 7.15 60.21
N ASN B 143 17.37 6.61 59.37
CA ASN B 143 16.34 7.41 58.67
C ASN B 143 16.94 8.58 57.89
N ASN B 144 18.08 8.34 57.23
CA ASN B 144 18.75 9.38 56.45
C ASN B 144 19.26 10.58 57.25
N ASP B 145 19.29 10.45 58.59
CA ASP B 145 19.92 11.46 59.45
C ASP B 145 21.12 10.93 60.23
N ILE B 146 22.10 11.83 60.43
CA ILE B 146 23.35 11.52 61.11
C ILE B 146 23.22 11.76 62.62
N TYR B 147 23.76 10.83 63.40
CA TYR B 147 23.75 10.88 64.85
C TYR B 147 25.14 10.62 65.34
N VAL B 148 25.53 11.26 66.45
CA VAL B 148 26.83 11.02 67.06
C VAL B 148 26.68 10.63 68.52
N LYS B 149 27.35 9.53 68.88
CA LYS B 149 27.52 9.15 70.28
C LYS B 149 28.97 9.35 70.67
N ILE B 150 29.19 10.21 71.67
CA ILE B 150 30.53 10.49 72.18
C ILE B 150 31.03 9.34 73.04
N GLU B 151 30.11 8.73 73.80
CA GLU B 151 30.38 7.51 74.56
C GLU B 151 29.30 6.48 74.20
N PRO B 152 29.65 5.18 74.22
CA PRO B 152 28.71 4.19 73.70
C PRO B 152 27.41 4.05 74.46
N ASN B 153 27.42 4.29 75.77
CA ASN B 153 26.21 4.13 76.58
C ASN B 153 25.42 5.42 76.80
N LEU B 154 25.86 6.50 76.15
CA LEU B 154 25.23 7.82 76.32
C LEU B 154 24.22 8.12 75.22
N PRO B 155 23.35 9.13 75.43
CA PRO B 155 22.42 9.50 74.37
C PRO B 155 23.14 10.01 73.13
N SER B 156 22.55 9.76 71.97
CA SER B 156 23.07 10.24 70.71
C SER B 156 22.77 11.72 70.57
N TYR B 157 23.59 12.43 69.80
CA TYR B 157 23.28 13.81 69.39
C TYR B 157 22.82 13.74 67.94
N ARG B 158 21.61 14.22 67.67
CA ARG B 158 21.14 14.27 66.30
C ARG B 158 21.80 15.45 65.60
N ILE B 159 22.49 15.18 64.50
CA ILE B 159 23.23 16.21 63.77
C ILE B 159 22.40 16.85 62.68
N THR B 160 21.62 16.03 61.98
CA THR B 160 20.82 16.49 60.83
C THR B 160 19.37 16.20 61.11
N TRP B 161 18.49 17.05 60.57
CA TRP B 161 17.05 16.95 60.82
C TRP B 161 16.26 16.98 59.52
N THR B 162 16.97 16.85 58.41
CA THR B 162 16.42 17.04 57.08
C THR B 162 16.22 15.73 56.35
N GLY B 163 16.75 14.64 56.92
CA GLY B 163 16.70 13.33 56.28
C GLY B 163 15.30 12.93 55.89
N LYS B 164 15.16 12.37 54.69
CA LYS B 164 13.86 11.97 54.19
C LYS B 164 14.04 10.87 53.18
N GLU B 165 13.36 9.75 53.42
CA GLU B 165 13.44 8.58 52.54
C GLU B 165 13.32 8.94 51.05
N ASP B 166 14.30 8.48 50.26
CA ASP B 166 14.36 8.67 48.80
C ASP B 166 14.49 10.13 48.34
N ILE B 167 14.64 11.08 49.27
CA ILE B 167 14.74 12.50 48.93
C ILE B 167 16.00 13.16 49.50
N ILE B 168 16.15 13.18 50.83
CA ILE B 168 17.30 13.80 51.48
C ILE B 168 18.15 12.76 52.21
N TYR B 169 19.41 12.65 51.80
CA TYR B 169 20.34 11.65 52.34
C TYR B 169 21.46 12.40 53.02
N ASN B 170 21.53 12.32 54.36
CA ASN B 170 22.64 12.88 55.13
C ASN B 170 23.56 11.79 55.61
N GLY B 171 24.83 11.87 55.21
CA GLY B 171 25.84 10.91 55.64
C GLY B 171 25.84 9.57 54.93
N ILE B 172 24.94 9.39 53.99
CA ILE B 172 24.91 8.20 53.13
C ILE B 172 24.64 8.62 51.70
N THR B 173 25.00 7.77 50.76
CA THR B 173 24.84 8.05 49.36
C THR B 173 23.46 7.72 48.85
N ASP B 174 23.05 8.35 47.75
CA ASP B 174 21.89 7.85 47.00
C ASP B 174 22.35 6.76 46.04
N TRP B 175 21.45 6.29 45.17
CA TRP B 175 21.76 5.18 44.31
C TRP B 175 22.99 5.39 43.42
N VAL B 176 23.04 6.48 42.62
CA VAL B 176 24.19 6.64 41.70
C VAL B 176 25.49 6.94 42.40
N TYR B 177 25.41 7.68 43.50
CA TYR B 177 26.63 8.02 44.21
C TYR B 177 27.21 6.75 44.82
N GLU B 178 26.34 5.88 45.34
CA GLU B 178 26.79 4.60 45.86
C GLU B 178 27.49 3.75 44.79
N GLU B 179 26.81 3.54 43.67
CA GLU B 179 27.27 2.62 42.64
C GLU B 179 28.39 3.20 41.79
N GLU B 180 28.33 4.51 41.50
CA GLU B 180 29.21 5.06 40.46
C GLU B 180 30.25 6.10 40.90
N VAL B 181 30.14 6.65 42.09
CA VAL B 181 31.08 7.69 42.53
C VAL B 181 31.93 7.21 43.71
N PHE B 182 31.29 6.87 44.81
CA PHE B 182 32.03 6.46 46.02
C PHE B 182 32.27 4.95 46.20
N SER B 183 31.56 4.12 45.46
CA SER B 183 31.61 2.65 45.65
C SER B 183 31.41 2.34 47.11
N ALA B 184 30.47 3.06 47.73
CA ALA B 184 30.19 2.95 49.15
C ALA B 184 28.85 3.60 49.47
N TYR B 185 28.22 3.12 50.52
CA TYR B 185 27.01 3.73 51.04
C TYR B 185 27.35 4.95 51.88
N SER B 186 28.46 4.86 52.59
CA SER B 186 28.85 5.87 53.58
C SER B 186 29.20 7.18 52.89
N ALA B 187 28.69 8.28 53.44
CA ALA B 187 29.13 9.61 53.03
C ALA B 187 29.45 10.46 54.27
N LEU B 188 30.23 9.86 55.16
CA LEU B 188 30.71 10.46 56.41
C LEU B 188 32.21 10.32 56.45
N TRP B 189 32.92 11.37 56.84
CA TRP B 189 34.38 11.29 56.98
C TRP B 189 34.83 11.96 58.26
N TRP B 190 35.30 11.17 59.21
CA TRP B 190 35.87 11.69 60.47
C TRP B 190 37.22 12.31 60.17
N SER B 191 37.53 13.42 60.82
CA SER B 191 38.88 13.99 60.74
C SER B 191 39.82 13.03 61.45
N PRO B 192 41.14 13.14 61.20
CA PRO B 192 42.09 12.14 61.67
C PRO B 192 42.02 11.82 63.16
N ASN B 193 41.83 12.84 64.01
CA ASN B 193 41.72 12.60 65.44
C ASN B 193 40.28 12.63 65.96
N GLY B 194 39.33 12.70 65.03
CA GLY B 194 37.91 12.59 65.36
C GLY B 194 37.25 13.87 65.86
N THR B 195 37.95 14.98 65.80
CA THR B 195 37.36 16.25 66.21
C THR B 195 36.18 16.61 65.31
N PHE B 196 36.42 16.57 64.00
CA PHE B 196 35.41 16.97 63.02
C PHE B 196 34.77 15.76 62.33
N LEU B 197 33.51 15.91 61.97
CA LEU B 197 32.81 14.94 61.16
C LEU B 197 32.31 15.65 59.91
N ALA B 198 32.87 15.24 58.77
CA ALA B 198 32.46 15.78 57.50
C ALA B 198 31.46 14.83 56.89
N TYR B 199 30.50 15.39 56.17
CA TYR B 199 29.49 14.62 55.50
C TYR B 199 28.94 15.32 54.26
N ALA B 200 28.45 14.50 53.34
CA ALA B 200 27.74 14.95 52.17
C ALA B 200 26.25 14.80 52.42
N GLN B 201 25.48 15.70 51.84
CA GLN B 201 24.03 15.56 51.82
C GLN B 201 23.60 15.54 50.36
N PHE B 202 22.83 14.52 49.99
CA PHE B 202 22.37 14.34 48.63
C PHE B 202 20.88 14.64 48.58
N ASN B 203 20.46 15.24 47.47
CA ASN B 203 19.09 15.65 47.30
C ASN B 203 18.59 15.06 46.00
N ASP B 204 17.68 14.09 46.12
CA ASP B 204 17.09 13.39 44.96
C ASP B 204 15.70 13.91 44.58
N THR B 205 15.34 15.10 45.05
CA THR B 205 13.95 15.58 44.99
C THR B 205 13.28 15.42 43.63
N GLU B 206 13.95 15.86 42.57
CA GLU B 206 13.38 15.76 41.22
C GLU B 206 14.06 14.70 40.36
N VAL B 207 14.73 13.75 41.01
CA VAL B 207 15.32 12.63 40.28
C VAL B 207 14.19 11.65 39.95
N PRO B 208 14.06 11.26 38.68
CA PRO B 208 12.96 10.33 38.38
C PRO B 208 13.18 8.95 38.99
N LEU B 209 12.07 8.23 39.13
CA LEU B 209 12.06 6.92 39.78
C LEU B 209 12.08 5.84 38.73
N ILE B 210 12.97 4.85 38.91
CA ILE B 210 12.83 3.59 38.22
C ILE B 210 11.89 2.78 39.08
N GLU B 211 10.88 2.19 38.44
CA GLU B 211 9.90 1.37 39.13
C GLU B 211 9.95 -0.02 38.53
N TYR B 212 9.90 -1.04 39.37
CA TYR B 212 9.87 -2.41 38.90
C TYR B 212 9.21 -3.31 39.91
N SER B 213 8.71 -4.45 39.44
CA SER B 213 7.99 -5.38 40.30
C SER B 213 8.98 -6.20 41.10
N PHE B 214 8.58 -6.50 42.34
CA PHE B 214 9.27 -7.45 43.21
C PHE B 214 8.20 -8.38 43.72
N TYR B 215 8.42 -9.66 43.47
CA TYR B 215 7.39 -10.66 43.61
C TYR B 215 7.44 -11.30 44.98
N SER B 216 8.66 -11.39 45.55
CA SER B 216 8.87 -11.83 46.91
C SER B 216 8.54 -13.31 47.07
N ASP B 217 8.43 -13.75 48.33
CA ASP B 217 8.00 -15.10 48.64
C ASP B 217 6.63 -15.34 48.00
N GLU B 218 6.31 -16.59 47.70
CA GLU B 218 5.04 -16.91 47.06
C GLU B 218 3.83 -16.60 47.95
N SER B 219 4.08 -16.33 49.23
CA SER B 219 3.05 -15.86 50.17
C SER B 219 2.58 -14.46 49.84
N LEU B 220 3.40 -13.66 49.16
CA LEU B 220 2.97 -12.30 48.81
C LEU B 220 1.91 -12.35 47.67
N GLN B 221 0.69 -11.97 48.00
CA GLN B 221 -0.42 -12.10 47.07
C GLN B 221 -0.36 -11.10 45.92
N TYR B 222 -0.03 -9.86 46.25
CA TYR B 222 0.13 -8.80 45.27
C TYR B 222 1.59 -8.39 45.18
N PRO B 223 2.15 -8.36 43.96
CA PRO B 223 3.52 -7.95 43.85
C PRO B 223 3.75 -6.53 44.34
N LYS B 224 4.98 -6.27 44.75
CA LYS B 224 5.35 -4.96 45.25
C LYS B 224 6.02 -4.21 44.11
N THR B 225 5.77 -2.91 44.05
CA THR B 225 6.53 -2.06 43.14
C THR B 225 7.64 -1.36 43.94
N VAL B 226 8.87 -1.67 43.59
CA VAL B 226 10.02 -0.98 44.11
C VAL B 226 10.23 0.31 43.33
N ARG B 227 10.53 1.39 44.04
CA ARG B 227 10.70 2.72 43.43
C ARG B 227 12.00 3.32 43.94
N VAL B 228 12.95 3.55 43.04
CA VAL B 228 14.26 4.04 43.40
C VAL B 228 14.62 5.29 42.59
N PRO B 229 15.06 6.37 43.27
CA PRO B 229 15.52 7.52 42.52
C PRO B 229 16.76 7.16 41.74
N TYR B 230 16.69 7.28 40.42
CA TYR B 230 17.72 6.77 39.53
C TYR B 230 17.83 7.66 38.32
N PRO B 231 18.95 8.38 38.19
CA PRO B 231 19.07 9.25 37.03
C PRO B 231 19.58 8.48 35.82
N LYS B 232 18.72 8.30 34.84
CA LYS B 232 19.15 7.75 33.58
C LYS B 232 19.85 8.87 32.81
N ALA B 233 20.64 8.50 31.82
CA ALA B 233 21.45 9.46 31.07
C ALA B 233 20.62 10.66 30.65
N GLY B 234 21.13 11.86 30.90
CA GLY B 234 20.45 13.12 30.54
C GLY B 234 19.32 13.56 31.46
N ALA B 235 19.02 12.78 32.50
CA ALA B 235 17.91 13.10 33.39
C ALA B 235 18.36 14.03 34.52
N VAL B 236 17.40 14.48 35.33
CA VAL B 236 17.75 15.32 36.45
C VAL B 236 18.55 14.50 37.47
N ASN B 237 19.74 15.02 37.80
CA ASN B 237 20.67 14.38 38.69
C ASN B 237 20.43 14.81 40.15
N PRO B 238 20.89 14.02 41.11
CA PRO B 238 20.87 14.51 42.49
C PRO B 238 21.80 15.68 42.65
N THR B 239 21.48 16.59 43.56
CA THR B 239 22.39 17.64 43.93
C THR B 239 23.05 17.27 45.25
N VAL B 240 24.18 17.90 45.52
CA VAL B 240 24.97 17.57 46.68
C VAL B 240 25.42 18.82 47.43
N LYS B 241 25.45 18.72 48.75
CA LYS B 241 26.02 19.73 49.63
C LYS B 241 26.99 19.08 50.59
N PHE B 242 28.01 19.83 50.99
CA PHE B 242 29.05 19.31 51.84
C PHE B 242 29.13 20.09 53.12
N PHE B 243 29.27 19.38 54.24
CA PHE B 243 29.27 19.98 55.56
C PHE B 243 30.38 19.43 56.43
N VAL B 244 30.72 20.19 57.46
CA VAL B 244 31.63 19.76 58.49
C VAL B 244 31.11 20.23 59.83
N VAL B 245 30.98 19.30 60.77
CA VAL B 245 30.55 19.61 62.12
C VAL B 245 31.67 19.28 63.11
N ASN B 246 31.86 20.17 64.08
CA ASN B 246 32.76 19.93 65.20
C ASN B 246 32.06 19.08 66.24
N THR B 247 32.52 17.84 66.39
CA THR B 247 31.86 16.90 67.32
C THR B 247 32.24 17.16 68.78
N ASP B 248 33.29 17.94 69.01
CA ASP B 248 33.71 18.30 70.37
C ASP B 248 32.83 19.40 70.98
N SER B 249 32.21 20.24 70.14
CA SER B 249 31.31 21.29 70.64
C SER B 249 29.81 20.91 70.52
N LEU B 250 29.52 19.61 70.45
CA LEU B 250 28.14 19.13 70.57
C LEU B 250 27.54 19.57 71.90
N SER B 251 26.22 19.51 72.00
CA SER B 251 25.51 20.00 73.19
C SER B 251 24.11 19.37 73.27
N SER B 252 23.75 18.88 74.46
CA SER B 252 22.43 18.29 74.69
C SER B 252 21.31 19.32 74.61
N VAL B 253 21.63 20.60 74.72
CA VAL B 253 20.59 21.63 74.79
C VAL B 253 20.49 22.50 73.54
N THR B 254 21.53 22.53 72.70
CA THR B 254 21.47 23.24 71.41
C THR B 254 21.74 22.28 70.26
N ASN B 255 20.98 22.42 69.16
CA ASN B 255 21.24 21.64 67.95
C ASN B 255 22.64 21.96 67.38
N ALA B 256 23.29 20.96 66.81
CA ALA B 256 24.66 21.12 66.29
C ALA B 256 24.73 22.02 65.05
N THR B 257 25.85 22.72 64.92
CA THR B 257 26.06 23.64 63.81
C THR B 257 26.93 23.01 62.73
N SER B 258 26.32 22.68 61.60
CA SER B 258 27.04 22.12 60.49
C SER B 258 27.49 23.25 59.57
N ILE B 259 28.80 23.37 59.40
CA ILE B 259 29.38 24.41 58.56
C ILE B 259 29.46 23.88 57.13
N GLN B 260 28.81 24.60 56.22
CA GLN B 260 28.82 24.19 54.83
C GLN B 260 30.09 24.64 54.14
N ILE B 261 30.66 23.74 53.34
CA ILE B 261 31.74 24.08 52.43
C ILE B 261 31.15 23.99 51.02
N THR B 262 31.05 25.14 50.37
CA THR B 262 30.41 25.23 49.08
C THR B 262 31.42 24.90 47.99
N ALA B 263 30.91 24.42 46.87
CA ALA B 263 31.74 24.06 45.72
C ALA B 263 32.24 25.34 45.07
N PRO B 264 33.37 25.26 44.34
CA PRO B 264 33.85 26.44 43.59
C PRO B 264 32.79 26.95 42.64
N ALA B 265 32.90 28.23 42.27
CA ALA B 265 32.00 28.83 41.29
C ALA B 265 32.06 28.11 39.95
N SER B 266 33.25 27.65 39.57
CA SER B 266 33.41 26.89 38.33
C SER B 266 32.54 25.61 38.29
N MET B 267 32.15 25.13 39.47
CA MET B 267 31.24 23.99 39.57
C MET B 267 29.80 24.40 39.72
N LEU B 268 29.54 25.48 40.47
CA LEU B 268 28.17 25.93 40.77
C LEU B 268 27.39 26.47 39.56
N ILE B 269 28.10 26.88 38.51
CA ILE B 269 27.44 27.38 37.30
C ILE B 269 26.66 26.32 36.51
N GLY B 270 26.87 25.05 36.84
CA GLY B 270 26.12 23.95 36.23
C GLY B 270 25.99 22.74 37.13
N ASP B 271 25.49 21.65 36.57
CA ASP B 271 25.44 20.37 37.27
C ASP B 271 26.84 19.87 37.57
N HIS B 272 27.04 19.39 38.79
CA HIS B 272 28.34 18.85 39.15
C HIS B 272 28.20 17.71 40.13
N TYR B 273 29.33 17.11 40.47
CA TYR B 273 29.37 16.10 41.49
C TYR B 273 30.47 16.39 42.51
N LEU B 274 30.29 15.81 43.69
CA LEU B 274 31.33 15.71 44.67
C LEU B 274 31.97 14.32 44.44
N CYS B 275 33.24 14.28 44.07
CA CYS B 275 33.86 13.00 43.66
C CYS B 275 34.98 12.50 44.55
N ASP B 276 35.47 13.30 45.50
CA ASP B 276 36.46 12.81 46.47
C ASP B 276 36.49 13.67 47.71
N VAL B 277 36.60 13.03 48.87
CA VAL B 277 36.78 13.72 50.12
C VAL B 277 37.97 13.09 50.81
N THR B 278 38.94 13.91 51.19
CA THR B 278 40.13 13.43 51.86
C THR B 278 40.64 14.43 52.87
N TRP B 279 40.57 14.08 54.15
CA TRP B 279 41.26 14.85 55.20
C TRP B 279 42.78 14.85 55.01
N ALA B 280 43.38 16.04 55.15
CA ALA B 280 44.82 16.22 55.04
C ALA B 280 45.50 16.36 56.43
N THR B 281 44.85 17.05 57.35
CA THR B 281 45.34 17.16 58.73
C THR B 281 44.13 17.27 59.62
N GLN B 282 44.38 17.49 60.91
CA GLN B 282 43.33 17.76 61.87
C GLN B 282 42.41 18.92 61.50
N GLU B 283 42.92 19.84 60.67
CA GLU B 283 42.18 21.08 60.36
C GLU B 283 42.24 21.47 58.88
N ARG B 284 42.48 20.49 58.03
CA ARG B 284 42.53 20.73 56.61
C ARG B 284 41.94 19.55 55.86
N ILE B 285 40.90 19.83 55.08
CA ILE B 285 40.23 18.80 54.30
C ILE B 285 40.34 19.16 52.82
N SER B 286 40.54 18.17 51.97
CA SER B 286 40.52 18.39 50.53
C SER B 286 39.28 17.79 49.91
N LEU B 287 38.66 18.54 49.01
CA LEU B 287 37.47 18.08 48.27
C LEU B 287 37.82 18.10 46.80
N GLN B 288 37.32 17.12 46.07
CA GLN B 288 37.34 17.20 44.62
C GLN B 288 35.91 17.23 44.12
N TRP B 289 35.67 18.15 43.20
CA TRP B 289 34.40 18.27 42.54
C TRP B 289 34.60 18.02 41.07
N LEU B 290 33.52 17.63 40.41
CA LEU B 290 33.56 17.18 39.05
C LEU B 290 32.34 17.75 38.35
N ARG B 291 32.56 18.34 37.19
CA ARG B 291 31.43 18.79 36.39
C ARG B 291 30.65 17.60 35.82
N ARG B 292 29.36 17.79 35.58
CA ARG B 292 28.56 16.75 34.97
C ARG B 292 29.14 16.31 33.62
N ILE B 293 29.66 17.24 32.84
CA ILE B 293 30.54 16.88 31.76
C ILE B 293 31.90 16.67 32.45
N GLN B 294 32.33 15.42 32.48
CA GLN B 294 33.33 14.97 33.44
C GLN B 294 34.74 15.05 32.87
N ASN B 295 35.05 16.16 32.19
CA ASN B 295 36.41 16.38 31.71
C ASN B 295 37.12 17.48 32.49
N TYR B 296 36.47 17.97 33.54
CA TYR B 296 37.01 19.08 34.32
C TYR B 296 36.73 18.84 35.80
N SER B 297 37.76 18.81 36.62
CA SER B 297 37.54 18.69 38.06
C SER B 297 38.40 19.70 38.79
N VAL B 298 37.94 20.07 39.97
CA VAL B 298 38.61 21.06 40.80
C VAL B 298 38.77 20.49 42.19
N MET B 299 40.02 20.50 42.69
CA MET B 299 40.27 20.15 44.08
C MET B 299 40.36 21.43 44.89
N ASP B 300 39.52 21.50 45.92
CA ASP B 300 39.62 22.56 46.92
C ASP B 300 40.35 22.04 48.15
N ILE B 301 41.14 22.90 48.77
CA ILE B 301 41.86 22.56 50.00
C ILE B 301 41.44 23.57 51.03
N CYS B 302 40.78 23.09 52.09
CA CYS B 302 40.05 23.97 52.98
C CYS B 302 40.53 23.85 54.41
N ASP B 303 40.89 24.98 54.99
CA ASP B 303 41.41 25.06 56.34
C ASP B 303 40.32 25.55 57.26
N TYR B 304 40.36 25.04 58.49
CA TYR B 304 39.51 25.51 59.56
C TYR B 304 40.04 26.86 60.06
N ASP B 305 39.15 27.83 60.21
CA ASP B 305 39.52 29.13 60.75
C ASP B 305 39.11 29.15 62.21
N GLU B 306 40.11 29.19 63.09
CA GLU B 306 39.90 28.98 64.52
C GLU B 306 39.03 30.08 65.13
N SER B 307 39.21 31.31 64.68
CA SER B 307 38.49 32.44 65.26
C SER B 307 37.00 32.47 64.87
N SER B 308 36.66 31.95 63.69
CA SER B 308 35.27 31.97 63.23
C SER B 308 34.56 30.64 63.34
N GLY B 309 35.31 29.55 63.42
CA GLY B 309 34.72 28.21 63.45
C GLY B 309 34.19 27.80 62.09
N ARG B 310 34.67 28.46 61.04
CA ARG B 310 34.28 28.14 59.66
C ARG B 310 35.46 27.59 58.88
N TRP B 311 35.20 27.24 57.63
CA TRP B 311 36.19 26.65 56.76
C TRP B 311 36.43 27.52 55.54
N ASN B 312 37.71 27.72 55.23
CA ASN B 312 38.09 28.56 54.10
C ASN B 312 38.87 27.76 53.08
N CYS B 313 38.41 27.78 51.85
CA CYS B 313 39.13 27.16 50.75
C CYS B 313 39.75 28.28 49.94
N LEU B 314 41.05 28.43 50.04
CA LEU B 314 41.75 29.49 49.33
C LEU B 314 41.84 29.17 47.86
N VAL B 315 41.42 30.12 47.02
CA VAL B 315 41.56 29.99 45.58
C VAL B 315 43.02 29.72 45.22
N ALA B 316 43.95 30.25 46.01
CA ALA B 316 45.36 30.04 45.74
C ALA B 316 45.81 28.58 45.93
N ARG B 317 44.96 27.76 46.55
CA ARG B 317 45.25 26.34 46.73
C ARG B 317 44.33 25.41 45.96
N GLN B 318 43.53 25.96 45.06
CA GLN B 318 42.70 25.16 44.17
C GLN B 318 43.59 24.48 43.16
N HIS B 319 43.25 23.25 42.80
CA HIS B 319 43.94 22.55 41.74
C HIS B 319 42.94 22.04 40.75
N ILE B 320 43.23 22.25 39.47
CA ILE B 320 42.37 21.83 38.38
C ILE B 320 42.98 20.58 37.80
N GLU B 321 42.14 19.58 37.55
CA GLU B 321 42.56 18.42 36.76
C GLU B 321 41.55 18.30 35.63
N MET B 322 42.04 18.30 34.39
CA MET B 322 41.16 18.23 33.24
C MET B 322 41.75 17.29 32.19
N SER B 323 40.95 16.97 31.19
CA SER B 323 41.40 16.12 30.10
C SER B 323 40.83 16.66 28.81
N THR B 324 41.66 16.69 27.78
CA THR B 324 41.23 17.13 26.46
C THR B 324 40.80 15.93 25.60
N THR B 325 41.26 14.73 25.94
CA THR B 325 40.99 13.55 25.13
C THR B 325 39.88 12.64 25.67
N GLY B 326 39.47 12.86 26.91
CA GLY B 326 38.47 12.03 27.54
C GLY B 326 37.93 12.64 28.80
N TRP B 327 37.71 11.78 29.79
CA TRP B 327 37.13 12.14 31.08
C TRP B 327 38.28 12.23 32.07
N VAL B 328 38.01 12.69 33.30
CA VAL B 328 39.04 12.79 34.33
C VAL B 328 39.10 11.53 35.21
N GLY B 329 40.30 10.96 35.28
CA GLY B 329 40.53 9.79 36.12
C GLY B 329 40.14 8.51 35.42
N ARG B 330 40.43 7.39 36.06
CA ARG B 330 40.00 6.11 35.54
C ARG B 330 38.46 6.01 35.59
N PHE B 331 37.88 6.11 36.78
CA PHE B 331 36.43 6.25 36.94
C PHE B 331 36.03 7.53 37.67
N ARG B 332 37.00 8.12 38.37
CA ARG B 332 36.87 9.45 38.91
C ARG B 332 38.26 9.99 39.16
N PRO B 333 38.37 11.30 39.44
CA PRO B 333 39.68 11.85 39.83
C PRO B 333 40.28 11.07 40.97
N SER B 334 41.59 10.84 40.90
CA SER B 334 42.26 10.01 41.91
C SER B 334 42.34 10.77 43.22
N GLU B 335 42.60 10.03 44.30
CA GLU B 335 42.61 10.62 45.65
C GLU B 335 44.03 11.06 46.00
N PRO B 336 44.15 12.19 46.73
CA PRO B 336 45.46 12.66 47.15
C PRO B 336 45.91 11.97 48.43
N HIS B 337 47.22 11.78 48.56
CA HIS B 337 47.82 11.31 49.79
C HIS B 337 48.71 12.42 50.30
N PHE B 338 48.33 12.98 51.44
CA PHE B 338 48.97 14.19 51.95
C PHE B 338 50.16 13.82 52.83
N THR B 339 51.16 14.68 52.81
CA THR B 339 52.25 14.60 53.77
C THR B 339 51.70 14.97 55.15
N LEU B 340 52.43 14.58 56.19
CA LEU B 340 51.97 14.75 57.56
C LEU B 340 51.60 16.19 57.87
N ASP B 341 52.36 17.14 57.33
CA ASP B 341 52.10 18.57 57.56
C ASP B 341 50.98 19.13 56.69
N GLY B 342 50.52 18.36 55.70
CA GLY B 342 49.40 18.77 54.85
C GLY B 342 49.71 19.84 53.82
N ASN B 343 50.99 20.17 53.65
CA ASN B 343 51.41 21.22 52.71
C ASN B 343 51.77 20.66 51.35
N SER B 344 51.70 19.34 51.25
CA SER B 344 52.13 18.65 50.08
C SER B 344 51.29 17.39 49.90
N PHE B 345 51.14 16.94 48.67
CA PHE B 345 50.45 15.70 48.45
C PHE B 345 50.88 15.02 47.18
N TYR B 346 50.64 13.71 47.16
CA TYR B 346 50.93 12.87 46.01
C TYR B 346 49.62 12.39 45.44
N LYS B 347 49.54 12.32 44.12
CA LYS B 347 48.30 11.93 43.47
C LYS B 347 48.61 11.34 42.12
N ILE B 348 47.82 10.36 41.71
CA ILE B 348 47.92 9.80 40.37
C ILE B 348 47.15 10.67 39.36
N ILE B 349 47.86 11.14 38.32
CA ILE B 349 47.27 11.82 37.16
C ILE B 349 47.92 11.35 35.85
N SER B 350 47.30 11.61 34.69
CA SER B 350 47.92 11.25 33.38
C SER B 350 49.02 12.23 33.04
N ASN B 351 50.16 11.69 32.62
CA ASN B 351 51.27 12.53 32.24
C ASN B 351 51.09 13.00 30.80
N GLU B 352 52.11 13.67 30.27
CA GLU B 352 52.02 14.29 28.94
C GLU B 352 51.81 13.26 27.83
N GLU B 353 52.28 12.03 28.04
CA GLU B 353 52.09 10.96 27.08
C GLU B 353 50.85 10.11 27.36
N GLY B 354 49.98 10.57 28.26
CA GLY B 354 48.74 9.87 28.57
C GLY B 354 48.85 8.70 29.55
N TYR B 355 50.00 8.57 30.21
CA TYR B 355 50.21 7.49 31.18
C TYR B 355 50.03 7.98 32.61
N ARG B 356 49.44 7.14 33.44
CA ARG B 356 49.05 7.58 34.78
C ARG B 356 50.20 7.34 35.73
N HIS B 357 50.65 8.42 36.37
CA HIS B 357 51.83 8.41 37.21
C HIS B 357 51.63 9.30 38.42
N ILE B 358 52.49 9.13 39.42
CA ILE B 358 52.35 9.83 40.68
C ILE B 358 52.96 11.23 40.56
N CYS B 359 52.13 12.25 40.75
CA CYS B 359 52.60 13.63 40.72
C CYS B 359 52.70 14.17 42.14
N TYR B 360 53.77 14.94 42.40
CA TYR B 360 53.97 15.59 43.69
C TYR B 360 53.56 17.06 43.64
N PHE B 361 52.59 17.45 44.48
CA PHE B 361 52.09 18.82 44.51
C PHE B 361 52.45 19.48 45.83
N GLN B 362 52.82 20.76 45.77
CA GLN B 362 52.63 21.64 46.93
C GLN B 362 51.26 22.27 46.79
N ILE B 363 50.63 22.56 47.92
CA ILE B 363 49.25 23.06 47.89
C ILE B 363 49.11 24.44 47.28
N ASP B 364 50.18 25.25 47.37
CA ASP B 364 50.20 26.64 46.85
C ASP B 364 50.65 26.75 45.39
N LYS B 365 51.14 25.66 44.80
CA LYS B 365 51.69 25.68 43.44
C LYS B 365 50.80 24.98 42.41
N LYS B 366 50.71 25.55 41.22
CA LYS B 366 49.90 24.98 40.14
C LYS B 366 50.62 23.79 39.48
N ASP B 367 51.91 23.95 39.23
CA ASP B 367 52.72 22.90 38.62
C ASP B 367 53.00 21.81 39.65
N CYS B 368 52.83 20.56 39.24
CA CYS B 368 53.28 19.44 40.04
C CYS B 368 54.46 18.81 39.33
N THR B 369 55.19 17.96 40.04
CA THR B 369 56.29 17.25 39.41
C THR B 369 56.09 15.72 39.55
N PHE B 370 56.29 15.02 38.45
CA PHE B 370 56.10 13.59 38.39
C PHE B 370 57.27 12.87 39.03
N ILE B 371 56.96 11.89 39.88
CA ILE B 371 58.00 11.11 40.53
C ILE B 371 58.18 9.73 39.86
N THR B 372 57.16 9.29 39.11
CA THR B 372 57.30 8.11 38.29
C THR B 372 56.96 8.50 36.87
N LYS B 373 57.43 7.67 35.94
CA LYS B 373 57.14 7.83 34.52
C LYS B 373 57.47 6.55 33.81
N GLY B 374 57.03 6.44 32.56
CA GLY B 374 57.27 5.27 31.75
C GLY B 374 56.01 4.86 31.03
N THR B 375 56.16 3.93 30.10
CA THR B 375 55.06 3.39 29.33
C THR B 375 54.44 2.25 30.15
N TRP B 376 53.93 2.61 31.31
CA TRP B 376 53.24 1.71 32.20
C TRP B 376 52.47 2.62 33.11
N GLU B 377 51.69 2.08 34.04
CA GLU B 377 50.90 2.95 34.92
C GLU B 377 50.95 2.60 36.38
N VAL B 378 50.78 3.62 37.20
CA VAL B 378 50.61 3.41 38.62
C VAL B 378 49.14 3.09 38.85
N ILE B 379 48.89 1.97 39.50
CA ILE B 379 47.54 1.51 39.82
C ILE B 379 47.01 2.22 41.06
N GLY B 380 47.80 2.24 42.13
CA GLY B 380 47.38 2.94 43.33
C GLY B 380 48.51 3.31 44.24
N ILE B 381 48.36 4.41 44.95
CA ILE B 381 49.26 4.75 46.04
C ILE B 381 48.76 4.03 47.30
N GLU B 382 49.62 3.19 47.88
CA GLU B 382 49.19 2.30 48.95
C GLU B 382 49.58 2.82 50.33
N ALA B 383 50.70 3.53 50.44
CA ALA B 383 51.10 4.12 51.70
C ALA B 383 52.14 5.19 51.49
N LEU B 384 52.20 6.09 52.45
CA LEU B 384 53.12 7.21 52.43
C LEU B 384 53.65 7.40 53.85
N THR B 385 54.98 7.32 53.98
CA THR B 385 55.66 7.66 55.21
C THR B 385 56.46 8.90 54.90
N SER B 386 57.24 9.37 55.88
CA SER B 386 58.07 10.55 55.70
C SER B 386 59.24 10.35 54.72
N ASP B 387 59.65 9.10 54.49
CA ASP B 387 60.78 8.80 53.61
C ASP B 387 60.41 8.05 52.32
N TYR B 388 59.32 7.30 52.36
CA TYR B 388 58.97 6.44 51.25
C TYR B 388 57.51 6.56 50.86
N LEU B 389 57.25 6.37 49.58
CA LEU B 389 55.89 6.22 49.09
C LEU B 389 55.79 4.82 48.50
N TYR B 390 54.76 4.10 48.88
CA TYR B 390 54.53 2.75 48.39
C TYR B 390 53.38 2.77 47.39
N TYR B 391 53.55 2.07 46.28
CA TYR B 391 52.55 2.05 45.23
C TYR B 391 52.56 0.73 44.48
N ILE B 392 51.43 0.40 43.86
CA ILE B 392 51.28 -0.77 42.99
C ILE B 392 51.32 -0.27 41.55
N SER B 393 52.01 -1.00 40.69
CA SER B 393 52.10 -0.64 39.29
C SER B 393 52.21 -1.91 38.46
N ASN B 394 51.99 -1.74 37.16
CA ASN B 394 52.17 -2.83 36.20
C ASN B 394 53.49 -2.71 35.40
N GLU B 395 54.48 -2.01 35.96
CA GLU B 395 55.77 -1.88 35.26
C GLU B 395 56.47 -3.21 34.96
N TYR B 396 56.49 -4.12 35.91
CA TYR B 396 57.31 -5.32 35.79
C TYR B 396 57.09 -6.03 34.46
N LYS B 397 58.17 -6.16 33.70
CA LYS B 397 58.20 -6.85 32.42
C LYS B 397 57.27 -6.25 31.36
N GLY B 398 56.88 -4.99 31.54
CA GLY B 398 55.95 -4.34 30.63
C GLY B 398 54.60 -5.07 30.48
N MET B 399 54.21 -5.84 31.50
CA MET B 399 52.96 -6.58 31.49
C MET B 399 51.88 -5.77 32.15
N PRO B 400 50.96 -5.18 31.34
CA PRO B 400 49.93 -4.35 31.94
C PRO B 400 48.96 -5.11 32.86
N GLY B 401 48.92 -6.44 32.75
CA GLY B 401 48.03 -7.26 33.58
C GLY B 401 48.73 -7.86 34.78
N GLY B 402 49.94 -7.38 35.05
CA GLY B 402 50.66 -7.76 36.24
C GLY B 402 50.57 -6.64 37.25
N ARG B 403 50.87 -6.95 38.49
CA ARG B 403 50.78 -5.99 39.58
C ARG B 403 51.86 -6.32 40.60
N ASN B 404 52.70 -5.32 40.89
CA ASN B 404 53.72 -5.45 41.91
C ASN B 404 53.77 -4.22 42.80
N LEU B 405 54.26 -4.44 44.02
CA LEU B 405 54.44 -3.38 45.00
C LEU B 405 55.84 -2.81 44.87
N TYR B 406 55.94 -1.49 44.80
CA TYR B 406 57.19 -0.79 44.68
C TYR B 406 57.24 0.23 45.78
N LYS B 407 58.45 0.68 46.09
CA LYS B 407 58.63 1.83 46.96
C LYS B 407 59.68 2.80 46.40
N ILE B 408 59.37 4.08 46.53
CA ILE B 408 60.17 5.14 45.96
C ILE B 408 60.61 6.08 47.08
N GLN B 409 61.89 6.42 47.06
CA GLN B 409 62.43 7.32 48.08
C GLN B 409 62.00 8.75 47.74
N LEU B 410 61.30 9.39 48.68
CA LEU B 410 60.81 10.76 48.48
C LEU B 410 61.92 11.76 48.19
N SER B 411 63.11 11.54 48.75
CA SER B 411 64.22 12.45 48.56
C SER B 411 64.98 12.15 47.28
N ASP B 412 64.84 10.95 46.72
CA ASP B 412 65.53 10.63 45.47
C ASP B 412 64.68 9.67 44.62
N TYR B 413 64.09 10.22 43.56
CA TYR B 413 63.14 9.48 42.73
C TYR B 413 63.77 8.40 41.86
N THR B 414 65.10 8.45 41.69
CA THR B 414 65.82 7.39 40.96
C THR B 414 65.96 6.14 41.83
N LYS B 415 65.67 6.26 43.12
CA LYS B 415 65.74 5.10 44.01
C LYS B 415 64.35 4.46 44.15
N VAL B 416 64.06 3.52 43.26
CA VAL B 416 62.79 2.81 43.25
C VAL B 416 63.10 1.34 43.45
N THR B 417 62.53 0.75 44.50
CA THR B 417 62.70 -0.67 44.77
C THR B 417 61.38 -1.42 44.49
N CYS B 418 61.47 -2.56 43.80
CA CYS B 418 60.33 -3.47 43.72
C CYS B 418 60.40 -4.41 44.91
N LEU B 419 59.36 -4.41 45.71
CA LEU B 419 59.28 -5.24 46.90
C LEU B 419 58.73 -6.63 46.62
N SER B 420 57.96 -6.77 45.55
CA SER B 420 57.24 -8.02 45.32
C SER B 420 57.71 -8.81 44.11
N CYS B 421 58.37 -8.15 43.17
CA CYS B 421 58.66 -8.72 41.84
C CYS B 421 59.36 -10.08 41.86
N GLU B 422 60.38 -10.18 42.70
CA GLU B 422 61.28 -11.33 42.67
C GLU B 422 61.02 -12.30 43.83
N LEU B 423 59.97 -12.08 44.60
CA LEU B 423 59.64 -12.95 45.72
C LEU B 423 59.39 -14.37 45.26
N ASN B 424 58.69 -14.51 44.13
CA ASN B 424 58.26 -15.81 43.65
C ASN B 424 57.84 -15.65 42.21
N PRO B 425 58.80 -15.34 41.33
CA PRO B 425 58.46 -14.85 39.99
C PRO B 425 57.54 -15.77 39.17
N GLU B 426 57.69 -17.09 39.29
CA GLU B 426 56.88 -18.00 38.49
C GLU B 426 55.44 -18.11 38.98
N ARG B 427 55.26 -18.07 40.29
CA ARG B 427 53.97 -18.25 40.93
C ARG B 427 53.21 -16.91 41.13
N CYS B 428 53.96 -15.82 41.31
CA CYS B 428 53.38 -14.58 41.79
C CYS B 428 53.68 -13.33 40.97
N GLN B 429 52.67 -12.86 40.23
CA GLN B 429 52.78 -11.65 39.41
C GLN B 429 51.59 -10.70 39.54
N TYR B 430 50.72 -10.92 40.53
CA TYR B 430 49.57 -10.04 40.76
C TYR B 430 49.39 -9.80 42.26
N TYR B 431 49.92 -8.67 42.73
CA TYR B 431 50.00 -8.40 44.15
C TYR B 431 49.06 -7.28 44.52
N SER B 432 48.49 -7.38 45.72
CA SER B 432 47.90 -6.25 46.43
C SER B 432 48.52 -6.24 47.82
N VAL B 433 48.30 -5.19 48.58
CA VAL B 433 49.02 -5.02 49.82
C VAL B 433 48.11 -4.47 50.91
N SER B 434 48.35 -4.88 52.14
CA SER B 434 47.68 -4.28 53.31
C SER B 434 48.74 -3.85 54.32
N PHE B 435 48.95 -2.54 54.49
CA PHE B 435 49.96 -2.03 55.42
C PHE B 435 49.39 -1.91 56.83
N SER B 436 50.24 -2.12 57.83
CA SER B 436 49.87 -1.84 59.20
C SER B 436 49.66 -0.33 59.38
N LYS B 437 49.10 0.05 60.51
CA LYS B 437 48.59 1.40 60.76
C LYS B 437 49.59 2.53 60.46
N GLU B 438 50.89 2.27 60.63
CA GLU B 438 51.90 3.26 60.29
C GLU B 438 52.99 2.62 59.41
N ALA B 439 52.59 1.63 58.62
CA ALA B 439 53.41 1.07 57.54
C ALA B 439 54.67 0.31 57.97
N LYS B 440 54.70 -0.17 59.21
CA LYS B 440 55.86 -0.93 59.73
C LYS B 440 55.83 -2.37 59.25
N TYR B 441 54.63 -2.88 58.99
CA TYR B 441 54.47 -4.20 58.40
C TYR B 441 53.48 -4.12 57.28
N TYR B 442 53.55 -5.11 56.40
CA TYR B 442 52.58 -5.25 55.36
C TYR B 442 52.35 -6.69 55.02
N GLN B 443 51.11 -6.97 54.68
CA GLN B 443 50.71 -8.23 54.11
C GLN B 443 50.71 -8.07 52.61
N LEU B 444 51.33 -9.02 51.93
CA LEU B 444 51.25 -9.09 50.48
C LEU B 444 50.26 -10.19 50.15
N ARG B 445 49.42 -9.92 49.16
CA ARG B 445 48.49 -10.89 48.60
C ARG B 445 48.84 -11.06 47.12
N CYS B 446 49.32 -12.24 46.77
CA CYS B 446 49.57 -12.62 45.40
C CYS B 446 48.34 -13.43 44.93
N SER B 447 47.74 -12.99 43.83
CA SER B 447 46.51 -13.59 43.33
C SER B 447 46.73 -14.46 42.11
N GLY B 448 47.99 -14.63 41.69
CA GLY B 448 48.30 -15.39 40.49
C GLY B 448 49.66 -15.05 39.88
N PRO B 449 50.08 -15.79 38.85
CA PRO B 449 49.29 -16.80 38.11
C PRO B 449 49.21 -18.16 38.80
N GLY B 450 50.13 -18.44 39.73
CA GLY B 450 50.06 -19.67 40.52
C GLY B 450 48.97 -19.54 41.59
N LEU B 451 48.90 -20.51 42.49
CA LEU B 451 47.91 -20.44 43.56
C LEU B 451 48.17 -19.22 44.44
N PRO B 452 47.10 -18.57 44.92
CA PRO B 452 47.26 -17.42 45.80
C PRO B 452 48.17 -17.67 46.99
N LEU B 453 48.86 -16.62 47.40
CA LEU B 453 49.89 -16.73 48.41
C LEU B 453 49.88 -15.46 49.25
N TYR B 454 49.78 -15.63 50.56
CA TYR B 454 49.66 -14.52 51.50
C TYR B 454 50.86 -14.53 52.42
N THR B 455 51.60 -13.43 52.44
CA THR B 455 52.84 -13.32 53.21
C THR B 455 52.85 -12.07 54.06
N LEU B 456 53.61 -12.10 55.14
CA LEU B 456 53.73 -10.93 56.02
C LEU B 456 55.15 -10.41 56.02
N HIS B 457 55.29 -9.09 55.99
CA HIS B 457 56.62 -8.47 55.81
C HIS B 457 56.83 -7.31 56.78
N SER B 458 58.10 -7.14 57.18
CA SER B 458 58.52 -5.94 57.89
C SER B 458 59.05 -4.98 56.85
N SER B 459 58.54 -3.76 56.88
CA SER B 459 58.93 -2.75 55.92
C SER B 459 60.30 -2.17 56.28
N VAL B 460 60.76 -2.38 57.52
CA VAL B 460 62.00 -1.78 57.99
C VAL B 460 63.13 -2.06 57.00
N ASN B 461 63.34 -3.33 56.67
CA ASN B 461 64.26 -3.68 55.60
C ASN B 461 63.69 -4.75 54.67
N ASP B 462 62.36 -4.72 54.52
CA ASP B 462 61.64 -5.55 53.56
C ASP B 462 62.02 -7.02 53.63
N LYS B 463 62.27 -7.53 54.84
CA LYS B 463 62.52 -8.95 54.99
C LYS B 463 61.16 -9.65 55.17
N GLY B 464 61.06 -10.89 54.69
CA GLY B 464 59.87 -11.71 54.87
C GLY B 464 59.86 -12.34 56.25
N LEU B 465 58.75 -12.16 56.96
CA LEU B 465 58.60 -12.70 58.31
C LEU B 465 58.00 -14.10 58.23
N ARG B 466 56.86 -14.23 57.54
CA ARG B 466 56.25 -15.55 57.35
C ARG B 466 55.17 -15.67 56.28
N VAL B 467 54.96 -16.92 55.91
CA VAL B 467 53.90 -17.34 55.04
C VAL B 467 52.68 -17.46 55.92
N LEU B 468 51.60 -16.79 55.50
CA LEU B 468 50.33 -16.80 56.23
C LEU B 468 49.38 -17.84 55.66
N GLU B 469 49.35 -17.96 54.34
CA GLU B 469 48.53 -18.95 53.66
C GLU B 469 49.12 -19.19 52.27
N ASP B 470 49.42 -20.45 51.97
CA ASP B 470 50.08 -20.81 50.72
C ASP B 470 49.28 -21.75 49.84
N ASN B 471 48.04 -22.02 50.25
CA ASN B 471 47.12 -22.90 49.54
C ASN B 471 47.64 -24.28 49.17
N SER B 472 48.35 -24.90 50.11
CA SER B 472 48.90 -26.25 49.89
C SER B 472 47.81 -27.28 49.91
N ALA B 473 46.76 -27.05 50.70
CA ALA B 473 45.63 -27.98 50.69
C ALA B 473 45.00 -28.07 49.29
N LEU B 474 44.79 -26.93 48.65
CA LEU B 474 44.26 -26.90 47.28
C LEU B 474 45.27 -27.47 46.27
N ASP B 475 46.52 -27.08 46.43
CA ASP B 475 47.59 -27.60 45.60
C ASP B 475 47.58 -29.12 45.66
N LYS B 476 47.47 -29.64 46.86
CA LYS B 476 47.41 -31.08 47.08
C LYS B 476 46.23 -31.71 46.34
N MET B 477 45.07 -31.09 46.40
CA MET B 477 43.88 -31.62 45.72
C MET B 477 43.97 -31.62 44.20
N LEU B 478 44.61 -30.60 43.65
CA LEU B 478 44.71 -30.40 42.20
C LEU B 478 45.78 -31.25 41.51
N GLN B 479 46.54 -32.04 42.28
CA GLN B 479 47.69 -32.80 41.73
C GLN B 479 47.30 -33.70 40.57
N ASN B 480 46.20 -34.43 40.73
CA ASN B 480 45.72 -35.32 39.67
C ASN B 480 44.40 -34.85 39.03
N VAL B 481 44.25 -33.53 38.90
CA VAL B 481 43.13 -32.96 38.16
C VAL B 481 43.72 -32.32 36.92
N GLN B 482 43.09 -32.56 35.78
CA GLN B 482 43.56 -31.99 34.52
C GLN B 482 43.08 -30.54 34.42
N MET B 483 43.92 -29.63 34.90
CA MET B 483 43.57 -28.23 34.95
C MET B 483 43.98 -27.55 33.66
N PRO B 484 43.30 -26.44 33.33
CA PRO B 484 43.71 -25.67 32.18
C PRO B 484 44.91 -24.82 32.54
N SER B 485 45.57 -24.28 31.54
CA SER B 485 46.65 -23.31 31.72
C SER B 485 46.15 -21.97 31.21
N LYS B 486 46.90 -20.91 31.53
CA LYS B 486 46.61 -19.61 30.95
C LYS B 486 47.78 -19.14 30.09
N LYS B 487 47.48 -18.79 28.84
CA LYS B 487 48.41 -18.06 28.02
C LYS B 487 48.04 -16.57 28.11
N LEU B 488 49.00 -15.75 28.53
CA LEU B 488 48.84 -14.31 28.57
C LEU B 488 49.86 -13.71 27.62
N ASP B 489 49.38 -13.03 26.59
CA ASP B 489 50.26 -12.51 25.55
C ASP B 489 49.60 -11.36 24.80
N PHE B 490 50.27 -10.85 23.77
CA PHE B 490 49.75 -9.72 23.01
C PHE B 490 49.83 -9.95 21.51
N ILE B 491 49.01 -9.19 20.79
CA ILE B 491 49.12 -9.09 19.34
C ILE B 491 49.31 -7.61 19.05
N ILE B 492 49.96 -7.32 17.92
CA ILE B 492 50.22 -5.96 17.49
C ILE B 492 49.21 -5.58 16.42
N LEU B 493 48.43 -4.52 16.69
CA LEU B 493 47.49 -3.96 15.72
C LEU B 493 47.78 -2.48 15.61
N ASN B 494 47.89 -1.99 14.36
CA ASN B 494 48.30 -0.60 14.12
C ASN B 494 49.46 -0.18 15.01
N GLU B 495 50.50 -1.02 15.01
CA GLU B 495 51.74 -0.74 15.75
C GLU B 495 51.54 -0.59 17.26
N THR B 496 50.44 -1.15 17.77
CA THR B 496 50.07 -1.06 19.18
C THR B 496 49.88 -2.46 19.74
N LYS B 497 50.45 -2.71 20.92
CA LYS B 497 50.21 -3.96 21.62
C LYS B 497 48.79 -3.98 22.17
N PHE B 498 48.09 -5.09 21.96
CA PHE B 498 46.84 -5.36 22.65
C PHE B 498 46.90 -6.75 23.25
N TRP B 499 46.66 -6.84 24.56
CA TRP B 499 46.88 -8.08 25.29
C TRP B 499 45.63 -8.93 25.33
N TYR B 500 45.84 -10.23 25.34
CA TYR B 500 44.76 -11.17 25.46
C TYR B 500 45.19 -12.25 26.44
N GLN B 501 44.20 -12.99 26.95
CA GLN B 501 44.50 -14.21 27.69
C GLN B 501 43.65 -15.35 27.15
N MET B 502 44.18 -16.56 27.26
CA MET B 502 43.47 -17.76 26.85
C MET B 502 43.52 -18.76 27.98
N ILE B 503 42.36 -19.22 28.41
CA ILE B 503 42.27 -20.35 29.31
C ILE B 503 42.28 -21.57 28.39
N LEU B 504 43.38 -22.32 28.40
CA LEU B 504 43.57 -23.43 27.48
C LEU B 504 43.27 -24.76 28.16
N PRO B 505 42.53 -25.65 27.48
CA PRO B 505 42.29 -26.99 28.02
C PRO B 505 43.58 -27.75 28.32
N PRO B 506 43.53 -28.74 29.23
CA PRO B 506 44.71 -29.53 29.51
C PRO B 506 45.21 -30.26 28.26
N HIS B 507 46.50 -30.56 28.20
CA HIS B 507 47.08 -31.26 27.04
C HIS B 507 46.80 -30.50 25.75
N PHE B 508 46.88 -29.18 25.82
CA PHE B 508 46.58 -28.32 24.69
C PHE B 508 47.49 -28.63 23.49
N ASP B 509 46.85 -28.83 22.35
CA ASP B 509 47.52 -29.25 21.13
C ASP B 509 47.22 -28.25 20.03
N LYS B 510 48.23 -27.45 19.67
CA LYS B 510 48.12 -26.47 18.59
C LYS B 510 47.68 -27.08 17.25
N SER B 511 47.92 -28.38 17.06
CA SER B 511 47.46 -29.08 15.87
C SER B 511 45.94 -29.13 15.81
N LYS B 512 45.30 -29.26 16.97
CA LYS B 512 43.83 -29.40 17.02
C LYS B 512 43.09 -28.09 16.74
N LYS B 513 41.79 -28.19 16.54
CA LYS B 513 40.92 -27.04 16.40
C LYS B 513 39.93 -27.03 17.55
N TYR B 514 40.03 -26.02 18.42
CA TYR B 514 39.16 -25.94 19.58
C TYR B 514 38.00 -24.97 19.39
N PRO B 515 36.83 -25.31 19.94
CA PRO B 515 35.82 -24.26 20.06
C PRO B 515 36.37 -23.12 20.90
N LEU B 516 35.95 -21.91 20.62
CA LEU B 516 36.46 -20.75 21.36
C LEU B 516 35.34 -19.91 21.93
N LEU B 517 35.40 -19.63 23.23
CA LEU B 517 34.46 -18.72 23.85
C LEU B 517 35.19 -17.45 24.21
N LEU B 518 34.70 -16.33 23.69
CA LEU B 518 35.26 -15.04 23.98
C LEU B 518 34.49 -14.49 25.17
N ASP B 519 35.20 -14.37 26.28
CA ASP B 519 34.66 -13.85 27.52
C ASP B 519 34.98 -12.35 27.56
N VAL B 520 33.93 -11.55 27.59
CA VAL B 520 34.05 -10.10 27.31
C VAL B 520 33.56 -9.23 28.46
N TYR B 521 34.32 -8.19 28.74
CA TYR B 521 33.86 -7.02 29.49
C TYR B 521 33.96 -5.85 28.49
N ALA B 522 35.19 -5.38 28.25
CA ALA B 522 35.50 -4.35 27.23
C ALA B 522 34.92 -2.96 27.45
N GLY B 523 34.53 -2.70 28.69
CA GLY B 523 34.07 -1.37 29.03
C GLY B 523 35.27 -0.48 29.28
N PRO B 524 35.03 0.82 29.40
CA PRO B 524 36.13 1.76 29.65
C PRO B 524 36.92 1.39 30.91
N CYS B 525 38.25 1.30 30.73
CA CYS B 525 39.20 0.90 31.77
C CYS B 525 39.03 -0.55 32.22
N SER B 526 38.41 -1.38 31.39
CA SER B 526 38.36 -2.81 31.69
C SER B 526 39.71 -3.43 31.47
N GLN B 527 39.96 -4.53 32.19
CA GLN B 527 41.10 -5.38 31.94
C GLN B 527 40.69 -6.83 32.19
N LYS B 528 40.67 -7.63 31.14
CA LYS B 528 40.34 -9.03 31.22
C LYS B 528 41.52 -9.91 30.89
N ALA B 529 42.65 -9.33 30.53
CA ALA B 529 43.88 -10.09 30.32
C ALA B 529 44.83 -9.76 31.45
N ASP B 530 44.92 -10.66 32.43
CA ASP B 530 45.76 -10.44 33.61
C ASP B 530 46.37 -11.73 34.10
N THR B 531 47.20 -11.62 35.14
CA THR B 531 47.93 -12.77 35.65
C THR B 531 47.24 -13.47 36.84
N VAL B 532 46.00 -13.13 37.11
CA VAL B 532 45.29 -13.64 38.28
C VAL B 532 44.90 -15.11 38.06
N PHE B 533 45.02 -15.93 39.11
CA PHE B 533 44.56 -17.32 39.06
C PHE B 533 43.10 -17.36 39.47
N ARG B 534 42.26 -18.02 38.67
CA ARG B 534 40.81 -18.05 38.88
C ARG B 534 40.26 -19.46 38.81
N LEU B 535 39.32 -19.75 39.71
CA LEU B 535 38.58 -20.99 39.66
C LEU B 535 37.15 -20.58 39.37
N ASN B 536 36.75 -20.74 38.11
CA ASN B 536 35.52 -20.13 37.66
C ASN B 536 34.89 -20.93 36.54
N TRP B 537 33.85 -20.37 35.94
CA TRP B 537 33.14 -21.08 34.89
C TRP B 537 34.08 -21.45 33.75
N ALA B 538 35.02 -20.57 33.43
CA ALA B 538 35.96 -20.80 32.32
C ALA B 538 36.87 -21.97 32.61
N THR B 539 37.22 -22.17 33.88
CA THR B 539 38.07 -23.29 34.29
C THR B 539 37.35 -24.58 33.91
N TYR B 540 36.08 -24.67 34.30
CA TYR B 540 35.25 -25.79 33.89
C TYR B 540 35.18 -25.96 32.37
N LEU B 541 34.89 -24.90 31.65
CA LEU B 541 34.72 -25.02 30.20
C LEU B 541 35.99 -25.55 29.51
N ALA B 542 37.15 -25.01 29.89
CA ALA B 542 38.42 -25.49 29.36
C ALA B 542 38.76 -26.92 29.83
N SER B 543 38.73 -27.15 31.14
CA SER B 543 39.14 -28.40 31.75
C SER B 543 38.28 -29.54 31.32
N THR B 544 36.97 -29.39 31.50
CA THR B 544 36.04 -30.49 31.25
C THR B 544 35.54 -30.52 29.82
N GLU B 545 35.24 -29.37 29.23
CA GLU B 545 34.59 -29.36 27.93
C GLU B 545 35.53 -29.05 26.77
N ASN B 546 36.82 -28.87 27.04
CA ASN B 546 37.85 -28.59 26.01
C ASN B 546 37.58 -27.37 25.13
N ILE B 547 37.05 -26.32 25.75
CA ILE B 547 36.82 -25.04 25.06
C ILE B 547 37.88 -24.04 25.46
N ILE B 548 38.45 -23.35 24.48
CA ILE B 548 39.33 -22.23 24.82
C ILE B 548 38.47 -21.03 25.21
N VAL B 549 38.72 -20.50 26.40
CA VAL B 549 38.03 -19.31 26.83
C VAL B 549 39.02 -18.16 26.82
N ALA B 550 38.75 -17.19 25.96
CA ALA B 550 39.68 -16.10 25.72
C ALA B 550 39.08 -14.75 26.06
N SER B 551 39.93 -13.81 26.43
CA SER B 551 39.50 -12.44 26.58
C SER B 551 40.52 -11.53 25.95
N PHE B 552 40.05 -10.37 25.50
CA PHE B 552 40.89 -9.43 24.78
C PHE B 552 40.62 -8.00 25.26
N ASP B 553 41.72 -7.29 25.53
CA ASP B 553 41.69 -5.90 25.93
C ASP B 553 42.08 -5.08 24.71
N GLY B 554 41.06 -4.50 24.08
CA GLY B 554 41.24 -3.66 22.92
C GLY B 554 41.04 -2.24 23.33
N ARG B 555 40.64 -1.41 22.38
CA ARG B 555 40.54 0.00 22.66
C ARG B 555 39.50 0.28 23.74
N GLY B 556 39.84 1.24 24.61
CA GLY B 556 39.03 1.57 25.76
C GLY B 556 39.48 0.83 27.01
N SER B 557 40.28 -0.22 26.85
CA SER B 557 40.82 -0.95 27.98
C SER B 557 41.75 -0.08 28.80
N GLY B 558 41.99 -0.48 30.04
CA GLY B 558 42.67 0.35 31.03
C GLY B 558 44.11 -0.05 31.30
N TYR B 559 44.78 0.79 32.07
CA TYR B 559 46.11 0.50 32.61
C TYR B 559 47.23 0.49 31.58
N GLN B 560 46.95 1.03 30.40
CA GLN B 560 47.95 1.13 29.34
C GLN B 560 48.04 2.52 28.74
N GLY B 561 47.49 3.52 29.44
CA GLY B 561 47.49 4.90 28.99
C GLY B 561 46.21 5.36 28.29
N ASP B 562 46.07 6.67 28.17
CA ASP B 562 44.88 7.32 27.64
C ASP B 562 44.66 7.17 26.15
N LYS B 563 45.70 6.97 25.34
CA LYS B 563 45.48 6.82 23.90
C LYS B 563 44.69 5.51 23.60
N ILE B 564 44.86 4.51 24.46
CA ILE B 564 44.04 3.30 24.38
C ILE B 564 42.72 3.52 25.11
N MET B 565 42.78 3.99 26.35
CA MET B 565 41.58 4.08 27.19
C MET B 565 40.58 5.12 26.68
N HIS B 566 41.07 6.26 26.20
CA HIS B 566 40.21 7.34 25.72
C HIS B 566 39.78 7.19 24.26
N ALA B 567 40.23 6.14 23.58
CA ALA B 567 39.91 5.98 22.15
C ALA B 567 38.41 5.83 21.87
N ILE B 568 37.65 5.34 22.85
CA ILE B 568 36.18 5.24 22.70
C ILE B 568 35.41 6.40 23.33
N ASN B 569 36.11 7.44 23.75
CA ASN B 569 35.44 8.64 24.28
C ASN B 569 34.35 9.13 23.33
N ARG B 570 33.15 9.32 23.88
CA ARG B 570 31.97 9.76 23.15
C ARG B 570 31.50 8.76 22.11
N ARG B 571 32.01 7.54 22.16
CA ARG B 571 31.82 6.58 21.08
C ARG B 571 31.72 5.13 21.59
N LEU B 572 30.94 4.92 22.63
CA LEU B 572 30.70 3.58 23.15
C LEU B 572 29.98 2.76 22.10
N GLY B 573 30.26 1.46 22.08
CA GLY B 573 29.71 0.57 21.06
C GLY B 573 30.36 0.68 19.70
N THR B 574 31.60 1.17 19.64
CA THR B 574 32.33 1.21 18.37
C THR B 574 33.61 0.39 18.42
N PHE B 575 34.72 1.04 18.77
CA PHE B 575 36.02 0.40 18.59
C PHE B 575 36.14 -0.83 19.47
N GLU B 576 35.68 -0.72 20.71
CA GLU B 576 35.78 -1.83 21.66
C GLU B 576 35.00 -3.06 21.17
N VAL B 577 33.86 -2.82 20.54
CA VAL B 577 33.08 -3.88 19.89
C VAL B 577 33.89 -4.44 18.73
N GLU B 578 34.37 -3.55 17.86
CA GLU B 578 35.09 -3.96 16.66
C GLU B 578 36.32 -4.77 17.05
N ASP B 579 37.00 -4.35 18.11
CA ASP B 579 38.23 -5.03 18.54
C ASP B 579 38.03 -6.45 19.07
N GLN B 580 36.87 -6.73 19.67
CA GLN B 580 36.54 -8.09 20.07
C GLN B 580 36.34 -8.99 18.85
N ILE B 581 35.68 -8.46 17.82
CA ILE B 581 35.51 -9.20 16.59
C ILE B 581 36.88 -9.47 15.98
N GLU B 582 37.68 -8.42 15.86
CA GLU B 582 39.04 -8.53 15.32
C GLU B 582 39.87 -9.53 16.14
N ALA B 583 39.71 -9.51 17.45
CA ALA B 583 40.38 -10.48 18.32
C ALA B 583 40.04 -11.91 17.90
N ALA B 584 38.77 -12.15 17.63
CA ALA B 584 38.30 -13.47 17.20
C ALA B 584 38.94 -13.89 15.88
N ARG B 585 38.98 -12.98 14.91
CA ARG B 585 39.69 -13.22 13.64
C ARG B 585 41.17 -13.58 13.87
N GLN B 586 41.84 -12.86 14.76
CA GLN B 586 43.25 -13.09 15.07
C GLN B 586 43.46 -14.43 15.73
N PHE B 587 42.57 -14.78 16.65
CA PHE B 587 42.63 -16.07 17.31
C PHE B 587 42.45 -17.21 16.28
N SER B 588 41.57 -17.03 15.31
CA SER B 588 41.45 -18.02 14.23
C SER B 588 42.72 -18.05 13.41
N LYS B 589 43.31 -16.88 13.11
CA LYS B 589 44.61 -16.82 12.44
C LYS B 589 45.69 -17.67 13.13
N MET B 590 45.62 -17.83 14.45
CA MET B 590 46.64 -18.58 15.19
C MET B 590 46.59 -20.09 14.93
N GLY B 591 45.53 -20.56 14.29
CA GLY B 591 45.53 -21.89 13.70
C GLY B 591 44.99 -23.04 14.54
N PHE B 592 44.69 -22.78 15.82
CA PHE B 592 44.16 -23.84 16.69
C PHE B 592 42.69 -23.59 17.12
N VAL B 593 41.97 -22.83 16.31
CA VAL B 593 40.59 -22.46 16.60
C VAL B 593 39.67 -22.92 15.47
N ASP B 594 38.59 -23.59 15.86
CA ASP B 594 37.52 -23.96 14.96
C ASP B 594 36.62 -22.74 14.68
N ASN B 595 36.75 -22.21 13.46
CA ASN B 595 36.05 -21.02 12.96
C ASN B 595 34.54 -21.11 12.98
N LYS B 596 34.03 -22.33 12.96
CA LYS B 596 32.60 -22.56 12.96
C LYS B 596 32.04 -22.58 14.38
N ARG B 597 32.92 -22.57 15.39
CA ARG B 597 32.49 -22.66 16.79
C ARG B 597 33.16 -21.60 17.62
N ILE B 598 32.83 -20.36 17.31
CA ILE B 598 33.31 -19.23 18.08
C ILE B 598 32.08 -18.58 18.67
N ALA B 599 32.13 -18.39 19.99
CA ALA B 599 31.03 -17.80 20.71
C ALA B 599 31.57 -16.62 21.49
N ILE B 600 30.63 -15.85 22.03
CA ILE B 600 30.98 -14.66 22.78
C ILE B 600 29.99 -14.55 23.93
N TRP B 601 30.48 -14.18 25.11
CA TRP B 601 29.57 -13.88 26.20
C TRP B 601 30.12 -12.80 27.10
N GLY B 602 29.20 -12.11 27.74
CA GLY B 602 29.53 -11.10 28.70
C GLY B 602 28.37 -10.76 29.63
N TRP B 603 28.74 -10.13 30.74
CA TRP B 603 27.82 -9.65 31.76
C TRP B 603 27.98 -8.14 31.78
N SER B 604 26.89 -7.40 32.02
CA SER B 604 26.96 -5.93 32.20
C SER B 604 27.42 -5.25 30.90
N TYR B 605 28.52 -4.48 30.95
CA TYR B 605 29.06 -3.88 29.72
C TYR B 605 29.37 -4.97 28.73
N GLY B 606 29.84 -6.10 29.25
CA GLY B 606 30.16 -7.25 28.40
C GLY B 606 28.94 -7.81 27.71
N GLY B 607 27.79 -7.68 28.36
CA GLY B 607 26.53 -8.09 27.78
C GLY B 607 26.19 -7.19 26.60
N TYR B 608 26.34 -5.90 26.80
CA TYR B 608 26.17 -4.93 25.75
C TYR B 608 27.07 -5.28 24.57
N VAL B 609 28.36 -5.47 24.84
CA VAL B 609 29.31 -5.74 23.77
C VAL B 609 29.00 -7.05 23.06
N THR B 610 28.68 -8.07 23.82
CA THR B 610 28.31 -9.34 23.25
C THR B 610 27.14 -9.13 22.29
N SER B 611 26.14 -8.40 22.73
CA SER B 611 24.94 -8.14 21.94
C SER B 611 25.27 -7.30 20.68
N MET B 612 26.10 -6.27 20.84
CA MET B 612 26.50 -5.43 19.69
C MET B 612 27.31 -6.23 18.66
N VAL B 613 28.16 -7.13 19.16
CA VAL B 613 28.89 -8.05 18.31
C VAL B 613 27.98 -9.02 17.56
N LEU B 614 27.07 -9.67 18.28
CA LEU B 614 26.15 -10.62 17.62
C LEU B 614 25.23 -9.93 16.62
N GLY B 615 24.96 -8.65 16.83
CA GLY B 615 24.15 -7.89 15.91
C GLY B 615 24.97 -7.16 14.84
N SER B 616 26.29 -7.40 14.81
CA SER B 616 27.18 -6.64 13.92
C SER B 616 27.14 -7.11 12.46
N GLY B 617 26.70 -8.34 12.22
CA GLY B 617 26.73 -8.96 10.92
C GLY B 617 28.08 -9.52 10.50
N SER B 618 29.02 -9.63 11.43
CA SER B 618 30.40 -10.02 11.12
C SER B 618 30.52 -11.44 10.57
N GLY B 619 29.57 -12.30 10.90
CA GLY B 619 29.68 -13.72 10.54
C GLY B 619 30.69 -14.52 11.34
N VAL B 620 31.43 -13.86 12.23
CA VAL B 620 32.51 -14.53 12.97
C VAL B 620 32.01 -15.44 14.09
N PHE B 621 30.90 -15.06 14.72
CA PHE B 621 30.43 -15.75 15.92
C PHE B 621 29.17 -16.56 15.67
N LYS B 622 29.20 -17.82 16.09
CA LYS B 622 28.04 -18.66 15.94
C LYS B 622 26.95 -18.32 16.97
N CYS B 623 27.36 -17.97 18.19
CA CYS B 623 26.39 -17.76 19.25
C CYS B 623 26.93 -16.90 20.37
N GLY B 624 26.03 -16.45 21.22
CA GLY B 624 26.45 -15.71 22.38
C GLY B 624 25.41 -15.56 23.45
N ILE B 625 25.90 -15.18 24.63
CA ILE B 625 25.10 -15.00 25.83
C ILE B 625 25.33 -13.61 26.37
N ALA B 626 24.26 -12.84 26.50
CA ALA B 626 24.32 -11.55 27.13
C ALA B 626 23.60 -11.66 28.46
N VAL B 627 24.30 -11.33 29.55
CA VAL B 627 23.70 -11.37 30.87
C VAL B 627 23.60 -9.96 31.38
N ALA B 628 22.39 -9.58 31.78
CA ALA B 628 22.11 -8.25 32.25
C ALA B 628 22.77 -7.15 31.40
N PRO B 629 22.54 -7.20 30.08
CA PRO B 629 23.20 -6.22 29.21
C PRO B 629 22.55 -4.83 29.25
N VAL B 630 23.37 -3.81 29.06
CA VAL B 630 22.87 -2.51 28.59
C VAL B 630 22.43 -2.70 27.14
N SER B 631 21.31 -2.10 26.77
CA SER B 631 20.82 -2.15 25.40
C SER B 631 20.83 -0.79 24.70
N ARG B 632 20.66 0.28 25.46
CA ARG B 632 20.92 1.62 24.96
C ARG B 632 21.21 2.57 26.09
N TRP B 633 22.11 3.50 25.82
CA TRP B 633 22.76 4.27 26.86
C TRP B 633 21.84 5.19 27.62
N GLU B 634 20.79 5.66 26.98
CA GLU B 634 19.78 6.47 27.66
C GLU B 634 19.06 5.75 28.80
N TYR B 635 19.14 4.41 28.83
CA TYR B 635 18.54 3.61 29.89
C TYR B 635 19.44 3.49 31.12
N TYR B 636 20.74 3.72 30.95
CA TYR B 636 21.69 3.47 32.01
C TYR B 636 21.96 4.76 32.78
N ASP B 637 22.58 4.64 33.95
CA ASP B 637 22.72 5.80 34.84
C ASP B 637 23.61 6.91 34.26
N SER B 638 23.33 8.12 34.72
CA SER B 638 23.95 9.33 34.21
C SER B 638 25.43 9.34 34.42
N VAL B 639 25.88 9.04 35.64
CA VAL B 639 27.30 9.32 35.93
C VAL B 639 28.22 8.35 35.19
N TYR B 640 27.84 7.09 35.08
CA TYR B 640 28.64 6.17 34.31
C TYR B 640 28.55 6.53 32.83
N THR B 641 27.32 6.62 32.31
CA THR B 641 27.11 6.79 30.88
C THR B 641 27.65 8.11 30.33
N GLU B 642 27.39 9.20 31.04
CA GLU B 642 27.79 10.52 30.59
C GLU B 642 29.28 10.74 30.67
N ARG B 643 29.92 10.00 31.57
CA ARG B 643 31.36 10.02 31.67
C ARG B 643 31.96 9.82 30.29
N TYR B 644 31.39 8.88 29.53
CA TYR B 644 31.94 8.42 28.27
C TYR B 644 31.18 8.97 27.06
N MET B 645 29.90 9.29 27.25
CA MET B 645 29.01 9.59 26.12
C MET B 645 28.51 11.03 26.06
N GLY B 646 28.87 11.84 27.04
CA GLY B 646 28.27 13.16 27.20
C GLY B 646 26.77 13.04 27.35
N LEU B 647 26.05 14.12 27.07
CA LEU B 647 24.59 14.15 27.18
C LEU B 647 23.89 13.73 25.88
N PRO B 648 22.75 13.02 26.01
CA PRO B 648 21.96 12.66 24.85
C PRO B 648 21.07 13.82 24.40
N THR B 649 21.68 14.96 24.09
CA THR B 649 20.95 16.13 23.56
C THR B 649 21.47 16.44 22.16
N PRO B 650 20.63 16.99 21.28
CA PRO B 650 21.05 17.35 19.92
C PRO B 650 22.33 18.19 19.87
N GLU B 651 22.53 19.07 20.85
CA GLU B 651 23.73 19.92 20.91
C GLU B 651 24.95 19.18 21.45
N ASP B 652 24.76 18.01 22.08
CA ASP B 652 25.91 17.23 22.56
C ASP B 652 26.08 15.94 21.75
N ASN B 653 25.50 14.83 22.15
CA ASN B 653 25.86 13.53 21.53
C ASN B 653 24.66 12.60 21.30
N LEU B 654 23.46 13.15 21.17
CA LEU B 654 22.26 12.35 20.97
C LEU B 654 22.42 11.39 19.80
N ASP B 655 23.05 11.87 18.73
CA ASP B 655 23.21 11.07 17.51
C ASP B 655 23.92 9.76 17.80
N HIS B 656 25.00 9.78 18.58
CA HIS B 656 25.69 8.53 18.81
C HIS B 656 24.97 7.67 19.86
N TYR B 657 24.25 8.31 20.79
CA TYR B 657 23.34 7.56 21.67
C TYR B 657 22.38 6.75 20.83
N ARG B 658 21.84 7.38 19.78
CA ARG B 658 20.83 6.72 18.96
C ARG B 658 21.44 5.69 18.02
N ASN B 659 22.73 5.83 17.75
CA ASN B 659 23.38 4.94 16.80
C ASN B 659 23.99 3.71 17.46
N SER B 660 24.03 3.71 18.79
CA SER B 660 24.78 2.69 19.54
C SER B 660 23.84 1.78 20.35
N THR B 661 22.63 1.53 19.83
CA THR B 661 21.67 0.65 20.52
C THR B 661 21.83 -0.76 20.03
N VAL B 662 21.50 -1.74 20.86
CA VAL B 662 21.48 -3.11 20.34
C VAL B 662 20.20 -3.33 19.53
N MET B 663 19.12 -2.62 19.89
CA MET B 663 17.85 -2.78 19.20
C MET B 663 17.98 -2.53 17.71
N SER B 664 18.71 -1.48 17.33
CA SER B 664 18.82 -1.13 15.90
C SER B 664 19.47 -2.25 15.09
N ARG B 665 20.14 -3.18 15.76
CA ARG B 665 20.84 -4.26 15.08
C ARG B 665 20.07 -5.56 15.09
N ALA B 666 18.79 -5.52 15.47
CA ALA B 666 17.99 -6.74 15.64
C ALA B 666 18.02 -7.68 14.42
N GLU B 667 17.87 -7.10 13.25
CA GLU B 667 17.83 -7.86 11.99
C GLU B 667 19.02 -8.84 11.89
N ASN B 668 20.21 -8.36 12.23
CA ASN B 668 21.44 -9.15 12.11
C ASN B 668 21.55 -10.35 13.02
N PHE B 669 20.71 -10.44 14.05
CA PHE B 669 20.69 -11.60 14.95
C PHE B 669 20.12 -12.85 14.27
N LYS B 670 19.55 -12.70 13.07
CA LYS B 670 19.13 -13.86 12.28
C LYS B 670 20.28 -14.81 11.99
N GLN B 671 21.52 -14.31 12.04
CA GLN B 671 22.70 -15.11 11.71
C GLN B 671 23.25 -15.90 12.89
N VAL B 672 22.72 -15.70 14.09
CA VAL B 672 23.35 -16.25 15.29
C VAL B 672 22.37 -16.85 16.28
N GLU B 673 22.89 -17.65 17.20
CA GLU B 673 22.11 -18.20 18.29
C GLU B 673 22.38 -17.34 19.53
N TYR B 674 21.32 -16.80 20.11
CA TYR B 674 21.46 -15.79 21.13
C TYR B 674 20.69 -16.19 22.37
N LEU B 675 21.34 -16.10 23.53
CA LEU B 675 20.71 -16.31 24.83
C LEU B 675 20.80 -15.04 25.65
N LEU B 676 19.64 -14.52 26.06
CA LEU B 676 19.51 -13.26 26.76
C LEU B 676 19.01 -13.56 28.15
N ILE B 677 19.73 -13.06 29.16
CA ILE B 677 19.45 -13.40 30.55
C ILE B 677 19.44 -12.12 31.38
N HIS B 678 18.46 -12.01 32.28
CA HIS B 678 18.30 -10.82 33.09
C HIS B 678 17.50 -11.09 34.35
N GLY B 679 17.98 -10.54 35.46
CA GLY B 679 17.24 -10.60 36.72
C GLY B 679 16.16 -9.54 36.76
N THR B 680 15.00 -9.90 37.29
CA THR B 680 13.86 -8.97 37.23
C THR B 680 13.98 -7.81 38.19
N ALA B 681 14.76 -8.00 39.24
CA ALA B 681 14.94 -7.00 40.27
C ALA B 681 16.27 -6.30 40.14
N ASP B 682 16.76 -6.18 38.91
CA ASP B 682 18.04 -5.56 38.64
C ASP B 682 17.84 -4.06 38.75
N ASP B 683 18.39 -3.48 39.82
CA ASP B 683 18.26 -2.05 40.11
C ASP B 683 19.32 -1.27 39.38
N ASN B 684 20.29 -1.98 38.81
CA ASN B 684 21.46 -1.38 38.18
C ASN B 684 21.23 -1.25 36.68
N VAL B 685 21.28 -2.37 35.97
CA VAL B 685 20.91 -2.41 34.57
C VAL B 685 19.50 -2.92 34.59
N HIS B 686 18.56 -2.04 34.34
CA HIS B 686 17.17 -2.41 34.55
C HIS B 686 16.70 -3.47 33.58
N PHE B 687 15.80 -4.34 34.04
CA PHE B 687 15.26 -5.41 33.21
C PHE B 687 14.73 -4.86 31.88
N GLN B 688 14.14 -3.67 31.93
CA GLN B 688 13.81 -2.84 30.76
C GLN B 688 14.78 -2.99 29.59
N GLN B 689 16.06 -2.98 29.91
CA GLN B 689 17.05 -2.98 28.85
C GLN B 689 16.97 -4.25 28.01
N SER B 690 16.79 -5.40 28.67
CA SER B 690 16.60 -6.67 27.99
C SER B 690 15.19 -6.81 27.47
N ALA B 691 14.22 -6.23 28.17
CA ALA B 691 12.84 -6.27 27.69
C ALA B 691 12.75 -5.60 26.30
N GLN B 692 13.58 -4.56 26.10
CA GLN B 692 13.57 -3.82 24.85
C GLN B 692 14.32 -4.60 23.78
N ILE B 693 15.41 -5.28 24.14
CA ILE B 693 16.09 -6.12 23.18
C ILE B 693 15.14 -7.20 22.66
N SER B 694 14.45 -7.88 23.58
CA SER B 694 13.62 -9.01 23.23
C SER B 694 12.50 -8.58 22.32
N LYS B 695 11.93 -7.41 22.61
CA LYS B 695 10.84 -6.88 21.84
C LYS B 695 11.30 -6.54 20.40
N ALA B 696 12.55 -6.08 20.26
CA ALA B 696 13.09 -5.72 18.96
C ALA B 696 13.41 -6.95 18.14
N LEU B 697 13.89 -8.01 18.81
CA LEU B 697 14.16 -9.27 18.13
C LEU B 697 12.84 -9.94 17.71
N VAL B 698 11.86 -9.89 18.59
CA VAL B 698 10.55 -10.39 18.26
C VAL B 698 9.96 -9.67 17.05
N ASP B 699 10.07 -8.34 17.04
CA ASP B 699 9.54 -7.50 15.97
C ASP B 699 10.14 -7.75 14.58
N VAL B 700 11.38 -8.21 14.49
CA VAL B 700 11.95 -8.60 13.19
C VAL B 700 11.94 -10.12 12.98
N GLY B 701 11.29 -10.84 13.87
CA GLY B 701 11.14 -12.30 13.73
C GLY B 701 12.42 -13.12 13.88
N VAL B 702 13.29 -12.78 14.84
CA VAL B 702 14.43 -13.65 15.12
C VAL B 702 14.17 -14.51 16.34
N ASP B 703 14.41 -15.81 16.21
CA ASP B 703 14.30 -16.69 17.35
C ASP B 703 15.54 -16.57 18.22
N PHE B 704 15.34 -16.65 19.52
CA PHE B 704 16.44 -16.58 20.47
C PHE B 704 15.98 -17.24 21.75
N GLN B 705 16.92 -17.51 22.64
CA GLN B 705 16.65 -18.07 23.95
C GLN B 705 16.69 -16.94 24.97
N ALA B 706 15.83 -17.08 25.97
CA ALA B 706 15.73 -16.12 27.05
C ALA B 706 15.65 -16.85 28.40
N MET B 707 16.03 -16.14 29.45
CA MET B 707 15.81 -16.60 30.81
C MET B 707 15.73 -15.37 31.67
N TRP B 708 14.61 -15.22 32.36
CA TRP B 708 14.51 -14.18 33.38
C TRP B 708 14.81 -14.86 34.71
N TYR B 709 15.32 -14.09 35.69
CA TYR B 709 15.54 -14.60 37.06
C TYR B 709 14.72 -13.77 38.01
N THR B 710 13.63 -14.35 38.48
CA THR B 710 12.73 -13.67 39.38
C THR B 710 13.48 -13.18 40.60
N ASP B 711 13.37 -11.87 40.84
CA ASP B 711 13.83 -11.21 42.05
C ASP B 711 15.33 -11.17 42.22
N GLU B 712 16.06 -11.57 41.18
CA GLU B 712 17.50 -11.47 41.21
C GLU B 712 17.92 -10.10 40.71
N ASP B 713 19.06 -9.62 41.20
CA ASP B 713 19.53 -8.29 40.80
C ASP B 713 20.67 -8.43 39.82
N HIS B 714 21.51 -7.40 39.71
CA HIS B 714 22.57 -7.41 38.71
C HIS B 714 23.60 -8.52 38.91
N GLY B 715 23.78 -8.94 40.15
CA GLY B 715 24.75 -10.01 40.43
C GLY B 715 24.21 -11.40 40.17
N ILE B 716 22.88 -11.54 40.01
CA ILE B 716 22.22 -12.85 39.96
C ILE B 716 22.99 -13.80 40.87
N ALA B 717 23.11 -13.37 42.13
CA ALA B 717 24.07 -13.94 43.09
C ALA B 717 23.48 -14.83 44.18
N SER B 718 22.17 -14.98 44.27
CA SER B 718 21.62 -16.00 45.16
C SER B 718 22.24 -17.36 44.85
N SER B 719 22.57 -18.11 45.88
CA SER B 719 23.19 -19.41 45.67
C SER B 719 22.46 -20.24 44.57
N THR B 720 21.14 -20.35 44.66
CA THR B 720 20.37 -21.16 43.73
C THR B 720 20.36 -20.57 42.31
N ALA B 721 20.22 -19.25 42.20
CA ALA B 721 20.19 -18.61 40.88
C ALA B 721 21.56 -18.69 40.23
N HIS B 722 22.61 -18.52 41.03
CA HIS B 722 23.95 -18.58 40.51
C HIS B 722 24.23 -19.96 39.90
N GLN B 723 23.83 -21.01 40.59
CA GLN B 723 24.00 -22.37 40.07
C GLN B 723 23.16 -22.62 38.83
N HIS B 724 21.97 -22.04 38.81
CA HIS B 724 21.03 -22.23 37.73
C HIS B 724 21.47 -21.51 36.45
N ILE B 725 21.90 -20.27 36.57
CA ILE B 725 22.32 -19.54 35.38
C ILE B 725 23.58 -20.16 34.73
N TYR B 726 24.54 -20.58 35.53
CA TYR B 726 25.74 -21.20 34.97
C TYR B 726 25.45 -22.58 34.35
N THR B 727 24.56 -23.34 34.98
CA THR B 727 24.06 -24.59 34.39
C THR B 727 23.36 -24.33 33.07
N HIS B 728 22.48 -23.34 33.06
CA HIS B 728 21.76 -22.99 31.84
C HIS B 728 22.73 -22.56 30.75
N MET B 729 23.64 -21.66 31.08
CA MET B 729 24.63 -21.22 30.08
C MET B 729 25.47 -22.40 29.59
N SER B 730 25.78 -23.34 30.48
CA SER B 730 26.60 -24.46 30.09
C SER B 730 25.90 -25.30 29.04
N HIS B 731 24.61 -25.58 29.26
CA HIS B 731 23.84 -26.33 28.27
C HIS B 731 23.82 -25.62 26.93
N PHE B 732 23.62 -24.29 26.95
CA PHE B 732 23.52 -23.49 25.74
C PHE B 732 24.82 -23.54 24.94
N ILE B 733 25.94 -23.28 25.61
CA ILE B 733 27.24 -23.34 24.95
C ILE B 733 27.54 -24.73 24.37
N LYS B 734 27.34 -25.76 25.18
CA LYS B 734 27.57 -27.13 24.76
C LYS B 734 26.76 -27.48 23.50
N GLN B 735 25.50 -27.11 23.48
CA GLN B 735 24.67 -27.38 22.30
C GLN B 735 25.10 -26.54 21.09
N CYS B 736 25.48 -25.29 21.30
CA CYS B 736 25.99 -24.41 20.22
C CYS B 736 27.25 -25.02 19.60
N PHE B 737 28.04 -25.71 20.44
CA PHE B 737 29.29 -26.31 20.02
C PHE B 737 29.17 -27.81 19.74
N SER B 738 27.97 -28.36 19.81
CA SER B 738 27.73 -29.78 19.53
C SER B 738 28.53 -30.71 20.45
N LEU B 739 28.73 -30.28 21.69
CA LEU B 739 29.40 -31.10 22.69
C LEU B 739 28.34 -31.88 23.46
N PRO B 740 28.52 -33.20 23.59
CA PRO B 740 27.44 -34.05 24.15
C PRO B 740 27.16 -33.80 25.63
N ARG C 14 -34.84 -28.45 -37.99
CA ARG C 14 -35.37 -27.29 -37.22
C ARG C 14 -34.30 -26.19 -37.11
N LYS C 15 -34.19 -25.35 -38.14
CA LYS C 15 -33.15 -24.32 -38.17
C LYS C 15 -33.67 -22.88 -38.01
N THR C 16 -32.74 -22.00 -37.64
CA THR C 16 -33.05 -20.63 -37.25
C THR C 16 -32.49 -19.66 -38.26
N TYR C 17 -32.96 -18.43 -38.18
CA TYR C 17 -32.45 -17.37 -39.00
C TYR C 17 -31.20 -16.85 -38.31
N THR C 18 -30.03 -17.18 -38.86
CA THR C 18 -28.77 -16.94 -38.17
C THR C 18 -28.17 -15.59 -38.52
N LEU C 19 -27.10 -15.24 -37.84
CA LEU C 19 -26.39 -14.00 -38.12
C LEU C 19 -25.81 -14.03 -39.54
N THR C 20 -25.30 -15.18 -39.95
CA THR C 20 -24.77 -15.31 -41.30
C THR C 20 -25.85 -15.18 -42.37
N ASP C 21 -27.06 -15.64 -42.07
CA ASP C 21 -28.18 -15.46 -42.98
C ASP C 21 -28.43 -13.98 -43.21
N TYR C 22 -28.36 -13.19 -42.14
CA TYR C 22 -28.59 -11.75 -42.24
C TYR C 22 -27.44 -11.10 -43.01
N LEU C 23 -26.21 -11.46 -42.66
CA LEU C 23 -25.04 -10.83 -43.24
C LEU C 23 -24.82 -11.21 -44.70
N LYS C 24 -25.14 -12.45 -45.06
CA LYS C 24 -24.99 -12.92 -46.44
C LYS C 24 -26.29 -12.87 -47.26
N ASN C 25 -27.34 -12.24 -46.76
CA ASN C 25 -28.58 -12.14 -47.52
C ASN C 25 -29.07 -13.47 -48.11
N THR C 26 -29.04 -14.50 -47.28
CA THR C 26 -29.46 -15.84 -47.68
C THR C 26 -30.95 -15.88 -48.05
N TYR C 27 -31.77 -15.17 -47.30
CA TYR C 27 -33.19 -15.07 -47.58
C TYR C 27 -33.51 -13.69 -48.13
N ARG C 28 -33.59 -13.58 -49.46
CA ARG C 28 -33.73 -12.29 -50.11
C ARG C 28 -35.18 -11.90 -50.37
N LEU C 29 -35.51 -10.65 -50.06
CA LEU C 29 -36.79 -10.06 -50.42
C LEU C 29 -36.73 -9.63 -51.87
N LYS C 30 -37.66 -10.14 -52.67
CA LYS C 30 -37.83 -9.67 -54.04
C LYS C 30 -38.66 -8.38 -54.04
N LEU C 31 -38.30 -7.48 -54.93
CA LEU C 31 -39.01 -6.23 -55.19
C LEU C 31 -39.52 -6.27 -56.64
N TYR C 32 -40.32 -5.27 -57.00
CA TYR C 32 -40.70 -5.09 -58.38
C TYR C 32 -40.60 -3.59 -58.70
N SER C 33 -39.41 -3.19 -59.14
CA SER C 33 -39.14 -1.79 -59.47
C SER C 33 -39.58 -1.53 -60.88
N LEU C 34 -40.51 -0.61 -61.06
CA LEU C 34 -40.88 -0.16 -62.38
C LEU C 34 -40.70 1.34 -62.50
N ARG C 35 -40.58 1.81 -63.74
CA ARG C 35 -40.52 3.24 -64.00
C ARG C 35 -41.45 3.56 -65.16
N TRP C 36 -42.55 4.25 -64.86
CA TRP C 36 -43.57 4.58 -65.85
C TRP C 36 -43.05 5.52 -66.93
N ILE C 37 -42.70 4.95 -68.09
CA ILE C 37 -42.29 5.75 -69.25
C ILE C 37 -43.45 6.58 -69.80
N SER C 38 -44.68 6.07 -69.67
CA SER C 38 -45.86 6.77 -70.16
C SER C 38 -47.04 6.52 -69.22
N ASP C 39 -48.25 6.78 -69.70
CA ASP C 39 -49.46 6.46 -68.97
C ASP C 39 -49.92 5.01 -69.18
N HIS C 40 -49.17 4.24 -69.99
CA HIS C 40 -49.58 2.90 -70.40
C HIS C 40 -48.53 1.81 -70.21
N GLU C 41 -47.26 2.20 -70.05
CA GLU C 41 -46.17 1.23 -70.11
C GLU C 41 -45.17 1.50 -69.00
N TYR C 42 -44.27 0.54 -68.78
CA TYR C 42 -43.16 0.73 -67.86
C TYR C 42 -42.02 -0.24 -68.19
N LEU C 43 -40.90 -0.10 -67.49
CA LEU C 43 -39.73 -0.94 -67.69
C LEU C 43 -39.46 -1.83 -66.47
N TYR C 44 -38.69 -2.91 -66.66
CA TYR C 44 -38.28 -3.77 -65.54
C TYR C 44 -36.95 -4.49 -65.82
N ILE C 50 -33.10 -6.55 -69.36
CA ILE C 50 -34.22 -5.68 -68.86
C ILE C 50 -35.27 -5.44 -69.94
N LEU C 51 -36.53 -5.66 -69.57
CA LEU C 51 -37.65 -5.74 -70.51
C LEU C 51 -38.52 -4.48 -70.49
N VAL C 52 -39.48 -4.42 -71.41
CA VAL C 52 -40.53 -3.40 -71.40
C VAL C 52 -41.86 -4.11 -71.14
N PHE C 53 -42.81 -3.40 -70.52
CA PHE C 53 -44.11 -3.98 -70.21
C PHE C 53 -45.24 -3.04 -70.59
N ASN C 54 -46.33 -3.63 -71.08
CA ASN C 54 -47.58 -2.93 -71.34
C ASN C 54 -48.42 -3.00 -70.06
N ALA C 55 -49.19 -1.96 -69.80
CA ALA C 55 -50.03 -1.91 -68.59
C ALA C 55 -51.21 -2.86 -68.72
N GLU C 56 -52.00 -2.67 -69.76
CA GLU C 56 -53.18 -3.48 -70.00
C GLU C 56 -52.78 -4.95 -70.20
N TYR C 57 -51.75 -5.17 -71.02
CA TYR C 57 -51.30 -6.51 -71.39
C TYR C 57 -49.78 -6.64 -71.18
N VAL C 62 -39.28 -5.61 -75.23
CA VAL C 62 -37.79 -5.60 -75.38
C VAL C 62 -37.25 -4.17 -75.59
N PHE C 63 -36.02 -3.95 -75.11
CA PHE C 63 -35.39 -2.62 -75.11
C PHE C 63 -33.89 -2.70 -74.71
N LEU C 64 -33.53 -3.75 -73.97
CA LEU C 64 -32.14 -4.10 -73.71
C LEU C 64 -31.92 -5.61 -73.88
N GLU C 65 -30.65 -6.03 -73.81
CA GLU C 65 -30.28 -7.44 -73.66
C GLU C 65 -29.34 -7.51 -72.47
N ASN C 66 -28.25 -6.77 -72.55
CA ASN C 66 -27.57 -6.21 -71.39
C ASN C 66 -26.78 -4.95 -71.77
N THR C 68 -26.78 -5.61 -74.96
CA THR C 68 -26.60 -4.65 -76.04
C THR C 68 -25.52 -3.59 -75.75
N PHE C 69 -24.78 -3.74 -74.65
CA PHE C 69 -23.56 -2.95 -74.44
C PHE C 69 -22.48 -3.85 -73.84
N ASP C 70 -22.29 -5.04 -74.39
CA ASP C 70 -21.35 -6.01 -73.83
C ASP C 70 -19.89 -5.67 -74.13
N GLU C 71 -19.63 -5.10 -75.31
CA GLU C 71 -18.29 -4.62 -75.69
C GLU C 71 -18.17 -3.10 -75.50
N PHE C 72 -19.11 -2.54 -74.73
CA PHE C 72 -19.00 -1.20 -74.17
C PHE C 72 -17.73 -1.09 -73.32
N GLY C 73 -17.52 -2.07 -72.45
CA GLY C 73 -16.34 -2.16 -71.58
C GLY C 73 -16.67 -1.87 -70.13
N HIS C 74 -17.25 -0.70 -69.88
CA HIS C 74 -17.51 -0.24 -68.52
C HIS C 74 -18.77 -0.91 -67.96
N SER C 75 -18.75 -1.24 -66.67
CA SER C 75 -19.96 -1.74 -66.00
C SER C 75 -20.93 -0.58 -65.81
N ILE C 76 -22.15 -0.76 -66.28
CA ILE C 76 -23.16 0.29 -66.27
C ILE C 76 -23.76 0.33 -64.89
N ASN C 77 -23.69 1.49 -64.23
CA ASN C 77 -24.23 1.62 -62.87
C ASN C 77 -25.74 1.83 -62.87
N ASP C 78 -26.24 2.58 -63.85
CA ASP C 78 -27.64 2.96 -63.90
C ASP C 78 -27.88 3.56 -65.27
N TYR C 79 -29.14 3.74 -65.63
CA TYR C 79 -29.50 4.32 -66.90
C TYR C 79 -30.68 5.26 -66.73
N SER C 80 -30.98 6.03 -67.77
CA SER C 80 -32.06 7.00 -67.73
C SER C 80 -32.57 7.28 -69.14
N ILE C 81 -33.83 6.92 -69.41
CA ILE C 81 -34.44 7.12 -70.72
C ILE C 81 -34.97 8.55 -70.83
N SER C 82 -34.72 9.20 -71.96
CA SER C 82 -35.33 10.50 -72.23
C SER C 82 -36.84 10.33 -72.16
N PRO C 83 -37.57 11.36 -71.71
CA PRO C 83 -39.03 11.20 -71.70
C PRO C 83 -39.68 10.93 -73.06
N ASP C 84 -39.05 11.36 -74.16
CA ASP C 84 -39.56 11.08 -75.50
C ASP C 84 -39.14 9.70 -76.03
N GLY C 85 -38.26 9.02 -75.30
CA GLY C 85 -37.85 7.66 -75.63
C GLY C 85 -36.78 7.55 -76.69
N GLN C 86 -36.18 8.67 -77.08
CA GLN C 86 -35.21 8.68 -78.18
C GLN C 86 -33.77 8.42 -77.75
N PHE C 87 -33.42 8.83 -76.54
CA PHE C 87 -32.05 8.68 -76.04
C PHE C 87 -32.01 8.05 -74.66
N ILE C 88 -30.96 7.26 -74.42
CA ILE C 88 -30.71 6.68 -73.11
C ILE C 88 -29.35 7.15 -72.58
N LEU C 89 -29.36 7.66 -71.36
CA LEU C 89 -28.16 8.11 -70.69
C LEU C 89 -27.62 6.94 -69.87
N LEU C 90 -26.35 6.61 -70.08
CA LEU C 90 -25.70 5.54 -69.34
C LEU C 90 -24.79 6.13 -68.29
N GLU C 91 -24.92 5.64 -67.06
CA GLU C 91 -24.13 6.09 -65.93
C GLU C 91 -23.10 5.02 -65.56
N TYR C 92 -21.84 5.43 -65.51
CA TYR C 92 -20.74 4.55 -65.11
C TYR C 92 -19.66 5.34 -64.37
N ASN C 93 -18.63 4.65 -63.89
CA ASN C 93 -17.62 5.29 -63.01
C ASN C 93 -18.24 6.02 -61.80
N TYR C 94 -19.28 5.42 -61.23
CA TYR C 94 -19.91 5.94 -60.01
C TYR C 94 -18.89 6.04 -58.86
N VAL C 95 -18.81 7.21 -58.25
CA VAL C 95 -18.00 7.42 -57.06
C VAL C 95 -18.87 8.18 -56.08
N LYS C 96 -19.27 7.48 -55.03
CA LYS C 96 -20.12 8.03 -53.99
C LYS C 96 -19.45 9.16 -53.26
N GLN C 97 -20.24 10.20 -52.99
CA GLN C 97 -19.83 11.28 -52.10
C GLN C 97 -20.58 11.09 -50.77
N TRP C 98 -21.65 11.83 -50.53
CA TRP C 98 -22.37 11.73 -49.27
C TRP C 98 -23.55 10.79 -49.40
N ARG C 99 -24.66 11.04 -48.70
CA ARG C 99 -25.77 10.09 -48.69
C ARG C 99 -26.43 9.99 -50.06
N HIS C 100 -26.61 11.14 -50.72
CA HIS C 100 -27.21 11.17 -52.06
C HIS C 100 -26.21 11.52 -53.15
N SER C 101 -25.23 12.34 -52.81
CA SER C 101 -24.33 12.91 -53.79
C SER C 101 -23.32 11.87 -54.29
N TYR C 102 -23.01 11.97 -55.58
CA TYR C 102 -21.98 11.17 -56.19
C TYR C 102 -21.57 11.85 -57.47
N THR C 103 -20.52 11.30 -58.05
CA THR C 103 -19.93 11.82 -59.22
C THR C 103 -19.93 10.63 -60.18
N ALA C 104 -19.98 10.89 -61.48
CA ALA C 104 -20.00 9.79 -62.45
C ALA C 104 -19.68 10.22 -63.87
N SER C 105 -19.34 9.23 -64.69
CA SER C 105 -19.22 9.42 -66.15
C SER C 105 -20.53 9.02 -66.83
N TYR C 106 -20.83 9.68 -67.93
CA TYR C 106 -22.09 9.47 -68.66
C TYR C 106 -21.90 9.39 -70.17
N ASP C 107 -22.50 8.37 -70.79
CA ASP C 107 -22.57 8.22 -72.24
C ASP C 107 -24.01 8.20 -72.69
N ILE C 108 -24.30 8.86 -73.80
CA ILE C 108 -25.65 8.89 -74.36
C ILE C 108 -25.71 8.01 -75.60
N TYR C 109 -26.83 7.30 -75.77
CA TYR C 109 -27.07 6.49 -76.95
C TYR C 109 -28.32 6.98 -77.65
N ASP C 110 -28.24 7.21 -78.96
CA ASP C 110 -29.43 7.38 -79.77
C ASP C 110 -30.14 6.04 -79.72
N LEU C 111 -31.23 5.98 -78.96
CA LEU C 111 -31.86 4.71 -78.60
C LEU C 111 -32.42 3.99 -79.82
N ASN C 112 -32.78 4.78 -80.83
CA ASN C 112 -33.14 4.22 -82.12
C ASN C 112 -32.09 3.21 -82.56
N LYS C 113 -30.86 3.68 -82.72
CA LYS C 113 -29.79 2.92 -83.37
C LYS C 113 -28.92 2.10 -82.42
N ARG C 114 -29.14 2.27 -81.12
CA ARG C 114 -28.25 1.74 -80.06
C ARG C 114 -26.76 1.77 -80.47
N GLN C 115 -26.32 2.97 -80.85
CA GLN C 115 -24.91 3.30 -81.07
C GLN C 115 -24.57 4.59 -80.30
N LEU C 116 -23.35 4.64 -79.77
CA LEU C 116 -22.89 5.71 -78.90
C LEU C 116 -22.82 7.06 -79.63
N ILE C 117 -23.37 8.11 -79.00
CA ILE C 117 -23.12 9.49 -79.44
C ILE C 117 -21.71 9.85 -79.00
N THR C 118 -20.82 10.13 -79.95
CA THR C 118 -19.40 10.23 -79.65
C THR C 118 -18.84 11.65 -79.57
N GLU C 119 -19.63 12.66 -79.95
CA GLU C 119 -19.13 14.03 -79.91
C GLU C 119 -19.87 14.88 -78.90
N GLU C 120 -19.16 15.87 -78.37
CA GLU C 120 -19.67 16.75 -77.32
C GLU C 120 -20.15 15.94 -76.10
N ARG C 121 -19.38 14.91 -75.77
CA ARG C 121 -19.72 13.99 -74.68
C ARG C 121 -19.84 14.72 -73.35
N ILE C 122 -20.75 14.27 -72.52
CA ILE C 122 -20.87 14.73 -71.13
C ILE C 122 -19.54 14.44 -70.43
N PRO C 123 -19.00 15.41 -69.67
CA PRO C 123 -17.67 15.19 -69.11
C PRO C 123 -17.62 14.15 -67.99
N ASN C 124 -16.42 13.62 -67.75
CA ASN C 124 -16.12 12.82 -66.58
C ASN C 124 -16.33 13.69 -65.32
N ASN C 125 -16.52 13.04 -64.18
CA ASN C 125 -16.67 13.74 -62.90
C ASN C 125 -17.91 14.63 -62.84
N THR C 126 -18.93 14.25 -63.60
CA THR C 126 -20.19 14.97 -63.63
C THR C 126 -20.95 14.71 -62.33
N GLN C 127 -21.58 15.75 -61.81
CA GLN C 127 -22.13 15.74 -60.46
C GLN C 127 -23.63 15.52 -60.41
N TRP C 128 -24.33 15.93 -61.46
CA TRP C 128 -25.74 15.62 -61.59
C TRP C 128 -26.12 15.74 -63.04
N VAL C 129 -27.11 14.96 -63.45
CA VAL C 129 -27.63 15.09 -64.80
C VAL C 129 -29.11 14.72 -64.81
N THR C 130 -29.90 15.45 -65.57
CA THR C 130 -31.33 15.17 -65.70
C THR C 130 -31.91 15.60 -67.05
N TRP C 131 -32.80 14.75 -67.57
CA TRP C 131 -33.54 15.08 -68.76
C TRP C 131 -34.60 16.10 -68.40
N SER C 132 -35.02 16.89 -69.39
CA SER C 132 -36.22 17.71 -69.24
C SER C 132 -37.40 16.77 -69.11
N PRO C 133 -38.53 17.25 -68.54
CA PRO C 133 -39.67 16.33 -68.37
C PRO C 133 -40.33 15.86 -69.67
N VAL C 134 -40.10 16.57 -70.77
CA VAL C 134 -40.54 16.15 -72.10
C VAL C 134 -39.44 16.42 -73.11
N GLY C 135 -39.40 15.62 -74.16
CA GLY C 135 -38.31 15.66 -75.12
C GLY C 135 -37.03 15.10 -74.53
N HIS C 136 -35.90 15.62 -75.00
CA HIS C 136 -34.58 15.07 -74.70
C HIS C 136 -33.56 16.18 -74.37
N LYS C 137 -34.01 17.28 -73.78
CA LYS C 137 -33.10 18.29 -73.24
C LYS C 137 -32.40 17.71 -72.02
N LEU C 138 -31.19 18.18 -71.78
CA LEU C 138 -30.30 17.54 -70.84
C LEU C 138 -29.52 18.59 -70.07
N ALA C 139 -29.75 18.66 -68.75
CA ALA C 139 -29.01 19.56 -67.88
C ALA C 139 -28.06 18.77 -67.00
N TYR C 140 -26.79 19.17 -66.97
CA TYR C 140 -25.83 18.55 -66.08
C TYR C 140 -25.02 19.58 -65.31
N VAL C 141 -24.55 19.16 -64.13
CA VAL C 141 -23.69 19.97 -63.30
C VAL C 141 -22.31 19.36 -63.34
N TRP C 142 -21.32 20.18 -63.66
CA TRP C 142 -19.92 19.73 -63.68
C TRP C 142 -19.02 20.84 -63.18
N ASN C 143 -18.11 20.51 -62.26
CA ASN C 143 -17.27 21.49 -61.56
C ASN C 143 -18.12 22.62 -60.96
N ASN C 144 -19.23 22.22 -60.35
CA ASN C 144 -20.15 23.11 -59.64
C ASN C 144 -20.92 24.11 -60.52
N ASP C 145 -20.95 23.86 -61.83
CA ASP C 145 -21.65 24.71 -62.79
C ASP C 145 -22.68 23.95 -63.60
N ILE C 146 -23.78 24.62 -63.91
CA ILE C 146 -24.88 24.05 -64.67
C ILE C 146 -24.60 24.18 -66.16
N TYR C 147 -24.89 23.11 -66.90
CA TYR C 147 -24.80 23.10 -68.37
C TYR C 147 -26.07 22.52 -68.93
N VAL C 148 -26.37 22.89 -70.18
CA VAL C 148 -27.57 22.40 -70.88
C VAL C 148 -27.21 21.93 -72.30
N LYS C 149 -27.73 20.78 -72.67
CA LYS C 149 -27.67 20.31 -74.06
C LYS C 149 -29.09 20.25 -74.59
N ILE C 150 -29.36 21.04 -75.63
CA ILE C 150 -30.66 21.05 -76.29
C ILE C 150 -30.79 19.75 -77.11
N GLU C 151 -29.67 19.37 -77.72
CA GLU C 151 -29.57 18.10 -78.43
C GLU C 151 -28.39 17.32 -77.84
N PRO C 152 -28.58 16.01 -77.63
CA PRO C 152 -27.55 15.26 -76.92
C PRO C 152 -26.26 15.06 -77.72
N ASN C 153 -26.20 15.57 -78.95
CA ASN C 153 -24.98 15.48 -79.74
C ASN C 153 -24.32 16.83 -80.03
N LEU C 154 -24.95 17.91 -79.59
CA LEU C 154 -24.46 19.27 -79.85
C LEU C 154 -23.64 19.81 -78.67
N PRO C 155 -22.87 20.90 -78.89
CA PRO C 155 -22.15 21.48 -77.75
C PRO C 155 -23.11 21.99 -76.69
N SER C 156 -22.68 21.87 -75.43
CA SER C 156 -23.44 22.32 -74.28
C SER C 156 -23.31 23.83 -74.11
N TYR C 157 -24.34 24.45 -73.56
CA TYR C 157 -24.29 25.85 -73.19
C TYR C 157 -24.03 25.93 -71.68
N ARG C 158 -23.09 26.77 -71.28
CA ARG C 158 -22.80 26.98 -69.87
C ARG C 158 -23.74 28.02 -69.28
N ILE C 159 -24.52 27.62 -68.29
CA ILE C 159 -25.48 28.51 -67.65
C ILE C 159 -24.82 29.34 -66.57
N THR C 160 -23.94 28.72 -65.77
CA THR C 160 -23.30 29.43 -64.65
C THR C 160 -21.80 29.38 -64.76
N TRP C 161 -21.15 30.43 -64.27
CA TRP C 161 -19.71 30.56 -64.37
C TRP C 161 -19.06 30.77 -63.01
N THR C 162 -19.85 30.65 -61.95
CA THR C 162 -19.41 31.00 -60.60
C THR C 162 -19.06 29.79 -59.73
N GLY C 163 -19.34 28.59 -60.22
CA GLY C 163 -19.09 27.37 -59.49
C GLY C 163 -17.66 27.25 -58.98
N LYS C 164 -17.54 26.97 -57.68
CA LYS C 164 -16.24 26.82 -57.05
C LYS C 164 -16.31 25.74 -56.00
N GLU C 165 -15.41 24.76 -56.10
CA GLU C 165 -15.39 23.61 -55.21
C GLU C 165 -15.47 23.99 -53.73
N ASP C 166 -16.49 23.46 -53.07
CA ASP C 166 -16.67 23.64 -51.62
C ASP C 166 -17.12 25.04 -51.23
N ILE C 167 -17.45 25.89 -52.22
CA ILE C 167 -17.80 27.28 -51.95
C ILE C 167 -19.07 27.73 -52.67
N ILE C 168 -19.12 27.65 -54.00
CA ILE C 168 -20.35 27.97 -54.73
C ILE C 168 -20.84 26.76 -55.47
N TYR C 169 -22.11 26.43 -55.23
CA TYR C 169 -22.75 25.29 -55.84
C TYR C 169 -23.92 25.78 -56.69
N ASN C 170 -23.81 25.59 -58.01
CA ASN C 170 -24.89 25.90 -58.92
C ASN C 170 -25.60 24.62 -59.32
N GLY C 171 -26.85 24.50 -58.90
CA GLY C 171 -27.68 23.36 -59.30
C GLY C 171 -27.41 22.04 -58.57
N ILE C 172 -26.57 22.08 -57.55
CA ILE C 172 -26.35 20.96 -56.63
C ILE C 172 -26.28 21.49 -55.21
N THR C 173 -26.68 20.67 -54.26
CA THR C 173 -26.71 21.07 -52.86
C THR C 173 -25.34 20.99 -52.22
N ASP C 174 -25.12 21.82 -51.21
CA ASP C 174 -23.98 21.66 -50.31
C ASP C 174 -24.31 20.57 -49.27
N TRP C 175 -23.42 20.34 -48.32
CA TRP C 175 -23.58 19.20 -47.40
C TRP C 175 -24.92 19.22 -46.69
N VAL C 176 -25.23 20.31 -46.01
CA VAL C 176 -26.43 20.34 -45.16
C VAL C 176 -27.75 20.40 -45.93
N TYR C 177 -27.78 21.06 -47.08
CA TYR C 177 -28.96 21.03 -47.94
C TYR C 177 -29.19 19.63 -48.51
N GLU C 178 -28.11 18.95 -48.92
CA GLU C 178 -28.24 17.55 -49.35
C GLU C 178 -28.83 16.65 -48.26
N GLU C 179 -28.26 16.72 -47.07
CA GLU C 179 -28.60 15.79 -46.00
C GLU C 179 -29.91 16.13 -45.28
N GLU C 180 -30.18 17.41 -45.08
CA GLU C 180 -31.26 17.83 -44.19
C GLU C 180 -32.42 18.60 -44.80
N VAL C 181 -32.28 19.12 -46.02
CA VAL C 181 -33.37 19.89 -46.61
C VAL C 181 -33.97 19.14 -47.78
N PHE C 182 -33.18 18.92 -48.82
CA PHE C 182 -33.72 18.35 -50.06
C PHE C 182 -33.61 16.83 -50.17
N SER C 183 -32.87 16.19 -49.29
CA SER C 183 -32.65 14.74 -49.37
C SER C 183 -32.24 14.33 -50.79
N ALA C 184 -31.37 15.15 -51.38
CA ALA C 184 -30.89 14.95 -52.73
C ALA C 184 -29.70 15.86 -53.02
N TYR C 185 -28.89 15.48 -54.00
CA TYR C 185 -27.78 16.28 -54.46
C TYR C 185 -28.27 17.38 -55.40
N SER C 186 -29.22 17.04 -56.27
CA SER C 186 -29.66 17.98 -57.29
C SER C 186 -30.39 19.15 -56.67
N ALA C 187 -30.13 20.33 -57.24
CA ALA C 187 -30.92 21.50 -56.95
C ALA C 187 -31.30 22.16 -58.29
N LEU C 188 -31.81 21.33 -59.20
CA LEU C 188 -32.29 21.74 -60.53
C LEU C 188 -33.75 21.33 -60.69
N TRP C 189 -34.56 22.20 -61.28
CA TRP C 189 -35.97 21.90 -61.50
C TRP C 189 -36.41 22.45 -62.84
N TRP C 190 -36.63 21.54 -63.79
CA TRP C 190 -37.19 21.91 -65.09
C TRP C 190 -38.65 22.31 -64.94
N SER C 191 -39.13 23.16 -65.85
CA SER C 191 -40.56 23.39 -65.99
C SER C 191 -41.17 22.15 -66.62
N PRO C 192 -42.49 21.93 -66.41
CA PRO C 192 -43.20 20.78 -66.97
C PRO C 192 -42.93 20.48 -68.46
N ASN C 193 -42.79 21.52 -69.29
CA ASN C 193 -42.56 21.33 -70.72
C ASN C 193 -41.09 21.39 -71.11
N GLY C 194 -40.22 21.60 -70.13
CA GLY C 194 -38.78 21.64 -70.38
C GLY C 194 -38.28 22.96 -70.96
N THR C 195 -39.10 24.00 -70.83
CA THR C 195 -38.73 25.33 -71.32
C THR C 195 -37.75 25.99 -70.36
N PHE C 196 -38.13 26.03 -69.09
CA PHE C 196 -37.36 26.70 -68.07
C PHE C 196 -36.56 25.71 -67.24
N LEU C 197 -35.36 26.11 -66.88
CA LEU C 197 -34.55 25.40 -65.91
C LEU C 197 -34.39 26.27 -64.68
N ALA C 198 -35.02 25.88 -63.59
CA ALA C 198 -34.87 26.57 -62.31
C ALA C 198 -33.75 25.92 -61.52
N TYR C 199 -32.99 26.73 -60.80
CA TYR C 199 -31.88 26.21 -60.03
C TYR C 199 -31.55 27.05 -58.83
N ALA C 200 -31.05 26.38 -57.79
CA ALA C 200 -30.59 27.06 -56.60
C ALA C 200 -29.09 27.18 -56.67
N GLN C 201 -28.58 28.22 -56.02
CA GLN C 201 -27.15 28.41 -55.84
C GLN C 201 -26.86 28.57 -54.35
N PHE C 202 -25.93 27.77 -53.84
CA PHE C 202 -25.59 27.81 -52.42
C PHE C 202 -24.21 28.38 -52.31
N ASN C 203 -23.98 29.10 -51.22
CA ASN C 203 -22.70 29.75 -51.00
C ASN C 203 -22.23 29.42 -49.59
N ASP C 204 -21.14 28.66 -49.51
CA ASP C 204 -20.60 28.15 -48.24
C ASP C 204 -19.38 28.94 -47.80
N THR C 205 -19.18 30.13 -48.36
CA THR C 205 -17.91 30.83 -48.19
C THR C 205 -17.47 30.97 -46.73
N GLU C 206 -18.37 31.32 -45.84
CA GLU C 206 -18.00 31.50 -44.44
C GLU C 206 -18.39 30.31 -43.57
N VAL C 207 -18.82 29.22 -44.19
CA VAL C 207 -19.20 28.03 -43.44
C VAL C 207 -17.92 27.36 -42.90
N PRO C 208 -17.87 27.11 -41.57
CA PRO C 208 -16.64 26.48 -41.08
C PRO C 208 -16.53 25.03 -41.55
N LEU C 209 -15.29 24.57 -41.68
CA LEU C 209 -14.96 23.24 -42.17
C LEU C 209 -14.82 22.25 -41.00
N ILE C 210 -15.53 21.14 -41.07
CA ILE C 210 -15.15 19.95 -40.31
C ILE C 210 -13.97 19.31 -41.00
N GLU C 211 -12.95 18.99 -40.22
CA GLU C 211 -11.77 18.35 -40.75
C GLU C 211 -11.63 17.02 -40.05
N TYR C 212 -11.35 15.96 -40.81
CA TYR C 212 -10.99 14.68 -40.20
C TYR C 212 -10.00 13.95 -41.07
N SER C 213 -9.31 12.97 -40.46
CA SER C 213 -8.33 12.17 -41.16
C SER C 213 -9.01 11.13 -42.03
N PHE C 214 -8.45 10.88 -43.20
CA PHE C 214 -8.82 9.74 -44.00
C PHE C 214 -7.53 8.96 -44.28
N TYR C 215 -7.54 7.69 -43.93
CA TYR C 215 -6.32 6.91 -43.85
C TYR C 215 -6.03 6.21 -45.15
N SER C 216 -7.10 5.82 -45.82
CA SER C 216 -7.03 5.25 -47.16
C SER C 216 -6.44 3.86 -47.15
N ASP C 217 -6.11 3.36 -48.34
CA ASP C 217 -5.36 2.12 -48.51
C ASP C 217 -4.03 2.22 -47.73
N GLU C 218 -3.49 1.07 -47.31
CA GLU C 218 -2.27 1.07 -46.52
C GLU C 218 -1.08 1.61 -47.30
N SER C 219 -1.23 1.73 -48.62
CA SER C 219 -0.18 2.31 -49.48
C SER C 219 0.01 3.78 -49.24
N LEU C 220 -1.01 4.46 -48.74
CA LEU C 220 -0.89 5.89 -48.50
C LEU C 220 -0.02 6.15 -47.26
N GLN C 221 1.12 6.80 -47.47
CA GLN C 221 2.09 6.96 -46.40
C GLN C 221 1.65 7.97 -45.34
N TYR C 222 1.08 9.07 -45.78
CA TYR C 222 0.61 10.12 -44.89
C TYR C 222 -0.90 10.21 -45.02
N PRO C 223 -1.64 10.14 -43.89
CA PRO C 223 -3.09 10.25 -44.01
C PRO C 223 -3.51 11.57 -44.62
N LYS C 224 -4.66 11.55 -45.28
CA LYS C 224 -5.23 12.72 -45.90
C LYS C 224 -6.13 13.41 -44.86
N THR C 225 -6.24 14.73 -44.94
CA THR C 225 -7.21 15.48 -44.14
C THR C 225 -8.35 15.88 -45.08
N VAL C 226 -9.55 15.41 -44.78
CA VAL C 226 -10.74 15.74 -45.53
C VAL C 226 -11.32 16.98 -44.86
N ARG C 227 -11.78 17.93 -45.68
CA ARG C 227 -12.28 19.22 -45.20
C ARG C 227 -13.63 19.49 -45.88
N VAL C 228 -14.69 19.59 -45.09
CA VAL C 228 -16.04 19.75 -45.61
C VAL C 228 -16.71 20.95 -44.94
N PRO C 229 -17.22 21.91 -45.75
CA PRO C 229 -18.04 22.95 -45.15
C PRO C 229 -19.30 22.35 -44.50
N TYR C 230 -19.42 22.55 -43.20
CA TYR C 230 -20.44 21.89 -42.41
C TYR C 230 -20.78 22.87 -41.33
N PRO C 231 -22.02 23.35 -41.31
CA PRO C 231 -22.43 24.25 -40.26
C PRO C 231 -22.96 23.46 -39.07
N LYS C 232 -22.25 23.54 -37.95
CA LYS C 232 -22.74 22.98 -36.72
C LYS C 232 -23.71 23.98 -36.04
N ALA C 233 -24.45 23.50 -35.05
CA ALA C 233 -25.50 24.32 -34.45
C ALA C 233 -24.97 25.69 -34.05
N GLY C 234 -25.60 26.74 -34.56
CA GLY C 234 -25.24 28.11 -34.23
C GLY C 234 -24.14 28.72 -35.07
N ALA C 235 -23.50 27.94 -35.94
CA ALA C 235 -22.41 28.46 -36.78
C ALA C 235 -22.96 29.19 -38.01
N VAL C 236 -22.08 29.79 -38.79
CA VAL C 236 -22.50 30.46 -40.03
C VAL C 236 -23.05 29.42 -41.02
N ASN C 237 -24.29 29.63 -41.44
CA ASN C 237 -24.91 28.78 -42.45
C ASN C 237 -24.55 29.18 -43.86
N PRO C 238 -24.74 28.25 -44.81
CA PRO C 238 -24.65 28.63 -46.21
C PRO C 238 -25.76 29.64 -46.55
N THR C 239 -25.57 30.46 -47.57
CA THR C 239 -26.65 31.31 -48.10
C THR C 239 -27.07 30.75 -49.42
N VAL C 240 -28.23 31.21 -49.88
CA VAL C 240 -28.84 30.64 -51.06
C VAL C 240 -29.52 31.70 -51.93
N LYS C 241 -29.44 31.50 -53.23
CA LYS C 241 -30.17 32.28 -54.20
C LYS C 241 -30.90 31.33 -55.13
N PHE C 242 -31.98 31.81 -55.73
CA PHE C 242 -32.77 31.02 -56.66
C PHE C 242 -32.83 31.72 -58.01
N PHE C 243 -32.65 30.94 -59.08
CA PHE C 243 -32.62 31.48 -60.43
C PHE C 243 -33.48 30.64 -61.36
N VAL C 244 -33.90 31.27 -62.47
CA VAL C 244 -34.57 30.55 -63.56
C VAL C 244 -33.99 31.01 -64.87
N VAL C 245 -33.83 30.09 -65.80
CA VAL C 245 -33.32 30.41 -67.14
C VAL C 245 -34.20 29.75 -68.20
N ASN C 246 -34.43 30.48 -69.26
CA ASN C 246 -35.17 30.01 -70.42
C ASN C 246 -34.22 29.22 -71.31
N THR C 247 -34.48 27.94 -71.47
CA THR C 247 -33.62 27.06 -72.25
C THR C 247 -33.97 27.05 -73.74
N ASP C 248 -35.17 27.54 -74.09
CA ASP C 248 -35.59 27.63 -75.49
C ASP C 248 -34.88 28.77 -76.22
N SER C 249 -34.75 29.93 -75.56
CA SER C 249 -34.06 31.09 -76.15
C SER C 249 -32.58 31.11 -75.78
N LEU C 250 -31.94 29.95 -75.77
CA LEU C 250 -30.54 29.86 -75.35
C LEU C 250 -29.64 30.25 -76.51
N SER C 251 -28.73 31.19 -76.28
CA SER C 251 -27.85 31.71 -77.33
C SER C 251 -26.45 31.11 -77.30
N SER C 252 -25.92 30.77 -78.47
CA SER C 252 -24.58 30.19 -78.59
C SER C 252 -23.51 31.28 -78.64
N VAL C 253 -23.92 32.52 -78.92
CA VAL C 253 -22.97 33.63 -79.11
C VAL C 253 -22.81 34.44 -77.82
N THR C 254 -23.86 34.51 -77.00
CA THR C 254 -23.86 35.32 -75.79
C THR C 254 -24.29 34.52 -74.55
N ASN C 255 -23.54 34.67 -73.46
CA ASN C 255 -23.79 33.99 -72.19
C ASN C 255 -25.26 34.03 -71.77
N ALA C 256 -25.78 32.89 -71.32
CA ALA C 256 -27.19 32.76 -70.91
C ALA C 256 -27.57 33.75 -69.81
N THR C 257 -28.86 33.94 -69.64
CA THR C 257 -29.35 34.98 -68.73
C THR C 257 -30.29 34.38 -67.70
N SER C 258 -29.81 34.35 -66.46
CA SER C 258 -30.55 33.73 -65.37
C SER C 258 -31.28 34.79 -64.57
N ILE C 259 -32.59 34.68 -64.48
CA ILE C 259 -33.38 35.60 -63.69
C ILE C 259 -33.47 35.14 -62.25
N GLN C 260 -32.95 35.96 -61.35
CA GLN C 260 -33.08 35.70 -59.93
C GLN C 260 -34.50 35.94 -59.42
N ILE C 261 -34.97 35.03 -58.59
CA ILE C 261 -36.21 35.21 -57.85
C ILE C 261 -35.81 35.38 -56.39
N THR C 262 -35.82 36.61 -55.91
CA THR C 262 -35.38 36.92 -54.55
C THR C 262 -36.34 36.36 -53.53
N ALA C 263 -35.82 36.08 -52.34
CA ALA C 263 -36.66 35.65 -51.23
C ALA C 263 -37.48 36.84 -50.74
N PRO C 264 -38.64 36.57 -50.12
CA PRO C 264 -39.44 37.67 -49.57
C PRO C 264 -38.77 38.36 -48.39
N ALA C 265 -39.25 39.55 -48.06
CA ALA C 265 -38.63 40.41 -47.04
C ALA C 265 -38.57 39.80 -45.64
N SER C 266 -39.62 39.07 -45.25
CA SER C 266 -39.69 38.44 -43.94
C SER C 266 -38.60 37.38 -43.73
N MET C 267 -38.04 36.89 -44.83
CA MET C 267 -36.90 35.96 -44.79
C MET C 267 -35.59 36.71 -44.79
N LEU C 268 -35.47 37.71 -45.66
CA LEU C 268 -34.23 38.47 -45.81
C LEU C 268 -33.86 39.24 -44.55
N ILE C 269 -34.81 39.45 -43.65
CA ILE C 269 -34.53 40.00 -42.32
C ILE C 269 -33.41 39.23 -41.60
N GLY C 270 -33.20 37.95 -41.93
CA GLY C 270 -32.13 37.17 -41.30
C GLY C 270 -31.78 35.88 -42.01
N ASP C 271 -31.22 34.93 -41.27
CA ASP C 271 -30.84 33.65 -41.84
C ASP C 271 -32.08 32.89 -42.21
N HIS C 272 -32.06 32.29 -43.40
CA HIS C 272 -33.22 31.57 -43.92
C HIS C 272 -32.73 30.46 -44.85
N TYR C 273 -33.65 29.59 -45.26
CA TYR C 273 -33.36 28.52 -46.20
C TYR C 273 -34.39 28.52 -47.32
N LEU C 274 -34.00 28.05 -48.50
CA LEU C 274 -34.96 27.62 -49.50
C LEU C 274 -35.31 26.18 -49.16
N CYS C 275 -36.58 25.90 -48.90
CA CYS C 275 -36.97 24.55 -48.45
C CYS C 275 -37.87 23.76 -49.38
N ASP C 276 -38.40 24.40 -50.42
CA ASP C 276 -39.18 23.68 -51.42
C ASP C 276 -39.30 24.46 -52.73
N VAL C 277 -39.23 23.72 -53.83
CA VAL C 277 -39.40 24.26 -55.17
C VAL C 277 -40.39 23.35 -55.88
N THR C 278 -41.50 23.94 -56.37
CA THR C 278 -42.53 23.16 -57.06
C THR C 278 -43.13 23.98 -58.19
N TRP C 279 -42.99 23.48 -59.42
CA TRP C 279 -43.61 24.11 -60.58
C TRP C 279 -45.12 23.88 -60.54
N ALA C 280 -45.88 24.92 -60.91
CA ALA C 280 -47.35 24.83 -60.96
C ALA C 280 -47.81 24.65 -62.41
N THR C 281 -47.34 25.54 -63.28
CA THR C 281 -47.66 25.50 -64.70
C THR C 281 -46.36 25.61 -65.50
N GLN C 282 -46.48 25.96 -66.78
CA GLN C 282 -45.31 26.23 -67.61
C GLN C 282 -44.69 27.56 -67.23
N GLU C 283 -45.51 28.46 -66.68
CA GLU C 283 -45.11 29.84 -66.40
C GLU C 283 -45.38 30.27 -64.97
N ARG C 284 -45.56 29.29 -64.09
CA ARG C 284 -45.83 29.55 -62.68
C ARG C 284 -45.03 28.57 -61.82
N ILE C 285 -44.29 29.10 -60.86
CA ILE C 285 -43.45 28.30 -59.98
C ILE C 285 -43.73 28.70 -58.53
N SER C 286 -43.83 27.71 -57.65
CA SER C 286 -43.95 27.98 -56.22
C SER C 286 -42.62 27.74 -55.52
N LEU C 287 -42.32 28.58 -54.54
CA LEU C 287 -41.11 28.48 -53.74
C LEU C 287 -41.53 28.53 -52.29
N GLN C 288 -40.83 27.82 -51.42
CA GLN C 288 -41.06 27.96 -49.98
C GLN C 288 -39.74 28.20 -49.27
N TRP C 289 -39.78 29.17 -48.36
CA TRP C 289 -38.61 29.61 -47.64
C TRP C 289 -38.87 29.39 -46.18
N LEU C 290 -37.82 29.08 -45.45
CA LEU C 290 -37.92 28.76 -44.04
C LEU C 290 -36.95 29.69 -43.32
N ARG C 291 -37.41 30.30 -42.24
CA ARG C 291 -36.48 31.06 -41.39
C ARG C 291 -35.55 30.08 -40.70
N ARG C 292 -34.38 30.56 -40.29
CA ARG C 292 -33.43 29.69 -39.58
C ARG C 292 -33.99 29.20 -38.26
N ILE C 293 -34.78 30.06 -37.61
CA ILE C 293 -35.69 29.62 -36.56
C ILE C 293 -36.92 29.09 -37.29
N GLN C 294 -37.05 27.76 -37.32
CA GLN C 294 -37.96 27.08 -38.25
C GLN C 294 -39.41 26.90 -37.74
N ASN C 295 -39.96 27.92 -37.07
CA ASN C 295 -41.40 27.97 -36.70
C ASN C 295 -42.17 28.87 -37.67
N TYR C 296 -41.50 29.38 -38.69
CA TYR C 296 -42.08 30.36 -39.62
C TYR C 296 -41.62 30.08 -41.04
N SER C 297 -42.56 29.77 -41.94
CA SER C 297 -42.24 29.60 -43.35
C SER C 297 -43.19 30.42 -44.23
N VAL C 298 -42.72 30.73 -45.44
CA VAL C 298 -43.48 31.51 -46.40
C VAL C 298 -43.40 30.89 -47.80
N MET C 299 -44.53 30.88 -48.50
CA MET C 299 -44.57 30.48 -49.89
C MET C 299 -44.86 31.67 -50.82
N ASP C 300 -43.94 31.92 -51.75
CA ASP C 300 -44.18 32.82 -52.89
C ASP C 300 -44.66 31.97 -54.06
N ILE C 301 -45.60 32.50 -54.82
CA ILE C 301 -45.97 31.95 -56.12
C ILE C 301 -45.62 33.03 -57.15
N CYS C 302 -44.96 32.61 -58.23
CA CYS C 302 -44.26 33.52 -59.12
C CYS C 302 -44.54 33.22 -60.58
N ASP C 303 -44.95 34.27 -61.32
CA ASP C 303 -45.37 34.14 -62.72
C ASP C 303 -44.34 34.73 -63.68
N TYR C 304 -44.10 34.02 -64.78
CA TYR C 304 -43.27 34.53 -65.86
C TYR C 304 -44.01 35.66 -66.56
N ASP C 305 -43.36 36.82 -66.64
CA ASP C 305 -43.88 37.97 -67.36
C ASP C 305 -43.24 37.99 -68.75
N GLU C 306 -44.03 37.72 -69.79
CA GLU C 306 -43.51 37.70 -71.17
C GLU C 306 -42.97 39.05 -71.62
N SER C 307 -43.57 40.14 -71.15
CA SER C 307 -43.12 41.49 -71.52
C SER C 307 -41.82 41.91 -70.84
N SER C 308 -41.56 41.37 -69.64
CA SER C 308 -40.31 41.65 -68.92
C SER C 308 -39.22 40.63 -69.24
N GLY C 309 -39.63 39.39 -69.51
CA GLY C 309 -38.71 38.26 -69.53
C GLY C 309 -38.28 37.92 -68.11
N ARG C 310 -39.12 38.29 -67.14
CA ARG C 310 -38.79 38.19 -65.72
C ARG C 310 -39.83 37.36 -64.98
N TRP C 311 -39.56 37.12 -63.70
CA TRP C 311 -40.50 36.44 -62.81
C TRP C 311 -40.86 37.39 -61.67
N ASN C 312 -42.14 37.54 -61.39
CA ASN C 312 -42.57 38.36 -60.26
C ASN C 312 -43.59 37.61 -59.42
N CYS C 313 -43.47 37.79 -58.10
CA CYS C 313 -44.28 37.07 -57.14
C CYS C 313 -45.12 38.09 -56.39
N LEU C 314 -46.44 37.99 -56.51
CA LEU C 314 -47.35 38.96 -55.90
C LEU C 314 -47.49 38.72 -54.41
N VAL C 315 -47.58 39.81 -53.64
CA VAL C 315 -47.68 39.74 -52.19
C VAL C 315 -49.03 39.14 -51.76
N ALA C 316 -50.07 39.40 -52.54
CA ALA C 316 -51.37 38.80 -52.29
C ALA C 316 -51.33 37.28 -52.48
N ARG C 317 -50.44 36.81 -53.36
CA ARG C 317 -50.28 35.37 -53.61
C ARG C 317 -49.33 34.67 -52.62
N GLN C 318 -48.81 35.42 -51.64
CA GLN C 318 -48.02 34.82 -50.56
C GLN C 318 -48.89 34.03 -49.58
N HIS C 319 -48.25 33.08 -48.90
CA HIS C 319 -48.91 32.27 -47.89
C HIS C 319 -47.93 31.99 -46.76
N ILE C 320 -48.40 32.11 -45.53
CA ILE C 320 -47.57 31.87 -44.37
C ILE C 320 -48.01 30.59 -43.70
N GLU C 321 -47.05 29.70 -43.47
CA GLU C 321 -47.24 28.51 -42.65
C GLU C 321 -46.33 28.65 -41.44
N MET C 322 -46.91 28.76 -40.27
CA MET C 322 -46.15 28.85 -39.04
C MET C 322 -46.64 27.84 -38.03
N SER C 323 -45.95 27.77 -36.90
CA SER C 323 -46.31 26.88 -35.79
C SER C 323 -45.92 27.57 -34.51
N THR C 324 -46.83 27.56 -33.53
CA THR C 324 -46.57 28.15 -32.22
C THR C 324 -46.13 27.08 -31.22
N THR C 325 -46.32 25.82 -31.56
CA THR C 325 -45.98 24.70 -30.66
C THR C 325 -44.63 24.05 -31.00
N GLY C 326 -44.17 24.22 -32.23
CA GLY C 326 -42.90 23.68 -32.63
C GLY C 326 -42.37 24.25 -33.92
N TRP C 327 -41.91 23.35 -34.77
CA TRP C 327 -41.32 23.70 -36.07
C TRP C 327 -42.41 23.47 -37.10
N VAL C 328 -42.09 23.68 -38.36
CA VAL C 328 -43.08 23.52 -39.41
C VAL C 328 -42.76 22.34 -40.33
N GLY C 329 -43.78 21.53 -40.56
CA GLY C 329 -43.67 20.32 -41.34
C GLY C 329 -43.13 19.21 -40.49
N ARG C 330 -43.11 18.00 -41.03
CA ARG C 330 -42.51 16.87 -40.31
C ARG C 330 -41.00 17.10 -40.20
N PHE C 331 -40.31 17.21 -41.33
CA PHE C 331 -38.92 17.63 -41.37
C PHE C 331 -38.74 18.95 -42.14
N ARG C 332 -39.74 19.32 -42.93
CA ARG C 332 -39.79 20.60 -43.63
C ARG C 332 -41.22 20.83 -44.11
N PRO C 333 -41.57 22.07 -44.44
CA PRO C 333 -42.89 22.33 -45.00
C PRO C 333 -43.21 21.37 -46.15
N SER C 334 -44.45 20.90 -46.18
CA SER C 334 -44.90 19.95 -47.19
C SER C 334 -44.92 20.59 -48.59
N GLU C 335 -44.79 19.76 -49.62
CA GLU C 335 -44.85 20.25 -50.99
C GLU C 335 -46.30 20.44 -51.42
N PRO C 336 -46.58 21.44 -52.28
CA PRO C 336 -47.92 21.65 -52.78
C PRO C 336 -48.17 20.87 -54.07
N HIS C 337 -49.43 20.53 -54.29
CA HIS C 337 -49.86 19.84 -55.51
C HIS C 337 -50.89 20.69 -56.23
N PHE C 338 -50.50 21.22 -57.39
CA PHE C 338 -51.31 22.19 -58.11
C PHE C 338 -52.30 21.53 -59.07
N THR C 339 -53.48 22.13 -59.17
CA THR C 339 -54.47 21.77 -60.18
C THR C 339 -53.95 22.18 -61.56
N LEU C 340 -54.49 21.56 -62.61
CA LEU C 340 -53.98 21.74 -63.96
C LEU C 340 -53.90 23.21 -64.42
N ASP C 341 -54.87 24.04 -64.01
CA ASP C 341 -54.84 25.46 -64.37
C ASP C 341 -53.77 26.24 -63.61
N GLY C 342 -53.40 25.75 -62.43
CA GLY C 342 -52.36 26.36 -61.60
C GLY C 342 -52.88 27.39 -60.61
N ASN C 343 -54.19 27.59 -60.57
CA ASN C 343 -54.77 28.61 -59.69
C ASN C 343 -55.14 28.05 -58.31
N SER C 344 -54.95 26.76 -58.12
CA SER C 344 -55.34 26.12 -56.86
C SER C 344 -54.37 24.98 -56.52
N PHE C 345 -54.17 24.73 -55.24
CA PHE C 345 -53.29 23.64 -54.82
C PHE C 345 -53.67 23.01 -53.48
N TYR C 346 -53.40 21.71 -53.37
CA TYR C 346 -53.62 20.97 -52.14
C TYR C 346 -52.25 20.73 -51.49
N LYS C 347 -52.18 20.87 -50.18
CA LYS C 347 -50.96 20.54 -49.46
C LYS C 347 -51.23 20.25 -47.98
N ILE C 348 -50.38 19.40 -47.41
CA ILE C 348 -50.58 18.88 -46.06
C ILE C 348 -50.05 19.88 -45.05
N ILE C 349 -50.88 20.18 -44.04
CA ILE C 349 -50.51 21.10 -42.96
C ILE C 349 -51.15 20.66 -41.66
N SER C 350 -50.56 21.07 -40.55
CA SER C 350 -51.09 20.75 -39.23
C SER C 350 -52.34 21.56 -38.95
N ASN C 351 -53.45 20.89 -38.64
CA ASN C 351 -54.70 21.59 -38.39
C ASN C 351 -54.81 22.14 -36.97
N GLU C 352 -55.95 22.74 -36.66
CA GLU C 352 -56.19 23.41 -35.38
C GLU C 352 -55.93 22.51 -34.16
N GLU C 353 -56.19 21.21 -34.31
CA GLU C 353 -55.96 20.25 -33.22
C GLU C 353 -54.68 19.42 -33.43
N GLY C 354 -53.74 19.98 -34.19
CA GLY C 354 -52.40 19.43 -34.31
C GLY C 354 -52.22 18.19 -35.18
N TYR C 355 -53.21 17.87 -36.01
CA TYR C 355 -53.12 16.71 -36.90
C TYR C 355 -52.90 17.17 -38.33
N ARG C 356 -52.10 16.40 -39.07
CA ARG C 356 -51.68 16.79 -40.42
C ARG C 356 -52.64 16.26 -41.47
N HIS C 357 -53.31 17.19 -42.14
CA HIS C 357 -54.36 16.88 -43.10
C HIS C 357 -54.22 17.76 -44.33
N ILE C 358 -54.96 17.39 -45.37
CA ILE C 358 -54.92 18.11 -46.63
C ILE C 358 -55.83 19.35 -46.55
N CYS C 359 -55.21 20.52 -46.69
CA CYS C 359 -55.92 21.78 -46.84
C CYS C 359 -55.94 22.14 -48.32
N TYR C 360 -56.98 22.85 -48.74
CA TYR C 360 -57.17 23.26 -50.13
C TYR C 360 -57.02 24.77 -50.24
N PHE C 361 -56.12 25.21 -51.11
CA PHE C 361 -55.71 26.62 -51.18
C PHE C 361 -56.16 27.27 -52.47
N GLN C 362 -56.73 28.47 -52.33
CA GLN C 362 -56.89 29.37 -53.45
C GLN C 362 -55.67 30.27 -53.39
N ILE C 363 -55.10 30.54 -54.56
CA ILE C 363 -53.85 31.31 -54.64
C ILE C 363 -53.99 32.69 -54.01
N ASP C 364 -55.18 33.28 -54.10
CA ASP C 364 -55.40 34.67 -53.72
C ASP C 364 -55.68 34.90 -52.24
N LYS C 365 -56.21 33.90 -51.53
CA LYS C 365 -56.59 34.08 -50.11
C LYS C 365 -55.89 33.10 -49.17
N LYS C 366 -55.62 33.59 -47.94
CA LYS C 366 -54.82 32.85 -46.97
C LYS C 366 -55.57 31.70 -46.32
N ASP C 367 -56.78 31.99 -45.85
CA ASP C 367 -57.61 30.96 -45.24
C ASP C 367 -57.85 29.83 -46.24
N CYS C 368 -57.30 28.66 -45.94
CA CYS C 368 -57.57 27.47 -46.74
C CYS C 368 -58.67 26.67 -46.06
N THR C 369 -59.07 25.58 -46.68
CA THR C 369 -60.14 24.72 -46.17
C THR C 369 -59.74 23.23 -46.15
N PHE C 370 -59.85 22.61 -44.98
CA PHE C 370 -59.42 21.22 -44.78
C PHE C 370 -60.39 20.23 -45.43
N ILE C 371 -59.85 19.38 -46.28
CA ILE C 371 -60.66 18.39 -47.00
C ILE C 371 -60.56 17.00 -46.35
N THR C 372 -59.68 16.86 -45.37
CA THR C 372 -59.67 15.70 -44.48
C THR C 372 -59.54 16.20 -43.04
N LYS C 373 -60.03 15.37 -42.11
CA LYS C 373 -59.90 15.65 -40.68
C LYS C 373 -59.95 14.33 -39.91
N GLY C 374 -59.66 14.38 -38.61
CA GLY C 374 -59.71 13.19 -37.75
C GLY C 374 -58.43 12.94 -36.95
N THR C 375 -58.51 12.03 -35.98
CA THR C 375 -57.36 11.71 -35.13
C THR C 375 -56.41 10.74 -35.85
N TRP C 376 -55.79 11.25 -36.90
CA TRP C 376 -54.83 10.50 -37.69
C TRP C 376 -54.22 11.48 -38.70
N GLU C 377 -53.24 11.03 -39.48
CA GLU C 377 -52.54 11.93 -40.39
C GLU C 377 -52.44 11.44 -41.83
N VAL C 378 -52.52 12.38 -42.74
CA VAL C 378 -52.19 12.14 -44.14
C VAL C 378 -50.66 12.10 -44.22
N ILE C 379 -50.13 11.04 -44.81
CA ILE C 379 -48.69 10.88 -44.90
C ILE C 379 -48.16 11.64 -46.10
N GLY C 380 -48.82 11.47 -47.23
CA GLY C 380 -48.42 12.14 -48.46
C GLY C 380 -49.50 12.14 -49.52
N ILE C 381 -49.49 13.20 -50.33
CA ILE C 381 -50.37 13.32 -51.48
C ILE C 381 -49.67 12.68 -52.67
N GLU C 382 -50.29 11.67 -53.25
CA GLU C 382 -49.59 10.80 -54.22
C GLU C 382 -49.99 11.05 -55.66
N ALA C 383 -51.20 11.55 -55.89
CA ALA C 383 -51.63 11.90 -57.24
C ALA C 383 -52.79 12.87 -57.19
N LEU C 384 -52.97 13.59 -58.29
CA LEU C 384 -54.08 14.52 -58.46
C LEU C 384 -54.52 14.51 -59.92
N THR C 385 -55.78 14.13 -60.14
CA THR C 385 -56.43 14.27 -61.44
C THR C 385 -57.48 15.35 -61.31
N SER C 386 -58.14 15.69 -62.41
CA SER C 386 -59.15 16.74 -62.39
C SER C 386 -60.40 16.40 -61.57
N ASP C 387 -60.54 15.15 -61.14
CA ASP C 387 -61.70 14.70 -60.34
C ASP C 387 -61.32 14.15 -58.96
N TYR C 388 -60.14 13.54 -58.86
CA TYR C 388 -59.73 12.84 -57.64
C TYR C 388 -58.34 13.28 -57.14
N LEU C 389 -58.18 13.16 -55.82
CA LEU C 389 -56.91 13.35 -55.13
C LEU C 389 -56.62 12.04 -54.42
N TYR C 390 -55.52 11.40 -54.79
CA TYR C 390 -55.11 10.15 -54.16
C TYR C 390 -54.06 10.47 -53.10
N TYR C 391 -54.20 9.88 -51.92
CA TYR C 391 -53.28 10.15 -50.82
C TYR C 391 -53.07 8.92 -49.95
N ILE C 392 -51.96 8.91 -49.20
CA ILE C 392 -51.68 7.83 -48.27
C ILE C 392 -51.88 8.36 -46.86
N SER C 393 -52.44 7.52 -46.01
CA SER C 393 -52.71 7.89 -44.62
C SER C 393 -52.66 6.69 -43.69
N ASN C 394 -52.74 6.98 -42.39
CA ASN C 394 -52.72 5.95 -41.37
C ASN C 394 -54.05 5.89 -40.60
N GLU C 395 -55.15 6.26 -41.26
CA GLU C 395 -56.49 6.20 -40.66
C GLU C 395 -56.88 4.77 -40.29
N TYR C 396 -56.71 3.85 -41.24
CA TYR C 396 -57.22 2.49 -41.10
C TYR C 396 -56.94 1.86 -39.73
N LYS C 397 -58.04 1.49 -39.06
CA LYS C 397 -58.03 0.83 -37.75
C LYS C 397 -57.32 1.64 -36.67
N GLY C 398 -57.22 2.95 -36.86
CA GLY C 398 -56.50 3.83 -35.96
C GLY C 398 -55.08 3.36 -35.67
N MET C 399 -54.41 2.82 -36.68
CA MET C 399 -53.04 2.33 -36.54
C MET C 399 -52.07 3.35 -37.16
N PRO C 400 -51.38 4.15 -36.33
CA PRO C 400 -50.48 5.18 -36.86
C PRO C 400 -49.30 4.62 -37.64
N GLY C 401 -48.94 3.36 -37.38
CA GLY C 401 -47.90 2.66 -38.12
C GLY C 401 -48.37 1.83 -39.31
N GLY C 402 -49.62 2.04 -39.72
CA GLY C 402 -50.14 1.44 -40.96
C GLY C 402 -50.20 2.50 -42.05
N ARG C 403 -50.16 2.06 -43.30
CA ARG C 403 -50.25 2.95 -44.44
C ARG C 403 -51.22 2.35 -45.45
N ASN C 404 -52.17 3.15 -45.91
CA ASN C 404 -53.08 2.75 -46.97
C ASN C 404 -53.34 3.86 -47.95
N LEU C 405 -53.71 3.50 -49.17
CA LEU C 405 -54.02 4.45 -50.24
C LEU C 405 -55.49 4.82 -50.22
N TYR C 406 -55.77 6.12 -50.12
CA TYR C 406 -57.13 6.63 -50.16
C TYR C 406 -57.32 7.52 -51.37
N LYS C 407 -58.57 7.56 -51.85
CA LYS C 407 -58.97 8.34 -53.02
C LYS C 407 -60.15 9.19 -52.57
N ILE C 408 -60.00 10.51 -52.66
CA ILE C 408 -61.04 11.43 -52.22
C ILE C 408 -61.59 12.22 -53.42
N GLN C 409 -62.91 12.23 -53.55
CA GLN C 409 -63.61 12.94 -54.62
C GLN C 409 -63.60 14.44 -54.36
N LEU C 410 -63.19 15.21 -55.36
CA LEU C 410 -63.01 16.66 -55.19
C LEU C 410 -64.32 17.43 -55.16
N SER C 411 -65.29 17.01 -55.97
CA SER C 411 -66.59 17.67 -56.01
C SER C 411 -67.41 17.42 -54.73
N ASP C 412 -67.08 16.36 -54.00
CA ASP C 412 -67.75 16.04 -52.73
C ASP C 412 -66.75 15.40 -51.75
N TYR C 413 -66.28 16.20 -50.80
CA TYR C 413 -65.21 15.79 -49.87
C TYR C 413 -65.59 14.67 -48.89
N THR C 414 -66.88 14.40 -48.72
CA THR C 414 -67.33 13.30 -47.86
C THR C 414 -67.13 11.92 -48.51
N LYS C 415 -66.93 11.88 -49.84
CA LYS C 415 -66.81 10.62 -50.55
C LYS C 415 -65.36 10.19 -50.72
N VAL C 416 -64.88 9.42 -49.75
CA VAL C 416 -63.50 8.93 -49.74
C VAL C 416 -63.50 7.41 -49.80
N THR C 417 -62.71 6.85 -50.71
CA THR C 417 -62.59 5.40 -50.83
C THR C 417 -61.16 4.95 -50.48
N CYS C 418 -61.03 3.96 -49.60
CA CYS C 418 -59.74 3.31 -49.38
C CYS C 418 -59.53 2.27 -50.47
N LEU C 419 -58.45 2.41 -51.22
CA LEU C 419 -58.19 1.56 -52.36
C LEU C 419 -57.40 0.32 -52.02
N SER C 420 -56.80 0.31 -50.82
CA SER C 420 -55.87 -0.75 -50.44
C SER C 420 -56.22 -1.46 -49.13
N CYS C 421 -56.97 -0.80 -48.24
CA CYS C 421 -57.28 -1.34 -46.92
C CYS C 421 -57.72 -2.81 -46.93
N GLU C 422 -58.57 -3.17 -47.89
CA GLU C 422 -59.25 -4.47 -47.86
C GLU C 422 -58.68 -5.52 -48.83
N LEU C 423 -57.66 -5.14 -49.59
CA LEU C 423 -57.06 -6.02 -50.60
C LEU C 423 -56.54 -7.34 -50.02
N ASN C 424 -55.85 -7.26 -48.89
CA ASN C 424 -55.46 -8.44 -48.13
C ASN C 424 -55.16 -8.03 -46.69
N PRO C 425 -56.21 -7.95 -45.85
CA PRO C 425 -56.12 -7.38 -44.50
C PRO C 425 -55.01 -7.97 -43.61
N GLU C 426 -54.82 -9.29 -43.66
CA GLU C 426 -53.87 -9.97 -42.77
C GLU C 426 -52.42 -9.78 -43.21
N ARG C 427 -52.21 -9.72 -44.52
CA ARG C 427 -50.87 -9.64 -45.10
C ARG C 427 -50.39 -8.21 -45.32
N CYS C 428 -51.32 -7.29 -45.55
CA CYS C 428 -50.99 -5.97 -46.09
C CYS C 428 -51.61 -4.80 -45.35
N GLN C 429 -50.81 -4.15 -44.52
CA GLN C 429 -51.22 -2.93 -43.83
C GLN C 429 -50.23 -1.78 -44.03
N TYR C 430 -49.30 -1.94 -44.98
CA TYR C 430 -48.31 -0.90 -45.24
C TYR C 430 -48.08 -0.76 -46.74
N TYR C 431 -48.77 0.20 -47.33
CA TYR C 431 -48.77 0.40 -48.77
C TYR C 431 -48.08 1.68 -49.16
N SER C 432 -47.32 1.60 -50.26
CA SER C 432 -46.90 2.78 -51.01
C SER C 432 -47.36 2.57 -52.47
N VAL C 433 -47.31 3.61 -53.27
CA VAL C 433 -47.95 3.57 -54.58
C VAL C 433 -47.14 4.28 -55.65
N SER C 434 -47.14 3.73 -56.86
CA SER C 434 -46.52 4.37 -58.01
C SER C 434 -47.54 4.55 -59.12
N PHE C 435 -48.01 5.79 -59.32
CA PHE C 435 -49.00 6.08 -60.35
C PHE C 435 -48.38 6.21 -61.75
N SER C 436 -49.15 5.78 -62.75
CA SER C 436 -48.78 5.98 -64.15
C SER C 436 -48.77 7.46 -64.46
N LYS C 437 -48.12 7.82 -65.57
CA LYS C 437 -47.78 9.21 -65.84
C LYS C 437 -48.97 10.19 -65.75
N GLU C 438 -50.20 9.70 -65.97
CA GLU C 438 -51.40 10.52 -65.77
C GLU C 438 -52.48 9.81 -64.93
N ALA C 439 -52.05 8.88 -64.08
CA ALA C 439 -52.87 8.31 -63.01
C ALA C 439 -53.99 7.35 -63.43
N LYS C 440 -53.90 6.77 -64.63
CA LYS C 440 -54.89 5.78 -65.07
C LYS C 440 -54.57 4.40 -64.51
N TYR C 441 -53.29 4.16 -64.22
CA TYR C 441 -52.84 2.92 -63.60
C TYR C 441 -51.92 3.22 -62.42
N TYR C 442 -52.00 2.40 -61.38
CA TYR C 442 -51.09 2.52 -60.24
C TYR C 442 -50.63 1.17 -59.73
N GLN C 443 -49.33 1.10 -59.42
CA GLN C 443 -48.74 -0.06 -58.74
C GLN C 443 -48.88 0.13 -57.22
N LEU C 444 -49.32 -0.92 -56.53
CA LEU C 444 -49.29 -0.90 -55.07
C LEU C 444 -48.13 -1.76 -54.60
N ARG C 445 -47.36 -1.23 -53.66
CA ARG C 445 -46.32 -1.99 -52.98
C ARG C 445 -46.73 -2.18 -51.52
N CYS C 446 -46.87 -3.43 -51.12
CA CYS C 446 -47.25 -3.79 -49.78
C CYS C 446 -45.99 -4.23 -49.07
N SER C 447 -45.65 -3.55 -47.97
CA SER C 447 -44.39 -3.82 -47.23
C SER C 447 -44.57 -4.68 -45.98
N GLY C 448 -45.80 -5.10 -45.70
CA GLY C 448 -46.09 -5.97 -44.56
C GLY C 448 -47.47 -5.74 -43.99
N PRO C 449 -47.80 -6.45 -42.90
CA PRO C 449 -46.92 -7.28 -42.07
C PRO C 449 -46.44 -8.59 -42.69
N GLY C 450 -47.11 -9.07 -43.73
CA GLY C 450 -46.65 -10.29 -44.38
C GLY C 450 -45.54 -10.02 -45.39
N LEU C 451 -45.16 -11.07 -46.11
CA LEU C 451 -44.21 -10.93 -47.21
C LEU C 451 -44.67 -9.84 -48.18
N PRO C 452 -43.74 -8.97 -48.61
CA PRO C 452 -44.19 -7.89 -49.48
C PRO C 452 -44.84 -8.37 -50.76
N LEU C 453 -45.77 -7.57 -51.26
CA LEU C 453 -46.60 -7.94 -52.39
C LEU C 453 -46.76 -6.74 -53.29
N TYR C 454 -46.49 -6.95 -54.57
CA TYR C 454 -46.55 -5.89 -55.57
C TYR C 454 -47.67 -6.21 -56.57
N THR C 455 -48.61 -5.27 -56.70
CA THR C 455 -49.77 -5.45 -57.57
C THR C 455 -49.98 -4.24 -58.48
N LEU C 456 -50.58 -4.47 -59.64
CA LEU C 456 -50.87 -3.44 -60.63
C LEU C 456 -52.37 -3.20 -60.66
N HIS C 457 -52.79 -1.95 -60.68
CA HIS C 457 -54.22 -1.60 -60.63
C HIS C 457 -54.59 -0.53 -61.66
N SER C 458 -55.79 -0.65 -62.23
CA SER C 458 -56.37 0.41 -63.05
C SER C 458 -57.25 1.28 -62.16
N SER C 459 -57.07 2.59 -62.24
CA SER C 459 -57.81 3.52 -61.39
C SER C 459 -59.17 3.86 -61.97
N VAL C 460 -59.42 3.46 -63.22
CA VAL C 460 -60.73 3.63 -63.85
C VAL C 460 -61.85 3.00 -63.03
N ASN C 461 -61.65 1.77 -62.56
CA ASN C 461 -62.59 1.09 -61.68
C ASN C 461 -61.92 0.53 -60.42
N ASP C 462 -60.68 0.95 -60.17
CA ASP C 462 -59.89 0.50 -59.02
C ASP C 462 -59.92 -1.02 -58.90
N LYS C 463 -59.62 -1.68 -60.02
CA LYS C 463 -59.64 -3.14 -60.12
C LYS C 463 -58.23 -3.64 -60.41
N GLY C 464 -57.82 -4.67 -59.66
CA GLY C 464 -56.48 -5.24 -59.78
C GLY C 464 -56.25 -6.01 -61.07
N LEU C 465 -55.27 -5.56 -61.86
CA LEU C 465 -54.90 -6.25 -63.09
C LEU C 465 -54.14 -7.54 -62.79
N ARG C 466 -52.98 -7.43 -62.12
CA ARG C 466 -52.18 -8.63 -61.85
C ARG C 466 -51.24 -8.58 -60.64
N VAL C 467 -50.75 -9.75 -60.28
CA VAL C 467 -49.73 -9.90 -59.25
C VAL C 467 -48.37 -9.79 -59.93
N LEU C 468 -47.63 -8.74 -59.57
CA LEU C 468 -46.31 -8.51 -60.12
C LEU C 468 -45.24 -9.33 -59.41
N GLU C 469 -45.24 -9.28 -58.07
CA GLU C 469 -44.34 -10.11 -57.27
C GLU C 469 -44.99 -10.38 -55.92
N ASP C 470 -45.08 -11.67 -55.57
CA ASP C 470 -45.74 -12.10 -54.34
C ASP C 470 -44.78 -12.72 -53.35
N ASN C 471 -43.48 -12.65 -53.65
CA ASN C 471 -42.43 -13.28 -52.85
C ASN C 471 -42.67 -14.76 -52.50
N SER C 472 -43.27 -15.50 -53.43
CA SER C 472 -43.57 -16.93 -53.19
C SER C 472 -42.29 -17.74 -53.01
N ALA C 473 -41.23 -17.37 -53.72
CA ALA C 473 -39.91 -18.02 -53.57
C ALA C 473 -39.36 -17.92 -52.15
N LEU C 474 -39.39 -16.70 -51.60
CA LEU C 474 -38.96 -16.47 -50.22
C LEU C 474 -39.89 -17.17 -49.21
N ASP C 475 -41.17 -17.20 -49.53
CA ASP C 475 -42.16 -17.88 -48.70
C ASP C 475 -41.82 -19.35 -48.57
N LYS C 476 -41.46 -19.99 -49.67
CA LYS C 476 -41.16 -21.42 -49.67
C LYS C 476 -39.97 -21.72 -48.77
N MET C 477 -38.85 -21.02 -48.99
CA MET C 477 -37.63 -21.33 -48.22
C MET C 477 -37.71 -20.93 -46.74
N LEU C 478 -38.60 -20.00 -46.39
CA LEU C 478 -38.85 -19.64 -44.98
C LEU C 478 -39.70 -20.66 -44.20
N GLN C 479 -40.35 -21.57 -44.91
CA GLN C 479 -41.11 -22.64 -44.25
C GLN C 479 -40.15 -23.62 -43.55
N ASN C 480 -38.91 -23.67 -44.03
CA ASN C 480 -37.87 -24.48 -43.42
C ASN C 480 -37.23 -23.80 -42.19
N VAL C 481 -37.70 -22.61 -41.83
CA VAL C 481 -37.02 -21.77 -40.83
C VAL C 481 -37.96 -21.34 -39.71
N GLN C 482 -37.44 -21.35 -38.49
CA GLN C 482 -38.19 -20.90 -37.31
C GLN C 482 -38.12 -19.40 -37.18
N MET C 483 -39.05 -18.72 -37.83
CA MET C 483 -39.05 -17.27 -37.89
C MET C 483 -39.70 -16.65 -36.67
N PRO C 484 -39.24 -15.45 -36.28
CA PRO C 484 -39.83 -14.77 -35.15
C PRO C 484 -41.18 -14.19 -35.55
N SER C 485 -41.97 -13.79 -34.55
CA SER C 485 -43.25 -13.13 -34.78
C SER C 485 -43.13 -11.64 -34.44
N LYS C 486 -44.06 -10.86 -34.96
CA LYS C 486 -44.11 -9.46 -34.62
C LYS C 486 -45.42 -9.14 -33.93
N LYS C 487 -45.33 -8.46 -32.79
CA LYS C 487 -46.47 -7.94 -32.10
C LYS C 487 -46.43 -6.42 -32.25
N LEU C 488 -47.51 -5.83 -32.75
CA LEU C 488 -47.64 -4.38 -32.85
C LEU C 488 -48.83 -4.00 -31.99
N ASP C 489 -48.63 -3.11 -31.02
CA ASP C 489 -49.71 -2.74 -30.12
C ASP C 489 -49.41 -1.41 -29.43
N PHE C 490 -50.29 -1.01 -28.52
CA PHE C 490 -50.06 0.20 -27.76
C PHE C 490 -50.15 -0.07 -26.26
N ILE C 491 -49.68 0.89 -25.49
CA ILE C 491 -49.95 0.97 -24.07
C ILE C 491 -50.52 2.36 -23.82
N ILE C 492 -51.28 2.51 -22.75
CA ILE C 492 -51.83 3.81 -22.39
C ILE C 492 -50.92 4.43 -21.33
N LEU C 493 -50.59 5.70 -21.52
CA LEU C 493 -49.75 6.46 -20.62
C LEU C 493 -50.36 7.85 -20.54
N ASN C 494 -50.85 8.22 -19.35
CA ASN C 494 -51.50 9.51 -19.15
C ASN C 494 -52.55 9.75 -20.24
N GLU C 495 -53.43 8.76 -20.40
CA GLU C 495 -54.58 8.83 -21.33
C GLU C 495 -54.17 9.06 -22.78
N THR C 496 -52.97 8.60 -23.13
CA THR C 496 -52.48 8.71 -24.51
C THR C 496 -52.00 7.33 -24.95
N LYS C 497 -52.26 6.98 -26.21
CA LYS C 497 -51.73 5.74 -26.78
C LYS C 497 -50.31 5.94 -27.31
N PHE C 498 -49.40 5.12 -26.80
CA PHE C 498 -48.05 5.05 -27.34
C PHE C 498 -47.80 3.64 -27.86
N TRP C 499 -47.47 3.56 -29.14
CA TRP C 499 -47.35 2.30 -29.81
C TRP C 499 -45.95 1.73 -29.70
N TYR C 500 -45.90 0.40 -29.72
CA TYR C 500 -44.67 -0.35 -29.64
C TYR C 500 -44.74 -1.54 -30.56
N GLN C 501 -43.59 -2.10 -30.89
CA GLN C 501 -43.55 -3.38 -31.56
C GLN C 501 -42.56 -4.30 -30.89
N MET C 502 -42.76 -5.59 -31.07
CA MET C 502 -41.89 -6.58 -30.49
C MET C 502 -41.64 -7.67 -31.50
N ILE C 503 -40.36 -7.90 -31.77
CA ILE C 503 -39.97 -9.05 -32.52
C ILE C 503 -39.83 -10.15 -31.46
N LEU C 504 -40.65 -11.19 -31.59
CA LEU C 504 -40.75 -12.25 -30.59
C LEU C 504 -40.16 -13.56 -31.11
N PRO C 505 -39.25 -14.18 -30.35
CA PRO C 505 -38.68 -15.47 -30.73
C PRO C 505 -39.73 -16.51 -31.18
N PRO C 506 -39.34 -17.46 -32.04
CA PRO C 506 -40.30 -18.48 -32.42
C PRO C 506 -40.73 -19.29 -31.19
N HIS C 507 -41.92 -19.89 -31.24
CA HIS C 507 -42.46 -20.65 -30.11
C HIS C 507 -42.51 -19.77 -28.86
N PHE C 508 -42.89 -18.50 -29.05
CA PHE C 508 -42.94 -17.56 -27.96
C PHE C 508 -43.81 -18.07 -26.81
N ASP C 509 -43.24 -18.18 -25.63
CA ASP C 509 -43.91 -18.75 -24.48
C ASP C 509 -43.86 -17.73 -23.37
N LYS C 510 -44.98 -17.04 -23.12
CA LYS C 510 -44.93 -15.91 -22.19
C LYS C 510 -44.93 -16.29 -20.69
N SER C 511 -44.84 -17.58 -20.39
CA SER C 511 -44.53 -18.00 -19.01
C SER C 511 -43.03 -18.21 -18.83
N LYS C 512 -42.24 -17.87 -19.85
CA LYS C 512 -40.79 -17.79 -19.74
C LYS C 512 -40.36 -16.34 -19.63
N LYS C 513 -39.19 -16.11 -19.06
CA LYS C 513 -38.63 -14.78 -18.96
C LYS C 513 -37.53 -14.60 -20.04
N TYR C 514 -37.80 -13.74 -21.00
CA TYR C 514 -36.88 -13.52 -22.12
C TYR C 514 -36.00 -12.27 -21.92
N PRO C 515 -34.71 -12.34 -22.31
CA PRO C 515 -33.95 -11.10 -22.38
C PRO C 515 -34.51 -10.19 -23.47
N LEU C 516 -34.46 -8.90 -23.23
CA LEU C 516 -35.05 -7.92 -24.13
C LEU C 516 -34.03 -6.87 -24.53
N LEU C 517 -34.02 -6.56 -25.83
CA LEU C 517 -33.19 -5.50 -26.41
C LEU C 517 -34.16 -4.46 -26.95
N LEU C 518 -34.05 -3.25 -26.42
CA LEU C 518 -34.81 -2.10 -26.89
C LEU C 518 -34.02 -1.47 -28.04
N ASP C 519 -34.66 -1.44 -29.21
CA ASP C 519 -34.08 -0.90 -30.42
C ASP C 519 -34.69 0.47 -30.62
N VAL C 520 -33.85 1.51 -30.59
CA VAL C 520 -34.35 2.88 -30.46
C VAL C 520 -33.86 3.82 -31.57
N TYR C 521 -34.77 4.67 -31.98
CA TYR C 521 -34.47 5.83 -32.80
C TYR C 521 -34.91 7.00 -31.91
N ALA C 522 -36.22 7.21 -31.81
CA ALA C 522 -36.80 8.17 -30.84
C ALA C 522 -36.51 9.64 -31.18
N GLY C 523 -36.07 9.89 -32.40
CA GLY C 523 -35.87 11.25 -32.86
C GLY C 523 -37.20 11.86 -33.22
N PRO C 524 -37.21 13.17 -33.42
CA PRO C 524 -38.41 13.84 -33.86
C PRO C 524 -38.97 13.22 -35.12
N CYS C 525 -40.24 12.83 -35.03
CA CYS C 525 -41.02 12.25 -36.11
C CYS C 525 -40.58 10.83 -36.50
N SER C 526 -39.82 10.19 -35.63
CA SER C 526 -39.47 8.80 -35.81
C SER C 526 -40.70 7.93 -35.63
N GLN C 527 -40.72 6.82 -36.36
CA GLN C 527 -41.65 5.76 -36.11
C GLN C 527 -40.94 4.43 -36.22
N LYS C 528 -40.82 3.76 -35.07
CA LYS C 528 -40.18 2.45 -35.02
C LYS C 528 -41.15 1.31 -34.77
N ALA C 529 -42.42 1.63 -34.51
CA ALA C 529 -43.48 0.61 -34.42
C ALA C 529 -44.34 0.72 -35.65
N ASP C 530 -44.30 -0.29 -36.50
CA ASP C 530 -45.11 -0.28 -37.72
C ASP C 530 -45.39 -1.68 -38.25
N THR C 531 -46.10 -1.73 -39.37
CA THR C 531 -46.53 -2.99 -39.96
C THR C 531 -45.56 -3.51 -41.02
N VAL C 532 -44.36 -2.96 -41.10
CA VAL C 532 -43.40 -3.40 -42.12
C VAL C 532 -42.74 -4.74 -41.75
N PHE C 533 -42.70 -5.65 -42.72
CA PHE C 533 -41.92 -6.87 -42.60
C PHE C 533 -40.44 -6.60 -42.92
N ARG C 534 -39.58 -7.03 -42.01
CA ARG C 534 -38.15 -6.79 -42.08
C ARG C 534 -37.38 -8.07 -41.78
N LEU C 535 -36.34 -8.30 -42.57
CA LEU C 535 -35.33 -9.30 -42.28
C LEU C 535 -34.06 -8.55 -41.93
N ASN C 536 -33.69 -8.58 -40.66
CA ASN C 536 -32.60 -7.75 -40.18
C ASN C 536 -31.98 -8.34 -38.90
N TRP C 537 -31.12 -7.57 -38.25
CA TRP C 537 -30.37 -8.08 -37.13
C TRP C 537 -31.31 -8.60 -36.04
N ALA C 538 -32.41 -7.88 -35.79
CA ALA C 538 -33.39 -8.30 -34.79
C ALA C 538 -33.97 -9.66 -35.13
N THR C 539 -34.12 -9.96 -36.42
CA THR C 539 -34.68 -11.25 -36.82
C THR C 539 -33.81 -12.36 -36.30
N TYR C 540 -32.51 -12.20 -36.49
CA TYR C 540 -31.52 -13.15 -35.95
C TYR C 540 -31.56 -13.21 -34.42
N LEU C 541 -31.63 -12.07 -33.76
CA LEU C 541 -31.57 -12.06 -32.30
C LEU C 541 -32.76 -12.81 -31.71
N ALA C 542 -33.95 -12.58 -32.27
CA ALA C 542 -35.16 -13.27 -31.83
C ALA C 542 -35.15 -14.73 -32.24
N SER C 543 -34.85 -14.99 -33.52
CA SER C 543 -34.90 -16.35 -34.07
C SER C 543 -33.86 -17.29 -33.50
N THR C 544 -32.61 -16.83 -33.41
CA THR C 544 -31.49 -17.69 -32.99
C THR C 544 -31.15 -17.52 -31.51
N GLU C 545 -31.16 -16.30 -31.02
CA GLU C 545 -30.71 -16.04 -29.66
C GLU C 545 -31.86 -15.92 -28.67
N ASN C 546 -33.09 -16.06 -29.16
CA ASN C 546 -34.27 -16.00 -28.31
C ASN C 546 -34.32 -14.72 -27.49
N ILE C 547 -33.98 -13.61 -28.15
CA ILE C 547 -34.05 -12.30 -27.53
C ILE C 547 -35.27 -11.59 -28.09
N ILE C 548 -36.05 -10.97 -27.21
CA ILE C 548 -37.10 -10.08 -27.66
C ILE C 548 -36.47 -8.74 -28.03
N VAL C 549 -36.80 -8.26 -29.23
CA VAL C 549 -36.32 -6.97 -29.70
C VAL C 549 -37.50 -6.04 -29.85
N ALA C 550 -37.51 -4.97 -29.08
CA ALA C 550 -38.65 -4.08 -29.02
C ALA C 550 -38.29 -2.66 -29.40
N SER C 551 -39.26 -1.94 -29.95
CA SER C 551 -39.16 -0.51 -30.15
C SER C 551 -40.46 0.13 -29.67
N PHE C 552 -40.34 1.35 -29.16
CA PHE C 552 -41.43 2.11 -28.58
C PHE C 552 -41.43 3.51 -29.17
N ASP C 553 -42.60 3.96 -29.65
CA ASP C 553 -42.76 5.31 -30.17
C ASP C 553 -43.38 6.20 -29.09
N GLY C 554 -42.53 6.89 -28.35
CA GLY C 554 -42.93 7.78 -27.29
C GLY C 554 -43.09 9.20 -27.77
N ARG C 555 -43.07 10.15 -26.83
CA ARG C 555 -43.15 11.56 -27.17
C ARG C 555 -42.02 11.99 -28.10
N GLY C 556 -42.38 12.82 -29.08
CA GLY C 556 -41.47 13.21 -30.14
C GLY C 556 -41.72 12.39 -31.39
N SER C 557 -42.22 11.16 -31.24
CA SER C 557 -42.47 10.29 -32.39
C SER C 557 -43.49 10.92 -33.33
N GLY C 558 -43.57 10.42 -34.55
CA GLY C 558 -44.33 11.09 -35.60
C GLY C 558 -45.64 10.43 -35.96
N TYR C 559 -46.37 11.10 -36.86
CA TYR C 559 -47.55 10.53 -37.52
C TYR C 559 -48.75 10.32 -36.55
N GLN C 560 -48.71 10.99 -35.40
CA GLN C 560 -49.79 10.89 -34.40
C GLN C 560 -50.25 12.28 -33.92
N GLY C 561 -49.97 13.31 -34.72
CA GLY C 561 -50.28 14.69 -34.33
C GLY C 561 -49.19 15.40 -33.52
N ASP C 562 -49.28 16.72 -33.48
CA ASP C 562 -48.26 17.57 -32.89
C ASP C 562 -48.20 17.50 -31.37
N LYS C 563 -49.29 17.12 -30.72
CA LYS C 563 -49.26 16.97 -29.28
C LYS C 563 -48.11 16.05 -28.88
N ILE C 564 -47.99 14.96 -29.64
CA ILE C 564 -46.96 13.97 -29.38
C ILE C 564 -45.63 14.46 -29.96
N MET C 565 -45.64 14.81 -31.25
CA MET C 565 -44.42 15.13 -31.96
C MET C 565 -43.74 16.42 -31.49
N HIS C 566 -44.50 17.44 -31.13
CA HIS C 566 -43.90 18.69 -30.67
C HIS C 566 -43.60 18.69 -29.16
N ALA C 567 -43.88 17.59 -28.47
CA ALA C 567 -43.62 17.49 -27.03
C ALA C 567 -42.20 17.80 -26.64
N ILE C 568 -41.25 17.40 -27.48
CA ILE C 568 -39.82 17.60 -27.18
C ILE C 568 -39.25 18.90 -27.76
N ASN C 569 -40.10 19.74 -28.33
CA ASN C 569 -39.65 21.02 -28.90
C ASN C 569 -38.73 21.78 -27.95
N ARG C 570 -37.56 22.16 -28.45
CA ARG C 570 -36.56 22.90 -27.68
C ARG C 570 -36.06 22.10 -26.49
N ARG C 571 -36.34 20.82 -26.46
CA ARG C 571 -36.12 20.01 -25.27
C ARG C 571 -35.69 18.58 -25.65
N LEU C 572 -34.83 18.46 -26.67
CA LEU C 572 -34.22 17.18 -27.03
C LEU C 572 -33.50 16.54 -25.83
N GLY C 573 -33.57 15.22 -25.76
CA GLY C 573 -32.93 14.48 -24.69
C GLY C 573 -33.70 14.53 -23.38
N THR C 574 -35.01 14.75 -23.44
CA THR C 574 -35.80 14.75 -22.20
C THR C 574 -36.84 13.67 -22.29
N PHE C 575 -38.01 13.99 -22.82
CA PHE C 575 -39.17 13.09 -22.80
C PHE C 575 -38.98 11.82 -23.64
N GLU C 576 -38.34 11.96 -24.81
CA GLU C 576 -38.10 10.81 -25.67
C GLU C 576 -37.15 9.83 -24.98
N VAL C 577 -36.24 10.34 -24.17
CA VAL C 577 -35.32 9.48 -23.39
C VAL C 577 -36.09 8.74 -22.29
N GLU C 578 -36.78 9.53 -21.47
CA GLU C 578 -37.60 8.98 -20.37
C GLU C 578 -38.63 7.99 -20.88
N ASP C 579 -39.26 8.28 -22.01
CA ASP C 579 -40.26 7.37 -22.57
C ASP C 579 -39.70 6.00 -22.97
N GLN C 580 -38.43 5.96 -23.38
CA GLN C 580 -37.78 4.67 -23.68
C GLN C 580 -37.48 3.89 -22.42
N ILE C 581 -37.15 4.59 -21.35
CA ILE C 581 -36.94 3.94 -20.06
C ILE C 581 -38.27 3.36 -19.60
N GLU C 582 -39.32 4.17 -19.68
CA GLU C 582 -40.64 3.75 -19.22
C GLU C 582 -41.17 2.62 -20.08
N ALA C 583 -40.82 2.59 -21.35
CA ALA C 583 -41.22 1.50 -22.23
C ALA C 583 -40.66 0.18 -21.73
N ALA C 584 -39.37 0.18 -21.42
CA ALA C 584 -38.74 -1.01 -20.85
C ALA C 584 -39.42 -1.43 -19.54
N ARG C 585 -39.84 -0.47 -18.72
CA ARG C 585 -40.57 -0.80 -17.48
C ARG C 585 -41.91 -1.46 -17.80
N GLN C 586 -42.60 -0.95 -18.81
CA GLN C 586 -43.90 -1.50 -19.16
C GLN C 586 -43.76 -2.90 -19.72
N PHE C 587 -42.69 -3.16 -20.46
CA PHE C 587 -42.43 -4.49 -20.96
C PHE C 587 -42.11 -5.45 -19.82
N SER C 588 -41.37 -4.97 -18.81
CA SER C 588 -41.10 -5.74 -17.61
C SER C 588 -42.42 -6.16 -16.98
N LYS C 589 -43.35 -5.21 -16.92
CA LYS C 589 -44.68 -5.43 -16.36
C LYS C 589 -45.47 -6.50 -17.09
N MET C 590 -45.18 -6.72 -18.38
CA MET C 590 -45.91 -7.72 -19.16
C MET C 590 -45.60 -9.16 -18.70
N GLY C 591 -44.53 -9.34 -17.94
CA GLY C 591 -44.28 -10.59 -17.21
C GLY C 591 -43.46 -11.65 -17.93
N PHE C 592 -43.16 -11.46 -19.22
CA PHE C 592 -42.35 -12.41 -19.97
C PHE C 592 -40.93 -11.86 -20.27
N VAL C 593 -40.46 -10.95 -19.44
CA VAL C 593 -39.17 -10.30 -19.63
C VAL C 593 -38.26 -10.52 -18.42
N ASP C 594 -37.04 -10.96 -18.67
CA ASP C 594 -36.04 -11.00 -17.63
C ASP C 594 -35.55 -9.56 -17.35
N ASN C 595 -36.01 -9.05 -16.21
CA ASN C 595 -35.62 -7.73 -15.71
C ASN C 595 -34.12 -7.52 -15.59
N LYS C 596 -33.38 -8.61 -15.40
CA LYS C 596 -31.93 -8.54 -15.24
C LYS C 596 -31.19 -8.54 -16.56
N ARG C 597 -31.90 -8.74 -17.67
CA ARG C 597 -31.25 -8.78 -18.98
C ARG C 597 -32.04 -7.96 -19.98
N ILE C 598 -32.11 -6.67 -19.70
CA ILE C 598 -32.67 -5.70 -20.63
C ILE C 598 -31.55 -4.81 -21.16
N ALA C 599 -31.45 -4.77 -22.48
CA ALA C 599 -30.42 -4.00 -23.16
C ALA C 599 -31.08 -2.93 -23.98
N ILE C 600 -30.26 -2.00 -24.46
CA ILE C 600 -30.74 -0.94 -25.33
C ILE C 600 -29.68 -0.60 -26.38
N TRP C 601 -30.11 -0.29 -27.59
CA TRP C 601 -29.18 0.10 -28.64
C TRP C 601 -29.82 0.97 -29.68
N GLY C 602 -28.97 1.72 -30.37
CA GLY C 602 -29.44 2.65 -31.36
C GLY C 602 -28.31 3.25 -32.18
N TRP C 603 -28.68 3.70 -33.36
CA TRP C 603 -27.77 4.32 -34.30
C TRP C 603 -28.26 5.77 -34.48
N SER C 604 -27.33 6.69 -34.65
CA SER C 604 -27.66 8.08 -34.98
C SER C 604 -28.39 8.73 -33.83
N TYR C 605 -29.61 9.22 -34.03
CA TYR C 605 -30.35 9.79 -32.92
C TYR C 605 -30.56 8.69 -31.90
N GLY C 606 -30.76 7.47 -32.39
CA GLY C 606 -30.87 6.29 -31.52
C GLY C 606 -29.67 6.10 -30.61
N GLY C 607 -28.49 6.45 -31.10
CA GLY C 607 -27.29 6.30 -30.31
C GLY C 607 -27.24 7.34 -29.21
N TYR C 608 -27.60 8.57 -29.56
CA TYR C 608 -27.72 9.62 -28.57
C TYR C 608 -28.68 9.19 -27.44
N VAL C 609 -29.87 8.74 -27.82
CA VAL C 609 -30.89 8.37 -26.83
C VAL C 609 -30.43 7.18 -25.99
N THR C 610 -29.89 6.15 -26.65
CA THR C 610 -29.31 5.02 -25.95
C THR C 610 -28.29 5.46 -24.91
N SER C 611 -27.43 6.39 -25.29
CA SER C 611 -26.39 6.86 -24.39
C SER C 611 -26.99 7.67 -23.23
N MET C 612 -27.99 8.50 -23.53
CA MET C 612 -28.67 9.29 -22.52
C MET C 612 -29.40 8.36 -21.52
N VAL C 613 -30.10 7.35 -22.04
CA VAL C 613 -30.70 6.31 -21.20
C VAL C 613 -29.66 5.59 -20.33
N LEU C 614 -28.58 5.13 -20.95
CA LEU C 614 -27.52 4.49 -20.17
C LEU C 614 -26.84 5.44 -19.16
N GLY C 615 -27.00 6.76 -19.35
CA GLY C 615 -26.46 7.72 -18.40
C GLY C 615 -27.50 8.31 -17.45
N SER C 616 -28.72 7.78 -17.48
CA SER C 616 -29.84 8.31 -16.71
C SER C 616 -29.88 7.89 -15.24
N GLY C 617 -29.17 6.81 -14.91
CA GLY C 617 -29.18 6.25 -13.57
C GLY C 617 -30.45 5.48 -13.21
N SER C 618 -31.20 5.04 -14.21
CA SER C 618 -32.49 4.38 -13.97
C SER C 618 -32.36 2.97 -13.39
N GLY C 619 -31.23 2.31 -13.61
CA GLY C 619 -31.03 0.93 -13.17
C GLY C 619 -31.79 -0.11 -13.97
N VAL C 620 -32.55 0.30 -14.97
CA VAL C 620 -33.36 -0.62 -15.77
C VAL C 620 -32.52 -1.45 -16.75
N PHE C 621 -31.54 -0.81 -17.36
CA PHE C 621 -30.76 -1.42 -18.44
C PHE C 621 -29.41 -1.93 -17.95
N LYS C 622 -29.11 -3.17 -18.28
CA LYS C 622 -27.81 -3.78 -17.94
C LYS C 622 -26.70 -3.25 -18.84
N CYS C 623 -27.04 -3.08 -20.12
CA CYS C 623 -26.04 -2.73 -21.10
C CYS C 623 -26.65 -2.04 -22.28
N GLY C 624 -25.80 -1.40 -23.06
CA GLY C 624 -26.21 -0.92 -24.36
C GLY C 624 -25.08 -0.59 -25.34
N ILE C 625 -25.50 -0.34 -26.57
CA ILE C 625 -24.62 -0.08 -27.66
C ILE C 625 -25.10 1.19 -28.37
N ALA C 626 -24.22 2.18 -28.46
CA ALA C 626 -24.48 3.38 -29.23
C ALA C 626 -23.61 3.37 -30.47
N VAL C 627 -24.25 3.45 -31.63
CA VAL C 627 -23.52 3.49 -32.89
C VAL C 627 -23.65 4.88 -33.50
N ALA C 628 -22.50 5.54 -33.65
CA ALA C 628 -22.42 6.89 -34.23
C ALA C 628 -23.39 7.89 -33.62
N PRO C 629 -23.37 8.01 -32.28
CA PRO C 629 -24.34 8.87 -31.60
C PRO C 629 -23.96 10.34 -31.64
N VAL C 630 -24.97 11.20 -31.59
CA VAL C 630 -24.74 12.58 -31.18
C VAL C 630 -24.41 12.55 -29.70
N SER C 631 -23.47 13.38 -29.26
CA SER C 631 -23.12 13.47 -27.84
C SER C 631 -23.48 14.82 -27.22
N ARG C 632 -23.43 15.87 -28.04
CA ARG C 632 -24.02 17.13 -27.68
C ARG C 632 -24.43 17.88 -28.91
N TRP C 633 -25.49 18.67 -28.77
CA TRP C 633 -26.16 19.20 -29.94
C TRP C 633 -25.36 20.27 -30.69
N GLU C 634 -24.44 20.93 -29.99
CA GLU C 634 -23.57 21.92 -30.65
C GLU C 634 -22.65 21.29 -31.69
N TYR C 635 -22.45 19.97 -31.64
CA TYR C 635 -21.60 19.26 -32.58
C TYR C 635 -22.34 18.87 -33.86
N TYR C 636 -23.67 18.85 -33.80
CA TYR C 636 -24.42 18.35 -34.92
C TYR C 636 -24.84 19.49 -35.84
N ASP C 637 -25.37 19.15 -37.02
CA ASP C 637 -25.56 20.20 -38.03
C ASP C 637 -26.68 21.14 -37.65
N SER C 638 -26.59 22.36 -38.17
CA SER C 638 -27.49 23.43 -37.82
C SER C 638 -28.95 23.17 -38.23
N VAL C 639 -29.17 22.61 -39.41
CA VAL C 639 -30.51 22.53 -39.98
C VAL C 639 -31.36 21.53 -39.20
N TYR C 640 -30.82 20.35 -38.91
CA TYR C 640 -31.53 19.38 -38.10
C TYR C 640 -31.62 19.87 -36.66
N THR C 641 -30.49 20.21 -36.06
CA THR C 641 -30.45 20.48 -34.63
C THR C 641 -31.36 21.65 -34.23
N GLU C 642 -31.19 22.78 -34.92
CA GLU C 642 -31.86 24.04 -34.56
C GLU C 642 -33.36 24.00 -34.82
N ARG C 643 -33.78 23.15 -35.75
CA ARG C 643 -35.20 22.90 -35.96
C ARG C 643 -35.89 22.52 -34.65
N TYR C 644 -35.23 21.70 -33.83
CA TYR C 644 -35.81 21.22 -32.59
C TYR C 644 -35.30 21.98 -31.38
N MET C 645 -34.12 22.59 -31.50
CA MET C 645 -33.41 23.14 -30.35
C MET C 645 -33.24 24.65 -30.37
N GLY C 646 -33.61 25.31 -31.46
CA GLY C 646 -33.26 26.72 -31.62
C GLY C 646 -31.74 26.91 -31.59
N LEU C 647 -31.30 28.12 -31.28
CA LEU C 647 -29.88 28.46 -31.27
C LEU C 647 -29.22 28.20 -29.91
N PRO C 648 -27.94 27.82 -29.91
CA PRO C 648 -27.19 27.70 -28.68
C PRO C 648 -26.60 29.04 -28.26
N THR C 649 -27.47 29.98 -27.91
CA THR C 649 -27.07 31.31 -27.46
C THR C 649 -27.73 31.63 -26.12
N PRO C 650 -27.06 32.43 -25.27
CA PRO C 650 -27.62 32.87 -23.99
C PRO C 650 -29.07 33.32 -24.08
N GLU C 651 -29.42 34.03 -25.16
CA GLU C 651 -30.76 34.58 -25.35
C GLU C 651 -31.76 33.61 -25.97
N ASP C 652 -31.30 32.47 -26.49
CA ASP C 652 -32.21 31.47 -27.05
C ASP C 652 -32.25 30.19 -26.21
N ASN C 653 -31.46 29.16 -26.54
CA ASN C 653 -31.60 27.87 -25.88
C ASN C 653 -30.32 27.23 -25.31
N LEU C 654 -29.29 28.04 -25.06
CA LEU C 654 -27.99 27.52 -24.64
C LEU C 654 -28.06 26.60 -23.43
N ASP C 655 -28.82 27.00 -22.41
CA ASP C 655 -28.91 26.25 -21.17
C ASP C 655 -29.27 24.81 -21.43
N HIS C 656 -30.28 24.60 -22.26
CA HIS C 656 -30.68 23.25 -22.56
C HIS C 656 -29.66 22.52 -23.46
N TYR C 657 -28.99 23.24 -24.35
CA TYR C 657 -27.86 22.66 -25.12
C TYR C 657 -26.81 22.12 -24.16
N ARG C 658 -26.50 22.89 -23.10
CA ARG C 658 -25.52 22.46 -22.10
C ARG C 658 -26.03 21.32 -21.22
N ASN C 659 -27.34 21.25 -20.99
CA ASN C 659 -27.91 20.26 -20.08
C ASN C 659 -28.25 18.93 -20.75
N SER C 660 -28.11 18.83 -22.06
CA SER C 660 -28.57 17.65 -22.81
C SER C 660 -27.43 16.85 -23.45
N THR C 661 -26.23 16.96 -22.88
CA THR C 661 -25.08 16.25 -23.40
C THR C 661 -24.97 14.87 -22.76
N VAL C 662 -24.40 13.89 -23.46
CA VAL C 662 -24.16 12.60 -22.81
C VAL C 662 -22.95 12.68 -21.89
N MET C 663 -22.00 13.57 -22.22
CA MET C 663 -20.82 13.78 -21.40
C MET C 663 -21.19 14.14 -19.95
N SER C 664 -22.18 15.01 -19.75
CA SER C 664 -22.55 15.40 -18.38
C SER C 664 -23.02 14.20 -17.54
N ARG C 665 -23.45 13.13 -18.21
CA ARG C 665 -23.96 11.95 -17.51
C ARG C 665 -22.95 10.84 -17.30
N ALA C 666 -21.70 11.10 -17.69
CA ALA C 666 -20.62 10.11 -17.65
C ALA C 666 -20.63 9.24 -16.38
N GLU C 667 -20.69 9.89 -15.23
CA GLU C 667 -20.64 9.20 -13.93
C GLU C 667 -21.62 8.03 -13.83
N ASN C 668 -22.81 8.21 -14.39
CA ASN C 668 -23.83 7.18 -14.34
C ASN C 668 -23.55 5.94 -15.19
N PHE C 669 -22.53 5.97 -16.04
CA PHE C 669 -22.18 4.80 -16.83
C PHE C 669 -21.48 3.73 -15.99
N LYS C 670 -21.03 4.09 -14.78
CA LYS C 670 -20.51 3.10 -13.84
C LYS C 670 -21.47 1.94 -13.63
N GLN C 671 -22.76 2.19 -13.76
CA GLN C 671 -23.78 1.18 -13.52
C GLN C 671 -24.06 0.23 -14.69
N VAL C 672 -23.54 0.53 -15.88
CA VAL C 672 -23.93 -0.23 -17.08
C VAL C 672 -22.73 -0.70 -17.89
N GLU C 673 -22.97 -1.65 -18.79
CA GLU C 673 -21.96 -2.06 -19.76
C GLU C 673 -22.28 -1.34 -21.06
N TYR C 674 -21.30 -0.63 -21.61
CA TYR C 674 -21.51 0.27 -22.75
C TYR C 674 -20.55 -0.07 -23.87
N LEU C 675 -21.09 -0.16 -25.08
CA LEU C 675 -20.29 -0.32 -26.28
C LEU C 675 -20.55 0.89 -27.13
N LEU C 676 -19.47 1.59 -27.47
CA LEU C 676 -19.53 2.82 -28.23
C LEU C 676 -18.81 2.57 -29.54
N ILE C 677 -19.51 2.80 -30.65
CA ILE C 677 -18.97 2.48 -31.97
C ILE C 677 -19.12 3.68 -32.90
N HIS C 678 -18.10 3.94 -33.72
CA HIS C 678 -18.14 5.10 -34.60
C HIS C 678 -17.15 4.96 -35.75
N GLY C 679 -17.58 5.37 -36.94
CA GLY C 679 -16.71 5.42 -38.13
C GLY C 679 -15.84 6.66 -38.10
N THR C 680 -14.55 6.50 -38.41
CA THR C 680 -13.62 7.64 -38.35
C THR C 680 -13.87 8.67 -39.44
N ALA C 681 -14.48 8.26 -40.54
CA ALA C 681 -14.71 9.13 -41.68
C ALA C 681 -16.19 9.52 -41.77
N ASP C 682 -16.86 9.58 -40.63
CA ASP C 682 -18.25 9.96 -40.54
C ASP C 682 -18.37 11.49 -40.72
N ASP C 683 -18.89 11.89 -41.87
CA ASP C 683 -19.09 13.28 -42.24
C ASP C 683 -20.37 13.86 -41.64
N ASN C 684 -21.23 13.00 -41.11
CA ASN C 684 -22.56 13.37 -40.66
C ASN C 684 -22.55 13.60 -39.14
N VAL C 685 -22.37 12.51 -38.40
CA VAL C 685 -22.12 12.58 -36.97
C VAL C 685 -20.62 12.40 -36.84
N HIS C 686 -19.91 13.50 -36.60
CA HIS C 686 -18.46 13.44 -36.62
C HIS C 686 -17.91 12.59 -35.51
N PHE C 687 -16.85 11.86 -35.81
CA PHE C 687 -16.17 11.02 -34.84
C PHE C 687 -15.93 11.77 -33.53
N GLN C 688 -15.65 13.07 -33.64
CA GLN C 688 -15.61 14.00 -32.49
C GLN C 688 -16.65 13.69 -31.41
N GLN C 689 -17.86 13.40 -31.84
CA GLN C 689 -18.96 13.26 -30.93
C GLN C 689 -18.71 12.08 -30.00
N SER C 690 -18.22 10.96 -30.56
CA SER C 690 -17.84 9.80 -29.75
C SER C 690 -16.51 10.02 -29.02
N ALA C 691 -15.61 10.76 -29.66
CA ALA C 691 -14.32 11.05 -29.03
C ALA C 691 -14.52 11.84 -27.73
N GLN C 692 -15.58 12.64 -27.68
CA GLN C 692 -15.88 13.42 -26.50
C GLN C 692 -16.62 12.59 -25.48
N ILE C 693 -17.43 11.64 -25.92
CA ILE C 693 -18.05 10.70 -24.96
C ILE C 693 -16.98 9.87 -24.26
N SER C 694 -16.02 9.36 -25.02
CA SER C 694 -15.00 8.47 -24.45
C SER C 694 -14.09 9.21 -23.48
N LYS C 695 -13.75 10.45 -23.81
CA LYS C 695 -12.89 11.23 -22.95
C LYS C 695 -13.62 11.50 -21.61
N ALA C 696 -14.91 11.78 -21.66
CA ALA C 696 -15.67 12.06 -20.44
C ALA C 696 -15.78 10.84 -19.54
N LEU C 697 -16.02 9.67 -20.13
CA LEU C 697 -16.05 8.41 -19.41
C LEU C 697 -14.70 8.08 -18.81
N VAL C 698 -13.65 8.30 -19.58
CA VAL C 698 -12.29 8.10 -19.07
C VAL C 698 -12.04 9.04 -17.89
N ASP C 699 -12.45 10.29 -18.03
CA ASP C 699 -12.23 11.29 -16.99
C ASP C 699 -12.96 11.03 -15.66
N VAL C 700 -14.04 10.23 -15.67
CA VAL C 700 -14.70 9.84 -14.41
C VAL C 700 -14.43 8.38 -14.02
N GLY C 701 -13.55 7.72 -14.76
CA GLY C 701 -13.11 6.37 -14.41
C GLY C 701 -14.08 5.25 -14.74
N VAL C 702 -14.93 5.42 -15.75
CA VAL C 702 -15.81 4.30 -16.14
C VAL C 702 -15.22 3.50 -17.29
N ASP C 703 -15.16 2.19 -17.10
CA ASP C 703 -14.74 1.28 -18.12
C ASP C 703 -15.88 1.07 -19.09
N PHE C 704 -15.53 0.93 -20.35
CA PHE C 704 -16.51 0.71 -21.41
C PHE C 704 -15.80 0.09 -22.59
N GLN C 705 -16.59 -0.38 -23.55
CA GLN C 705 -16.09 -1.05 -24.72
C GLN C 705 -16.23 -0.10 -25.87
N ALA C 706 -15.25 -0.12 -26.77
CA ALA C 706 -15.26 0.77 -27.92
C ALA C 706 -14.84 0.07 -29.22
N MET C 707 -15.29 0.59 -30.34
CA MET C 707 -14.77 0.15 -31.63
C MET C 707 -14.82 1.33 -32.58
N TRP C 708 -13.68 1.66 -33.16
CA TRP C 708 -13.66 2.60 -34.26
C TRP C 708 -13.67 1.80 -35.52
N TYR C 709 -14.20 2.39 -36.60
CA TYR C 709 -14.19 1.77 -37.92
C TYR C 709 -13.48 2.70 -38.88
N THR C 710 -12.24 2.33 -39.17
CA THR C 710 -11.38 3.14 -39.98
C THR C 710 -12.02 3.42 -41.33
N ASP C 711 -12.19 4.71 -41.64
CA ASP C 711 -12.61 5.19 -42.95
C ASP C 711 -14.08 4.88 -43.26
N GLU C 712 -14.83 4.38 -42.27
CA GLU C 712 -16.27 4.18 -42.46
C GLU C 712 -17.02 5.45 -42.14
N ASP C 713 -18.11 5.68 -42.84
CA ASP C 713 -18.89 6.88 -42.59
C ASP C 713 -20.10 6.52 -41.74
N HIS C 714 -21.13 7.36 -41.79
CA HIS C 714 -22.27 7.19 -40.92
C HIS C 714 -23.02 5.88 -41.16
N GLY C 715 -22.93 5.33 -42.36
CA GLY C 715 -23.61 4.08 -42.66
C GLY C 715 -22.88 2.84 -42.15
N ILE C 716 -21.59 2.99 -41.82
CA ILE C 716 -20.67 1.85 -41.59
C ILE C 716 -21.11 0.70 -42.48
N ALA C 717 -21.11 0.99 -43.79
CA ALA C 717 -21.84 0.20 -44.76
C ALA C 717 -20.98 -0.52 -45.79
N SER C 718 -19.66 -0.34 -45.78
CA SER C 718 -18.81 -1.22 -46.57
C SER C 718 -19.18 -2.67 -46.21
N SER C 719 -19.08 -3.56 -47.17
CA SER C 719 -19.50 -4.92 -46.94
C SER C 719 -18.78 -5.55 -45.74
N THR C 720 -17.47 -5.40 -45.64
CA THR C 720 -16.71 -6.01 -44.54
C THR C 720 -16.98 -5.34 -43.20
N ALA C 721 -17.06 -4.02 -43.18
CA ALA C 721 -17.39 -3.31 -41.93
C ALA C 721 -18.80 -3.65 -41.44
N HIS C 722 -19.75 -3.67 -42.36
CA HIS C 722 -21.12 -4.00 -42.02
C HIS C 722 -21.18 -5.35 -41.33
N GLN C 723 -20.50 -6.35 -41.87
CA GLN C 723 -20.48 -7.67 -41.23
C GLN C 723 -19.74 -7.61 -39.90
N HIS C 724 -18.70 -6.79 -39.85
CA HIS C 724 -17.86 -6.74 -38.65
C HIS C 724 -18.61 -6.12 -37.48
N ILE C 725 -19.29 -5.01 -37.71
CA ILE C 725 -20.00 -4.34 -36.62
C ILE C 725 -21.13 -5.19 -36.07
N TYR C 726 -21.90 -5.84 -36.93
CA TYR C 726 -23.01 -6.64 -36.46
C TYR C 726 -22.52 -7.89 -35.73
N THR C 727 -21.37 -8.42 -36.12
CA THR C 727 -20.76 -9.54 -35.44
C THR C 727 -20.26 -9.09 -34.08
N HIS C 728 -19.62 -7.94 -34.04
CA HIS C 728 -19.09 -7.42 -32.80
C HIS C 728 -20.22 -7.16 -31.82
N MET C 729 -21.28 -6.53 -32.31
CA MET C 729 -22.42 -6.17 -31.45
C MET C 729 -23.14 -7.43 -30.96
N SER C 730 -23.17 -8.47 -31.80
CA SER C 730 -23.77 -9.75 -31.45
C SER C 730 -23.02 -10.41 -30.29
N HIS C 731 -21.69 -10.42 -30.33
CA HIS C 731 -20.91 -10.97 -29.20
C HIS C 731 -21.21 -10.19 -27.94
N PHE C 732 -21.31 -8.89 -28.09
CA PHE C 732 -21.48 -8.01 -26.95
C PHE C 732 -22.80 -8.28 -26.24
N ILE C 733 -23.88 -8.30 -27.02
CA ILE C 733 -25.20 -8.63 -26.48
C ILE C 733 -25.26 -10.04 -25.90
N LYS C 734 -24.70 -11.03 -26.60
CA LYS C 734 -24.73 -12.40 -26.11
C LYS C 734 -23.99 -12.50 -24.79
N GLN C 735 -22.81 -11.89 -24.73
CA GLN C 735 -22.04 -11.83 -23.50
C GLN C 735 -22.80 -11.15 -22.36
N CYS C 736 -23.43 -10.01 -22.64
CA CYS C 736 -24.22 -9.26 -21.65
C CYS C 736 -25.39 -10.10 -21.10
N PHE C 737 -25.97 -10.92 -21.96
CA PHE C 737 -27.13 -11.72 -21.63
C PHE C 737 -26.73 -13.13 -21.17
N SER C 738 -25.43 -13.38 -21.05
CA SER C 738 -24.93 -14.70 -20.69
C SER C 738 -25.43 -15.80 -21.63
N LEU C 739 -25.45 -15.50 -22.92
CA LEU C 739 -25.92 -16.44 -23.95
C LEU C 739 -24.74 -17.17 -24.58
N PRO C 740 -24.75 -18.52 -24.53
CA PRO C 740 -23.75 -19.29 -25.26
C PRO C 740 -23.99 -19.23 -26.76
N ARG D 14 -1.00 -10.22 4.63
CA ARG D 14 -2.42 -10.48 4.25
C ARG D 14 -2.80 -9.95 2.86
N LYS D 15 -2.63 -8.64 2.66
CA LYS D 15 -3.08 -7.96 1.44
C LYS D 15 -2.07 -8.11 0.29
N THR D 16 -2.59 -8.12 -0.94
CA THR D 16 -1.77 -8.17 -2.15
C THR D 16 -1.54 -6.77 -2.69
N TYR D 17 -0.57 -6.66 -3.60
CA TYR D 17 -0.35 -5.42 -4.34
C TYR D 17 -1.42 -5.36 -5.42
N THR D 18 -2.39 -4.47 -5.25
CA THR D 18 -3.57 -4.41 -6.10
C THR D 18 -3.38 -3.46 -7.28
N LEU D 19 -4.34 -3.47 -8.19
CA LEU D 19 -4.36 -2.53 -9.29
C LEU D 19 -4.50 -1.11 -8.77
N THR D 20 -5.39 -0.91 -7.81
CA THR D 20 -5.62 0.41 -7.24
C THR D 20 -4.35 0.92 -6.56
N ASP D 21 -3.53 0.02 -6.04
CA ASP D 21 -2.26 0.42 -5.44
C ASP D 21 -1.33 1.00 -6.48
N TYR D 22 -1.28 0.34 -7.64
CA TYR D 22 -0.45 0.79 -8.74
C TYR D 22 -0.97 2.12 -9.26
N LEU D 23 -2.28 2.20 -9.51
CA LEU D 23 -2.85 3.38 -10.15
C LEU D 23 -2.90 4.60 -9.25
N LYS D 24 -3.01 4.38 -7.94
CA LYS D 24 -3.06 5.50 -7.00
C LYS D 24 -1.73 5.73 -6.33
N ASN D 25 -0.71 4.98 -6.73
CA ASN D 25 0.63 5.17 -6.17
C ASN D 25 0.59 5.07 -4.65
N THR D 26 0.05 3.96 -4.17
CA THR D 26 -0.11 3.72 -2.75
C THR D 26 1.25 3.45 -2.10
N TYR D 27 2.03 2.57 -2.70
CA TYR D 27 3.38 2.27 -2.21
C TYR D 27 4.41 3.05 -3.02
N ARG D 28 4.75 4.24 -2.53
CA ARG D 28 5.57 5.19 -3.26
C ARG D 28 7.06 4.92 -3.11
N LEU D 29 7.77 5.12 -4.21
CA LEU D 29 9.21 4.93 -4.28
C LEU D 29 9.86 6.28 -4.01
N LYS D 30 10.73 6.33 -3.01
CA LYS D 30 11.42 7.57 -2.64
C LYS D 30 12.66 7.79 -3.50
N LEU D 31 12.86 9.02 -3.95
CA LEU D 31 14.03 9.41 -4.75
C LEU D 31 14.99 10.23 -3.91
N TYR D 32 16.11 10.62 -4.51
CA TYR D 32 16.98 11.64 -3.94
C TYR D 32 17.65 12.48 -5.05
N SER D 33 16.94 13.52 -5.47
CA SER D 33 17.38 14.37 -6.56
C SER D 33 18.22 15.56 -6.06
N LEU D 34 19.50 15.55 -6.40
CA LEU D 34 20.40 16.66 -6.07
C LEU D 34 21.01 17.25 -7.33
N ARG D 35 21.51 18.48 -7.22
CA ARG D 35 22.19 19.15 -8.33
C ARG D 35 23.51 19.69 -7.85
N TRP D 36 24.61 19.15 -8.35
CA TRP D 36 25.91 19.64 -7.98
C TRP D 36 26.08 21.08 -8.46
N ILE D 37 26.53 21.97 -7.57
CA ILE D 37 26.76 23.38 -7.92
C ILE D 37 28.26 23.72 -7.95
N SER D 38 29.06 22.90 -7.29
CA SER D 38 30.50 23.05 -7.28
C SER D 38 31.09 21.65 -7.13
N ASP D 39 32.38 21.57 -6.85
CA ASP D 39 33.06 20.29 -6.66
C ASP D 39 32.74 19.65 -5.30
N HIS D 40 32.17 20.43 -4.39
CA HIS D 40 32.00 20.02 -2.99
C HIS D 40 30.56 20.14 -2.51
N GLU D 41 29.69 20.76 -3.31
CA GLU D 41 28.37 21.15 -2.83
C GLU D 41 27.26 20.85 -3.83
N TYR D 42 26.09 20.53 -3.31
CA TYR D 42 24.90 20.27 -4.12
C TYR D 42 23.64 20.78 -3.44
N LEU D 43 22.63 21.10 -4.25
CA LEU D 43 21.38 21.64 -3.73
C LEU D 43 20.47 20.52 -3.26
CA TYR D 44 18.10 19.29 -2.36
C TYR D 44 16.76 19.92 -1.99
N LYS D 45 15.68 19.29 -2.42
CA LYS D 45 14.33 19.88 -2.31
C LYS D 45 13.52 19.30 -1.14
N GLN D 46 12.76 20.18 -0.49
CA GLN D 46 11.85 19.82 0.62
C GLN D 46 10.60 20.73 0.62
N ASN D 49 11.35 23.84 0.11
CA ASN D 49 12.61 24.24 0.75
C ASN D 49 13.85 23.73 0.02
N ILE D 50 14.71 24.65 -0.42
CA ILE D 50 15.93 24.27 -1.14
C ILE D 50 17.16 24.51 -0.29
N LEU D 51 17.84 23.42 0.07
CA LEU D 51 19.04 23.44 0.90
C LEU D 51 20.29 23.27 0.06
N VAL D 52 21.44 23.66 0.63
CA VAL D 52 22.76 23.30 0.11
C VAL D 52 23.34 22.29 1.07
N PHE D 53 24.12 21.34 0.55
CA PHE D 53 24.82 20.37 1.38
C PHE D 53 26.32 20.43 1.07
N ASN D 54 27.15 20.37 2.10
CA ASN D 54 28.57 20.19 1.90
C ASN D 54 28.77 18.69 1.81
N ALA D 55 29.47 18.24 0.76
CA ALA D 55 29.80 16.81 0.61
C ALA D 55 30.85 16.38 1.62
N GLU D 56 31.66 17.33 2.09
CA GLU D 56 32.64 17.09 3.15
C GLU D 56 32.01 16.58 4.44
N TYR D 57 31.09 17.35 5.00
CA TYR D 57 30.65 17.16 6.39
C TYR D 57 29.19 16.68 6.53
N GLY D 58 28.29 17.30 5.78
CA GLY D 58 26.86 16.99 5.86
C GLY D 58 26.03 18.14 6.35
N ASN D 59 26.69 19.16 6.92
CA ASN D 59 26.02 20.39 7.33
C ASN D 59 25.34 21.07 6.14
N SER D 60 24.14 21.58 6.38
CA SER D 60 23.31 22.12 5.30
C SER D 60 22.58 23.40 5.70
N SER D 61 22.95 24.51 5.07
CA SER D 61 22.25 25.78 5.26
C SER D 61 21.19 25.96 4.17
N VAL D 62 20.17 26.76 4.45
CA VAL D 62 19.13 27.07 3.49
C VAL D 62 19.69 28.02 2.43
N PHE D 63 19.41 27.73 1.16
CA PHE D 63 19.73 28.64 0.05
C PHE D 63 18.48 29.44 -0.32
N LEU D 64 17.35 28.75 -0.32
CA LEU D 64 16.08 29.33 -0.71
C LEU D 64 14.97 28.65 0.10
N GLU D 65 14.35 29.39 1.00
CA GLU D 65 13.31 28.82 1.86
C GLU D 65 11.98 28.75 1.14
N ASN D 66 11.18 27.74 1.47
CA ASN D 66 9.89 27.50 0.79
C ASN D 66 9.03 28.76 0.71
N SER D 67 9.13 29.62 1.71
CA SER D 67 8.36 30.86 1.79
C SER D 67 9.12 32.04 1.16
N THR D 68 9.41 31.94 -0.14
CA THR D 68 10.00 33.04 -0.89
C THR D 68 9.03 33.52 -1.97
N PHE D 69 8.49 32.55 -2.73
CA PHE D 69 7.64 32.85 -3.88
C PHE D 69 6.16 32.50 -3.66
N ASP D 70 5.75 32.39 -2.40
CA ASP D 70 4.33 32.13 -2.08
C ASP D 70 3.44 33.34 -2.42
N GLU D 71 4.05 34.49 -2.66
CA GLU D 71 3.36 35.63 -3.27
C GLU D 71 4.06 36.06 -4.57
N PHE D 72 4.34 35.06 -5.41
CA PHE D 72 4.86 35.26 -6.75
C PHE D 72 3.69 35.49 -7.72
N GLY D 73 2.59 34.79 -7.47
CA GLY D 73 1.39 34.90 -8.30
C GLY D 73 1.26 33.78 -9.33
N HIS D 74 2.24 32.89 -9.39
CA HIS D 74 2.26 31.77 -10.34
C HIS D 74 2.92 30.52 -9.75
N SER D 75 2.48 29.34 -10.17
CA SER D 75 3.09 28.09 -9.72
C SER D 75 4.41 27.89 -10.45
N ILE D 76 5.48 27.71 -9.68
CA ILE D 76 6.81 27.54 -10.26
C ILE D 76 7.01 26.07 -10.61
N ASN D 77 7.03 25.78 -11.90
CA ASN D 77 7.19 24.41 -12.39
C ASN D 77 8.58 23.86 -12.12
N ASP D 78 9.59 24.70 -12.31
CA ASP D 78 10.98 24.33 -12.11
C ASP D 78 11.83 25.58 -11.91
N TYR D 79 13.06 25.41 -11.47
CA TYR D 79 13.98 26.52 -11.28
C TYR D 79 15.37 26.14 -11.80
N SER D 80 16.28 27.09 -11.82
CA SER D 80 17.62 26.86 -12.36
C SER D 80 18.56 27.97 -11.88
N ILE D 81 19.55 27.61 -11.05
CA ILE D 81 20.50 28.58 -10.50
C ILE D 81 21.64 28.79 -11.48
N SER D 82 22.06 30.05 -11.64
CA SER D 82 23.20 30.36 -12.50
C SER D 82 24.45 29.72 -11.90
N PRO D 83 25.42 29.34 -12.75
CA PRO D 83 26.65 28.70 -12.26
C PRO D 83 27.38 29.48 -11.16
N ASP D 84 27.50 30.79 -11.34
CA ASP D 84 28.13 31.65 -10.31
C ASP D 84 27.27 31.81 -9.05
N GLY D 85 26.00 31.39 -9.13
CA GLY D 85 25.13 31.31 -7.96
C GLY D 85 24.43 32.60 -7.60
N GLN D 86 24.46 33.57 -8.52
CA GLN D 86 23.92 34.91 -8.30
C GLN D 86 22.44 35.07 -8.67
N PHE D 87 21.94 34.19 -9.55
CA PHE D 87 20.58 34.28 -10.06
C PHE D 87 19.87 32.94 -10.08
N ILE D 88 18.56 32.97 -9.88
CA ILE D 88 17.73 31.78 -10.04
C ILE D 88 16.67 32.04 -11.10
N LEU D 89 16.70 31.23 -12.15
CA LEU D 89 15.76 31.30 -13.24
C LEU D 89 14.50 30.55 -12.83
N LEU D 90 13.35 31.21 -12.86
CA LEU D 90 12.08 30.57 -12.49
C LEU D 90 11.28 30.24 -13.73
N GLU D 91 10.77 29.02 -13.77
CA GLU D 91 10.01 28.51 -14.90
C GLU D 91 8.55 28.36 -14.48
N TYR D 92 7.66 29.02 -15.21
CA TYR D 92 6.23 28.87 -14.96
C TYR D 92 5.50 28.86 -16.30
N ASN D 93 4.19 28.62 -16.25
CA ASN D 93 3.39 28.47 -17.46
C ASN D 93 3.92 27.37 -18.39
N TYR D 94 4.38 26.28 -17.81
CA TYR D 94 4.83 25.12 -18.58
C TYR D 94 3.67 24.59 -19.43
N VAL D 95 3.86 24.58 -20.76
CA VAL D 95 2.97 23.88 -21.69
C VAL D 95 3.79 22.86 -22.50
N LYS D 96 3.53 21.57 -22.23
CA LYS D 96 4.23 20.48 -22.92
C LYS D 96 3.98 20.49 -24.42
N GLN D 97 5.05 20.30 -25.20
CA GLN D 97 4.92 20.00 -26.61
C GLN D 97 5.15 18.48 -26.79
N TRP D 98 6.32 18.05 -27.26
CA TRP D 98 6.55 16.60 -27.48
C TRP D 98 7.20 15.94 -26.26
N ARG D 99 8.07 14.96 -26.45
CA ARG D 99 8.61 14.19 -25.33
C ARG D 99 9.45 15.05 -24.40
N HIS D 100 10.25 15.93 -25.01
CA HIS D 100 11.19 16.75 -24.27
C HIS D 100 10.84 18.23 -24.36
N SER D 101 10.37 18.64 -25.53
CA SER D 101 10.07 20.02 -25.84
C SER D 101 8.88 20.53 -25.06
N TYR D 102 8.92 21.82 -24.76
CA TYR D 102 7.82 22.51 -24.12
C TYR D 102 8.07 24.00 -24.19
N THR D 103 7.04 24.74 -23.85
CA THR D 103 7.06 26.17 -23.86
C THR D 103 6.86 26.61 -22.42
N ALA D 104 7.45 27.75 -22.05
CA ALA D 104 7.27 28.29 -20.70
C ALA D 104 7.49 29.79 -20.61
N SER D 105 7.00 30.38 -19.52
CA SER D 105 7.36 31.74 -19.13
C SER D 105 8.52 31.64 -18.16
N TYR D 106 9.31 32.70 -18.10
CA TYR D 106 10.51 32.75 -17.25
C TYR D 106 10.71 34.13 -16.62
N ASP D 107 10.94 34.13 -15.30
CA ASP D 107 11.44 35.30 -14.60
C ASP D 107 12.79 34.95 -14.00
N ILE D 108 13.69 35.94 -13.95
CA ILE D 108 14.97 35.81 -13.26
C ILE D 108 14.87 36.52 -11.91
N TYR D 109 15.52 35.93 -10.91
CA TYR D 109 15.50 36.47 -9.55
C TYR D 109 16.95 36.66 -9.10
N ASP D 110 17.30 37.90 -8.79
CA ASP D 110 18.62 38.26 -8.30
C ASP D 110 18.74 37.80 -6.84
N LEU D 111 19.69 36.92 -6.55
CA LEU D 111 19.83 36.35 -5.21
C LEU D 111 20.49 37.30 -4.22
N ASN D 112 21.33 38.20 -4.73
CA ASN D 112 22.02 39.18 -3.89
C ASN D 112 21.07 40.30 -3.48
N LYS D 113 20.44 40.93 -4.47
CA LYS D 113 19.40 41.94 -4.24
C LYS D 113 18.16 41.37 -3.55
N ARG D 114 17.96 40.05 -3.62
CA ARG D 114 16.79 39.36 -3.06
C ARG D 114 15.49 39.85 -3.70
N GLN D 115 15.56 40.17 -4.99
CA GLN D 115 14.41 40.66 -5.77
C GLN D 115 14.42 39.98 -7.13
N LEU D 116 13.44 40.31 -7.98
CA LEU D 116 13.44 39.80 -9.36
C LEU D 116 13.54 40.93 -10.37
N ILE D 117 14.22 40.66 -11.49
CA ILE D 117 14.40 41.65 -12.55
C ILE D 117 13.06 41.89 -13.26
N THR D 118 12.70 43.15 -13.46
CA THR D 118 11.45 43.50 -14.17
C THR D 118 11.68 44.16 -15.54
N GLU D 119 12.93 44.44 -15.88
CA GLU D 119 13.26 45.03 -17.19
C GLU D 119 13.89 44.02 -18.14
N GLU D 120 13.62 44.19 -19.43
CA GLU D 120 14.13 43.32 -20.48
C GLU D 120 13.90 41.84 -20.13
N ARG D 121 12.66 41.52 -19.76
CA ARG D 121 12.31 40.20 -19.29
C ARG D 121 12.30 39.19 -20.43
N ILE D 122 12.54 37.94 -20.09
CA ILE D 122 12.46 36.84 -21.05
C ILE D 122 11.00 36.67 -21.46
N PRO D 123 10.73 36.62 -22.78
CA PRO D 123 9.35 36.60 -23.27
C PRO D 123 8.57 35.36 -22.87
N ASN D 124 7.25 35.45 -22.91
CA ASN D 124 6.40 34.27 -22.78
C ASN D 124 6.61 33.36 -23.98
N ASN D 125 6.21 32.09 -23.84
CA ASN D 125 6.33 31.12 -24.93
C ASN D 125 7.78 30.97 -25.40
N THR D 126 8.71 31.05 -24.46
CA THR D 126 10.10 30.77 -24.74
C THR D 126 10.23 29.25 -24.83
N GLN D 127 11.03 28.81 -25.79
CA GLN D 127 11.09 27.41 -26.19
C GLN D 127 12.22 26.68 -25.48
N TRP D 128 13.24 27.43 -25.07
CA TRP D 128 14.38 26.89 -24.34
C TRP D 128 15.20 28.01 -23.69
N VAL D 129 15.67 27.79 -22.47
CA VAL D 129 16.57 28.72 -21.79
C VAL D 129 17.74 27.93 -21.18
N THR D 130 18.95 28.47 -21.29
CA THR D 130 20.12 27.84 -20.71
C THR D 130 21.13 28.90 -20.25
N TRP D 131 21.55 28.83 -18.99
CA TRP D 131 22.68 29.61 -18.49
C TRP D 131 23.92 29.20 -19.24
N SER D 132 24.90 30.09 -19.31
CA SER D 132 26.26 29.74 -19.70
C SER D 132 26.78 28.76 -18.66
N PRO D 133 27.82 27.98 -19.00
CA PRO D 133 28.33 26.98 -18.05
C PRO D 133 29.02 27.62 -16.84
N VAL D 134 29.59 28.81 -17.03
CA VAL D 134 30.16 29.62 -15.95
C VAL D 134 29.63 31.04 -16.07
N GLY D 135 29.54 31.73 -14.94
CA GLY D 135 29.02 33.09 -14.93
C GLY D 135 27.51 33.09 -14.91
N HIS D 136 26.90 34.01 -15.66
CA HIS D 136 25.45 34.14 -15.69
C HIS D 136 24.87 34.66 -17.01
N LYS D 137 25.56 34.42 -18.14
CA LYS D 137 24.95 34.71 -19.44
C LYS D 137 23.74 33.80 -19.65
N LEU D 138 22.77 34.29 -20.42
CA LEU D 138 21.60 33.53 -20.82
C LEU D 138 21.59 33.41 -22.32
N ALA D 139 21.26 32.22 -22.82
CA ALA D 139 20.83 32.07 -24.19
C ALA D 139 19.44 31.46 -24.12
N TYR D 140 18.49 32.02 -24.86
CA TYR D 140 17.16 31.44 -24.93
C TYR D 140 16.66 31.45 -26.36
N VAL D 141 15.64 30.64 -26.61
CA VAL D 141 15.05 30.55 -27.95
C VAL D 141 13.60 30.93 -27.88
N TRP D 142 13.20 31.81 -28.79
CA TRP D 142 11.87 32.36 -28.79
C TRP D 142 11.48 32.59 -30.23
N ASN D 143 10.30 32.10 -30.59
CA ASN D 143 9.86 32.06 -31.99
C ASN D 143 10.92 31.49 -32.92
N ASN D 144 11.57 30.41 -32.49
CA ASN D 144 12.57 29.69 -33.29
C ASN D 144 13.85 30.48 -33.58
N ASP D 145 14.09 31.53 -32.80
CA ASP D 145 15.32 32.31 -32.93
C ASP D 145 16.08 32.38 -31.63
N ILE D 146 17.39 32.49 -31.75
CA ILE D 146 18.27 32.54 -30.58
C ILE D 146 18.48 33.98 -30.12
N TYR D 147 18.39 34.16 -28.80
CA TYR D 147 18.64 35.44 -28.16
C TYR D 147 19.64 35.19 -27.04
N VAL D 148 20.67 36.02 -26.97
CA VAL D 148 21.65 35.97 -25.87
C VAL D 148 21.55 37.21 -24.98
N LYS D 149 21.57 36.98 -23.67
CA LYS D 149 21.63 38.03 -22.67
C LYS D 149 22.97 37.94 -21.98
N ILE D 150 23.72 39.03 -21.92
CA ILE D 150 25.00 39.03 -21.22
C ILE D 150 24.76 39.23 -19.73
N GLU D 151 23.80 40.09 -19.39
CA GLU D 151 23.32 40.24 -18.02
C GLU D 151 21.81 40.15 -18.04
N PRO D 152 21.21 39.60 -16.97
CA PRO D 152 19.75 39.42 -16.88
C PRO D 152 18.92 40.67 -17.12
N ASN D 153 19.45 41.83 -16.74
CA ASN D 153 18.73 43.09 -16.86
C ASN D 153 18.97 43.84 -18.18
N LEU D 154 20.04 43.49 -18.89
CA LEU D 154 20.32 44.10 -20.20
C LEU D 154 19.33 43.60 -21.26
N PRO D 155 19.20 44.33 -22.39
CA PRO D 155 18.43 43.80 -23.52
C PRO D 155 19.13 42.62 -24.18
N SER D 156 18.37 41.71 -24.76
CA SER D 156 18.91 40.52 -25.42
C SER D 156 19.53 40.90 -26.75
N TYR D 157 20.58 40.17 -27.15
CA TYR D 157 21.10 40.28 -28.50
C TYR D 157 20.44 39.19 -29.34
N ARG D 158 19.92 39.58 -30.49
CA ARG D 158 19.24 38.68 -31.40
C ARG D 158 20.31 38.05 -32.27
N ILE D 159 20.47 36.72 -32.14
CA ILE D 159 21.49 35.98 -32.87
C ILE D 159 20.97 35.57 -34.23
N THR D 160 19.74 35.10 -34.30
CA THR D 160 19.20 34.59 -35.56
C THR D 160 17.94 35.33 -35.95
N TRP D 161 17.75 35.47 -37.26
CA TRP D 161 16.63 36.22 -37.83
C TRP D 161 15.86 35.37 -38.82
N THR D 162 16.13 34.08 -38.85
CA THR D 162 15.54 33.19 -39.86
C THR D 162 14.46 32.28 -39.30
N GLY D 163 14.27 32.30 -37.98
CA GLY D 163 13.25 31.52 -37.29
C GLY D 163 11.88 31.57 -37.93
N LYS D 164 11.25 30.41 -38.07
CA LYS D 164 9.92 30.32 -38.69
C LYS D 164 9.21 29.05 -38.23
N GLU D 165 8.07 29.24 -37.57
CA GLU D 165 7.26 28.15 -37.03
C GLU D 165 7.20 26.99 -38.02
N ASP D 166 7.58 25.80 -37.54
CA ASP D 166 7.53 24.54 -38.32
C ASP D 166 8.43 24.48 -39.56
N ILE D 167 9.34 25.44 -39.72
CA ILE D 167 10.17 25.45 -40.93
C ILE D 167 11.65 25.65 -40.59
N ILE D 168 12.01 26.75 -39.95
CA ILE D 168 13.40 26.97 -39.56
C ILE D 168 13.49 27.02 -38.05
N TYR D 169 14.38 26.19 -37.52
CA TYR D 169 14.58 26.04 -36.09
C TYR D 169 16.02 26.39 -35.77
N ASN D 170 16.23 27.54 -35.15
CA ASN D 170 17.55 27.92 -34.69
C ASN D 170 17.69 27.58 -33.19
N GLY D 171 18.65 26.74 -32.84
CA GLY D 171 18.92 26.43 -31.43
C GLY D 171 17.96 25.50 -30.74
N ILE D 172 16.95 25.02 -31.48
CA ILE D 172 16.05 23.96 -31.01
C ILE D 172 15.87 22.90 -32.12
N THR D 173 15.54 21.68 -31.73
CA THR D 173 15.36 20.60 -32.67
C THR D 173 13.97 20.58 -33.26
N ASP D 174 13.83 19.95 -34.42
CA ASP D 174 12.51 19.63 -34.99
C ASP D 174 12.02 18.31 -34.40
N TRP D 175 10.91 17.79 -34.90
CA TRP D 175 10.28 16.65 -34.27
C TRP D 175 11.24 15.45 -34.24
N VAL D 176 11.82 15.12 -35.39
CA VAL D 176 12.57 13.89 -35.50
C VAL D 176 13.91 13.98 -34.77
N TYR D 177 14.55 15.15 -34.83
CA TYR D 177 15.79 15.35 -34.10
C TYR D 177 15.56 15.32 -32.60
N GLU D 178 14.40 15.79 -32.15
CA GLU D 178 14.09 15.78 -30.72
C GLU D 178 13.90 14.35 -30.24
N GLU D 179 13.01 13.63 -30.91
CA GLU D 179 12.67 12.28 -30.49
C GLU D 179 13.80 11.27 -30.67
N GLU D 180 14.57 11.37 -31.76
CA GLU D 180 15.42 10.26 -32.23
C GLU D 180 16.92 10.50 -32.34
N VAL D 181 17.36 11.76 -32.25
CA VAL D 181 18.77 12.05 -32.36
C VAL D 181 19.33 12.58 -31.07
N PHE D 182 18.83 13.73 -30.63
CA PHE D 182 19.38 14.40 -29.46
C PHE D 182 18.64 14.08 -28.18
N SER D 183 17.44 13.49 -28.27
CA SER D 183 16.66 13.20 -27.08
C SER D 183 16.53 14.45 -26.25
N ALA D 184 16.30 15.57 -26.92
CA ALA D 184 16.18 16.88 -26.29
C ALA D 184 15.68 17.86 -27.31
N TYR D 185 15.06 18.93 -26.81
CA TYR D 185 14.56 20.04 -27.63
C TYR D 185 15.70 21.02 -27.96
N SER D 186 16.63 21.15 -27.02
CA SER D 186 17.74 22.07 -27.10
C SER D 186 18.70 21.68 -28.21
N ALA D 187 19.13 22.66 -28.98
CA ALA D 187 20.22 22.48 -29.96
C ALA D 187 21.19 23.67 -29.83
N LEU D 188 21.52 23.95 -28.57
CA LEU D 188 22.40 25.03 -28.17
C LEU D 188 23.50 24.44 -27.32
N TRP D 189 24.76 24.74 -27.64
CA TRP D 189 25.89 24.26 -26.86
C TRP D 189 26.90 25.38 -26.61
N TRP D 190 26.89 25.90 -25.37
CA TRP D 190 27.85 26.90 -24.92
C TRP D 190 29.24 26.29 -24.88
N SER D 191 30.26 27.05 -25.24
CA SER D 191 31.66 26.62 -24.98
C SER D 191 31.91 26.56 -23.46
N PRO D 192 32.94 25.82 -23.02
CA PRO D 192 33.12 25.56 -21.59
C PRO D 192 33.12 26.79 -20.68
N ASN D 193 33.77 27.88 -21.09
CA ASN D 193 33.78 29.11 -20.29
C ASN D 193 32.76 30.18 -20.73
N GLY D 194 31.82 29.79 -21.59
CA GLY D 194 30.72 30.66 -21.97
C GLY D 194 31.03 31.70 -23.04
N THR D 195 32.19 31.63 -23.67
CA THR D 195 32.57 32.60 -24.70
C THR D 195 31.77 32.39 -25.98
N PHE D 196 31.86 31.19 -26.54
CA PHE D 196 31.11 30.86 -27.75
C PHE D 196 29.77 30.18 -27.43
N LEU D 197 28.80 30.42 -28.30
CA LEU D 197 27.55 29.68 -28.30
C LEU D 197 27.48 29.00 -29.64
N ALA D 198 27.47 27.67 -29.62
CA ALA D 198 27.26 26.90 -30.84
C ALA D 198 25.79 26.50 -30.96
N TYR D 199 25.31 26.34 -32.18
CA TYR D 199 23.93 25.97 -32.38
C TYR D 199 23.67 25.33 -33.73
N ALA D 200 22.66 24.48 -33.76
CA ALA D 200 22.23 23.86 -35.00
C ALA D 200 21.03 24.62 -35.49
N GLN D 201 20.88 24.66 -36.81
CA GLN D 201 19.68 25.16 -37.44
C GLN D 201 19.10 24.06 -38.29
N PHE D 202 17.83 23.74 -38.04
CA PHE D 202 17.12 22.72 -38.81
C PHE D 202 16.13 23.37 -39.75
N ASN D 203 15.98 22.76 -40.91
CA ASN D 203 15.13 23.26 -41.96
C ASN D 203 14.18 22.14 -42.41
N ASP D 204 12.88 22.31 -42.11
CA ASP D 204 11.85 21.29 -42.40
C ASP D 204 11.03 21.61 -43.66
N THR D 205 11.55 22.45 -44.53
CA THR D 205 10.74 23.06 -45.59
C THR D 205 9.97 22.03 -46.43
N GLU D 206 10.65 20.99 -46.88
CA GLU D 206 9.98 20.00 -47.74
C GLU D 206 9.64 18.70 -46.97
N VAL D 207 9.70 18.77 -45.65
CA VAL D 207 9.35 17.63 -44.81
C VAL D 207 7.83 17.54 -44.75
N PRO D 208 7.25 16.43 -45.24
CA PRO D 208 5.78 16.37 -45.21
C PRO D 208 5.19 16.46 -43.81
N LEU D 209 3.90 16.75 -43.75
CA LEU D 209 3.23 16.96 -42.47
C LEU D 209 2.38 15.78 -42.14
N ILE D 210 2.50 15.30 -40.91
CA ILE D 210 1.49 14.40 -40.37
C ILE D 210 0.36 15.30 -39.88
N GLU D 211 -0.85 14.97 -40.26
CA GLU D 211 -2.01 15.74 -39.84
C GLU D 211 -2.94 14.82 -39.07
N TYR D 212 -3.44 15.29 -37.95
CA TYR D 212 -4.43 14.51 -37.22
C TYR D 212 -5.32 15.44 -36.41
N SER D 213 -6.46 14.91 -36.04
CA SER D 213 -7.47 15.68 -35.33
C SER D 213 -7.16 15.78 -33.86
N PHE D 214 -7.39 16.97 -33.31
CA PHE D 214 -7.32 17.19 -31.88
C PHE D 214 -8.66 17.76 -31.44
N TYR D 215 -9.31 17.06 -30.51
CA TYR D 215 -10.72 17.31 -30.20
C TYR D 215 -10.88 18.37 -29.12
N SER D 216 -9.88 18.42 -28.24
CA SER D 216 -9.81 19.41 -27.19
C SER D 216 -10.96 19.26 -26.18
N ASP D 217 -11.15 20.30 -25.38
CA ASP D 217 -12.22 20.36 -24.40
C ASP D 217 -13.54 20.30 -25.14
N GLU D 218 -14.58 19.83 -24.47
CA GLU D 218 -15.86 19.62 -25.14
C GLU D 218 -16.49 20.93 -25.62
N SER D 219 -15.97 22.05 -25.14
CA SER D 219 -16.39 23.38 -25.58
C SER D 219 -15.91 23.76 -26.99
N LEU D 220 -14.90 23.06 -27.52
CA LEU D 220 -14.43 23.32 -28.87
C LEU D 220 -15.42 22.71 -29.84
N GLN D 221 -16.09 23.56 -30.62
CA GLN D 221 -17.15 23.08 -31.50
C GLN D 221 -16.61 22.32 -32.71
N TYR D 222 -15.49 22.80 -33.25
CA TYR D 222 -14.91 22.21 -34.44
C TYR D 222 -13.53 21.70 -34.07
N PRO D 223 -13.30 20.39 -34.24
CA PRO D 223 -12.00 19.81 -33.95
C PRO D 223 -10.88 20.55 -34.65
N LYS D 224 -9.72 20.54 -34.02
CA LYS D 224 -8.55 21.21 -34.52
C LYS D 224 -7.75 20.17 -35.30
N THR D 225 -7.16 20.56 -36.43
CA THR D 225 -6.23 19.68 -37.14
C THR D 225 -4.80 20.10 -36.77
N VAL D 226 -4.07 19.19 -36.14
CA VAL D 226 -2.68 19.42 -35.82
C VAL D 226 -1.81 19.00 -36.99
N ARG D 227 -0.81 19.81 -37.32
CA ARG D 227 0.04 19.56 -38.47
C ARG D 227 1.49 19.67 -38.01
N VAL D 228 2.26 18.59 -38.16
CA VAL D 228 3.63 18.52 -37.68
C VAL D 228 4.52 18.01 -38.80
N PRO D 229 5.65 18.71 -39.08
CA PRO D 229 6.61 18.11 -40.02
C PRO D 229 7.24 16.85 -39.43
N TYR D 230 7.09 15.77 -40.17
CA TYR D 230 7.43 14.46 -39.68
C TYR D 230 7.87 13.61 -40.86
N PRO D 231 9.15 13.28 -40.91
CA PRO D 231 9.62 12.47 -42.00
C PRO D 231 9.39 10.98 -41.72
N LYS D 232 8.45 10.40 -42.45
CA LYS D 232 8.26 8.95 -42.40
C LYS D 232 9.40 8.31 -43.20
N ALA D 233 9.57 7.00 -43.03
CA ALA D 233 10.66 6.28 -43.68
C ALA D 233 10.65 6.53 -45.18
N GLY D 234 11.80 6.95 -45.70
CA GLY D 234 11.97 7.20 -47.12
C GLY D 234 11.60 8.59 -47.61
N ALA D 235 11.06 9.42 -46.72
CA ALA D 235 10.57 10.73 -47.11
C ALA D 235 11.67 11.78 -47.03
N VAL D 236 11.36 12.98 -47.50
CA VAL D 236 12.30 14.08 -47.41
C VAL D 236 12.59 14.37 -45.95
N ASN D 237 13.87 14.36 -45.58
CA ASN D 237 14.28 14.63 -44.21
C ASN D 237 14.53 16.11 -44.01
N PRO D 238 14.50 16.58 -42.77
CA PRO D 238 15.00 17.91 -42.49
C PRO D 238 16.48 18.03 -42.83
N THR D 239 16.92 19.22 -43.27
CA THR D 239 18.34 19.48 -43.44
C THR D 239 18.85 20.24 -42.23
N VAL D 240 20.17 20.27 -42.07
CA VAL D 240 20.77 20.86 -40.89
C VAL D 240 22.08 21.62 -41.20
N LYS D 241 22.26 22.74 -40.53
CA LYS D 241 23.49 23.49 -40.60
C LYS D 241 23.96 23.76 -39.19
N PHE D 242 25.26 24.02 -39.05
CA PHE D 242 25.86 24.26 -37.76
C PHE D 242 26.59 25.60 -37.71
N PHE D 243 26.39 26.33 -36.61
CA PHE D 243 26.93 27.68 -36.47
C PHE D 243 27.57 27.89 -35.11
N VAL D 244 28.58 28.76 -35.09
CA VAL D 244 29.20 29.21 -33.85
C VAL D 244 29.32 30.73 -33.85
N VAL D 245 28.84 31.34 -32.77
CA VAL D 245 28.87 32.78 -32.60
C VAL D 245 29.62 33.09 -31.30
N ASN D 246 30.43 34.14 -31.36
CA ASN D 246 31.18 34.63 -30.21
C ASN D 246 30.29 35.58 -29.41
N THR D 247 29.96 35.21 -28.17
CA THR D 247 29.07 36.05 -27.35
C THR D 247 29.78 37.17 -26.57
N ASP D 248 31.10 37.27 -26.66
CA ASP D 248 31.84 38.37 -26.01
C ASP D 248 31.93 39.60 -26.91
N SER D 249 31.89 39.39 -28.22
CA SER D 249 31.98 40.47 -29.20
C SER D 249 30.63 40.75 -29.88
N LEU D 250 29.56 40.73 -29.10
CA LEU D 250 28.24 41.12 -29.60
C LEU D 250 28.14 42.64 -29.65
N SER D 251 27.15 43.16 -30.38
CA SER D 251 26.99 44.60 -30.55
C SER D 251 25.53 45.01 -30.68
N SER D 252 25.22 46.23 -30.24
CA SER D 252 23.87 46.77 -30.34
C SER D 252 23.61 47.36 -31.72
N VAL D 253 24.66 47.81 -32.39
CA VAL D 253 24.53 48.53 -33.65
C VAL D 253 24.48 47.54 -34.82
N THR D 254 25.38 46.56 -34.82
CA THR D 254 25.45 45.59 -35.90
C THR D 254 24.89 44.23 -35.47
N ASN D 255 24.36 43.49 -36.43
CA ASN D 255 23.93 42.10 -36.20
C ASN D 255 25.14 41.20 -35.95
N ALA D 256 24.95 40.18 -35.12
CA ALA D 256 26.00 39.20 -34.83
C ALA D 256 26.27 38.31 -36.04
N THR D 257 27.53 37.99 -36.31
CA THR D 257 27.86 37.09 -37.42
C THR D 257 28.19 35.69 -36.90
N SER D 258 27.28 34.76 -37.17
CA SER D 258 27.48 33.38 -36.81
C SER D 258 28.36 32.71 -37.87
N ILE D 259 29.42 32.04 -37.44
CA ILE D 259 30.31 31.33 -38.35
C ILE D 259 29.80 29.91 -38.57
N GLN D 260 29.59 29.55 -39.82
CA GLN D 260 29.14 28.21 -40.17
C GLN D 260 30.31 27.23 -40.18
N ILE D 261 30.03 26.00 -39.74
CA ILE D 261 30.96 24.90 -39.89
C ILE D 261 30.25 23.87 -40.75
N THR D 262 30.68 23.75 -42.00
CA THR D 262 30.02 22.83 -42.91
C THR D 262 30.37 21.38 -42.59
N ALA D 263 29.46 20.48 -42.94
CA ALA D 263 29.70 19.05 -42.78
C ALA D 263 30.75 18.64 -43.79
N PRO D 264 31.54 17.59 -43.48
CA PRO D 264 32.57 17.13 -44.41
C PRO D 264 31.98 16.58 -45.69
N ALA D 265 32.80 16.54 -46.74
CA ALA D 265 32.31 16.26 -48.10
C ALA D 265 31.66 14.90 -48.19
N SER D 266 32.19 13.96 -47.43
CA SER D 266 31.66 12.59 -47.40
C SER D 266 30.24 12.52 -46.84
N MET D 267 29.82 13.60 -46.15
CA MET D 267 28.44 13.77 -45.71
C MET D 267 27.63 14.60 -46.69
N LEU D 268 28.22 15.67 -47.21
CA LEU D 268 27.51 16.55 -48.15
C LEU D 268 27.10 15.82 -49.43
N ILE D 269 27.85 14.80 -49.80
CA ILE D 269 27.53 13.97 -50.96
C ILE D 269 26.07 13.45 -50.97
N GLY D 270 25.43 13.31 -49.81
CA GLY D 270 23.99 12.97 -49.75
C GLY D 270 23.28 13.42 -48.48
N ASP D 271 22.11 12.86 -48.22
CA ASP D 271 21.38 13.10 -46.98
C ASP D 271 22.21 12.67 -45.77
N HIS D 272 22.18 13.47 -44.71
CA HIS D 272 22.96 13.19 -43.51
C HIS D 272 22.34 13.84 -42.28
N TYR D 273 22.91 13.57 -41.12
CA TYR D 273 22.46 14.14 -39.86
C TYR D 273 23.60 14.73 -39.07
N LEU D 274 23.29 15.71 -38.23
CA LEU D 274 24.21 16.10 -37.18
C LEU D 274 23.86 15.23 -35.97
N CYS D 275 24.78 14.44 -35.45
CA CYS D 275 24.40 13.51 -34.38
C CYS D 275 25.09 13.72 -33.05
N ASP D 276 26.16 14.49 -33.00
CA ASP D 276 26.78 14.80 -31.70
C ASP D 276 27.50 16.14 -31.76
N VAL D 277 27.39 16.89 -30.68
CA VAL D 277 28.17 18.10 -30.51
C VAL D 277 28.81 18.05 -29.14
N THR D 278 30.13 18.23 -29.11
CA THR D 278 30.89 18.19 -27.87
C THR D 278 32.03 19.20 -27.91
N TRP D 279 32.04 20.12 -26.95
CA TRP D 279 33.18 21.03 -26.81
C TRP D 279 34.34 20.28 -26.17
N ALA D 280 35.52 20.44 -26.77
CA ALA D 280 36.76 19.85 -26.24
C ALA D 280 37.47 20.82 -25.29
N THR D 281 37.54 22.08 -25.72
CA THR D 281 38.22 23.15 -24.99
C THR D 281 37.50 24.47 -25.28
N GLN D 282 38.04 25.57 -24.77
CA GLN D 282 37.49 26.92 -25.03
C GLN D 282 37.47 27.27 -26.52
N GLU D 283 38.38 26.66 -27.29
CA GLU D 283 38.57 26.99 -28.70
C GLU D 283 38.54 25.79 -29.66
N ARG D 284 38.04 24.66 -29.17
CA ARG D 284 37.97 23.45 -29.97
C ARG D 284 36.66 22.71 -29.75
N ILE D 285 35.92 22.53 -30.84
CA ILE D 285 34.65 21.82 -30.80
C ILE D 285 34.72 20.61 -31.73
N SER D 286 34.18 19.49 -31.27
CA SER D 286 34.02 18.31 -32.12
C SER D 286 32.54 18.10 -32.45
N LEU D 287 32.29 17.73 -33.70
CA LEU D 287 30.96 17.43 -34.19
C LEU D 287 30.98 16.07 -34.87
N GLN D 288 29.93 15.27 -34.68
CA GLN D 288 29.83 14.02 -35.41
C GLN D 288 28.66 14.08 -36.34
N TRP D 289 28.85 13.56 -37.54
CA TRP D 289 27.82 13.56 -38.55
C TRP D 289 27.59 12.13 -38.90
N LEU D 290 26.41 11.85 -39.45
CA LEU D 290 25.96 10.51 -39.71
C LEU D 290 25.26 10.51 -41.05
N ARG D 291 25.68 9.64 -41.96
CA ARG D 291 24.98 9.47 -43.23
C ARG D 291 23.55 8.99 -43.00
N ARG D 292 22.64 9.35 -43.91
CA ARG D 292 21.25 8.89 -43.80
C ARG D 292 21.17 7.37 -43.70
N ILE D 293 22.04 6.69 -44.46
CA ILE D 293 22.32 5.27 -44.24
C ILE D 293 23.31 5.23 -43.08
N GLN D 294 22.80 4.84 -41.92
CA GLN D 294 23.48 5.13 -40.67
C GLN D 294 24.55 4.11 -40.28
N ASN D 295 25.41 3.74 -41.22
CA ASN D 295 26.54 2.87 -40.92
C ASN D 295 27.91 3.54 -41.19
N TYR D 296 27.90 4.85 -41.43
CA TYR D 296 29.12 5.61 -41.66
C TYR D 296 28.96 6.95 -40.99
N SER D 297 29.83 7.25 -40.03
CA SER D 297 29.83 8.57 -39.40
C SER D 297 31.26 9.13 -39.30
N VAL D 298 31.34 10.46 -39.30
CA VAL D 298 32.59 11.17 -39.27
C VAL D 298 32.57 12.18 -38.13
N MET D 299 33.63 12.17 -37.34
CA MET D 299 33.87 13.21 -36.35
C MET D 299 34.83 14.22 -36.96
N ASP D 300 34.43 15.49 -36.93
CA ASP D 300 35.29 16.60 -37.29
C ASP D 300 35.69 17.30 -36.01
N ILE D 301 36.95 17.67 -35.91
CA ILE D 301 37.45 18.42 -34.78
C ILE D 301 37.92 19.75 -35.32
N CYS D 302 37.32 20.83 -34.81
CA CYS D 302 37.39 22.12 -35.46
C CYS D 302 37.87 23.18 -34.46
N ASP D 303 38.82 24.00 -34.91
CA ASP D 303 39.52 24.95 -34.06
C ASP D 303 39.23 26.39 -34.43
N TYR D 304 39.17 27.26 -33.42
CA TYR D 304 39.03 28.67 -33.65
C TYR D 304 40.35 29.22 -34.21
N ASP D 305 40.23 30.08 -35.23
CA ASP D 305 41.36 30.80 -35.81
C ASP D 305 41.20 32.27 -35.45
N GLU D 306 42.07 32.78 -34.57
CA GLU D 306 41.99 34.16 -34.06
C GLU D 306 42.11 35.25 -35.13
N SER D 307 42.91 35.00 -36.16
CA SER D 307 43.18 36.01 -37.19
C SER D 307 42.02 36.15 -38.17
N SER D 308 41.35 35.05 -38.48
CA SER D 308 40.20 35.06 -39.42
C SER D 308 38.85 35.15 -38.71
N GLY D 309 38.82 34.77 -37.43
CA GLY D 309 37.56 34.64 -36.69
C GLY D 309 36.75 33.42 -37.12
N ARG D 310 37.40 32.50 -37.85
CA ARG D 310 36.73 31.35 -38.44
C ARG D 310 37.13 30.05 -37.76
N TRP D 311 36.36 29.01 -38.02
CA TRP D 311 36.60 27.70 -37.45
C TRP D 311 37.09 26.77 -38.53
N ASN D 312 38.22 26.10 -38.28
CA ASN D 312 38.84 25.25 -39.29
C ASN D 312 38.91 23.80 -38.81
N CYS D 313 38.37 22.90 -39.62
CA CYS D 313 38.35 21.47 -39.32
C CYS D 313 39.38 20.78 -40.21
N LEU D 314 40.50 20.40 -39.63
CA LEU D 314 41.56 19.74 -40.40
C LEU D 314 41.18 18.28 -40.71
N VAL D 315 41.26 17.92 -41.98
CA VAL D 315 41.01 16.56 -42.46
C VAL D 315 41.86 15.53 -41.72
N ALA D 316 43.09 15.89 -41.39
CA ALA D 316 43.99 15.03 -40.62
C ALA D 316 43.46 14.73 -39.21
N ARG D 317 42.46 15.51 -38.77
CA ARG D 317 41.87 15.30 -37.45
C ARG D 317 40.42 14.77 -37.54
N GLN D 318 40.05 14.30 -38.74
CA GLN D 318 38.80 13.57 -38.93
C GLN D 318 38.94 12.16 -38.42
N HIS D 319 37.84 11.62 -37.91
CA HIS D 319 37.80 10.26 -37.47
C HIS D 319 36.53 9.62 -37.98
N ILE D 320 36.69 8.44 -38.58
CA ILE D 320 35.59 7.69 -39.14
C ILE D 320 35.23 6.62 -38.13
N GLU D 321 33.93 6.42 -37.95
CA GLU D 321 33.41 5.29 -37.21
C GLU D 321 32.36 4.68 -38.10
N MET D 322 32.59 3.45 -38.55
CA MET D 322 31.64 2.77 -39.42
C MET D 322 31.32 1.36 -38.89
N SER D 323 30.34 0.72 -39.50
CA SER D 323 29.95 -0.64 -39.15
C SER D 323 29.63 -1.40 -40.43
N THR D 324 30.09 -2.64 -40.51
CA THR D 324 29.78 -3.52 -41.63
C THR D 324 28.60 -4.44 -41.31
N THR D 325 28.37 -4.67 -40.02
CA THR D 325 27.32 -5.57 -39.57
C THR D 325 25.99 -4.86 -39.29
N GLY D 326 26.05 -3.54 -39.11
CA GLY D 326 24.85 -2.83 -38.71
C GLY D 326 24.96 -1.34 -38.81
N TRP D 327 24.48 -0.67 -37.78
CA TRP D 327 24.44 0.77 -37.75
C TRP D 327 25.50 1.19 -36.79
N VAL D 328 25.76 2.49 -36.70
CA VAL D 328 26.80 2.99 -35.80
C VAL D 328 26.20 3.44 -34.49
N GLY D 329 26.72 2.90 -33.40
CA GLY D 329 26.26 3.26 -32.06
C GLY D 329 25.09 2.42 -31.60
N ARG D 330 24.67 2.62 -30.36
CA ARG D 330 23.54 1.86 -29.87
C ARG D 330 22.33 2.42 -30.56
N PHE D 331 22.09 3.71 -30.35
CA PHE D 331 21.13 4.48 -31.12
C PHE D 331 21.79 5.60 -31.93
N ARG D 332 22.98 6.01 -31.53
CA ARG D 332 23.80 6.96 -32.31
C ARG D 332 25.25 6.81 -31.91
N PRO D 333 26.17 7.31 -32.74
CA PRO D 333 27.57 7.31 -32.35
C PRO D 333 27.74 7.93 -30.97
N SER D 334 28.55 7.31 -30.12
CA SER D 334 28.73 7.80 -28.76
C SER D 334 29.57 9.07 -28.72
N GLU D 335 29.50 9.73 -27.58
CA GLU D 335 30.11 11.03 -27.39
C GLU D 335 31.55 10.90 -26.87
N PRO D 336 32.46 11.78 -27.36
CA PRO D 336 33.84 11.73 -26.93
C PRO D 336 34.01 12.36 -25.57
N HIS D 337 34.98 11.86 -24.79
CA HIS D 337 35.37 12.51 -23.55
C HIS D 337 36.81 12.95 -23.68
N PHE D 338 36.99 14.26 -23.81
CA PHE D 338 38.27 14.86 -24.11
C PHE D 338 39.07 15.05 -22.85
N THR D 339 40.38 14.90 -22.99
CA THR D 339 41.33 15.28 -21.95
C THR D 339 41.36 16.82 -21.86
N LEU D 340 41.78 17.32 -20.69
CA LEU D 340 41.87 18.76 -20.42
C LEU D 340 42.44 19.58 -21.58
N ASP D 341 43.54 19.12 -22.17
CA ASP D 341 44.19 19.83 -23.28
C ASP D 341 43.51 19.61 -24.64
N GLY D 342 42.52 18.73 -24.69
CA GLY D 342 41.74 18.51 -25.89
C GLY D 342 42.49 17.88 -27.06
N ASN D 343 43.64 17.26 -26.79
CA ASN D 343 44.43 16.59 -27.84
C ASN D 343 44.17 15.09 -27.84
N SER D 344 43.43 14.63 -26.85
CA SER D 344 43.03 13.25 -26.81
C SER D 344 41.60 13.15 -26.36
N PHE D 345 40.98 12.01 -26.69
CA PHE D 345 39.64 11.69 -26.20
C PHE D 345 39.37 10.19 -26.07
N TYR D 346 38.47 9.87 -25.15
CA TYR D 346 37.98 8.53 -24.93
C TYR D 346 36.55 8.42 -25.42
N LYS D 347 36.23 7.36 -26.15
CA LYS D 347 34.84 7.04 -26.39
C LYS D 347 34.59 5.57 -26.61
N ILE D 348 33.32 5.22 -26.43
CA ILE D 348 32.86 3.85 -26.57
C ILE D 348 32.64 3.56 -28.03
N ILE D 349 33.24 2.48 -28.51
CA ILE D 349 33.01 1.98 -29.85
C ILE D 349 33.05 0.45 -29.73
N SER D 350 32.45 -0.24 -30.68
CA SER D 350 32.46 -1.69 -30.62
C SER D 350 33.81 -2.16 -31.11
N ASN D 351 34.38 -3.10 -30.39
CA ASN D 351 35.68 -3.64 -30.76
C ASN D 351 35.54 -4.67 -31.90
N GLU D 352 36.64 -5.32 -32.23
CA GLU D 352 36.72 -6.28 -33.31
C GLU D 352 35.81 -7.47 -33.10
N GLU D 353 35.50 -7.78 -31.85
CA GLU D 353 34.60 -8.88 -31.52
C GLU D 353 33.13 -8.44 -31.40
N GLY D 354 32.85 -7.17 -31.68
CA GLY D 354 31.49 -6.63 -31.63
C GLY D 354 31.01 -6.14 -30.27
N TYR D 355 31.92 -6.05 -29.30
CA TYR D 355 31.58 -5.57 -27.96
C TYR D 355 32.06 -4.15 -27.77
N ARG D 356 31.23 -3.33 -27.11
CA ARG D 356 31.48 -1.89 -26.95
C ARG D 356 32.39 -1.61 -25.77
N HIS D 357 33.50 -0.93 -26.05
CA HIS D 357 34.53 -0.70 -25.06
C HIS D 357 35.16 0.66 -25.26
N ILE D 358 35.83 1.17 -24.22
CA ILE D 358 36.42 2.48 -24.26
C ILE D 358 37.68 2.45 -25.11
N CYS D 359 37.76 3.34 -26.10
CA CYS D 359 38.94 3.47 -26.95
C CYS D 359 39.53 4.86 -26.71
N TYR D 360 40.85 4.93 -26.72
CA TYR D 360 41.58 6.19 -26.53
C TYR D 360 42.09 6.65 -27.87
N PHE D 361 41.76 7.90 -28.23
CA PHE D 361 42.16 8.47 -29.48
C PHE D 361 43.05 9.66 -29.21
N GLN D 362 44.01 9.87 -30.09
CA GLN D 362 44.68 11.13 -30.14
C GLN D 362 44.04 11.88 -31.30
N ILE D 363 43.97 13.19 -31.15
CA ILE D 363 43.22 14.03 -32.08
C ILE D 363 43.63 13.83 -33.53
N ASP D 364 44.92 13.59 -33.75
CA ASP D 364 45.45 13.49 -35.11
C ASP D 364 45.94 12.09 -35.50
N LYS D 365 45.52 11.05 -34.78
CA LYS D 365 45.87 9.66 -35.12
C LYS D 365 44.64 8.86 -35.50
N LYS D 366 44.76 8.02 -36.53
CA LYS D 366 43.67 7.17 -36.95
C LYS D 366 43.39 6.09 -35.90
N ASP D 367 44.36 5.23 -35.65
CA ASP D 367 44.15 4.08 -34.77
C ASP D 367 43.99 4.52 -33.33
N CYS D 368 43.12 3.83 -32.59
CA CYS D 368 42.92 4.09 -31.17
C CYS D 368 43.37 2.86 -30.41
N THR D 369 43.53 2.99 -29.09
CA THR D 369 43.90 1.84 -28.28
C THR D 369 42.80 1.59 -27.24
N PHE D 370 42.29 0.37 -27.23
CA PHE D 370 41.25 -0.02 -26.32
C PHE D 370 41.83 -0.20 -24.95
N ILE D 371 41.16 0.38 -23.95
CA ILE D 371 41.62 0.25 -22.57
C ILE D 371 40.65 -0.57 -21.72
N THR D 372 39.54 -1.02 -22.30
CA THR D 372 38.74 -2.10 -21.74
C THR D 372 38.49 -3.13 -22.82
N LYS D 373 38.19 -4.35 -22.38
CA LYS D 373 37.85 -5.44 -23.30
C LYS D 373 37.09 -6.53 -22.57
N GLY D 374 36.51 -7.45 -23.34
CA GLY D 374 35.84 -8.60 -22.75
C GLY D 374 34.47 -8.81 -23.35
N THR D 375 33.81 -9.91 -22.94
CA THR D 375 32.46 -10.23 -23.39
C THR D 375 31.44 -9.64 -22.42
N TRP D 376 31.39 -8.31 -22.43
CA TRP D 376 30.47 -7.49 -21.64
C TRP D 376 30.67 -6.13 -22.29
N GLU D 377 29.86 -5.13 -21.94
CA GLU D 377 30.05 -3.83 -22.59
C GLU D 377 30.12 -2.70 -21.60
N VAL D 378 30.81 -1.64 -22.01
CA VAL D 378 30.75 -0.37 -21.31
C VAL D 378 29.44 0.33 -21.71
N ILE D 379 28.68 0.77 -20.71
CA ILE D 379 27.40 1.41 -20.92
C ILE D 379 27.62 2.89 -21.10
N GLY D 380 28.47 3.49 -20.25
CA GLY D 380 28.78 4.89 -20.41
C GLY D 380 30.01 5.32 -19.66
N ILE D 381 30.75 6.26 -20.24
CA ILE D 381 31.80 6.98 -19.55
C ILE D 381 31.16 8.10 -18.71
N GLU D 382 31.40 8.08 -17.41
CA GLU D 382 30.69 8.95 -16.49
C GLU D 382 31.53 10.14 -16.04
N ALA D 383 32.84 9.95 -15.89
CA ALA D 383 33.73 11.05 -15.54
C ALA D 383 35.18 10.82 -15.96
N LEU D 384 35.88 11.90 -16.25
CA LEU D 384 37.29 11.83 -16.61
C LEU D 384 38.05 12.85 -15.79
N THR D 385 38.93 12.38 -14.92
CA THR D 385 39.89 13.24 -14.23
C THR D 385 41.26 13.03 -14.88
N SER D 386 42.29 13.68 -14.36
CA SER D 386 43.64 13.52 -14.87
C SER D 386 44.23 12.18 -14.42
N ASP D 387 43.66 11.59 -13.37
CA ASP D 387 44.14 10.32 -12.84
C ASP D 387 43.24 9.12 -13.14
N TYR D 388 41.94 9.34 -13.25
CA TYR D 388 40.99 8.24 -13.36
C TYR D 388 39.92 8.48 -14.43
N LEU D 389 39.54 7.40 -15.09
CA LEU D 389 38.35 7.40 -15.96
C LEU D 389 37.32 6.52 -15.26
N TYR D 390 36.15 7.08 -15.00
CA TYR D 390 35.04 6.37 -14.37
C TYR D 390 34.02 5.98 -15.44
N TYR D 391 33.51 4.75 -15.36
CA TYR D 391 32.54 4.25 -16.33
C TYR D 391 31.59 3.24 -15.69
N ILE D 392 30.46 3.01 -16.36
CA ILE D 392 29.47 2.00 -15.98
C ILE D 392 29.54 0.85 -16.98
N SER D 393 29.51 -0.38 -16.50
CA SER D 393 29.43 -1.55 -17.38
C SER D 393 28.57 -2.63 -16.78
N ASN D 394 28.35 -3.68 -17.57
CA ASN D 394 27.63 -4.84 -17.10
C ASN D 394 28.53 -6.06 -16.91
N GLU D 395 29.80 -5.81 -16.56
CA GLU D 395 30.80 -6.86 -16.40
C GLU D 395 30.53 -7.77 -15.21
N TYR D 396 30.09 -7.20 -14.10
CA TYR D 396 29.95 -7.97 -12.86
C TYR D 396 29.09 -9.20 -13.03
N LYS D 397 29.71 -10.35 -12.79
CA LYS D 397 29.05 -11.66 -12.80
C LYS D 397 28.49 -12.03 -14.17
N GLY D 398 29.03 -11.42 -15.22
CA GLY D 398 28.56 -11.67 -16.58
C GLY D 398 27.08 -11.42 -16.79
N MET D 399 26.49 -10.53 -16.00
CA MET D 399 25.05 -10.23 -16.08
C MET D 399 24.86 -9.01 -16.98
N PRO D 400 24.37 -9.22 -18.21
CA PRO D 400 24.20 -8.07 -19.10
C PRO D 400 23.23 -7.03 -18.59
N GLY D 401 22.31 -7.44 -17.72
CA GLY D 401 21.30 -6.57 -17.17
C GLY D 401 21.64 -6.03 -15.79
N GLY D 402 22.90 -6.13 -15.40
CA GLY D 402 23.41 -5.41 -14.23
C GLY D 402 24.27 -4.22 -14.65
N ARG D 403 24.43 -3.26 -13.76
CA ARG D 403 25.23 -2.07 -14.00
C ARG D 403 26.04 -1.80 -12.75
N ASN D 404 27.33 -1.55 -12.94
CA ASN D 404 28.19 -1.14 -11.85
C ASN D 404 29.16 -0.07 -12.28
N LEU D 405 29.67 0.67 -11.27
CA LEU D 405 30.63 1.75 -11.48
C LEU D 405 32.05 1.23 -11.29
N TYR D 406 32.92 1.62 -12.21
CA TYR D 406 34.31 1.18 -12.23
C TYR D 406 35.16 2.40 -12.47
N LYS D 407 36.41 2.36 -12.01
CA LYS D 407 37.37 3.39 -12.36
C LYS D 407 38.67 2.82 -12.88
N ILE D 408 39.17 3.43 -13.95
CA ILE D 408 40.41 3.01 -14.56
C ILE D 408 41.52 3.95 -14.12
N GLN D 409 42.59 3.37 -13.61
CA GLN D 409 43.78 4.13 -13.27
C GLN D 409 44.45 4.49 -14.57
N LEU D 410 44.44 5.79 -14.92
CA LEU D 410 44.98 6.25 -16.21
C LEU D 410 46.49 6.02 -16.41
N SER D 411 47.24 5.88 -15.32
CA SER D 411 48.65 5.55 -15.41
C SER D 411 48.89 4.06 -15.65
N ASP D 412 47.88 3.23 -15.43
CA ASP D 412 47.97 1.83 -15.81
C ASP D 412 46.55 1.30 -15.96
N TYR D 413 46.05 1.37 -17.18
CA TYR D 413 44.63 1.07 -17.43
C TYR D 413 44.21 -0.37 -17.12
N THR D 414 45.17 -1.28 -16.98
CA THR D 414 44.87 -2.65 -16.50
C THR D 414 44.49 -2.66 -15.03
N LYS D 415 44.76 -1.57 -14.31
CA LYS D 415 44.34 -1.44 -12.92
C LYS D 415 42.97 -0.78 -12.82
N VAL D 416 41.98 -1.60 -12.48
CA VAL D 416 40.58 -1.22 -12.51
C VAL D 416 39.89 -1.64 -11.21
N THR D 417 39.29 -0.69 -10.53
CA THR D 417 38.55 -0.96 -9.30
C THR D 417 37.04 -0.87 -9.54
N CYS D 418 36.29 -1.85 -9.06
CA CYS D 418 34.84 -1.74 -9.08
C CYS D 418 34.39 -1.04 -7.82
N LEU D 419 33.78 0.13 -8.00
CA LEU D 419 33.41 0.99 -6.87
C LEU D 419 32.07 0.62 -6.27
N SER D 420 31.25 -0.13 -7.00
CA SER D 420 29.87 -0.39 -6.56
C SER D 420 29.51 -1.86 -6.40
N CYS D 421 30.26 -2.74 -7.06
CA CYS D 421 29.94 -4.17 -7.09
C CYS D 421 29.55 -4.73 -5.72
N GLU D 422 30.40 -4.45 -4.73
CA GLU D 422 30.38 -5.17 -3.45
C GLU D 422 29.76 -4.38 -2.30
N LEU D 423 29.27 -3.17 -2.57
CA LEU D 423 28.66 -2.32 -1.52
C LEU D 423 27.45 -2.98 -0.86
N ASN D 424 26.59 -3.58 -1.67
CA ASN D 424 25.52 -4.43 -1.17
C ASN D 424 25.06 -5.38 -2.27
N PRO D 425 25.85 -6.45 -2.53
CA PRO D 425 25.65 -7.34 -3.68
C PRO D 425 24.26 -7.94 -3.84
N GLU D 426 23.57 -8.18 -2.73
CA GLU D 426 22.26 -8.86 -2.78
C GLU D 426 21.13 -7.89 -3.10
N ARG D 427 21.19 -6.70 -2.53
CA ARG D 427 20.15 -5.69 -2.72
C ARG D 427 20.44 -4.79 -3.93
N CYS D 428 21.71 -4.64 -4.28
CA CYS D 428 22.11 -3.60 -5.22
C CYS D 428 22.99 -4.10 -6.36
N GLN D 429 22.40 -4.18 -7.56
CA GLN D 429 23.16 -4.59 -8.75
C GLN D 429 22.88 -3.73 -9.98
N TYR D 430 22.16 -2.62 -9.82
CA TYR D 430 21.90 -1.68 -10.92
C TYR D 430 22.20 -0.28 -10.43
N TYR D 431 23.39 0.21 -10.76
CA TYR D 431 23.82 1.52 -10.32
C TYR D 431 23.86 2.52 -11.46
N SER D 432 23.59 3.78 -11.12
CA SER D 432 23.94 4.91 -11.94
C SER D 432 24.66 5.88 -11.00
N VAL D 433 25.30 6.90 -11.55
CA VAL D 433 26.15 7.77 -10.75
C VAL D 433 26.00 9.22 -11.17
N SER D 434 26.23 10.11 -10.21
CA SER D 434 26.24 11.56 -10.44
C SER D 434 27.46 12.16 -9.74
N PHE D 435 28.46 12.59 -10.51
CA PHE D 435 29.69 13.14 -9.95
C PHE D 435 29.63 14.65 -9.70
N SER D 436 30.30 15.09 -8.63
CA SER D 436 30.49 16.51 -8.39
C SER D 436 31.32 17.10 -9.53
N LYS D 437 31.41 18.42 -9.56
CA LYS D 437 31.95 19.16 -10.71
C LYS D 437 33.36 18.70 -11.18
N GLU D 438 34.22 18.34 -10.24
CA GLU D 438 35.57 17.85 -10.58
C GLU D 438 35.72 16.39 -10.15
N ALA D 439 34.58 15.69 -10.03
CA ALA D 439 34.54 14.30 -9.62
C ALA D 439 35.17 14.04 -8.25
N LYS D 440 35.14 15.02 -7.36
CA LYS D 440 35.67 14.84 -6.02
C LYS D 440 34.74 13.96 -5.19
N TYR D 441 33.45 14.03 -5.48
CA TYR D 441 32.46 13.19 -4.80
C TYR D 441 31.49 12.61 -5.82
N TYR D 442 30.75 11.59 -5.40
CA TYR D 442 29.68 11.05 -6.23
C TYR D 442 28.55 10.47 -5.41
N GLN D 443 27.35 10.62 -5.97
CA GLN D 443 26.17 9.94 -5.49
C GLN D 443 25.98 8.67 -6.31
N LEU D 444 25.86 7.56 -5.62
CA LEU D 444 25.44 6.30 -6.22
C LEU D 444 23.93 6.17 -6.08
N ARG D 445 23.25 5.93 -7.21
CA ARG D 445 21.85 5.55 -7.18
C ARG D 445 21.73 4.09 -7.60
N CYS D 446 21.26 3.26 -6.69
CA CYS D 446 21.06 1.84 -6.96
C CYS D 446 19.56 1.59 -7.17
N SER D 447 19.20 0.90 -8.25
CA SER D 447 17.79 0.76 -8.63
C SER D 447 17.24 -0.67 -8.50
N GLY D 448 18.04 -1.56 -7.92
CA GLY D 448 17.59 -2.93 -7.66
C GLY D 448 18.72 -3.92 -7.59
N PRO D 449 18.42 -5.21 -7.36
CA PRO D 449 17.08 -5.79 -7.30
C PRO D 449 16.27 -5.39 -6.07
N GLY D 450 16.92 -5.06 -4.96
CA GLY D 450 16.20 -4.66 -3.74
C GLY D 450 15.68 -3.24 -3.89
N LEU D 451 15.19 -2.66 -2.80
CA LEU D 451 14.67 -1.29 -2.86
C LEU D 451 15.76 -0.28 -3.18
N PRO D 452 15.43 0.76 -3.95
CA PRO D 452 16.46 1.73 -4.32
C PRO D 452 17.20 2.32 -3.12
N LEU D 453 18.48 2.62 -3.34
CA LEU D 453 19.37 3.08 -2.29
C LEU D 453 20.29 4.16 -2.85
N TYR D 454 20.16 5.36 -2.33
CA TYR D 454 21.00 6.48 -2.72
C TYR D 454 22.06 6.69 -1.64
N THR D 455 23.30 6.85 -2.07
CA THR D 455 24.44 6.96 -1.15
C THR D 455 25.43 7.99 -1.66
N LEU D 456 26.18 8.60 -0.76
CA LEU D 456 27.16 9.62 -1.12
C LEU D 456 28.55 9.05 -0.87
N HIS D 457 29.50 9.39 -1.74
CA HIS D 457 30.85 8.84 -1.66
C HIS D 457 31.90 9.89 -1.99
N SER D 458 33.10 9.71 -1.45
CA SER D 458 34.23 10.58 -1.79
C SER D 458 35.15 9.82 -2.73
N SER D 459 35.58 10.49 -3.81
CA SER D 459 36.49 9.89 -4.82
C SER D 459 37.90 9.60 -4.32
N VAL D 460 38.30 10.18 -3.20
CA VAL D 460 39.68 10.11 -2.73
C VAL D 460 40.06 8.68 -2.30
N ASN D 461 39.36 8.14 -1.30
CA ASN D 461 39.54 6.74 -0.88
C ASN D 461 38.36 5.88 -1.32
N ASP D 462 37.49 6.44 -2.17
CA ASP D 462 36.20 5.85 -2.52
C ASP D 462 35.45 5.36 -1.27
N LYS D 463 35.45 6.19 -0.23
CA LYS D 463 34.83 5.86 1.05
C LYS D 463 33.35 6.26 1.02
N GLY D 464 32.51 5.37 1.57
CA GLY D 464 31.07 5.59 1.61
C GLY D 464 30.71 6.54 2.72
N LEU D 465 30.43 7.79 2.36
CA LEU D 465 30.14 8.83 3.33
C LEU D 465 28.82 8.60 4.05
N ARG D 466 27.70 8.66 3.33
CA ARG D 466 26.42 8.47 3.99
C ARG D 466 25.31 7.96 3.08
N VAL D 467 24.36 7.29 3.72
CA VAL D 467 23.13 6.88 3.08
C VAL D 467 22.26 8.14 2.96
N LEU D 468 21.85 8.46 1.73
CA LEU D 468 20.99 9.62 1.48
C LEU D 468 19.52 9.25 1.53
N GLU D 469 19.20 8.05 1.07
CA GLU D 469 17.83 7.55 1.05
C GLU D 469 17.87 6.04 0.84
N ASP D 470 17.24 5.31 1.75
CA ASP D 470 17.28 3.85 1.73
C ASP D 470 15.88 3.22 1.69
N ASN D 471 14.87 4.06 1.47
CA ASN D 471 13.49 3.60 1.28
C ASN D 471 12.91 2.75 2.41
N SER D 472 13.39 2.94 3.64
CA SER D 472 12.93 2.12 4.76
C SER D 472 11.43 2.31 5.05
N ALA D 473 10.89 3.50 4.72
CA ALA D 473 9.45 3.73 4.83
C ALA D 473 8.67 2.78 3.92
N LEU D 474 9.09 2.70 2.65
CA LEU D 474 8.48 1.76 1.71
C LEU D 474 8.71 0.34 2.19
N ASP D 475 9.92 0.03 2.65
CA ASP D 475 10.26 -1.31 3.13
C ASP D 475 9.34 -1.74 4.26
N LYS D 476 9.03 -0.81 5.15
CA LYS D 476 8.18 -1.10 6.31
C LYS D 476 6.80 -1.53 5.83
N MET D 477 6.14 -0.64 5.09
CA MET D 477 4.76 -0.88 4.66
C MET D 477 4.62 -1.94 3.57
N LEU D 478 5.73 -2.40 3.01
CA LEU D 478 5.72 -3.48 2.02
C LEU D 478 5.74 -4.88 2.65
N GLN D 479 6.31 -5.01 3.86
CA GLN D 479 6.59 -6.34 4.40
C GLN D 479 5.35 -7.10 4.87
N ASN D 480 4.23 -6.39 5.00
CA ASN D 480 2.92 -7.02 5.18
C ASN D 480 2.12 -7.19 3.88
N VAL D 481 2.78 -6.95 2.73
CA VAL D 481 2.18 -7.18 1.42
C VAL D 481 2.77 -8.45 0.80
N GLN D 482 1.91 -9.30 0.27
CA GLN D 482 2.36 -10.45 -0.51
C GLN D 482 2.96 -9.97 -1.84
N MET D 483 4.27 -9.72 -1.84
CA MET D 483 4.97 -9.22 -3.00
C MET D 483 5.49 -10.37 -3.85
N PRO D 484 5.57 -10.16 -5.18
CA PRO D 484 6.09 -11.18 -6.08
C PRO D 484 7.61 -11.19 -6.03
N SER D 485 8.22 -12.25 -6.56
CA SER D 485 9.68 -12.31 -6.71
C SER D 485 10.05 -12.13 -8.17
N LYS D 486 11.32 -11.83 -8.42
CA LYS D 486 11.85 -11.81 -9.77
C LYS D 486 12.91 -12.89 -9.92
N LYS D 487 12.80 -13.70 -10.96
CA LYS D 487 13.90 -14.53 -11.40
C LYS D 487 14.53 -13.84 -12.60
N LEU D 488 15.83 -13.62 -12.52
CA LEU D 488 16.62 -13.15 -13.65
C LEU D 488 17.53 -14.30 -14.01
N ASP D 489 17.40 -14.83 -15.21
CA ASP D 489 18.24 -15.95 -15.63
C ASP D 489 18.37 -15.96 -17.16
N PHE D 490 18.88 -17.06 -17.71
CA PHE D 490 19.05 -17.18 -19.14
C PHE D 490 18.69 -18.58 -19.60
N ILE D 491 18.41 -18.71 -20.88
CA ILE D 491 18.30 -20.00 -21.54
C ILE D 491 19.32 -19.98 -22.66
N ILE D 492 19.68 -21.15 -23.20
CA ILE D 492 20.70 -21.24 -24.24
C ILE D 492 20.09 -21.69 -25.56
N LEU D 493 20.17 -20.83 -26.58
CA LEU D 493 19.79 -21.18 -27.94
C LEU D 493 21.04 -21.07 -28.82
N ASN D 494 21.29 -22.10 -29.62
CA ASN D 494 22.47 -22.14 -30.51
C ASN D 494 23.74 -21.69 -29.83
N GLU D 495 24.05 -22.28 -28.68
CA GLU D 495 25.29 -21.95 -27.93
C GLU D 495 25.34 -20.53 -27.35
N THR D 496 24.23 -19.79 -27.41
CA THR D 496 24.20 -18.40 -26.91
C THR D 496 23.23 -18.25 -25.73
N LYS D 497 23.68 -17.56 -24.69
CA LYS D 497 22.82 -17.19 -23.57
C LYS D 497 21.86 -16.12 -24.06
N PHE D 498 20.61 -16.22 -23.65
CA PHE D 498 19.65 -15.17 -23.85
C PHE D 498 18.92 -15.04 -22.55
N TRP D 499 18.87 -13.84 -22.02
CA TRP D 499 18.41 -13.60 -20.68
C TRP D 499 16.94 -13.29 -20.66
N TYR D 500 16.29 -13.62 -19.54
CA TYR D 500 14.90 -13.36 -19.35
C TYR D 500 14.67 -13.03 -17.89
N GLN D 501 13.51 -12.46 -17.59
CA GLN D 501 13.10 -12.27 -16.22
C GLN D 501 11.66 -12.69 -16.09
N MET D 502 11.30 -13.16 -14.90
CA MET D 502 9.92 -13.48 -14.56
C MET D 502 9.54 -12.77 -13.28
N ILE D 503 8.39 -12.13 -13.27
CA ILE D 503 7.81 -11.63 -12.05
C ILE D 503 6.91 -12.77 -11.59
N LEU D 504 7.31 -13.40 -10.50
CA LEU D 504 6.66 -14.62 -10.02
C LEU D 504 5.73 -14.27 -8.88
N PRO D 505 4.49 -14.80 -8.91
CA PRO D 505 3.57 -14.57 -7.79
C PRO D 505 4.15 -14.98 -6.43
N PRO D 506 3.67 -14.37 -5.35
CA PRO D 506 4.10 -14.79 -4.01
C PRO D 506 3.73 -16.25 -3.79
N HIS D 507 4.54 -16.99 -3.04
CA HIS D 507 4.30 -18.43 -2.77
C HIS D 507 4.40 -19.28 -4.04
N PHE D 508 5.17 -18.80 -5.01
CA PHE D 508 5.34 -19.50 -6.28
C PHE D 508 5.63 -20.98 -6.07
N ASP D 509 4.82 -21.83 -6.70
CA ASP D 509 4.96 -23.27 -6.59
C ASP D 509 5.17 -23.88 -7.97
N LYS D 510 6.36 -24.43 -8.22
CA LYS D 510 6.69 -25.06 -9.51
C LYS D 510 5.82 -26.26 -9.91
N SER D 511 5.08 -26.82 -8.95
CA SER D 511 4.13 -27.89 -9.24
C SER D 511 2.86 -27.37 -9.90
N LYS D 512 2.56 -26.08 -9.70
CA LYS D 512 1.40 -25.46 -10.32
C LYS D 512 1.68 -25.02 -11.76
N LYS D 513 0.60 -24.86 -12.52
CA LYS D 513 0.66 -24.39 -13.89
C LYS D 513 0.06 -22.99 -13.91
N TYR D 514 0.92 -21.97 -13.91
CA TYR D 514 0.45 -20.58 -13.89
C TYR D 514 0.17 -20.06 -15.30
N PRO D 515 -0.84 -19.19 -15.43
CA PRO D 515 -0.95 -18.42 -16.67
C PRO D 515 0.23 -17.46 -16.80
N LEU D 516 0.68 -17.24 -18.04
CA LEU D 516 1.84 -16.41 -18.28
C LEU D 516 1.54 -15.27 -19.27
N LEU D 517 2.00 -14.07 -18.92
CA LEU D 517 1.98 -12.91 -19.79
C LEU D 517 3.40 -12.50 -20.17
N LEU D 518 3.68 -12.47 -21.47
CA LEU D 518 4.96 -12.02 -21.97
C LEU D 518 4.93 -10.51 -22.23
N ASP D 519 5.80 -9.78 -21.53
CA ASP D 519 5.87 -8.32 -21.60
C ASP D 519 7.03 -8.00 -22.56
N VAL D 520 6.70 -7.42 -23.71
CA VAL D 520 7.66 -7.32 -24.81
C VAL D 520 8.03 -5.88 -25.17
N TYR D 521 9.33 -5.66 -25.34
CA TYR D 521 9.82 -4.51 -26.08
C TYR D 521 10.46 -5.11 -27.33
N ALA D 522 11.67 -5.61 -27.22
CA ALA D 522 12.30 -6.41 -28.27
C ALA D 522 12.77 -5.62 -29.47
N GLY D 523 12.76 -4.29 -29.36
CA GLY D 523 13.34 -3.47 -30.38
C GLY D 523 14.86 -3.53 -30.28
N PRO D 524 15.54 -3.02 -31.32
CA PRO D 524 16.99 -2.92 -31.36
C PRO D 524 17.58 -2.22 -30.15
N CYS D 525 18.51 -2.89 -29.49
CA CYS D 525 19.19 -2.42 -28.28
C CYS D 525 18.29 -2.34 -27.05
N SER D 526 17.19 -3.07 -27.06
CA SER D 526 16.34 -3.09 -25.89
C SER D 526 16.88 -4.07 -24.88
N GLN D 527 16.48 -3.86 -23.65
CA GLN D 527 16.80 -4.79 -22.60
C GLN D 527 15.68 -4.75 -21.61
N LYS D 528 14.97 -5.86 -21.53
CA LYS D 528 13.86 -6.02 -20.62
C LYS D 528 14.13 -7.03 -19.51
N ALA D 529 15.25 -7.76 -19.58
CA ALA D 529 15.68 -8.60 -18.47
C ALA D 529 16.79 -7.85 -17.74
N ASP D 530 16.48 -7.35 -16.55
CA ASP D 530 17.47 -6.59 -15.79
C ASP D 530 17.26 -6.77 -14.28
N THR D 531 18.13 -6.13 -13.51
CA THR D 531 18.11 -6.25 -12.04
C THR D 531 17.40 -5.06 -11.38
N VAL D 532 16.58 -4.33 -12.15
CA VAL D 532 15.91 -3.17 -11.59
C VAL D 532 14.65 -3.57 -10.82
N PHE D 533 14.41 -2.86 -9.73
CA PHE D 533 13.22 -3.05 -8.93
C PHE D 533 12.09 -2.16 -9.45
N ARG D 534 10.92 -2.74 -9.66
CA ARG D 534 9.81 -1.95 -10.18
C ARG D 534 8.52 -2.24 -9.44
N LEU D 535 7.75 -1.18 -9.21
CA LEU D 535 6.36 -1.30 -8.81
C LEU D 535 5.52 -0.87 -10.01
N ASN D 536 4.87 -1.84 -10.63
CA ASN D 536 4.15 -1.59 -11.87
C ASN D 536 3.00 -2.56 -12.09
N TRP D 537 2.42 -2.52 -13.28
CA TRP D 537 1.27 -3.34 -13.63
C TRP D 537 1.55 -4.84 -13.40
N ALA D 538 2.76 -5.25 -13.77
CA ALA D 538 3.16 -6.65 -13.64
C ALA D 538 3.24 -7.08 -12.16
N THR D 539 3.57 -6.15 -11.27
CA THR D 539 3.58 -6.44 -9.83
C THR D 539 2.16 -6.82 -9.42
N TYR D 540 1.18 -6.03 -9.85
CA TYR D 540 -0.23 -6.33 -9.62
C TYR D 540 -0.66 -7.66 -10.21
N LEU D 541 -0.28 -7.89 -11.47
CA LEU D 541 -0.70 -9.13 -12.13
C LEU D 541 -0.13 -10.33 -11.38
N ALA D 542 1.12 -10.22 -10.93
CA ALA D 542 1.75 -11.33 -10.22
C ALA D 542 1.20 -11.44 -8.81
N SER D 543 1.16 -10.32 -8.08
CA SER D 543 0.78 -10.31 -6.67
C SER D 543 -0.68 -10.65 -6.46
N THR D 544 -1.56 -10.02 -7.24
CA THR D 544 -2.99 -10.15 -7.04
C THR D 544 -3.64 -11.22 -7.92
N GLU D 545 -3.24 -11.33 -9.17
CA GLU D 545 -3.91 -12.25 -10.11
C GLU D 545 -3.15 -13.55 -10.33
N ASN D 546 -1.97 -13.70 -9.71
CA ASN D 546 -1.16 -14.92 -9.86
C ASN D 546 -0.82 -15.24 -11.30
N ILE D 547 -0.36 -14.23 -12.03
CA ILE D 547 0.11 -14.39 -13.39
C ILE D 547 1.62 -14.26 -13.40
N ILE D 548 2.31 -15.20 -14.03
CA ILE D 548 3.72 -15.01 -14.28
C ILE D 548 3.83 -14.01 -15.41
N VAL D 549 4.59 -12.94 -15.21
CA VAL D 549 4.86 -12.03 -16.30
C VAL D 549 6.35 -11.98 -16.55
N ALA D 550 6.70 -12.41 -17.76
CA ALA D 550 8.08 -12.57 -18.18
C ALA D 550 8.43 -11.57 -19.26
N SER D 551 9.72 -11.32 -19.39
CA SER D 551 10.28 -10.63 -20.54
C SER D 551 11.50 -11.39 -20.99
N PHE D 552 11.83 -11.26 -22.26
CA PHE D 552 12.93 -12.00 -22.85
C PHE D 552 13.67 -11.13 -23.85
N ASP D 553 14.99 -11.16 -23.74
CA ASP D 553 15.89 -10.37 -24.57
C ASP D 553 16.53 -11.30 -25.58
N GLY D 554 15.92 -11.42 -26.76
CA GLY D 554 16.45 -12.26 -27.82
C GLY D 554 17.33 -11.47 -28.78
N ARG D 555 17.38 -11.93 -30.02
CA ARG D 555 18.19 -11.26 -31.04
C ARG D 555 17.67 -9.87 -31.31
N GLY D 556 18.60 -8.94 -31.56
CA GLY D 556 18.28 -7.52 -31.59
C GLY D 556 18.51 -6.83 -30.25
N SER D 557 18.40 -7.58 -29.14
CA SER D 557 18.58 -6.98 -27.82
C SER D 557 19.99 -6.42 -27.63
N GLY D 558 20.13 -5.50 -26.67
CA GLY D 558 21.36 -4.74 -26.52
C GLY D 558 22.24 -5.13 -25.36
N TYR D 559 23.39 -4.48 -25.30
CA TYR D 559 24.34 -4.58 -24.21
C TYR D 559 25.02 -5.94 -24.07
N GLN D 560 24.99 -6.73 -25.14
CA GLN D 560 25.59 -8.06 -25.18
C GLN D 560 26.46 -8.28 -26.43
N GLY D 561 26.83 -7.20 -27.11
CA GLY D 561 27.61 -7.29 -28.34
C GLY D 561 26.79 -7.18 -29.61
N ASP D 562 27.46 -6.80 -30.68
CA ASP D 562 26.81 -6.58 -31.96
C ASP D 562 26.34 -7.85 -32.62
N LYS D 563 26.90 -9.00 -32.26
CA LYS D 563 26.47 -10.22 -32.87
C LYS D 563 24.98 -10.44 -32.59
N ILE D 564 24.58 -10.24 -31.34
CA ILE D 564 23.18 -10.29 -30.94
C ILE D 564 22.43 -9.04 -31.40
N MET D 565 22.99 -7.85 -31.17
CA MET D 565 22.25 -6.61 -31.42
C MET D 565 21.98 -6.39 -32.91
N HIS D 566 22.97 -6.63 -33.76
CA HIS D 566 22.82 -6.41 -35.18
C HIS D 566 22.19 -7.60 -35.90
N ALA D 567 21.73 -8.61 -35.16
CA ALA D 567 21.15 -9.79 -35.79
C ALA D 567 19.89 -9.45 -36.58
N ILE D 568 19.20 -8.37 -36.20
CA ILE D 568 17.97 -7.97 -36.90
C ILE D 568 18.18 -6.85 -37.91
N ASN D 569 19.43 -6.63 -38.30
CA ASN D 569 19.78 -5.52 -39.21
C ASN D 569 19.10 -5.76 -40.54
N ARG D 570 18.34 -4.76 -40.98
CA ARG D 570 17.56 -4.80 -42.22
C ARG D 570 16.39 -5.78 -42.17
N ARG D 571 16.16 -6.37 -41.00
CA ARG D 571 15.24 -7.49 -40.89
C ARG D 571 14.41 -7.35 -39.63
N LEU D 572 13.86 -6.15 -39.42
CA LEU D 572 12.93 -5.96 -38.31
C LEU D 572 11.72 -6.84 -38.53
N GLY D 573 11.16 -7.34 -37.44
CA GLY D 573 9.99 -8.19 -37.51
C GLY D 573 10.31 -9.61 -37.94
N THR D 574 11.56 -10.03 -37.76
CA THR D 574 11.91 -11.43 -38.04
C THR D 574 12.39 -12.09 -36.75
N PHE D 575 13.70 -12.02 -36.49
CA PHE D 575 14.29 -12.84 -35.43
C PHE D 575 13.80 -12.46 -34.04
N GLU D 576 13.59 -11.17 -33.79
CA GLU D 576 13.15 -10.69 -32.48
C GLU D 576 11.72 -11.17 -32.18
N VAL D 577 10.93 -11.35 -33.23
CA VAL D 577 9.56 -11.88 -33.11
C VAL D 577 9.63 -13.36 -32.78
N GLU D 578 10.36 -14.10 -33.62
CA GLU D 578 10.52 -15.53 -33.45
C GLU D 578 11.09 -15.88 -32.09
N ASP D 579 11.96 -15.02 -31.57
CA ASP D 579 12.60 -15.30 -30.30
C ASP D 579 11.65 -15.13 -29.14
N GLN D 580 10.65 -14.26 -29.28
CA GLN D 580 9.63 -14.16 -28.24
C GLN D 580 8.74 -15.41 -28.23
N ILE D 581 8.51 -15.98 -29.40
CA ILE D 581 7.70 -17.18 -29.52
C ILE D 581 8.52 -18.34 -28.94
N GLU D 582 9.79 -18.43 -29.34
CA GLU D 582 10.65 -19.47 -28.78
C GLU D 582 10.72 -19.38 -27.26
N ALA D 583 10.88 -18.18 -26.74
CA ALA D 583 10.94 -17.96 -25.30
C ALA D 583 9.74 -18.55 -24.60
N ALA D 584 8.55 -18.22 -25.10
CA ALA D 584 7.32 -18.74 -24.54
C ALA D 584 7.30 -20.26 -24.60
N ARG D 585 7.84 -20.85 -25.67
CA ARG D 585 7.91 -22.31 -25.77
C ARG D 585 8.81 -22.89 -24.68
N GLN D 586 9.94 -22.24 -24.44
CA GLN D 586 10.89 -22.68 -23.42
C GLN D 586 10.29 -22.50 -22.02
N PHE D 587 9.50 -21.45 -21.83
CA PHE D 587 8.81 -21.24 -20.55
C PHE D 587 7.75 -22.29 -20.28
N SER D 588 7.06 -22.77 -21.32
CA SER D 588 6.10 -23.88 -21.17
C SER D 588 6.82 -25.19 -20.87
N LYS D 589 7.97 -25.38 -21.51
CA LYS D 589 8.80 -26.56 -21.30
C LYS D 589 9.42 -26.59 -19.89
N MET D 590 9.49 -25.44 -19.21
CA MET D 590 9.94 -25.40 -17.81
C MET D 590 8.96 -26.01 -16.82
N GLY D 591 7.72 -26.27 -17.26
CA GLY D 591 6.80 -27.15 -16.54
C GLY D 591 5.79 -26.48 -15.62
N PHE D 592 5.95 -25.19 -15.35
CA PHE D 592 5.04 -24.46 -14.45
C PHE D 592 4.20 -23.40 -15.17
N VAL D 593 4.06 -23.55 -16.49
CA VAL D 593 3.23 -22.64 -17.26
C VAL D 593 2.03 -23.40 -17.80
N ASP D 594 0.84 -22.82 -17.64
CA ASP D 594 -0.34 -23.32 -18.29
C ASP D 594 -0.28 -22.93 -19.77
N ASN D 595 0.04 -23.91 -20.62
CA ASN D 595 0.04 -23.79 -22.09
C ASN D 595 -1.19 -23.12 -22.70
N LYS D 596 -2.34 -23.26 -22.03
CA LYS D 596 -3.60 -22.74 -22.52
C LYS D 596 -3.79 -21.27 -22.20
N ARG D 597 -2.94 -20.73 -21.31
CA ARG D 597 -3.09 -19.34 -20.91
C ARG D 597 -1.78 -18.58 -21.00
N ILE D 598 -1.26 -18.48 -22.22
CA ILE D 598 -0.12 -17.63 -22.51
C ILE D 598 -0.55 -16.43 -23.33
N ALA D 599 -0.29 -15.25 -22.78
CA ALA D 599 -0.60 -13.99 -23.44
C ALA D 599 0.67 -13.21 -23.73
N ILE D 600 0.51 -12.11 -24.47
CA ILE D 600 1.63 -11.26 -24.84
C ILE D 600 1.13 -9.83 -24.99
N TRP D 601 1.91 -8.88 -24.48
CA TRP D 601 1.61 -7.49 -24.72
C TRP D 601 2.83 -6.59 -24.78
N GLY D 602 2.59 -5.40 -25.29
CA GLY D 602 3.66 -4.44 -25.45
C GLY D 602 3.19 -3.12 -26.00
N TRP D 603 4.04 -2.14 -25.77
CA TRP D 603 3.80 -0.77 -26.14
C TRP D 603 4.89 -0.41 -27.14
N SER D 604 4.55 0.40 -28.14
CA SER D 604 5.51 0.93 -29.10
C SER D 604 6.06 -0.23 -29.92
N TYR D 605 7.38 -0.35 -30.05
CA TYR D 605 7.97 -1.51 -30.75
C TYR D 605 7.41 -2.83 -30.25
N GLY D 606 7.17 -2.91 -28.94
CA GLY D 606 6.62 -4.12 -28.35
C GLY D 606 5.20 -4.37 -28.79
N GLY D 607 4.50 -3.32 -29.22
CA GLY D 607 3.16 -3.47 -29.76
C GLY D 607 3.20 -4.07 -31.14
N TYR D 608 4.21 -3.65 -31.90
CA TYR D 608 4.50 -4.24 -33.20
C TYR D 608 4.84 -5.72 -33.06
N VAL D 609 5.76 -6.04 -32.16
CA VAL D 609 6.16 -7.45 -31.99
C VAL D 609 4.99 -8.28 -31.45
N THR D 610 4.25 -7.73 -30.49
CA THR D 610 3.05 -8.37 -30.01
C THR D 610 2.12 -8.72 -31.16
N SER D 611 1.86 -7.74 -32.01
CA SER D 611 0.94 -7.94 -33.12
C SER D 611 1.49 -8.97 -34.11
N MET D 612 2.78 -8.88 -34.41
CA MET D 612 3.43 -9.82 -35.28
C MET D 612 3.39 -11.25 -34.72
N VAL D 613 3.52 -11.38 -33.40
CA VAL D 613 3.44 -12.69 -32.77
C VAL D 613 2.03 -13.24 -32.87
N LEU D 614 1.05 -12.40 -32.61
CA LEU D 614 -0.35 -12.84 -32.64
C LEU D 614 -0.83 -13.21 -34.03
N GLY D 615 -0.21 -12.62 -35.06
CA GLY D 615 -0.52 -12.98 -36.43
C GLY D 615 0.45 -13.99 -37.04
N SER D 616 1.26 -14.61 -36.19
CA SER D 616 2.32 -15.50 -36.62
C SER D 616 1.84 -16.89 -36.97
N GLY D 617 0.65 -17.27 -36.50
CA GLY D 617 0.18 -18.64 -36.68
C GLY D 617 0.95 -19.67 -35.86
N SER D 618 1.62 -19.22 -34.80
CA SER D 618 2.43 -20.10 -33.96
C SER D 618 1.58 -21.05 -33.12
N GLY D 619 0.40 -20.59 -32.71
CA GLY D 619 -0.44 -21.33 -31.77
C GLY D 619 -0.05 -21.18 -30.31
N VAL D 620 1.07 -20.54 -30.02
CA VAL D 620 1.55 -20.52 -28.65
C VAL D 620 0.71 -19.60 -27.77
N PHE D 621 0.26 -18.48 -28.33
CA PHE D 621 -0.42 -17.44 -27.56
C PHE D 621 -1.92 -17.46 -27.73
N LYS D 622 -2.63 -17.34 -26.62
CA LYS D 622 -4.08 -17.27 -26.62
C LYS D 622 -4.54 -15.86 -27.02
N CYS D 623 -3.86 -14.85 -26.48
CA CYS D 623 -4.33 -13.49 -26.64
C CYS D 623 -3.21 -12.49 -26.45
N GLY D 624 -3.51 -11.24 -26.72
CA GLY D 624 -2.52 -10.21 -26.50
C GLY D 624 -3.01 -8.82 -26.70
N ILE D 625 -2.25 -7.87 -26.17
CA ILE D 625 -2.60 -6.47 -26.23
C ILE D 625 -1.49 -5.63 -26.88
N ALA D 626 -1.84 -4.84 -27.87
CA ALA D 626 -0.85 -3.97 -28.51
C ALA D 626 -1.25 -2.51 -28.27
N VAL D 627 -0.34 -1.76 -27.67
CA VAL D 627 -0.59 -0.37 -27.37
C VAL D 627 0.31 0.51 -28.23
N ALA D 628 -0.31 1.43 -28.99
CA ALA D 628 0.41 2.26 -29.93
C ALA D 628 1.48 1.51 -30.74
N PRO D 629 1.08 0.41 -31.41
CA PRO D 629 2.03 -0.33 -32.20
C PRO D 629 2.35 0.35 -33.52
N VAL D 630 3.58 0.15 -33.99
CA VAL D 630 3.88 0.25 -35.41
C VAL D 630 3.19 -0.91 -36.12
N SER D 631 2.65 -0.62 -37.30
CA SER D 631 1.97 -1.64 -38.13
C SER D 631 2.72 -1.91 -39.44
N ARG D 632 3.39 -0.88 -39.97
CA ARG D 632 4.36 -1.08 -41.04
C ARG D 632 5.35 0.06 -41.04
N TRP D 633 6.58 -0.26 -41.40
CA TRP D 633 7.69 0.64 -41.13
C TRP D 633 7.66 1.91 -41.95
N GLU D 634 6.99 1.91 -43.10
CA GLU D 634 6.90 3.14 -43.90
C GLU D 634 6.11 4.24 -43.16
N TYR D 635 5.35 3.87 -42.14
CA TYR D 635 4.58 4.84 -41.35
C TYR D 635 5.37 5.46 -40.22
N TYR D 636 6.51 4.87 -39.86
CA TYR D 636 7.26 5.38 -38.73
C TYR D 636 8.36 6.35 -39.16
N ASP D 637 8.95 7.09 -38.22
CA ASP D 637 9.88 8.17 -38.59
C ASP D 637 11.15 7.65 -39.26
N SER D 638 11.79 8.50 -40.03
CA SER D 638 12.91 8.12 -40.86
C SER D 638 14.14 7.72 -40.08
N VAL D 639 14.49 8.42 -39.01
CA VAL D 639 15.80 8.15 -38.42
C VAL D 639 15.85 6.85 -37.59
N TYR D 640 14.78 6.55 -36.85
CA TYR D 640 14.72 5.29 -36.14
C TYR D 640 14.56 4.18 -37.16
N THR D 641 13.53 4.29 -37.98
CA THR D 641 13.20 3.21 -38.87
C THR D 641 14.35 2.83 -39.79
N GLU D 642 14.94 3.81 -40.45
CA GLU D 642 15.90 3.55 -41.51
C GLU D 642 17.23 3.10 -40.94
N ARG D 643 17.47 3.46 -39.69
CA ARG D 643 18.64 3.01 -38.98
C ARG D 643 18.74 1.49 -39.02
N TYR D 644 17.60 0.80 -38.91
CA TYR D 644 17.56 -0.64 -38.90
C TYR D 644 17.06 -1.22 -40.20
N MET D 645 16.28 -0.45 -40.96
CA MET D 645 15.63 -0.98 -42.16
C MET D 645 16.23 -0.47 -43.46
N GLY D 646 17.12 0.50 -43.40
CA GLY D 646 17.51 1.21 -44.61
C GLY D 646 16.27 1.85 -45.22
N LEU D 647 16.25 1.96 -46.53
CA LEU D 647 15.30 2.77 -47.24
C LEU D 647 14.25 1.90 -47.91
N PRO D 648 12.99 2.37 -47.95
CA PRO D 648 11.93 1.61 -48.57
C PRO D 648 11.87 1.82 -50.08
N THR D 649 12.95 1.50 -50.78
CA THR D 649 13.06 1.60 -52.22
C THR D 649 13.37 0.24 -52.86
N PRO D 650 13.06 0.08 -54.16
CA PRO D 650 13.44 -1.16 -54.86
C PRO D 650 14.93 -1.44 -54.82
N GLU D 651 15.75 -0.39 -54.70
CA GLU D 651 17.21 -0.51 -54.71
C GLU D 651 17.81 -0.78 -53.34
N ASP D 652 16.98 -0.76 -52.29
CA ASP D 652 17.52 -0.97 -50.96
C ASP D 652 16.70 -2.06 -50.29
N ASN D 653 15.71 -1.73 -49.46
CA ASN D 653 15.05 -2.74 -48.64
C ASN D 653 13.51 -2.80 -48.75
N LEU D 654 12.94 -2.31 -49.85
CA LEU D 654 11.48 -2.23 -49.97
C LEU D 654 10.78 -3.55 -49.77
N ASP D 655 11.33 -4.64 -50.30
CA ASP D 655 10.68 -5.95 -50.16
C ASP D 655 10.48 -6.32 -48.69
N HIS D 656 11.47 -6.10 -47.84
CA HIS D 656 11.30 -6.45 -46.44
C HIS D 656 10.33 -5.49 -45.74
N TYR D 657 10.38 -4.21 -46.10
CA TYR D 657 9.36 -3.27 -45.62
C TYR D 657 7.96 -3.82 -45.94
N ARG D 658 7.77 -4.32 -47.15
CA ARG D 658 6.47 -4.85 -47.52
C ARG D 658 6.16 -6.15 -46.79
N ASN D 659 7.18 -6.94 -46.48
CA ASN D 659 6.97 -8.25 -45.87
C ASN D 659 6.88 -8.22 -44.34
N SER D 660 7.09 -7.06 -43.72
CA SER D 660 7.18 -7.01 -42.28
C SER D 660 6.04 -6.22 -41.64
N THR D 661 4.89 -6.21 -42.30
CA THR D 661 3.74 -5.47 -41.84
C THR D 661 2.84 -6.36 -40.99
N VAL D 662 2.14 -5.74 -40.05
CA VAL D 662 1.11 -6.44 -39.28
C VAL D 662 -0.08 -6.79 -40.17
N MET D 663 -0.47 -5.85 -41.02
CA MET D 663 -1.60 -6.00 -41.92
C MET D 663 -1.53 -7.29 -42.75
N SER D 664 -0.36 -7.65 -43.24
CA SER D 664 -0.24 -8.87 -44.04
C SER D 664 -0.54 -10.15 -43.25
N ARG D 665 -0.53 -10.08 -41.90
CA ARG D 665 -0.82 -11.26 -41.08
C ARG D 665 -2.22 -11.28 -40.52
N ALA D 666 -3.09 -10.42 -41.06
CA ALA D 666 -4.44 -10.22 -40.55
C ALA D 666 -5.28 -11.47 -40.39
N GLU D 667 -5.24 -12.34 -41.39
CA GLU D 667 -6.03 -13.56 -41.38
C GLU D 667 -5.72 -14.39 -40.15
N ASN D 668 -4.45 -14.43 -39.75
CA ASN D 668 -4.06 -15.25 -38.61
C ASN D 668 -4.53 -14.74 -37.26
N PHE D 669 -5.04 -13.51 -37.21
CA PHE D 669 -5.63 -12.99 -35.96
C PHE D 669 -6.95 -13.71 -35.62
N LYS D 670 -7.49 -14.49 -36.56
CA LYS D 670 -8.57 -15.43 -36.24
C LYS D 670 -8.18 -16.41 -35.14
N GLN D 671 -6.87 -16.59 -34.92
CA GLN D 671 -6.38 -17.61 -34.01
C GLN D 671 -6.11 -17.11 -32.58
N VAL D 672 -6.44 -15.84 -32.31
CA VAL D 672 -6.15 -15.20 -31.02
C VAL D 672 -7.24 -14.19 -30.65
N GLU D 673 -7.25 -13.78 -29.39
CA GLU D 673 -8.01 -12.63 -28.92
C GLU D 673 -7.06 -11.44 -28.82
N TYR D 674 -7.41 -10.35 -29.47
CA TYR D 674 -6.53 -9.19 -29.64
C TYR D 674 -7.21 -7.95 -29.13
N LEU D 675 -6.44 -7.16 -28.38
CA LEU D 675 -6.87 -5.87 -27.93
C LEU D 675 -5.92 -4.84 -28.52
N LEU D 676 -6.47 -3.88 -29.25
CA LEU D 676 -5.66 -2.88 -29.94
C LEU D 676 -6.02 -1.53 -29.34
N ILE D 677 -5.01 -0.80 -28.85
CA ILE D 677 -5.21 0.45 -28.13
C ILE D 677 -4.30 1.55 -28.71
N HIS D 678 -4.85 2.74 -28.95
CA HIS D 678 -4.05 3.83 -29.51
C HIS D 678 -4.65 5.17 -29.11
N GLY D 679 -3.79 6.10 -28.74
CA GLY D 679 -4.24 7.46 -28.47
C GLY D 679 -4.39 8.23 -29.78
N THR D 680 -5.47 9.00 -29.91
CA THR D 680 -5.75 9.70 -31.15
C THR D 680 -4.77 10.85 -31.42
N ALA D 681 -4.12 11.38 -30.40
CA ALA D 681 -3.16 12.46 -30.66
C ALA D 681 -1.73 12.01 -30.56
N ASP D 682 -1.47 10.76 -30.92
CA ASP D 682 -0.11 10.24 -30.89
C ASP D 682 0.64 10.84 -32.08
N ASP D 683 1.59 11.72 -31.76
CA ASP D 683 2.47 12.37 -32.74
C ASP D 683 3.65 11.48 -33.11
N ASN D 684 3.86 10.41 -32.35
CA ASN D 684 5.04 9.56 -32.47
C ASN D 684 4.68 8.37 -33.37
N VAL D 685 3.88 7.45 -32.84
CA VAL D 685 3.34 6.38 -33.61
C VAL D 685 1.94 6.83 -33.90
N HIS D 686 1.72 7.24 -35.14
CA HIS D 686 0.50 7.91 -35.50
C HIS D 686 -0.67 6.95 -35.45
N PHE D 687 -1.82 7.47 -35.08
CA PHE D 687 -3.02 6.64 -34.92
C PHE D 687 -3.31 5.84 -36.19
N GLN D 688 -3.03 6.46 -37.33
CA GLN D 688 -2.91 5.77 -38.63
C GLN D 688 -2.45 4.31 -38.55
N GLN D 689 -1.39 4.05 -37.82
CA GLN D 689 -0.83 2.69 -37.76
C GLN D 689 -1.85 1.69 -37.23
N SER D 690 -2.56 2.04 -36.16
CA SER D 690 -3.58 1.15 -35.66
C SER D 690 -4.84 1.20 -36.53
N ALA D 691 -5.14 2.34 -37.12
CA ALA D 691 -6.28 2.46 -38.03
C ALA D 691 -6.11 1.53 -39.24
N GLN D 692 -4.87 1.34 -39.64
CA GLN D 692 -4.61 0.38 -40.70
C GLN D 692 -4.63 -1.07 -40.21
N ILE D 693 -4.25 -1.36 -38.97
CA ILE D 693 -4.40 -2.72 -38.48
C ILE D 693 -5.89 -3.08 -38.42
N SER D 694 -6.69 -2.18 -37.85
CA SER D 694 -8.10 -2.45 -37.64
C SER D 694 -8.82 -2.64 -38.96
N LYS D 695 -8.56 -1.77 -39.94
CA LYS D 695 -9.14 -1.94 -41.27
C LYS D 695 -8.77 -3.29 -41.89
N ALA D 696 -7.52 -3.72 -41.72
CA ALA D 696 -7.10 -4.99 -42.30
C ALA D 696 -7.85 -6.16 -41.61
N LEU D 697 -8.04 -6.05 -40.30
CA LEU D 697 -8.75 -7.08 -39.55
C LEU D 697 -10.22 -7.15 -39.94
N VAL D 698 -10.84 -5.99 -40.07
CA VAL D 698 -12.19 -5.92 -40.52
C VAL D 698 -12.28 -6.53 -41.91
N ASP D 699 -11.33 -6.20 -42.78
CA ASP D 699 -11.35 -6.71 -44.16
C ASP D 699 -11.27 -8.23 -44.29
N VAL D 700 -10.60 -8.92 -43.38
CA VAL D 700 -10.61 -10.38 -43.40
C VAL D 700 -11.60 -10.97 -42.41
N GLY D 701 -12.43 -10.12 -41.81
CA GLY D 701 -13.50 -10.60 -40.95
C GLY D 701 -13.04 -11.18 -39.63
N VAL D 702 -12.00 -10.60 -39.01
CA VAL D 702 -11.60 -11.06 -37.66
C VAL D 702 -12.13 -10.14 -36.58
N ASP D 703 -12.68 -10.73 -35.54
CA ASP D 703 -13.13 -9.95 -34.42
C ASP D 703 -11.97 -9.68 -33.46
N PHE D 704 -12.02 -8.51 -32.83
CA PHE D 704 -10.98 -8.08 -31.93
C PHE D 704 -11.54 -6.96 -31.09
N GLN D 705 -10.79 -6.56 -30.09
CA GLN D 705 -11.19 -5.49 -29.19
C GLN D 705 -10.34 -4.29 -29.51
N ALA D 706 -10.92 -3.11 -29.41
CA ALA D 706 -10.22 -1.87 -29.66
C ALA D 706 -10.52 -0.87 -28.56
N MET D 707 -9.60 0.05 -28.34
CA MET D 707 -9.90 1.22 -27.53
C MET D 707 -9.06 2.37 -28.05
N TRP D 708 -9.70 3.46 -28.44
CA TRP D 708 -8.99 4.69 -28.75
C TRP D 708 -8.98 5.53 -27.49
N TYR D 709 -7.95 6.34 -27.31
CA TYR D 709 -7.89 7.31 -26.23
C TYR D 709 -7.85 8.72 -26.79
N THR D 710 -8.96 9.42 -26.65
CA THR D 710 -9.14 10.74 -27.22
C THR D 710 -8.08 11.71 -26.71
N ASP D 711 -7.39 12.35 -27.66
CA ASP D 711 -6.40 13.39 -27.40
C ASP D 711 -5.18 12.93 -26.62
N GLU D 712 -5.03 11.63 -26.39
CA GLU D 712 -3.84 11.13 -25.71
C GLU D 712 -2.72 10.92 -26.73
N ASP D 713 -1.49 11.03 -26.30
CA ASP D 713 -0.36 10.81 -27.18
C ASP D 713 0.30 9.46 -26.91
N HIS D 714 1.55 9.29 -27.31
CA HIS D 714 2.21 7.99 -27.22
C HIS D 714 2.34 7.46 -25.78
N GLY D 715 2.40 8.35 -24.80
CA GLY D 715 2.50 7.98 -23.40
C GLY D 715 1.19 7.48 -22.81
N ILE D 716 0.07 7.86 -23.43
CA ILE D 716 -1.27 7.70 -22.82
C ILE D 716 -1.13 7.95 -21.32
N ALA D 717 -0.59 9.13 -21.03
CA ALA D 717 0.03 9.46 -19.76
C ALA D 717 -0.81 10.38 -18.88
N SER D 718 -1.91 10.93 -19.40
CA SER D 718 -2.87 11.63 -18.55
C SER D 718 -3.24 10.71 -17.40
N SER D 719 -3.31 11.27 -16.21
CA SER D 719 -3.66 10.50 -15.02
C SER D 719 -4.89 9.64 -15.28
N THR D 720 -5.97 10.25 -15.77
CA THR D 720 -7.22 9.51 -15.93
C THR D 720 -7.11 8.44 -17.01
N ALA D 721 -6.46 8.78 -18.12
CA ALA D 721 -6.25 7.83 -19.22
C ALA D 721 -5.32 6.70 -18.81
N HIS D 722 -4.26 7.04 -18.09
CA HIS D 722 -3.34 6.02 -17.54
C HIS D 722 -4.07 4.98 -16.73
N GLN D 723 -4.95 5.44 -15.85
CA GLN D 723 -5.70 4.53 -14.99
C GLN D 723 -6.69 3.74 -15.82
N HIS D 724 -7.24 4.38 -16.83
CA HIS D 724 -8.29 3.77 -17.64
C HIS D 724 -7.69 2.68 -18.51
N ILE D 725 -6.55 2.95 -19.13
CA ILE D 725 -5.93 1.94 -19.99
C ILE D 725 -5.52 0.71 -19.17
N TYR D 726 -4.86 0.91 -18.04
CA TYR D 726 -4.47 -0.26 -17.23
C TYR D 726 -5.66 -1.02 -16.66
N THR D 727 -6.74 -0.32 -16.34
CA THR D 727 -7.94 -1.00 -15.88
C THR D 727 -8.53 -1.81 -17.04
N HIS D 728 -8.61 -1.20 -18.22
CA HIS D 728 -9.17 -1.89 -19.38
C HIS D 728 -8.37 -3.16 -19.74
N MET D 729 -7.04 -3.06 -19.71
CA MET D 729 -6.16 -4.19 -20.03
C MET D 729 -6.23 -5.31 -18.98
N SER D 730 -6.37 -4.92 -17.72
CA SER D 730 -6.53 -5.89 -16.64
C SER D 730 -7.78 -6.74 -16.85
N HIS D 731 -8.91 -6.11 -17.19
CA HIS D 731 -10.13 -6.87 -17.48
C HIS D 731 -9.92 -7.82 -18.64
N PHE D 732 -9.24 -7.32 -19.68
CA PHE D 732 -8.98 -8.15 -20.86
C PHE D 732 -8.11 -9.37 -20.55
N ILE D 733 -7.05 -9.17 -19.80
CA ILE D 733 -6.17 -10.27 -19.45
C ILE D 733 -6.90 -11.26 -18.53
N LYS D 734 -7.65 -10.74 -17.57
CA LYS D 734 -8.42 -11.59 -16.66
C LYS D 734 -9.50 -12.40 -17.39
N GLN D 735 -10.19 -11.76 -18.31
CA GLN D 735 -11.18 -12.44 -19.13
C GLN D 735 -10.50 -13.52 -19.99
N CYS D 736 -9.37 -13.17 -20.59
CA CYS D 736 -8.60 -14.11 -21.42
C CYS D 736 -8.20 -15.33 -20.60
N PHE D 737 -7.77 -15.10 -19.36
CA PHE D 737 -7.29 -16.16 -18.47
C PHE D 737 -8.38 -16.80 -17.60
N SER D 738 -9.64 -16.53 -17.91
CA SER D 738 -10.78 -17.04 -17.14
C SER D 738 -10.61 -16.79 -15.65
N LEU D 739 -10.16 -15.57 -15.30
CA LEU D 739 -10.00 -15.14 -13.91
C LEU D 739 -11.18 -14.29 -13.47
N PRO D 740 -11.70 -14.56 -12.26
CA PRO D 740 -12.95 -13.96 -11.76
C PRO D 740 -12.82 -12.48 -11.43
C1 NAG E . -10.80 14.91 19.32
C2 NAG E . -11.46 16.27 19.12
C3 NAG E . -11.18 16.75 17.68
C4 NAG E . -9.65 16.85 17.56
C5 NAG E . -9.05 15.45 17.78
C6 NAG E . -7.53 15.33 17.65
C7 NAG E . -13.93 15.89 18.89
C8 NAG E . -15.26 16.00 19.60
N2 NAG E . -12.85 16.29 19.59
O3 NAG E . -11.85 17.95 17.33
O4 NAG E . -9.24 17.45 16.34
O5 NAG E . -9.41 15.01 19.07
O6 NAG E . -6.86 15.77 18.82
O7 NAG E . -13.89 15.47 17.73
C1 NAG E . -8.25 18.50 16.57
C2 NAG E . -7.53 18.80 15.25
C3 NAG E . -6.62 20.04 15.35
C4 NAG E . -7.24 21.19 16.14
C5 NAG E . -7.88 20.67 17.44
C6 NAG E . -8.57 21.81 18.20
C7 NAG E . -7.18 16.66 14.05
C8 NAG E . -6.23 15.54 13.73
N2 NAG E . -6.73 17.64 14.84
O3 NAG E . -6.30 20.50 14.05
O4 NAG E . -6.25 22.15 16.45
O5 NAG E . -8.82 19.68 17.10
O6 NAG E . -8.88 21.39 19.51
O7 NAG E . -8.31 16.64 13.57
C1 NAG F . -17.58 3.64 47.05
C2 NAG F . -18.50 4.74 47.58
C3 NAG F . -17.84 5.58 48.67
C4 NAG F . -17.21 4.69 49.73
C5 NAG F . -16.32 3.67 49.03
C6 NAG F . -15.61 2.72 49.98
C7 NAG F . -19.96 5.43 45.75
C8 NAG F . -20.16 6.43 44.66
N2 NAG F . -18.86 5.60 46.48
O3 NAG F . -18.80 6.39 49.30
O4 NAG F . -16.39 5.54 50.50
O5 NAG F . -17.11 2.90 48.16
O6 NAG F . -16.61 2.01 50.67
O7 NAG F . -20.80 4.55 45.95
C1 NAG F . -16.87 5.84 51.83
C2 NAG F . -15.64 6.30 52.61
C3 NAG F . -16.05 6.64 54.04
C4 NAG F . -17.12 7.73 54.00
C5 NAG F . -18.29 7.19 53.17
C6 NAG F . -19.44 8.19 53.06
C7 NAG F . -13.56 5.26 51.70
C8 NAG F . -13.33 6.33 50.67
N2 NAG F . -14.61 5.28 52.54
O3 NAG F . -14.93 7.07 54.79
O4 NAG F . -17.47 8.14 55.31
O5 NAG F . -17.87 6.84 51.86
O6 NAG F . -19.21 9.11 52.02
O7 NAG F . -12.76 4.33 51.75
C1 NAG G . -26.14 18.18 39.17
C2 NAG G . -26.10 19.68 39.44
C3 NAG G . -24.69 20.23 39.52
C4 NAG G . -23.80 19.39 40.42
C5 NAG G . -23.97 17.91 40.10
C6 NAG G . -23.20 16.96 41.02
C7 NAG G . -28.00 21.00 38.68
C8 NAG G . -28.64 21.71 37.53
N2 NAG G . -26.83 20.41 38.41
O3 NAG G . -24.73 21.56 39.99
O4 NAG G . -22.48 19.84 40.15
O5 NAG G . -25.34 17.54 40.15
O6 NAG G . -23.65 17.07 42.35
O7 NAG G . -28.54 20.96 39.77
C1 NAG G . -21.70 20.05 41.35
C2 NAG G . -20.27 20.41 40.95
C3 NAG G . -19.42 20.34 42.23
C4 NAG G . -19.93 21.46 43.14
C5 NAG G . -21.43 21.24 43.39
C6 NAG G . -22.01 22.40 44.21
C7 NAG G . -19.49 18.33 39.84
C8 NAG G . -19.04 17.73 38.53
N2 NAG G . -19.81 19.62 39.80
O3 NAG G . -18.04 20.51 42.01
O4 NAG G . -19.21 21.48 44.35
O5 NAG G . -22.15 21.10 42.18
O6 NAG G . -23.35 22.61 43.85
O7 NAG G . -19.54 17.63 40.84
C1 NAG H . 16.29 19.73 47.69
C2 NAG H . 15.97 20.78 48.77
C3 NAG H . 14.67 21.54 48.53
C4 NAG H . 14.49 21.96 47.08
C5 NAG H . 14.84 20.82 46.15
C6 NAG H . 14.90 21.31 44.72
C7 NAG H . 16.87 20.29 50.97
C8 NAG H . 16.58 19.75 52.34
N2 NAG H . 15.85 20.26 50.12
O3 NAG H . 14.72 22.69 49.34
O4 NAG H . 13.14 22.33 46.93
O5 NAG H . 16.13 20.31 46.42
O6 NAG H . 14.91 20.15 43.91
O7 NAG H . 17.99 20.71 50.68
C1 NAG H . 12.96 23.72 46.57
C2 NAG H . 11.61 23.88 45.89
C3 NAG H . 11.43 25.32 45.44
C4 NAG H . 11.60 26.27 46.63
C5 NAG H . 12.91 25.96 47.39
C6 NAG H . 13.01 26.77 48.68
C7 NAG H . 10.95 21.76 44.77
C8 NAG H . 10.29 21.18 46.01
N2 NAG H . 11.52 22.98 44.76
O3 NAG H . 10.14 25.50 44.92
O4 NAG H . 11.60 27.59 46.13
O5 NAG H . 13.01 24.58 47.70
O6 NAG H . 12.32 26.09 49.71
O7 NAG H . 10.94 21.09 43.73
C1 NAG I . -20.53 34.19 -51.52
C2 NAG I . -20.38 35.24 -52.61
C3 NAG I . -19.15 36.08 -52.36
C4 NAG I . -19.26 36.73 -51.00
C5 NAG I . -19.57 35.69 -49.94
C6 NAG I . -19.87 36.33 -48.60
C7 NAG I . -21.43 34.56 -54.67
C8 NAG I . -21.29 33.94 -56.02
N2 NAG I . -20.35 34.65 -53.93
O3 NAG I . -19.06 37.07 -53.35
O4 NAG I . -17.98 37.25 -50.74
O5 NAG I . -20.67 34.87 -50.29
O6 NAG I . -19.65 35.37 -47.60
O7 NAG I . -22.53 34.94 -54.29
C1 NAG I . -17.92 38.69 -50.80
C2 NAG I . -16.58 39.10 -50.20
C3 NAG I . -16.45 40.62 -50.24
C4 NAG I . -16.55 41.05 -51.69
C5 NAG I . -17.89 40.58 -52.26
C6 NAG I . -18.06 40.92 -53.74
C7 NAG I . -15.87 37.37 -48.55
C8 NAG I . -15.25 36.47 -49.59
N2 NAG I . -16.47 38.54 -48.86
O3 NAG I . -15.20 41.00 -49.73
O4 NAG I . -16.39 42.45 -51.79
O5 NAG I . -18.02 39.18 -52.11
O6 NAG I . -17.13 40.15 -54.47
O7 NAG I . -15.84 36.98 -47.38
C1 NAG J . 15.38 25.63 -46.37
C2 NAG J . 16.20 26.85 -46.79
C3 NAG J . 15.78 27.43 -48.12
C4 NAG J . 15.53 26.37 -49.18
C5 NAG J . 14.93 25.07 -48.62
C6 NAG J . 15.09 23.92 -49.59
C7 NAG J . 17.14 28.21 -45.00
C8 NAG J . 16.93 29.35 -44.05
N2 NAG J . 16.14 27.92 -45.82
O3 NAG J . 16.83 28.25 -48.57
O4 NAG J . 14.68 26.94 -50.16
O5 NAG J . 15.57 24.70 -47.42
O6 NAG J . 14.53 22.74 -49.06
O7 NAG J . 18.22 27.61 -44.99
C1 NAG J . 15.28 27.01 -51.46
C2 NAG J . 14.18 26.93 -52.51
C3 NAG J . 14.75 27.02 -53.93
C4 NAG J . 15.65 28.24 -54.06
C5 NAG J . 16.66 28.29 -52.93
C6 NAG J . 17.48 29.58 -53.01
C7 NAG J . 12.24 25.58 -51.70
C8 NAG J . 11.59 26.74 -51.01
N2 NAG J . 13.41 25.71 -52.36
O3 NAG J . 13.70 27.09 -54.86
O4 NAG J . 16.32 28.22 -55.31
O5 NAG J . 16.01 28.20 -51.66
O6 NAG J . 17.69 30.12 -51.72
O7 NAG J . 11.71 24.47 -51.66
C1 NAG K . -42.72 2.88 25.55
C2 NAG K . -44.00 3.54 25.00
C3 NAG K . -44.58 4.49 26.05
C4 NAG K . -44.78 3.85 27.40
C5 NAG K . -43.44 3.19 27.77
C6 NAG K . -43.60 2.50 29.12
C7 NAG K . -44.30 4.02 22.56
C8 NAG K . -44.17 5.05 21.45
N2 NAG K . -43.90 4.39 23.81
O3 NAG K . -45.89 4.84 25.60
O4 NAG K . -45.17 4.90 28.30
O5 NAG K . -43.09 2.22 26.79
O6 NAG K . -44.49 1.43 28.86
O7 NAG K . -44.71 2.89 22.28
C1 NAG L . -22.44 -23.24 49.49
C2 NAG L . -23.39 -24.25 50.14
C3 NAG L . -23.06 -24.45 51.62
C4 NAG L . -21.58 -24.78 51.79
C5 NAG L . -20.77 -23.65 51.16
C6 NAG L . -19.27 -23.90 51.21
C7 NAG L . -25.69 -24.60 49.40
C8 NAG L . -27.08 -24.03 49.28
N2 NAG L . -24.77 -23.82 49.97
O3 NAG L . -23.85 -25.51 52.12
O4 NAG L . -21.27 -24.98 53.16
O5 NAG L . -21.09 -23.56 49.78
O6 NAG L . -18.98 -25.02 50.40
O7 NAG L . -25.45 -25.74 48.98
C1 NAG M . -35.38 -5.88 -3.51
C2 NAG M . -35.18 -4.46 -2.93
C3 NAG M . -36.51 -3.80 -2.48
C4 NAG M . -37.59 -3.96 -3.54
C5 NAG M . -37.73 -5.45 -3.87
C6 NAG M . -38.86 -5.75 -4.86
C7 NAG M . -32.95 -4.31 -1.88
C8 NAG M . -32.18 -4.40 -0.59
N2 NAG M . -34.27 -4.50 -1.79
O3 NAG M . -36.31 -2.43 -2.18
O4 NAG M . -38.81 -3.45 -3.06
O5 NAG M . -36.49 -5.91 -4.39
O6 NAG M . -39.61 -4.61 -5.19
O7 NAG M . -32.34 -4.09 -2.92
C5 6RL N . -10.99 -18.91 28.38
C6 6RL N . -11.05 -18.78 29.75
C8 6RL N . -13.16 -18.69 30.79
C10 6RL N . -14.36 -16.51 31.05
C17 6RL N . -8.94 -19.00 32.66
C21 6RL N . -6.52 -18.37 33.97
C22 6RL N . -6.93 -17.59 32.91
C24 6RL N . -8.51 -17.03 31.15
C26 6RL N . -9.32 -20.38 30.00
C1 6RL N . -8.29 -21.48 28.04
N2 6RL N . -9.24 -20.53 28.66
C3 6RL N . -10.05 -19.81 27.83
O4 6RL N . -9.96 -19.95 26.63
N7 6RL N . -11.97 -17.94 30.34
C9 6RL N . -13.93 -17.80 31.80
C11 6RL N . -13.10 -15.78 30.54
N13 6RL N . -12.24 -15.42 31.69
C14 6RL N . -12.34 -16.72 29.58
N15 6RL N . -10.18 -19.51 30.55
C16 6RL N . -10.26 -19.37 32.03
C18 6RL N . -8.52 -19.75 33.74
C19 6RL N . -7.32 -19.44 34.38
F20 6RL N . -6.94 -20.18 35.43
C23 6RL N . -8.14 -17.89 32.25
N25 6RL N . -8.84 -16.39 30.27
O27 6RL N . -8.58 -21.02 30.74
C1 NAG O . 53.48 -12.34 72.22
C2 NAG O . 52.24 -11.94 73.05
C3 NAG O . 52.54 -10.78 74.02
C4 NAG O . 53.68 -11.22 74.93
C5 NAG O . 54.90 -11.52 74.06
C6 NAG O . 56.05 -12.04 74.91
C7 NAG O . 50.15 -12.67 71.92
C8 NAG O . 50.30 -14.09 72.40
N2 NAG O . 51.06 -11.71 72.23
O3 NAG O . 51.38 -10.39 74.74
O4 NAG O . 54.02 -10.25 75.91
O5 NAG O . 54.59 -12.50 73.09
O6 NAG O . 57.08 -11.07 74.96
O7 NAG O . 49.18 -12.42 71.22
C1 NAG P . 14.77 -3.78 67.57
C2 NAG P . 14.22 -3.16 68.85
C3 NAG P . 14.51 -4.17 69.96
C4 NAG P . 13.49 -5.29 69.76
C5 NAG P . 13.32 -5.73 68.29
C6 NAG P . 11.83 -5.84 67.96
C7 NAG P . 15.87 -1.39 69.37
C8 NAG P . 16.07 0.07 69.66
N2 NAG P . 14.64 -1.78 69.12
O3 NAG P . 14.34 -3.58 71.24
O4 NAG P . 13.82 -6.41 70.54
O5 NAG P . 13.97 -4.94 67.28
O6 NAG P . 11.59 -6.54 66.76
O7 NAG P . 16.84 -2.16 69.38
C1 NAG Q . 16.37 21.18 66.60
C2 NAG Q . 15.46 21.75 67.70
C3 NAG Q . 14.07 21.14 67.66
C4 NAG Q . 13.48 21.37 66.27
C5 NAG Q . 14.39 20.71 65.24
C6 NAG Q . 13.82 20.84 63.83
C7 NAG Q . 16.74 22.63 69.60
C8 NAG Q . 17.33 22.36 70.96
N2 NAG Q . 16.07 21.61 69.02
O3 NAG Q . 13.29 21.76 68.66
O4 NAG Q . 12.15 20.87 66.18
O5 NAG Q . 15.72 21.24 65.33
O6 NAG Q . 14.37 21.92 63.11
O7 NAG Q . 16.89 23.75 69.09
C1 NAG R . 34.74 19.01 27.72
C2 NAG R . 35.80 19.79 26.93
C3 NAG R . 35.12 20.82 26.04
C4 NAG R . 34.13 20.13 25.10
C5 NAG R . 33.12 19.31 25.93
C6 NAG R . 32.27 18.42 25.02
C7 NAG R . 38.13 20.17 27.74
C8 NAG R . 39.00 20.87 28.75
N2 NAG R . 36.80 20.39 27.82
O3 NAG R . 36.08 21.50 25.27
O4 NAG R . 33.51 21.05 24.22
O5 NAG R . 33.79 18.45 26.84
O6 NAG R . 32.99 17.28 24.58
O7 NAG R . 38.67 19.44 26.89
C1 NAG S . 42.51 17.08 67.57
C2 NAG S . 43.14 17.39 68.94
C3 NAG S . 42.80 18.81 69.39
C4 NAG S . 42.93 19.83 68.26
C5 NAG S . 42.27 19.33 66.97
C6 NAG S . 42.48 20.32 65.82
C7 NAG S . 43.48 15.51 70.52
C8 NAG S . 42.87 14.67 71.62
N2 NAG S . 42.70 16.47 69.99
O3 NAG S . 43.66 19.19 70.44
O4 NAG S . 42.38 21.05 68.71
O5 NAG S . 42.80 18.07 66.60
O6 NAG S . 43.85 20.41 65.54
O7 NAG S . 44.63 15.28 70.16
C5 6RL T . 31.87 -3.64 36.97
C6 6RL T . 31.34 -2.50 36.38
C8 6RL T . 32.46 -0.47 36.78
C10 6RL T . 31.87 1.05 38.61
C17 6RL T . 28.89 -1.50 34.02
C21 6RL T . 26.29 -1.70 33.00
C22 6RL T . 26.54 -2.12 34.30
C24 6RL T . 28.05 -2.46 36.17
C26 6RL T . 31.00 -3.66 34.34
C1 6RL T . 31.61 -6.01 34.07
N2 6RL T . 31.51 -4.78 34.88
C3 6RL T . 31.94 -4.80 36.18
O4 6RL T . 32.40 -5.83 36.66
N7 6RL T . 31.25 -1.29 37.04
C9 6RL T . 32.16 0.99 37.11
C11 6RL T . 30.76 0.05 39.03
N13 6RL T . 29.48 0.53 38.51
C14 6RL T . 31.02 -1.37 38.49
N15 6RL T . 30.89 -2.55 35.08
C16 6RL T . 30.32 -1.33 34.47
C18 6RL T . 28.62 -1.08 32.75
C19 6RL T . 27.33 -1.19 32.24
F20 6RL T . 27.11 -0.77 30.98
C23 6RL T . 27.83 -2.01 34.82
N25 6RL T . 28.14 -2.85 37.24
O27 6RL T . 30.62 -3.64 33.16
C1 NAG U . -12.75 10.40 -69.36
C2 NAG U . -12.67 10.84 -70.83
C3 NAG U . -11.95 9.84 -71.74
C4 NAG U . -10.59 9.47 -71.13
C5 NAG U . -10.79 8.99 -69.69
C6 NAG U . -9.48 8.60 -68.97
C7 NAG U . -14.53 12.34 -71.51
C8 NAG U . -13.74 13.59 -71.27
N2 NAG U . -14.01 11.12 -71.31
O3 NAG U . -11.78 10.36 -73.04
O4 NAG U . -9.94 8.51 -71.96
O5 NAG U . -11.47 9.97 -68.93
O6 NAG U . -8.76 9.71 -68.47
O7 NAG U . -15.69 12.45 -71.90
C1 NAG V . -19.15 34.63 -70.31
C2 NAG V . -18.11 34.95 -71.40
C3 NAG V . -16.68 34.64 -70.97
C4 NAG V . -16.37 35.26 -69.62
C5 NAG V . -17.42 34.83 -68.59
C6 NAG V . -17.14 35.45 -67.22
C7 NAG V . -19.23 34.69 -73.57
C8 NAG V . -19.46 33.80 -74.77
N2 NAG V . -18.43 34.21 -72.62
O3 NAG V . -15.75 35.07 -71.96
O4 NAG V . -15.06 34.94 -69.19
O5 NAG V . -18.72 35.17 -69.06
O6 NAG V . -18.30 35.98 -66.60
O7 NAG V . -19.78 35.79 -73.50
C1 NAG W . -40.06 31.29 -33.35
C2 NAG W . -41.50 31.06 -32.97
C3 NAG W . -41.79 31.80 -31.64
C4 NAG W . -40.61 32.14 -30.69
C5 NAG W . -39.25 32.17 -31.37
C6 NAG W . -38.12 32.04 -30.35
C7 NAG W . -43.75 31.67 -33.86
C8 NAG W . -44.48 32.44 -34.92
N2 NAG W . -42.40 31.72 -33.91
O3 NAG W . -42.78 31.08 -30.91
O4 NAG W . -40.82 33.42 -30.10
O5 NAG W . -39.21 31.07 -32.24
O6 NAG W . -38.06 30.71 -29.89
O7 NAG W . -44.39 31.04 -33.02
C5 6RL X . -32.46 9.03 -40.27
C6 6RL X . -32.19 10.30 -39.77
C8 6RL X . -33.68 12.02 -40.46
C10 6RL X . -33.08 13.51 -42.38
C17 6RL X . -30.20 11.90 -37.26
C21 6RL X . -27.76 12.17 -35.95
C22 6RL X . -27.80 11.62 -37.21
C24 6RL X . -29.00 10.90 -39.17
C26 6RL X . -31.75 9.35 -37.64
C1 6RL X . -31.91 6.95 -37.17
N2 6RL X . -32.01 8.11 -38.09
C3 6RL X . -32.35 7.92 -39.40
O4 6RL X . -32.59 6.78 -39.80
N7 6RL X . -32.31 11.44 -40.53
C9 6RL X . -33.61 13.48 -40.93
C11 6RL X . -31.74 12.77 -42.49
N13 6RL X . -30.69 13.53 -41.79
C14 6RL X . -31.88 11.34 -41.95
N15 6RL X . -31.82 10.43 -38.44
C16 6RL X . -31.55 11.78 -37.91
C18 6RL X . -30.16 12.44 -35.99
C19 6RL X . -28.96 12.58 -35.35
F20 6RL X . -28.93 13.13 -34.11
C23 6RL X . -29.02 11.48 -37.88
N25 6RL X . -29.03 10.44 -40.21
O27 6RL X . -31.44 9.48 -36.46
C1 NAG Y . 3.76 37.55 -20.59
C2 NAG Y . 3.88 39.07 -20.75
C3 NAG Y . 3.43 39.70 -19.42
C4 NAG Y . 1.94 39.36 -19.23
C5 NAG Y . 1.68 37.85 -19.35
C6 NAG Y . 0.21 37.52 -19.65
C7 NAG Y . 6.33 39.27 -20.63
C8 NAG Y . 7.57 39.78 -21.30
N2 NAG Y . 5.19 39.49 -21.25
O3 NAG Y . 3.62 41.10 -19.37
O4 NAG Y . 1.49 39.83 -17.98
O5 NAG Y . 2.40 37.23 -20.40
O6 NAG Y . -0.27 38.27 -20.76
O7 NAG Y . 6.43 38.68 -19.55
C1 NAG Z . 37.34 31.98 -22.33
C2 NAG Z . 38.24 33.00 -21.62
C3 NAG Z . 38.92 33.97 -22.59
C4 NAG Z . 39.37 33.30 -23.88
C5 NAG Z . 38.31 32.34 -24.42
C6 NAG Z . 38.74 31.64 -25.71
C7 NAG Z . 37.52 33.67 -19.32
C8 NAG Z . 36.59 34.52 -18.50
N2 NAG Z . 37.42 33.75 -20.65
O3 NAG Z . 40.03 34.57 -21.96
O4 NAG Z . 39.73 34.30 -24.83
O5 NAG Z . 37.97 31.38 -23.45
O6 NAG Z . 40.01 31.04 -25.55
O7 NAG Z . 38.32 32.96 -18.72
C1 NAG AA . 19.68 42.54 -38.90
C2 NAG AA . 19.32 44.00 -39.22
C3 NAG AA . 17.88 44.23 -39.71
C4 NAG AA . 17.37 43.13 -40.64
C5 NAG AA . 17.75 41.76 -40.08
C6 NAG AA . 17.31 40.60 -40.98
C7 NAG AA . 20.58 45.67 -37.94
C8 NAG AA . 20.68 46.49 -36.67
N2 NAG AA . 19.54 44.85 -38.04
O3 NAG AA . 17.81 45.47 -40.38
O4 NAG AA . 15.96 43.27 -40.77
O5 NAG AA . 19.16 41.71 -39.93
O6 NAG AA . 18.08 40.55 -42.15
O7 NAG AA . 21.44 45.80 -38.81
C1 NAG BA . 26.19 0.57 -45.37
C2 NAG BA . 27.39 -0.31 -45.71
C3 NAG BA . 27.35 -0.96 -47.10
C4 NAG BA . 25.95 -1.30 -47.61
C5 NAG BA . 24.91 -0.24 -47.23
C6 NAG BA . 23.49 -0.75 -47.51
C7 NAG BA . 29.60 0.28 -44.79
C8 NAG BA . 30.74 1.26 -44.84
N2 NAG BA . 28.58 0.52 -45.62
O3 NAG BA . 28.09 -2.16 -47.05
O4 NAG BA . 26.00 -1.43 -49.03
O5 NAG BA . 24.98 0.02 -45.85
O6 NAG BA . 23.16 -1.79 -46.60
O7 NAG BA . 29.65 -0.68 -44.03
C5 6RL CA . 11.57 3.71 -26.21
C6 6RL CA . 11.75 3.78 -27.57
C8 6RL CA . 13.95 4.27 -28.36
C10 6RL CA . 14.62 6.69 -28.63
C17 6RL CA . 10.08 2.98 -30.63
C21 6RL CA . 7.76 2.88 -32.14
C22 6RL CA . 7.87 3.84 -31.15
C24 6RL CA . 9.11 4.91 -29.39
C26 6RL CA . 10.38 1.86 -27.87
C1 6RL CA . 9.35 0.68 -25.99
N2 6RL CA . 10.18 1.76 -26.53
C3 6RL CA . 10.74 2.67 -25.70
O4 6RL CA . 10.55 2.57 -24.51
N7 6RL CA . 12.57 4.73 -28.15
C9 6RL CA . 14.66 5.29 -29.28
C11 6RL CA . 13.16 7.11 -28.38
N13 6RL CA . 12.40 7.22 -29.64
C14 6RL CA . 12.52 6.04 -27.47
N15 6RL CA . 11.15 2.85 -28.39
C16 6RL CA . 11.37 2.97 -29.84
C18 6RL CA . 9.97 2.05 -31.62
C19 6RL CA . 8.80 1.99 -32.35
F20 6RL CA . 8.70 1.06 -33.29
C23 6RL CA . 9.03 3.90 -30.40
N25 6RL CA . 9.14 5.72 -28.60
O27 6RL CA . 9.85 1.04 -28.61
#